data_7LQY
#
_entry.id   7LQY
#
_cell.length_a   1.00
_cell.length_b   1.00
_cell.length_c   1.00
_cell.angle_alpha   90.00
_cell.angle_beta   90.00
_cell.angle_gamma   90.00
#
_symmetry.space_group_name_H-M   'P 1'
#
loop_
_entity.id
_entity.type
_entity.pdbx_description
1 polymer 'Osm-9-like TRP channel 1'
2 non-polymer '(2S)-3-(hexadecanoyloxy)-2-[(9Z)-octadec-9-enoyloxy]propyl 2-(trimethylammonio)ethyl phosphate'
3 non-polymer 1-palmitoyl-2-oleoyl-sn-glycero-3-phosphoinositol
4 non-polymer 'CHLORIDE ION'
5 non-polymer 'SODIUM ION'
#
_entity_poly.entity_id   1
_entity_poly.type   'polypeptide(L)'
_entity_poly.pdbx_seq_one_letter_code
;MKKWANLDSGESEDPPHEDSCPDPPDGDPNSKQSPAKPHIFSTTKSRTRLFGKGDSEEASPMDCSYEEGELASCPTITVS
SVVIIQRPGDALTCARQLSQDSVSAGAEKPLKLYDRRSIFDAVAQNNCQELESLLPFLQKSRKRLTDSEFKDPETGKTCL
LKAMLNLHNGQNDTISLLLDIARQTDSLKEFVNASYTDSYYKGQTALHIAIERRNMALVTLLVENGADVQAAANGDFFKK
TKGRPGFYFGELPLSLAACTNQLAIVKFLLQNSWQPADISARDSVGNTVLHALVEVADNTADNTKFVTSMYNEILILGAK
LHPTLKLEELINKKGLTPLALAASSGKIGVLAYILQREIQEPECRHLSRKFTEWAYGPVHSSLYDLSCIDTCEKNSVLEV
IAYSSSETPNRHDMLLVEPLNRLLQDKWDRFVKRIFYFNFFVYCLYMIVFTTAAYYRPVDGLPPYKLKNTVGDYFRVTGE
ILSVSGGVYFFLRGIQYFLQRRPSMKTLFVDSYSEMLFFVQSLFMLGSVVLYFSHRKEYVASMVFSLAMGWTNMLYYTRG
FQQMGIYAVMIEKMILRDLCRFMFVYLVFLFGFSTAVVTLIEDGKNYSEPAEYTSHRWRAPGCRPPDSYNSLYSTCLELF
KFTIGMGDLEFTENYDFKAVFIILLLAYVILTYILLLNMLIALMGETVNKIAQESKNIWKLQRAITILDTEKSFLKCMRK
AFRSGKLLQVGYTPDGKDDYRWCFRVDEVNWTTWNTNVGIINEDPGNCEGVKRTLSFSLRSGRVSGRNWRNFALVPLLRD
ASTRDRHHAQPEEVHLKHFAGSLKPEDAEVFKDSMAPGEKLPVR
;
_entity_poly.pdbx_strand_id   A,B,C,D
#
loop_
_chem_comp.id
_chem_comp.type
_chem_comp.name
_chem_comp.formula
CL non-polymer 'CHLORIDE ION' 'Cl -1'
NA non-polymer 'SODIUM ION' 'Na 1'
POV non-polymer '(2S)-3-(hexadecanoyloxy)-2-[(9Z)-octadec-9-enoyloxy]propyl 2-(trimethylammonio)ethyl phosphate' 'C42 H82 N O8 P'
YBG non-polymer 1-palmitoyl-2-oleoyl-sn-glycero-3-phosphoinositol 'C43 H81 O13 P'
#
# COMPACT_ATOMS: atom_id res chain seq x y z
N LEU A 111 15.84 -22.70 77.33
CA LEU A 111 15.47 -23.04 75.96
C LEU A 111 14.50 -22.00 75.40
N LYS A 112 14.79 -21.50 74.20
CA LYS A 112 13.94 -20.50 73.57
C LYS A 112 12.68 -21.15 73.02
N LEU A 113 11.53 -20.57 73.34
CA LEU A 113 10.26 -21.09 72.85
C LEU A 113 10.03 -20.63 71.42
N TYR A 114 9.55 -21.54 70.57
CA TYR A 114 9.24 -21.25 69.18
C TYR A 114 7.81 -21.65 68.86
N ASP A 115 7.11 -20.76 68.17
CA ASP A 115 5.84 -21.06 67.53
C ASP A 115 6.04 -21.14 66.01
N ARG A 116 4.93 -21.25 65.29
CA ARG A 116 4.99 -21.35 63.85
C ARG A 116 5.30 -20.00 63.21
N ARG A 117 4.74 -18.92 63.75
CA ARG A 117 4.77 -17.62 63.09
C ARG A 117 6.17 -17.03 63.08
N SER A 118 6.93 -17.24 64.17
CA SER A 118 8.28 -16.70 64.24
C SER A 118 9.23 -17.46 63.31
N ILE A 119 8.92 -18.71 63.00
CA ILE A 119 9.76 -19.49 62.11
C ILE A 119 9.55 -19.03 60.66
N PHE A 120 8.29 -18.79 60.28
CA PHE A 120 8.02 -18.25 58.95
C PHE A 120 8.57 -16.84 58.79
N ASP A 121 8.55 -16.05 59.86
CA ASP A 121 9.04 -14.68 59.77
C ASP A 121 10.56 -14.63 59.70
N ALA A 122 11.23 -15.53 60.42
CA ALA A 122 12.69 -15.54 60.38
C ALA A 122 13.21 -16.14 59.10
N VAL A 123 12.46 -17.06 58.49
CA VAL A 123 12.95 -17.71 57.28
C VAL A 123 12.72 -16.81 56.07
N ALA A 124 11.89 -15.78 56.24
CA ALA A 124 11.67 -14.83 55.16
C ALA A 124 12.64 -13.65 55.25
N GLN A 125 12.94 -13.18 56.46
CA GLN A 125 13.80 -12.01 56.65
C GLN A 125 15.29 -12.29 56.40
N ASN A 126 15.66 -13.54 56.14
CA ASN A 126 17.04 -13.98 55.87
C ASN A 126 17.98 -13.66 57.03
N ASN A 127 17.54 -13.93 58.27
CA ASN A 127 18.40 -13.84 59.44
C ASN A 127 18.62 -15.24 60.02
N CYS A 128 19.83 -15.76 59.83
CA CYS A 128 20.17 -17.08 60.37
C CYS A 128 20.50 -17.00 61.85
N GLN A 129 20.79 -15.80 62.36
CA GLN A 129 21.11 -15.66 63.78
C GLN A 129 19.84 -15.74 64.64
N GLU A 130 18.68 -15.45 64.06
CA GLU A 130 17.44 -15.65 64.79
C GLU A 130 17.10 -17.12 64.88
N LEU A 131 17.38 -17.88 63.82
CA LEU A 131 17.03 -19.30 63.76
C LEU A 131 18.29 -20.09 64.09
N GLU A 132 18.63 -20.13 65.38
CA GLU A 132 19.81 -20.86 65.83
C GLU A 132 19.50 -21.78 67.00
N SER A 133 18.50 -21.43 67.80
CA SER A 133 18.09 -22.30 68.89
C SER A 133 16.93 -23.20 68.52
N LEU A 134 16.60 -23.31 67.23
CA LEU A 134 15.48 -24.13 66.81
C LEU A 134 15.80 -25.61 66.96
N LEU A 135 17.01 -26.00 66.58
CA LEU A 135 17.42 -27.40 66.72
C LEU A 135 17.55 -27.88 68.17
N PRO A 136 18.07 -27.09 69.13
CA PRO A 136 17.93 -27.55 70.53
C PRO A 136 16.50 -27.53 71.04
N PHE A 137 15.64 -26.68 70.46
CA PHE A 137 14.24 -26.68 70.87
C PHE A 137 13.49 -27.85 70.24
N LEU A 138 13.87 -28.23 69.02
CA LEU A 138 13.15 -29.30 68.33
C LEU A 138 13.56 -30.66 68.85
N GLN A 139 14.79 -30.78 69.34
CA GLN A 139 15.22 -32.03 69.98
C GLN A 139 14.60 -32.18 71.36
N LYS A 140 14.39 -31.07 72.06
CA LYS A 140 13.76 -31.12 73.38
C LYS A 140 12.28 -31.45 73.26
N SER A 141 11.58 -30.76 72.37
CA SER A 141 10.14 -30.92 72.23
C SER A 141 9.74 -32.24 71.58
N ARG A 142 10.71 -32.94 70.95
CA ARG A 142 10.52 -34.15 70.16
C ARG A 142 9.55 -33.96 69.00
N LYS A 143 9.39 -32.72 68.53
CA LYS A 143 8.60 -32.44 67.35
C LYS A 143 9.45 -32.61 66.11
N ARG A 144 8.82 -32.52 64.95
CA ARG A 144 9.52 -32.53 63.68
C ARG A 144 9.14 -31.28 62.89
N LEU A 145 9.95 -30.94 61.90
CA LEU A 145 9.62 -29.81 61.04
C LEU A 145 8.42 -30.12 60.15
N THR A 146 8.17 -31.40 59.88
CA THR A 146 7.06 -31.83 59.04
C THR A 146 5.86 -32.17 59.92
N ASP A 147 5.56 -31.28 60.86
CA ASP A 147 4.45 -31.46 61.78
C ASP A 147 3.30 -30.56 61.33
N SER A 148 2.09 -30.90 61.78
CA SER A 148 0.91 -30.13 61.42
C SER A 148 0.93 -28.74 62.06
N GLU A 149 1.66 -28.59 63.16
CA GLU A 149 1.73 -27.30 63.83
C GLU A 149 2.63 -26.32 63.07
N PHE A 150 3.54 -26.85 62.25
CA PHE A 150 4.49 -25.98 61.56
C PHE A 150 4.07 -25.74 60.12
N LYS A 151 3.25 -26.62 59.56
CA LYS A 151 2.68 -26.37 58.25
C LYS A 151 1.47 -25.44 58.37
N ASP A 152 1.33 -24.57 57.38
CA ASP A 152 0.19 -23.65 57.34
C ASP A 152 -1.10 -24.43 57.13
N PRO A 153 -2.18 -24.10 57.86
CA PRO A 153 -3.38 -24.95 57.80
C PRO A 153 -4.19 -24.83 56.52
N GLU A 154 -4.14 -23.68 55.84
CA GLU A 154 -4.93 -23.50 54.64
C GLU A 154 -4.27 -24.20 53.44
N THR A 155 -3.07 -23.75 53.08
CA THR A 155 -2.24 -24.43 52.11
C THR A 155 -1.10 -25.09 52.87
N GLY A 156 -0.80 -26.35 52.56
CA GLY A 156 0.17 -27.11 53.34
C GLY A 156 1.60 -26.67 53.18
N LYS A 157 1.88 -25.43 53.55
CA LYS A 157 3.16 -24.78 53.29
C LYS A 157 4.11 -25.02 54.45
N THR A 158 5.12 -25.84 54.22
CA THR A 158 6.18 -26.04 55.19
C THR A 158 7.11 -24.82 55.11
N CYS A 159 7.98 -24.65 56.12
CA CYS A 159 8.85 -23.48 56.14
C CYS A 159 9.99 -23.57 55.13
N LEU A 160 10.18 -24.75 54.53
CA LEU A 160 11.05 -24.84 53.37
C LEU A 160 10.43 -24.15 52.16
N LEU A 161 9.11 -24.27 52.01
CA LEU A 161 8.41 -23.59 50.92
C LEU A 161 8.50 -22.08 51.10
N LYS A 162 8.28 -21.61 52.33
CA LYS A 162 8.36 -20.19 52.64
C LYS A 162 9.79 -19.66 52.45
N ALA A 163 10.77 -20.53 52.61
CA ALA A 163 12.14 -20.16 52.28
C ALA A 163 12.32 -20.01 50.78
N MET A 164 11.53 -20.73 49.98
CA MET A 164 11.73 -20.70 48.55
C MET A 164 10.95 -19.59 47.87
N LEU A 165 9.87 -19.12 48.51
CA LEU A 165 9.16 -17.98 47.95
C LEU A 165 9.95 -16.70 48.13
N ASN A 166 10.42 -16.44 49.35
CA ASN A 166 11.07 -15.18 49.68
C ASN A 166 12.59 -15.31 49.65
N LEU A 167 13.15 -15.36 48.44
CA LEU A 167 14.60 -15.23 48.31
C LEU A 167 15.00 -13.77 48.24
N HIS A 168 16.23 -13.50 48.67
CA HIS A 168 16.82 -12.17 48.63
C HIS A 168 18.02 -12.21 47.71
N ASN A 169 17.96 -11.42 46.62
CA ASN A 169 18.98 -11.33 45.57
C ASN A 169 19.28 -12.68 44.92
N GLY A 170 18.29 -13.58 44.90
CA GLY A 170 18.52 -14.92 44.38
C GLY A 170 19.33 -15.83 45.26
N GLN A 171 19.72 -15.38 46.47
CA GLN A 171 20.59 -16.12 47.36
C GLN A 171 20.01 -16.09 48.77
N ASN A 172 19.18 -17.07 49.09
CA ASN A 172 18.74 -17.21 50.47
C ASN A 172 19.74 -18.08 51.23
N ASP A 173 20.15 -17.60 52.40
CA ASP A 173 21.09 -18.33 53.24
C ASP A 173 20.42 -19.04 54.40
N THR A 174 19.11 -18.85 54.60
CA THR A 174 18.43 -19.50 55.70
C THR A 174 18.11 -20.95 55.36
N ILE A 175 17.97 -21.25 54.06
CA ILE A 175 17.52 -22.56 53.62
C ILE A 175 18.52 -23.66 53.96
N SER A 176 19.81 -23.36 53.84
CA SER A 176 20.84 -24.35 54.14
C SER A 176 20.92 -24.65 55.63
N LEU A 177 20.38 -23.76 56.46
CA LEU A 177 20.35 -24.01 57.89
C LEU A 177 19.28 -25.04 58.24
N LEU A 178 18.05 -24.84 57.76
CA LEU A 178 16.99 -25.75 58.19
C LEU A 178 16.92 -26.99 57.32
N LEU A 179 17.71 -27.06 56.24
CA LEU A 179 17.99 -28.36 55.64
C LEU A 179 18.87 -29.19 56.55
N ASP A 180 19.79 -28.54 57.28
CA ASP A 180 20.61 -29.26 58.23
C ASP A 180 19.81 -29.67 59.46
N ILE A 181 18.78 -28.89 59.79
CA ILE A 181 17.95 -29.22 60.95
C ILE A 181 17.10 -30.44 60.65
N ALA A 182 16.69 -30.60 59.38
CA ALA A 182 15.88 -31.76 59.02
C ALA A 182 16.72 -33.04 58.97
N ARG A 183 18.03 -32.92 58.74
CA ARG A 183 18.85 -34.12 58.68
C ARG A 183 19.41 -34.49 60.06
N GLN A 184 19.47 -33.52 60.98
CA GLN A 184 19.81 -33.84 62.35
C GLN A 184 18.64 -34.53 63.04
N THR A 185 17.42 -34.12 62.70
CA THR A 185 16.19 -34.72 63.20
C THR A 185 15.63 -35.76 62.24
N ASP A 186 16.52 -36.40 61.45
CA ASP A 186 16.32 -37.59 60.58
C ASP A 186 14.96 -37.64 59.87
N SER A 187 14.54 -36.50 59.33
CA SER A 187 13.31 -36.42 58.54
C SER A 187 13.49 -35.55 57.30
N LEU A 188 14.65 -35.63 56.64
CA LEU A 188 14.91 -34.79 55.48
C LEU A 188 14.08 -35.24 54.28
N LYS A 189 13.75 -36.53 54.20
CA LYS A 189 13.04 -37.06 53.04
C LYS A 189 11.60 -36.57 53.02
N GLU A 190 10.96 -36.46 54.19
CA GLU A 190 9.63 -35.91 54.25
C GLU A 190 9.66 -34.39 54.18
N PHE A 191 10.84 -33.81 54.42
CA PHE A 191 10.97 -32.36 54.50
C PHE A 191 10.98 -31.72 53.11
N VAL A 192 11.81 -32.24 52.20
CA VAL A 192 11.89 -31.65 50.87
C VAL A 192 10.74 -32.13 50.00
N ASN A 193 10.17 -33.29 50.30
CA ASN A 193 9.06 -33.80 49.51
C ASN A 193 7.72 -33.34 50.05
N ALA A 194 7.70 -32.45 51.04
CA ALA A 194 6.45 -31.87 51.50
C ALA A 194 5.96 -30.83 50.50
N SER A 195 4.69 -30.91 50.15
CA SER A 195 4.12 -30.06 49.13
C SER A 195 2.85 -29.40 49.67
N TYR A 196 2.28 -28.51 48.86
CA TYR A 196 1.02 -27.89 49.22
C TYR A 196 -0.10 -28.93 49.23
N THR A 197 -0.93 -28.87 50.26
CA THR A 197 -2.09 -29.74 50.36
C THR A 197 -3.35 -29.09 49.82
N ASP A 198 -3.29 -27.82 49.44
CA ASP A 198 -4.47 -27.14 48.94
C ASP A 198 -4.74 -27.56 47.51
N SER A 199 -6.01 -27.48 47.12
CA SER A 199 -6.41 -27.94 45.78
C SER A 199 -5.98 -26.99 44.69
N TYR A 200 -5.49 -25.80 45.05
CA TYR A 200 -5.09 -24.85 44.04
C TYR A 200 -3.59 -24.95 43.73
N TYR A 201 -2.83 -25.57 44.62
CA TYR A 201 -1.40 -25.75 44.42
C TYR A 201 -0.97 -27.20 44.65
N LYS A 202 -1.85 -28.15 44.40
CA LYS A 202 -1.66 -29.52 44.86
C LYS A 202 -0.49 -30.20 44.16
N GLY A 203 0.50 -30.57 44.95
CA GLY A 203 1.68 -31.25 44.45
C GLY A 203 2.90 -30.39 44.26
N GLN A 204 2.79 -29.07 44.43
CA GLN A 204 3.92 -28.17 44.23
C GLN A 204 4.91 -28.31 45.38
N THR A 205 6.08 -28.86 45.09
CA THR A 205 7.13 -28.97 46.08
C THR A 205 8.04 -27.76 46.00
N ALA A 206 9.11 -27.79 46.80
CA ALA A 206 10.08 -26.70 46.77
C ALA A 206 10.97 -26.81 45.54
N LEU A 207 11.02 -27.98 44.90
CA LEU A 207 11.81 -28.14 43.69
C LEU A 207 11.18 -27.37 42.53
N HIS A 208 9.85 -27.31 42.48
CA HIS A 208 9.17 -26.54 41.46
C HIS A 208 9.41 -25.06 41.63
N ILE A 209 9.56 -24.60 42.87
CA ILE A 209 9.85 -23.20 43.11
C ILE A 209 11.30 -22.89 42.74
N ALA A 210 12.20 -23.84 43.00
CA ALA A 210 13.62 -23.65 42.70
C ALA A 210 13.85 -23.61 41.20
N ILE A 211 13.04 -24.35 40.44
CA ILE A 211 13.14 -24.31 38.98
C ILE A 211 12.55 -23.02 38.44
N GLU A 212 11.47 -22.54 39.07
CA GLU A 212 10.80 -21.33 38.57
C GLU A 212 11.59 -20.08 38.91
N ARG A 213 12.31 -20.08 40.04
CA ARG A 213 13.01 -18.85 40.41
C ARG A 213 14.39 -18.72 39.76
N ARG A 214 14.71 -19.53 38.73
CA ARG A 214 15.91 -19.38 37.89
C ARG A 214 17.20 -19.54 38.69
N ASN A 215 17.18 -20.40 39.71
CA ASN A 215 18.32 -20.58 40.60
C ASN A 215 18.89 -21.98 40.37
N MET A 216 20.08 -22.01 39.75
CA MET A 216 20.75 -23.28 39.49
C MET A 216 21.22 -23.93 40.79
N ALA A 217 21.70 -23.12 41.74
CA ALA A 217 22.24 -23.68 42.97
C ALA A 217 21.13 -24.19 43.88
N LEU A 218 19.94 -23.59 43.81
CA LEU A 218 18.84 -24.04 44.65
C LEU A 218 18.23 -25.33 44.12
N VAL A 219 18.31 -25.55 42.81
CA VAL A 219 17.86 -26.83 42.24
C VAL A 219 18.80 -27.95 42.66
N THR A 220 20.11 -27.68 42.61
CA THR A 220 21.11 -28.68 42.96
C THR A 220 21.03 -29.04 44.44
N LEU A 221 20.86 -28.04 45.30
CA LEU A 221 20.88 -28.26 46.75
C LEU A 221 19.66 -29.04 47.21
N LEU A 222 18.58 -29.01 46.42
CA LEU A 222 17.38 -29.73 46.80
C LEU A 222 17.45 -31.20 46.39
N VAL A 223 17.94 -31.47 45.17
CA VAL A 223 17.92 -32.84 44.66
C VAL A 223 19.02 -33.67 45.29
N GLU A 224 20.04 -33.02 45.86
CA GLU A 224 21.02 -33.75 46.67
C GLU A 224 20.38 -34.27 47.95
N ASN A 225 19.41 -33.53 48.48
CA ASN A 225 18.80 -33.87 49.75
C ASN A 225 17.59 -34.78 49.59
N GLY A 226 17.27 -35.20 48.38
CA GLY A 226 16.20 -36.17 48.18
C GLY A 226 14.92 -35.56 47.66
N ALA A 227 15.03 -34.48 46.89
CA ALA A 227 13.84 -33.90 46.28
C ALA A 227 13.31 -34.80 45.19
N ASP A 228 12.02 -35.09 45.24
CA ASP A 228 11.39 -35.94 44.24
C ASP A 228 11.28 -35.18 42.93
N VAL A 229 12.07 -35.59 41.93
CA VAL A 229 12.01 -34.97 40.61
C VAL A 229 10.84 -35.47 39.80
N GLN A 230 9.98 -36.33 40.35
CA GLN A 230 8.76 -36.78 39.72
C GLN A 230 7.53 -36.28 40.43
N ALA A 231 7.63 -35.16 41.14
CA ALA A 231 6.49 -34.64 41.89
C ALA A 231 5.47 -34.02 40.96
N ALA A 232 4.26 -34.57 40.96
CA ALA A 232 3.19 -34.13 40.08
C ALA A 232 2.49 -32.94 40.73
N ALA A 233 2.79 -31.74 40.23
CA ALA A 233 2.14 -30.53 40.72
C ALA A 233 0.80 -30.35 40.01
N ASN A 234 -0.16 -31.20 40.40
CA ASN A 234 -1.45 -31.25 39.73
C ASN A 234 -2.47 -30.37 40.47
N GLY A 235 -2.13 -29.09 40.56
CA GLY A 235 -3.02 -28.15 41.20
C GLY A 235 -3.91 -27.45 40.20
N ASP A 236 -4.89 -26.69 40.69
CA ASP A 236 -5.79 -25.98 39.78
C ASP A 236 -5.08 -24.83 39.09
N PHE A 237 -4.02 -24.30 39.72
CA PHE A 237 -3.23 -23.27 39.07
C PHE A 237 -2.37 -23.85 37.97
N PHE A 238 -2.02 -25.13 38.07
CA PHE A 238 -1.06 -25.69 37.14
C PHE A 238 -1.74 -26.55 36.07
N LYS A 239 -3.05 -26.71 36.16
CA LYS A 239 -3.78 -27.37 35.09
C LYS A 239 -4.23 -26.33 34.05
N LYS A 240 -5.11 -26.76 33.16
CA LYS A 240 -5.52 -25.88 32.07
C LYS A 240 -6.50 -24.81 32.55
N THR A 241 -7.69 -25.23 32.99
CA THR A 241 -8.73 -24.37 33.60
C THR A 241 -9.11 -23.21 32.69
N LYS A 242 -9.78 -23.54 31.58
CA LYS A 242 -9.85 -22.89 30.24
C LYS A 242 -9.76 -21.37 30.31
N GLY A 243 -10.58 -20.69 31.11
CA GLY A 243 -10.51 -19.24 31.19
C GLY A 243 -9.92 -18.68 32.45
N ARG A 244 -9.58 -19.53 33.41
CA ARG A 244 -9.01 -19.06 34.66
C ARG A 244 -7.54 -18.68 34.46
N PRO A 245 -6.99 -17.78 35.27
CA PRO A 245 -5.55 -17.53 35.19
C PRO A 245 -4.75 -18.69 35.74
N GLY A 246 -3.68 -19.05 35.04
CA GLY A 246 -2.84 -20.15 35.44
C GLY A 246 -1.71 -20.32 34.47
N PHE A 247 -0.85 -21.30 34.76
CA PHE A 247 0.26 -21.64 33.90
C PHE A 247 0.41 -23.14 33.84
N TYR A 248 0.16 -23.72 32.66
CA TYR A 248 0.34 -25.15 32.43
C TYR A 248 1.75 -25.36 31.88
N PHE A 249 2.48 -26.27 32.49
CA PHE A 249 3.80 -26.65 32.01
C PHE A 249 3.99 -28.16 31.91
N GLY A 250 2.97 -28.94 32.25
CA GLY A 250 3.09 -30.37 32.22
C GLY A 250 3.27 -31.04 33.57
N GLU A 251 3.20 -30.27 34.67
CA GLU A 251 3.07 -30.77 36.04
C GLU A 251 4.28 -31.57 36.50
N LEU A 252 5.43 -31.40 35.85
CA LEU A 252 6.60 -32.17 36.20
C LEU A 252 7.79 -31.22 36.33
N PRO A 253 8.75 -31.56 37.19
CA PRO A 253 9.93 -30.68 37.32
C PRO A 253 10.81 -30.63 36.09
N LEU A 254 11.00 -31.75 35.39
CA LEU A 254 11.77 -31.71 34.15
C LEU A 254 10.95 -31.10 33.02
N SER A 255 9.64 -31.02 33.20
CA SER A 255 8.81 -30.28 32.25
C SER A 255 8.87 -28.79 32.53
N LEU A 256 9.02 -28.41 33.80
CA LEU A 256 9.05 -26.99 34.15
C LEU A 256 10.37 -26.35 33.73
N ALA A 257 11.45 -27.10 33.77
CA ALA A 257 12.73 -26.59 33.30
C ALA A 257 12.73 -26.46 31.79
N ALA A 258 11.95 -27.30 31.10
CA ALA A 258 11.87 -27.22 29.65
C ALA A 258 10.99 -26.05 29.22
N CYS A 259 9.81 -25.91 29.84
CA CYS A 259 8.82 -24.96 29.35
C CYS A 259 9.18 -23.53 29.74
N THR A 260 10.10 -23.35 30.69
CA THR A 260 10.51 -22.03 31.12
C THR A 260 11.90 -21.66 30.63
N ASN A 261 12.38 -22.28 29.54
CA ASN A 261 13.61 -21.92 28.83
C ASN A 261 14.85 -22.04 29.72
N GLN A 262 14.98 -23.17 30.40
CA GLN A 262 16.10 -23.42 31.30
C GLN A 262 16.82 -24.66 30.80
N LEU A 263 17.81 -24.46 29.93
CA LEU A 263 18.49 -25.60 29.33
C LEU A 263 19.46 -26.24 30.31
N ALA A 264 20.08 -25.45 31.18
CA ALA A 264 21.06 -25.99 32.11
C ALA A 264 20.40 -26.81 33.21
N ILE A 265 19.14 -26.49 33.54
CA ILE A 265 18.45 -27.21 34.60
C ILE A 265 17.81 -28.47 34.05
N VAL A 266 17.34 -28.44 32.80
CA VAL A 266 16.72 -29.62 32.22
C VAL A 266 17.80 -30.65 31.85
N LYS A 267 19.04 -30.19 31.66
CA LYS A 267 20.13 -31.14 31.54
C LYS A 267 20.51 -31.71 32.90
N PHE A 268 20.39 -30.89 33.94
CA PHE A 268 20.84 -31.32 35.26
C PHE A 268 19.87 -32.31 35.88
N LEU A 269 18.57 -32.16 35.59
CA LEU A 269 17.59 -33.10 36.12
C LEU A 269 17.71 -34.47 35.46
N LEU A 270 18.22 -34.50 34.24
CA LEU A 270 18.40 -35.76 33.52
C LEU A 270 19.77 -36.39 33.77
N GLN A 271 20.73 -35.62 34.29
CA GLN A 271 22.12 -36.05 34.38
C GLN A 271 22.69 -35.76 35.76
N ASN A 272 21.96 -36.12 36.82
CA ASN A 272 22.47 -36.00 38.18
C ASN A 272 22.67 -37.40 38.77
N SER A 273 23.54 -37.50 39.76
CA SER A 273 23.90 -38.81 40.30
C SER A 273 22.86 -39.29 41.32
N TRP A 274 22.08 -38.37 41.86
CA TRP A 274 21.21 -38.73 42.98
C TRP A 274 19.89 -39.35 42.50
N GLN A 275 19.13 -38.60 41.72
CA GLN A 275 17.86 -39.11 41.21
C GLN A 275 17.63 -38.58 39.80
N PRO A 276 17.81 -39.39 38.77
CA PRO A 276 17.62 -38.90 37.41
C PRO A 276 16.15 -38.82 37.04
N ALA A 277 15.81 -37.85 36.21
CA ALA A 277 14.43 -37.64 35.82
C ALA A 277 14.03 -38.58 34.70
N ASP A 278 12.81 -39.12 34.79
CA ASP A 278 12.23 -39.97 33.77
C ASP A 278 11.80 -39.06 32.62
N ILE A 279 12.44 -39.21 31.46
CA ILE A 279 12.13 -38.33 30.33
C ILE A 279 10.82 -38.74 29.68
N SER A 280 10.36 -39.97 29.92
CA SER A 280 9.10 -40.45 29.38
C SER A 280 7.95 -40.33 30.37
N ALA A 281 8.12 -39.58 31.45
CA ALA A 281 7.07 -39.47 32.45
C ALA A 281 5.98 -38.52 31.97
N ARG A 282 4.77 -38.77 32.43
CA ARG A 282 3.61 -38.02 32.00
C ARG A 282 2.79 -37.56 33.19
N ASP A 283 1.99 -36.52 32.98
CA ASP A 283 1.17 -35.94 34.03
C ASP A 283 -0.22 -36.59 34.05
N SER A 284 -1.17 -35.98 34.74
CA SER A 284 -2.53 -36.48 34.78
C SER A 284 -3.20 -36.38 33.42
N VAL A 285 -2.82 -35.36 32.63
CA VAL A 285 -3.30 -35.25 31.26
C VAL A 285 -2.71 -36.34 30.37
N GLY A 286 -1.52 -36.82 30.71
CA GLY A 286 -0.79 -37.73 29.86
C GLY A 286 0.31 -37.08 29.07
N ASN A 287 0.47 -35.76 29.19
CA ASN A 287 1.49 -35.05 28.45
C ASN A 287 2.87 -35.38 29.00
N THR A 288 3.78 -35.77 28.11
CA THR A 288 5.18 -35.92 28.48
C THR A 288 5.86 -34.57 28.33
N VAL A 289 7.20 -34.56 28.30
CA VAL A 289 7.93 -33.30 28.22
C VAL A 289 7.76 -32.66 26.85
N LEU A 290 7.69 -33.48 25.80
CA LEU A 290 7.59 -32.94 24.45
C LEU A 290 6.17 -32.47 24.16
N HIS A 291 5.17 -33.09 24.78
CA HIS A 291 3.80 -32.61 24.64
C HIS A 291 3.62 -31.27 25.32
N ALA A 292 4.29 -31.09 26.46
CA ALA A 292 4.13 -29.85 27.23
C ALA A 292 4.80 -28.69 26.53
N LEU A 293 5.87 -28.95 25.78
CA LEU A 293 6.49 -27.91 24.97
C LEU A 293 5.57 -27.48 23.83
N VAL A 294 4.71 -28.38 23.36
CA VAL A 294 3.76 -28.01 22.32
C VAL A 294 2.67 -27.11 22.88
N GLU A 295 2.06 -27.50 24.01
CA GLU A 295 0.95 -26.72 24.56
C GLU A 295 1.42 -25.45 25.25
N VAL A 296 2.72 -25.23 25.34
CA VAL A 296 3.24 -23.96 25.85
C VAL A 296 3.38 -22.94 24.73
N ALA A 297 3.84 -23.38 23.56
CA ALA A 297 4.13 -22.46 22.46
C ALA A 297 2.86 -21.84 21.88
N ASP A 298 2.85 -20.53 21.73
CA ASP A 298 1.69 -19.81 21.23
C ASP A 298 1.98 -19.04 19.95
N ASN A 299 2.82 -19.58 19.07
CA ASN A 299 3.05 -19.16 17.68
C ASN A 299 3.72 -17.81 17.52
N THR A 300 4.08 -17.11 18.60
CA THR A 300 4.78 -15.85 18.44
C THR A 300 6.25 -16.09 18.11
N ALA A 301 6.94 -15.02 17.71
CA ALA A 301 8.27 -15.17 17.16
C ALA A 301 9.30 -15.51 18.23
N ASP A 302 9.08 -15.04 19.46
CA ASP A 302 10.01 -15.34 20.53
C ASP A 302 9.72 -16.69 21.15
N ASN A 303 8.44 -17.08 21.19
CA ASN A 303 8.08 -18.35 21.82
C ASN A 303 8.44 -19.52 20.93
N THR A 304 8.34 -19.34 19.61
CA THR A 304 8.71 -20.40 18.67
C THR A 304 10.21 -20.66 18.72
N LYS A 305 11.01 -19.64 19.02
CA LYS A 305 12.45 -19.72 18.89
C LYS A 305 13.07 -20.68 19.90
N PHE A 306 12.62 -20.63 21.16
CA PHE A 306 13.27 -21.44 22.17
C PHE A 306 12.55 -22.78 22.36
N VAL A 307 11.24 -22.82 22.09
CA VAL A 307 10.50 -24.07 22.22
C VAL A 307 11.02 -25.10 21.23
N THR A 308 11.24 -24.69 19.98
CA THR A 308 11.83 -25.60 19.02
C THR A 308 13.31 -25.82 19.29
N SER A 309 13.94 -24.91 20.03
CA SER A 309 15.30 -25.16 20.50
C SER A 309 15.29 -26.13 21.67
N MET A 310 14.31 -26.01 22.55
CA MET A 310 14.22 -26.93 23.67
C MET A 310 13.70 -28.29 23.22
N TYR A 311 12.86 -28.31 22.18
CA TYR A 311 12.37 -29.58 21.63
C TYR A 311 13.50 -30.35 21.00
N ASN A 312 14.50 -29.65 20.46
CA ASN A 312 15.66 -30.32 19.90
C ASN A 312 16.54 -30.92 20.98
N GLU A 313 16.82 -30.15 22.04
CA GLU A 313 17.81 -30.57 23.02
C GLU A 313 17.30 -31.73 23.86
N ILE A 314 15.99 -31.89 23.98
CA ILE A 314 15.44 -32.99 24.75
C ILE A 314 15.42 -34.27 23.90
N LEU A 315 15.23 -34.13 22.59
CA LEU A 315 15.38 -35.28 21.70
C LEU A 315 16.82 -35.78 21.68
N ILE A 316 17.77 -34.85 21.62
CA ILE A 316 19.19 -35.21 21.61
C ILE A 316 19.58 -35.84 22.93
N LEU A 317 19.06 -35.29 24.04
CA LEU A 317 19.25 -35.94 25.34
C LEU A 317 18.46 -37.24 25.41
N GLY A 318 17.33 -37.31 24.72
CA GLY A 318 16.53 -38.52 24.71
C GLY A 318 17.17 -39.65 23.93
N ALA A 319 18.10 -39.32 23.04
CA ALA A 319 18.84 -40.35 22.32
C ALA A 319 20.09 -40.77 23.08
N LYS A 320 20.73 -39.82 23.75
CA LYS A 320 22.00 -40.11 24.42
C LYS A 320 21.78 -40.88 25.72
N LEU A 321 20.70 -40.57 26.45
CA LEU A 321 20.42 -41.24 27.72
C LEU A 321 20.02 -42.69 27.51
N HIS A 322 18.98 -42.94 26.72
CA HIS A 322 18.65 -44.29 26.28
C HIS A 322 18.06 -44.24 24.88
N PRO A 323 18.77 -44.79 23.88
CA PRO A 323 18.34 -44.58 22.49
C PRO A 323 17.23 -45.52 22.04
N THR A 324 16.89 -46.52 22.86
CA THR A 324 15.90 -47.51 22.44
C THR A 324 14.48 -46.94 22.49
N LEU A 325 14.29 -45.83 23.19
CA LEU A 325 12.95 -45.26 23.32
C LEU A 325 12.76 -44.09 22.37
N LYS A 326 11.74 -44.20 21.52
CA LYS A 326 11.39 -43.15 20.57
C LYS A 326 10.40 -42.23 21.26
N LEU A 327 10.82 -40.98 21.49
CA LEU A 327 10.05 -40.09 22.36
C LEU A 327 8.80 -39.56 21.66
N GLU A 328 8.82 -39.50 20.34
CA GLU A 328 7.70 -38.88 19.63
C GLU A 328 6.57 -39.88 19.40
N GLU A 329 6.79 -41.15 19.75
CA GLU A 329 5.72 -42.12 19.62
C GLU A 329 4.85 -42.14 20.87
N LEU A 330 5.26 -41.47 21.93
CA LEU A 330 4.50 -41.49 23.17
C LEU A 330 3.27 -40.62 23.06
N ILE A 331 2.13 -41.17 23.44
CA ILE A 331 0.85 -40.49 23.30
C ILE A 331 0.37 -40.08 24.68
N ASN A 332 -0.47 -39.05 24.70
CA ASN A 332 -1.17 -38.65 25.91
C ASN A 332 -2.50 -39.40 26.01
N LYS A 333 -3.36 -38.95 26.94
CA LYS A 333 -4.63 -39.64 27.13
C LYS A 333 -5.65 -39.28 26.07
N LYS A 334 -5.34 -38.32 25.20
CA LYS A 334 -6.14 -38.09 24.02
C LYS A 334 -5.60 -38.83 22.80
N GLY A 335 -4.59 -39.69 22.97
CA GLY A 335 -4.04 -40.45 21.89
C GLY A 335 -3.22 -39.66 20.89
N LEU A 336 -2.77 -38.46 21.25
CA LEU A 336 -2.07 -37.59 20.33
C LEU A 336 -0.57 -37.73 20.55
N THR A 337 0.20 -37.79 19.47
CA THR A 337 1.66 -37.74 19.51
C THR A 337 2.06 -36.27 19.63
N PRO A 338 3.34 -35.94 19.92
CA PRO A 338 3.70 -34.51 19.99
C PRO A 338 3.61 -33.79 18.66
N LEU A 339 3.69 -34.52 17.54
CA LEU A 339 3.48 -33.89 16.25
C LEU A 339 2.00 -33.78 15.94
N ALA A 340 1.20 -34.75 16.37
CA ALA A 340 -0.24 -34.65 16.15
C ALA A 340 -0.87 -33.63 17.08
N LEU A 341 -0.25 -33.36 18.23
CA LEU A 341 -0.75 -32.34 19.13
C LEU A 341 -0.50 -30.95 18.58
N ALA A 342 0.61 -30.77 17.86
CA ALA A 342 0.92 -29.47 17.25
C ALA A 342 -0.01 -29.19 16.08
N ALA A 343 -0.53 -30.25 15.45
CA ALA A 343 -1.48 -30.05 14.37
C ALA A 343 -2.91 -29.94 14.90
N SER A 344 -3.20 -30.61 16.01
CA SER A 344 -4.55 -30.55 16.58
C SER A 344 -4.85 -29.17 17.13
N SER A 345 -3.86 -28.56 17.75
CA SER A 345 -3.97 -27.14 18.09
C SER A 345 -3.33 -26.35 16.96
N GLY A 346 -3.20 -25.04 17.13
CA GLY A 346 -2.70 -24.25 16.03
C GLY A 346 -1.23 -23.91 16.12
N LYS A 347 -0.43 -24.84 16.63
CA LYS A 347 0.97 -24.57 16.87
C LYS A 347 1.75 -24.76 15.58
N ILE A 348 1.79 -23.73 14.74
CA ILE A 348 2.39 -23.86 13.43
C ILE A 348 3.91 -23.84 13.52
N GLY A 349 4.46 -23.09 14.46
CA GLY A 349 5.91 -22.97 14.56
C GLY A 349 6.57 -24.24 15.07
N VAL A 350 5.87 -24.97 15.93
CA VAL A 350 6.33 -26.29 16.32
C VAL A 350 6.12 -27.27 15.18
N LEU A 351 5.03 -27.10 14.42
CA LEU A 351 4.76 -27.97 13.28
C LEU A 351 5.77 -27.75 12.17
N ALA A 352 6.18 -26.50 11.93
CA ALA A 352 7.14 -26.22 10.88
C ALA A 352 8.52 -26.74 11.24
N TYR A 353 8.78 -26.91 12.54
CA TYR A 353 10.09 -27.38 12.97
C TYR A 353 10.21 -28.89 12.89
N ILE A 354 9.19 -29.60 13.32
CA ILE A 354 9.27 -31.06 13.41
C ILE A 354 9.33 -31.67 12.02
N LEU A 355 8.53 -31.14 11.10
CA LEU A 355 8.47 -31.70 9.75
C LEU A 355 9.73 -31.39 8.95
N GLN A 356 10.53 -30.43 9.41
CA GLN A 356 11.72 -30.03 8.69
C GLN A 356 12.97 -30.22 9.55
N ARG A 357 12.91 -31.14 10.50
CA ARG A 357 13.93 -31.26 11.52
C ARG A 357 15.17 -31.94 10.95
N GLU A 358 16.28 -31.21 10.90
CA GLU A 358 17.58 -31.76 10.55
C GLU A 358 18.46 -31.70 11.78
N ILE A 359 18.99 -32.85 12.19
CA ILE A 359 19.90 -32.92 13.33
C ILE A 359 21.25 -33.42 12.81
N GLN A 360 22.28 -32.61 13.02
CA GLN A 360 23.57 -32.84 12.35
C GLN A 360 24.45 -33.80 13.13
N GLU A 361 24.18 -33.97 14.42
CA GLU A 361 25.10 -34.72 15.28
C GLU A 361 24.99 -36.21 15.01
N PRO A 362 26.11 -36.92 14.83
CA PRO A 362 26.05 -38.37 14.76
C PRO A 362 25.64 -38.96 16.10
N GLU A 363 24.98 -40.13 16.03
CA GLU A 363 24.18 -40.86 17.02
C GLU A 363 22.82 -40.18 17.22
N CYS A 364 22.62 -38.98 16.67
CA CYS A 364 21.33 -38.31 16.68
C CYS A 364 20.83 -37.98 15.29
N ARG A 365 21.42 -38.57 14.24
CA ARG A 365 20.97 -38.30 12.89
C ARG A 365 19.64 -38.99 12.61
N HIS A 366 19.36 -40.09 13.33
CA HIS A 366 18.13 -40.84 13.11
C HIS A 366 16.90 -40.09 13.60
N LEU A 367 17.09 -39.07 14.42
CA LEU A 367 15.96 -38.29 14.92
C LEU A 367 15.54 -37.22 13.92
N SER A 368 16.28 -37.06 12.83
CA SER A 368 15.94 -36.08 11.83
C SER A 368 14.71 -36.53 11.06
N ARG A 369 13.90 -35.56 10.65
CA ARG A 369 12.76 -35.83 9.79
C ARG A 369 12.98 -35.29 8.39
N LYS A 370 14.01 -34.47 8.19
CA LYS A 370 14.43 -34.03 6.87
C LYS A 370 15.85 -34.52 6.60
N PHE A 371 16.04 -35.20 5.48
CA PHE A 371 17.34 -35.68 5.06
C PHE A 371 17.64 -35.15 3.66
N THR A 372 18.89 -35.25 3.26
CA THR A 372 19.29 -35.04 1.88
C THR A 372 19.93 -36.32 1.35
N GLU A 373 19.48 -36.78 0.18
CA GLU A 373 20.00 -38.06 -0.31
C GLU A 373 21.17 -37.87 -1.26
N TRP A 374 21.22 -36.75 -1.96
CA TRP A 374 22.41 -36.43 -2.74
C TRP A 374 22.52 -34.92 -2.88
N ALA A 375 23.72 -34.48 -3.25
CA ALA A 375 24.00 -33.06 -3.43
C ALA A 375 25.12 -32.93 -4.45
N TYR A 376 24.77 -32.56 -5.66
CA TYR A 376 25.75 -32.40 -6.73
C TYR A 376 25.91 -30.92 -7.03
N GLY A 377 26.85 -30.28 -6.34
CA GLY A 377 27.11 -28.88 -6.53
C GLY A 377 26.00 -28.01 -5.99
N PRO A 378 25.30 -27.31 -6.88
CA PRO A 378 24.19 -26.44 -6.46
C PRO A 378 22.91 -27.19 -6.13
N VAL A 379 22.63 -28.28 -6.82
CA VAL A 379 21.35 -28.98 -6.71
C VAL A 379 21.49 -30.07 -5.67
N HIS A 380 20.54 -30.12 -4.74
CA HIS A 380 20.50 -31.19 -3.76
C HIS A 380 19.05 -31.63 -3.56
N SER A 381 18.86 -32.91 -3.25
CA SER A 381 17.55 -33.51 -3.20
C SER A 381 17.20 -33.84 -1.76
N SER A 382 16.17 -33.20 -1.23
CA SER A 382 15.78 -33.33 0.16
C SER A 382 14.73 -34.42 0.31
N LEU A 383 14.79 -35.16 1.41
CA LEU A 383 13.82 -36.19 1.75
C LEU A 383 13.13 -35.81 3.04
N TYR A 384 11.81 -35.70 2.98
CA TYR A 384 11.00 -35.43 4.15
C TYR A 384 10.34 -36.72 4.61
N ASP A 385 10.58 -37.11 5.86
CA ASP A 385 10.00 -38.32 6.41
C ASP A 385 8.49 -38.15 6.57
N LEU A 386 7.78 -39.25 6.35
CA LEU A 386 6.33 -39.29 6.37
C LEU A 386 5.84 -40.38 7.31
N SER A 387 6.36 -40.39 8.54
CA SER A 387 6.11 -41.48 9.48
C SER A 387 4.66 -41.49 9.97
N CYS A 388 4.23 -40.45 10.68
CA CYS A 388 2.87 -40.44 11.16
C CYS A 388 1.92 -39.72 10.22
N ILE A 389 2.43 -38.84 9.36
CA ILE A 389 1.64 -38.14 8.35
C ILE A 389 1.45 -39.08 7.17
N ASP A 390 0.69 -38.65 6.15
CA ASP A 390 0.35 -39.31 4.87
C ASP A 390 -0.74 -40.37 5.07
N THR A 391 -1.69 -40.13 5.97
CA THR A 391 -3.07 -40.63 6.00
C THR A 391 -3.13 -42.14 6.32
N CYS A 392 -2.01 -42.86 6.33
CA CYS A 392 -2.03 -44.29 6.58
C CYS A 392 -2.19 -44.58 8.06
N GLU A 393 -1.80 -43.64 8.91
CA GLU A 393 -1.95 -43.80 10.34
C GLU A 393 -3.32 -43.32 10.80
N LYS A 394 -3.50 -43.28 12.12
CA LYS A 394 -4.81 -42.96 12.66
C LYS A 394 -4.94 -41.47 12.95
N ASN A 395 -3.90 -40.87 13.52
CA ASN A 395 -3.88 -39.44 13.84
C ASN A 395 -2.92 -38.68 12.93
N SER A 396 -2.93 -39.02 11.64
CA SER A 396 -2.09 -38.37 10.63
C SER A 396 -2.35 -36.88 10.58
N VAL A 397 -1.26 -36.09 10.63
CA VAL A 397 -1.39 -34.66 10.88
C VAL A 397 -1.93 -33.96 9.64
N LEU A 398 -1.84 -34.60 8.49
CA LEU A 398 -2.50 -34.07 7.31
C LEU A 398 -4.00 -34.21 7.43
N GLU A 399 -4.45 -35.30 8.07
CA GLU A 399 -5.87 -35.50 8.33
C GLU A 399 -6.33 -34.67 9.51
N VAL A 400 -5.43 -34.46 10.48
CA VAL A 400 -5.77 -33.71 11.70
C VAL A 400 -5.97 -32.23 11.39
N ILE A 401 -5.13 -31.66 10.52
CA ILE A 401 -5.25 -30.27 10.14
C ILE A 401 -6.53 -30.03 9.33
N ALA A 402 -6.77 -30.85 8.31
CA ALA A 402 -7.85 -30.58 7.38
C ALA A 402 -9.21 -30.86 7.99
N TYR A 403 -9.27 -31.74 8.99
CA TYR A 403 -10.53 -32.06 9.65
C TYR A 403 -10.65 -31.36 10.99
N SER A 404 -10.05 -30.18 11.14
CA SER A 404 -10.16 -29.45 12.39
C SER A 404 -11.53 -28.77 12.49
N SER A 405 -11.83 -28.27 13.69
CA SER A 405 -13.17 -27.79 13.99
C SER A 405 -13.29 -26.27 13.92
N SER A 406 -12.32 -25.57 13.33
CA SER A 406 -12.25 -24.13 13.04
C SER A 406 -12.11 -23.27 14.29
N GLU A 407 -12.14 -23.84 15.49
CA GLU A 407 -11.74 -23.10 16.67
C GLU A 407 -10.23 -23.10 16.84
N THR A 408 -9.54 -23.98 16.13
CA THR A 408 -8.09 -24.04 16.22
C THR A 408 -7.48 -23.03 15.27
N PRO A 409 -6.51 -22.24 15.70
CA PRO A 409 -5.95 -21.21 14.83
C PRO A 409 -5.07 -21.81 13.75
N ASN A 410 -4.79 -20.98 12.74
CA ASN A 410 -3.77 -21.23 11.72
C ASN A 410 -4.04 -22.48 10.89
N ARG A 411 -5.31 -22.81 10.67
CA ARG A 411 -5.63 -24.00 9.88
C ARG A 411 -5.22 -23.81 8.42
N HIS A 412 -5.40 -22.61 7.90
CA HIS A 412 -5.10 -22.35 6.50
C HIS A 412 -3.60 -22.19 6.30
N ASP A 413 -2.87 -21.91 7.38
CA ASP A 413 -1.44 -21.66 7.27
C ASP A 413 -0.61 -22.91 7.55
N MET A 414 -1.20 -23.91 8.22
CA MET A 414 -0.44 -25.11 8.55
C MET A 414 -0.21 -26.00 7.34
N LEU A 415 -0.95 -25.78 6.25
CA LEU A 415 -0.70 -26.55 5.04
C LEU A 415 0.35 -25.88 4.16
N LEU A 416 0.90 -24.76 4.61
CA LEU A 416 1.94 -24.09 3.85
C LEU A 416 3.33 -24.43 4.31
N VAL A 417 3.49 -25.31 5.29
CA VAL A 417 4.81 -25.81 5.62
C VAL A 417 5.26 -26.75 4.52
N GLU A 418 6.58 -26.88 4.37
CA GLU A 418 7.15 -27.38 3.11
C GLU A 418 6.87 -28.85 2.80
N PRO A 419 6.72 -29.78 3.77
CA PRO A 419 6.20 -31.09 3.35
C PRO A 419 4.74 -31.07 2.92
N LEU A 420 3.87 -30.38 3.66
CA LEU A 420 2.44 -30.60 3.51
C LEU A 420 1.89 -29.92 2.27
N ASN A 421 2.61 -28.93 1.73
CA ASN A 421 2.15 -28.30 0.51
C ASN A 421 2.43 -29.18 -0.70
N ARG A 422 3.66 -29.71 -0.77
CA ARG A 422 4.03 -30.51 -1.92
C ARG A 422 3.45 -31.92 -1.83
N LEU A 423 3.06 -32.34 -0.62
CA LEU A 423 2.44 -33.64 -0.45
C LEU A 423 1.03 -33.64 -1.03
N LEU A 424 0.27 -32.58 -0.75
CA LEU A 424 -1.09 -32.49 -1.26
C LEU A 424 -1.10 -32.18 -2.75
N GLN A 425 -0.14 -31.37 -3.22
CA GLN A 425 -0.09 -31.03 -4.64
C GLN A 425 0.25 -32.23 -5.50
N ASP A 426 1.11 -33.11 -4.99
CA ASP A 426 1.44 -34.30 -5.76
C ASP A 426 0.48 -35.44 -5.43
N LYS A 427 -0.33 -35.29 -4.39
CA LYS A 427 -1.52 -36.13 -4.28
C LYS A 427 -2.61 -35.62 -5.19
N TRP A 428 -2.54 -34.36 -5.60
CA TRP A 428 -3.53 -33.85 -6.54
C TRP A 428 -3.16 -34.23 -7.97
N ASP A 429 -1.88 -34.10 -8.31
CA ASP A 429 -1.44 -34.23 -9.70
C ASP A 429 -1.56 -35.67 -10.21
N ARG A 430 -1.69 -36.62 -9.31
CA ARG A 430 -1.97 -38.00 -9.70
C ARG A 430 -2.93 -38.61 -8.69
N PHE A 431 -3.81 -39.48 -9.17
CA PHE A 431 -4.89 -40.27 -8.57
C PHE A 431 -6.01 -39.47 -7.91
N VAL A 432 -5.98 -38.13 -7.92
CA VAL A 432 -7.12 -37.42 -7.35
C VAL A 432 -7.79 -36.51 -8.36
N LYS A 433 -7.00 -35.77 -9.15
CA LYS A 433 -7.59 -34.81 -10.09
C LYS A 433 -8.34 -35.52 -11.21
N ARG A 434 -8.02 -36.78 -11.48
CA ARG A 434 -8.83 -37.53 -12.43
C ARG A 434 -10.08 -38.08 -11.75
N ILE A 435 -10.03 -38.26 -10.43
CA ILE A 435 -11.22 -38.67 -9.70
C ILE A 435 -12.11 -37.47 -9.45
N PHE A 436 -11.51 -36.31 -9.23
CA PHE A 436 -12.29 -35.10 -9.00
C PHE A 436 -12.93 -34.60 -10.28
N TYR A 437 -12.24 -34.72 -11.42
CA TYR A 437 -12.84 -34.32 -12.68
C TYR A 437 -13.91 -35.30 -13.12
N PHE A 438 -13.84 -36.53 -12.61
CA PHE A 438 -14.92 -37.48 -12.86
C PHE A 438 -16.13 -37.14 -12.01
N ASN A 439 -15.92 -36.69 -10.78
CA ASN A 439 -17.04 -36.30 -9.93
C ASN A 439 -17.69 -35.02 -10.43
N PHE A 440 -16.92 -34.15 -11.07
CA PHE A 440 -17.48 -32.96 -11.69
C PHE A 440 -18.11 -33.29 -13.03
N PHE A 441 -17.72 -34.40 -13.64
CA PHE A 441 -18.39 -34.80 -14.88
C PHE A 441 -19.72 -35.47 -14.59
N VAL A 442 -19.82 -36.24 -13.51
CA VAL A 442 -21.08 -36.89 -13.19
C VAL A 442 -22.09 -35.88 -12.64
N TYR A 443 -21.60 -34.89 -11.89
CA TYR A 443 -22.52 -33.91 -11.31
C TYR A 443 -23.07 -32.98 -12.36
N CYS A 444 -22.30 -32.73 -13.43
CA CYS A 444 -22.88 -32.02 -14.57
C CYS A 444 -23.87 -32.90 -15.30
N LEU A 445 -23.58 -34.20 -15.41
CA LEU A 445 -24.54 -35.12 -16.02
C LEU A 445 -25.72 -35.39 -15.09
N TYR A 446 -25.53 -35.19 -13.79
CA TYR A 446 -26.67 -35.31 -12.89
C TYR A 446 -27.61 -34.13 -13.02
N MET A 447 -27.06 -32.93 -13.19
CA MET A 447 -27.91 -31.75 -13.22
C MET A 447 -28.56 -31.57 -14.59
N ILE A 448 -27.92 -32.06 -15.65
CA ILE A 448 -28.53 -32.02 -16.98
C ILE A 448 -29.73 -32.99 -17.04
N VAL A 449 -29.60 -34.13 -16.38
CA VAL A 449 -30.73 -35.06 -16.30
C VAL A 449 -31.84 -34.48 -15.43
N PHE A 450 -31.48 -33.86 -14.30
CA PHE A 450 -32.48 -33.34 -13.40
C PHE A 450 -33.10 -32.04 -13.92
N THR A 451 -32.39 -31.32 -14.79
CA THR A 451 -33.00 -30.23 -15.52
C THR A 451 -34.04 -30.73 -16.50
N THR A 452 -33.68 -31.73 -17.31
CA THR A 452 -34.53 -32.16 -18.41
C THR A 452 -35.73 -32.94 -17.89
N ALA A 453 -35.57 -33.64 -16.77
CA ALA A 453 -36.70 -34.34 -16.16
C ALA A 453 -37.67 -33.38 -15.49
N ALA A 454 -37.19 -32.18 -15.14
CA ALA A 454 -38.07 -31.21 -14.49
C ALA A 454 -38.60 -30.20 -15.49
N TYR A 455 -37.86 -29.95 -16.57
CA TYR A 455 -38.35 -29.08 -17.64
C TYR A 455 -39.55 -29.72 -18.31
N TYR A 456 -39.49 -31.03 -18.56
CA TYR A 456 -40.56 -31.77 -19.21
C TYR A 456 -41.46 -32.48 -18.21
N ARG A 457 -41.72 -31.86 -17.07
CA ARG A 457 -42.58 -32.48 -16.07
C ARG A 457 -44.01 -32.53 -16.58
N PRO A 458 -44.81 -33.51 -16.13
CA PRO A 458 -46.21 -33.54 -16.54
C PRO A 458 -46.99 -32.39 -15.91
N VAL A 459 -48.04 -31.99 -16.60
CA VAL A 459 -48.80 -30.79 -16.23
C VAL A 459 -50.29 -31.09 -16.12
N ASP A 460 -50.71 -32.32 -16.43
CA ASP A 460 -52.13 -32.59 -16.68
C ASP A 460 -52.95 -32.56 -15.39
N GLY A 461 -52.41 -33.07 -14.29
CA GLY A 461 -53.21 -33.15 -13.09
C GLY A 461 -52.47 -33.46 -11.80
N LEU A 462 -53.06 -34.34 -11.00
CA LEU A 462 -52.53 -34.69 -9.69
C LEU A 462 -51.19 -35.45 -9.83
N PRO A 463 -50.27 -35.25 -8.88
CA PRO A 463 -48.86 -35.60 -9.11
C PRO A 463 -48.53 -37.09 -9.26
N PRO A 464 -49.34 -38.05 -8.81
CA PRO A 464 -49.12 -39.40 -9.36
C PRO A 464 -49.62 -39.47 -10.80
N TYR A 465 -48.68 -39.43 -11.74
CA TYR A 465 -49.00 -39.37 -13.15
C TYR A 465 -48.85 -40.75 -13.77
N LYS A 466 -49.80 -41.12 -14.63
CA LYS A 466 -49.77 -42.40 -15.29
C LYS A 466 -48.67 -42.43 -16.35
N LEU A 467 -48.00 -43.58 -16.46
CA LEU A 467 -46.91 -43.76 -17.41
C LEU A 467 -47.52 -44.06 -18.77
N LYS A 468 -47.57 -43.05 -19.63
CA LYS A 468 -48.03 -43.27 -20.99
C LYS A 468 -46.96 -43.99 -21.79
N ASN A 469 -47.38 -44.96 -22.59
CA ASN A 469 -46.45 -45.83 -23.32
C ASN A 469 -45.89 -45.14 -24.56
N THR A 470 -45.10 -44.10 -24.32
CA THR A 470 -44.37 -43.40 -25.36
C THR A 470 -42.89 -43.47 -25.04
N VAL A 471 -42.06 -43.15 -26.04
CA VAL A 471 -40.62 -43.16 -25.83
C VAL A 471 -40.20 -41.92 -25.02
N GLY A 472 -41.02 -40.88 -25.05
CA GLY A 472 -40.69 -39.68 -24.29
C GLY A 472 -40.96 -39.84 -22.81
N ASP A 473 -42.08 -40.46 -22.46
CA ASP A 473 -42.41 -40.64 -21.05
C ASP A 473 -41.61 -41.77 -20.43
N TYR A 474 -41.02 -42.63 -21.25
CA TYR A 474 -40.05 -43.59 -20.73
C TYR A 474 -38.76 -42.87 -20.35
N PHE A 475 -38.31 -41.95 -21.19
CA PHE A 475 -37.11 -41.17 -20.87
C PHE A 475 -37.38 -40.18 -19.74
N ARG A 476 -38.63 -39.72 -19.60
CA ARG A 476 -38.95 -38.75 -18.57
C ARG A 476 -38.92 -39.41 -17.19
N VAL A 477 -39.47 -40.61 -17.08
CA VAL A 477 -39.47 -41.28 -15.77
C VAL A 477 -38.10 -41.90 -15.50
N THR A 478 -37.30 -42.11 -16.55
CA THR A 478 -35.92 -42.52 -16.35
C THR A 478 -35.11 -41.38 -15.76
N GLY A 479 -35.37 -40.15 -16.22
CA GLY A 479 -34.69 -39.00 -15.67
C GLY A 479 -35.13 -38.66 -14.27
N GLU A 480 -36.36 -39.06 -13.90
CA GLU A 480 -36.83 -38.80 -12.55
C GLU A 480 -36.26 -39.81 -11.57
N ILE A 481 -36.10 -41.06 -11.99
CA ILE A 481 -35.48 -42.07 -11.13
C ILE A 481 -34.00 -41.76 -10.92
N LEU A 482 -33.34 -41.23 -11.95
CA LEU A 482 -31.95 -40.82 -11.80
C LEU A 482 -31.84 -39.53 -10.98
N SER A 483 -32.92 -38.75 -10.91
CA SER A 483 -32.89 -37.54 -10.12
C SER A 483 -33.05 -37.83 -8.64
N VAL A 484 -33.96 -38.76 -8.30
CA VAL A 484 -34.19 -39.12 -6.91
C VAL A 484 -33.00 -39.90 -6.36
N SER A 485 -32.40 -40.75 -7.20
CA SER A 485 -31.28 -41.57 -6.76
C SER A 485 -30.05 -40.71 -6.48
N GLY A 486 -29.93 -39.57 -7.17
CA GLY A 486 -28.93 -38.60 -6.77
C GLY A 486 -29.32 -37.87 -5.50
N GLY A 487 -30.62 -37.64 -5.31
CA GLY A 487 -31.08 -37.00 -4.09
C GLY A 487 -30.96 -37.91 -2.89
N VAL A 488 -31.07 -39.22 -3.10
CA VAL A 488 -30.77 -40.17 -2.03
C VAL A 488 -29.28 -40.18 -1.75
N TYR A 489 -28.47 -40.00 -2.79
CA TYR A 489 -27.01 -40.08 -2.65
C TYR A 489 -26.47 -38.91 -1.83
N PHE A 490 -26.89 -37.68 -2.16
CA PHE A 490 -26.40 -36.54 -1.41
C PHE A 490 -27.01 -36.48 -0.02
N PHE A 491 -28.14 -37.16 0.17
CA PHE A 491 -28.66 -37.35 1.52
C PHE A 491 -27.76 -38.29 2.32
N LEU A 492 -27.45 -39.46 1.77
CA LEU A 492 -26.63 -40.43 2.48
C LEU A 492 -25.19 -39.96 2.62
N ARG A 493 -24.73 -39.14 1.69
CA ARG A 493 -23.41 -38.52 1.86
C ARG A 493 -23.44 -37.47 2.96
N GLY A 494 -24.60 -36.86 3.20
CA GLY A 494 -24.70 -35.89 4.28
C GLY A 494 -24.93 -36.54 5.63
N ILE A 495 -25.58 -37.71 5.64
CA ILE A 495 -25.75 -38.45 6.89
C ILE A 495 -24.42 -38.98 7.39
N GLN A 496 -23.58 -39.49 6.48
CA GLN A 496 -22.29 -40.02 6.89
C GLN A 496 -21.32 -38.92 7.27
N TYR A 497 -21.58 -37.68 6.82
CA TYR A 497 -20.80 -36.56 7.32
C TYR A 497 -21.26 -36.16 8.72
N PHE A 498 -22.54 -36.35 9.02
CA PHE A 498 -23.05 -35.89 10.30
C PHE A 498 -22.84 -36.94 11.39
N LEU A 499 -22.90 -38.21 11.03
CA LEU A 499 -22.90 -39.29 12.02
C LEU A 499 -21.70 -40.22 11.89
N GLN A 500 -21.46 -40.79 10.70
CA GLN A 500 -20.47 -41.85 10.59
C GLN A 500 -19.05 -41.31 10.65
N ARG A 501 -18.69 -40.45 9.71
CA ARG A 501 -17.44 -39.72 9.76
C ARG A 501 -17.73 -38.33 10.28
N ARG A 502 -16.69 -37.66 10.78
CA ARG A 502 -16.72 -36.27 11.19
C ARG A 502 -17.83 -35.90 12.20
N PRO A 503 -17.67 -36.27 13.47
CA PRO A 503 -18.68 -35.87 14.46
C PRO A 503 -18.66 -34.37 14.67
N SER A 504 -19.68 -33.70 14.15
CA SER A 504 -19.69 -32.26 13.99
C SER A 504 -20.31 -31.58 15.21
N MET A 505 -19.74 -30.45 15.59
CA MET A 505 -20.32 -29.62 16.63
C MET A 505 -21.36 -28.68 16.04
N LYS A 506 -22.00 -27.89 16.91
CA LYS A 506 -23.01 -26.96 16.45
C LYS A 506 -22.40 -25.78 15.71
N THR A 507 -21.17 -25.41 16.06
CA THR A 507 -20.48 -24.37 15.30
C THR A 507 -19.75 -24.97 14.11
N LEU A 508 -19.81 -26.29 13.95
CA LEU A 508 -19.21 -26.89 12.77
C LEU A 508 -20.21 -26.98 11.64
N PHE A 509 -21.51 -26.84 11.94
CA PHE A 509 -22.50 -26.70 10.88
C PHE A 509 -22.40 -25.34 10.21
N VAL A 510 -21.90 -24.34 10.93
CA VAL A 510 -21.63 -23.04 10.31
C VAL A 510 -20.15 -22.95 9.94
N ASP A 511 -19.44 -24.07 9.98
CA ASP A 511 -18.09 -24.12 9.41
C ASP A 511 -18.12 -24.66 8.00
N SER A 512 -18.61 -25.89 7.82
CA SER A 512 -18.66 -26.52 6.50
C SER A 512 -19.96 -26.12 5.80
N TYR A 513 -19.83 -25.11 4.94
CA TYR A 513 -21.00 -24.60 4.25
C TYR A 513 -21.35 -25.47 3.04
N SER A 514 -20.37 -26.20 2.52
CA SER A 514 -20.62 -26.98 1.30
C SER A 514 -21.45 -28.21 1.60
N GLU A 515 -21.17 -28.88 2.71
CA GLU A 515 -21.87 -30.13 2.99
C GLU A 515 -23.30 -29.86 3.46
N MET A 516 -23.53 -28.68 4.04
CA MET A 516 -24.90 -28.26 4.30
C MET A 516 -25.64 -27.98 3.00
N LEU A 517 -24.99 -27.30 2.06
CA LEU A 517 -25.66 -26.92 0.81
C LEU A 517 -26.00 -28.12 -0.06
N PHE A 518 -25.18 -29.18 -0.01
CA PHE A 518 -25.57 -30.40 -0.70
C PHE A 518 -26.60 -31.19 0.08
N PHE A 519 -26.62 -31.06 1.40
CA PHE A 519 -27.62 -31.77 2.18
C PHE A 519 -28.97 -31.08 2.10
N VAL A 520 -28.98 -29.75 2.13
CA VAL A 520 -30.23 -28.99 2.00
C VAL A 520 -30.83 -29.19 0.62
N GLN A 521 -29.98 -29.35 -0.41
CA GLN A 521 -30.45 -29.71 -1.75
C GLN A 521 -31.14 -31.06 -1.75
N SER A 522 -30.59 -32.03 -1.04
CA SER A 522 -31.19 -33.36 -1.01
C SER A 522 -32.45 -33.36 -0.14
N LEU A 523 -32.58 -32.39 0.76
CA LEU A 523 -33.83 -32.27 1.51
C LEU A 523 -34.94 -31.75 0.62
N PHE A 524 -34.63 -30.83 -0.29
CA PHE A 524 -35.65 -30.38 -1.23
C PHE A 524 -35.95 -31.45 -2.28
N MET A 525 -34.95 -32.29 -2.57
CA MET A 525 -35.18 -33.35 -3.56
C MET A 525 -35.98 -34.49 -2.96
N LEU A 526 -35.64 -34.92 -1.74
CA LEU A 526 -36.41 -35.96 -1.09
C LEU A 526 -37.74 -35.42 -0.56
N GLY A 527 -37.77 -34.13 -0.21
CA GLY A 527 -39.04 -33.51 0.15
C GLY A 527 -39.96 -33.37 -1.04
N SER A 528 -39.39 -33.35 -2.25
CA SER A 528 -40.21 -33.35 -3.44
C SER A 528 -40.89 -34.69 -3.64
N VAL A 529 -40.21 -35.78 -3.28
CA VAL A 529 -40.77 -37.11 -3.48
C VAL A 529 -41.87 -37.37 -2.46
N VAL A 530 -41.72 -36.83 -1.26
CA VAL A 530 -42.75 -36.94 -0.23
C VAL A 530 -44.00 -36.16 -0.65
N LEU A 531 -43.79 -34.98 -1.22
CA LEU A 531 -44.93 -34.20 -1.71
C LEU A 531 -45.44 -34.75 -3.04
N TYR A 532 -44.66 -35.60 -3.70
CA TYR A 532 -45.09 -36.19 -4.96
C TYR A 532 -46.19 -37.23 -4.74
N PHE A 533 -45.95 -38.17 -3.84
CA PHE A 533 -46.88 -39.28 -3.67
C PHE A 533 -47.96 -38.95 -2.66
N SER A 534 -47.94 -37.74 -2.10
CA SER A 534 -48.97 -37.36 -1.14
C SER A 534 -50.09 -36.61 -1.81
N HIS A 535 -50.17 -36.72 -3.15
CA HIS A 535 -51.22 -36.11 -3.98
C HIS A 535 -51.24 -34.60 -3.84
N ARG A 536 -50.05 -34.00 -3.73
CA ARG A 536 -49.91 -32.57 -3.51
C ARG A 536 -49.13 -31.94 -4.64
N LYS A 537 -49.66 -30.86 -5.21
CA LYS A 537 -48.97 -30.14 -6.28
C LYS A 537 -47.82 -29.28 -5.80
N GLU A 538 -47.49 -29.33 -4.51
CA GLU A 538 -46.35 -28.62 -3.94
C GLU A 538 -45.04 -29.35 -4.18
N TYR A 539 -45.06 -30.44 -4.97
CA TYR A 539 -43.82 -31.12 -5.32
C TYR A 539 -42.98 -30.25 -6.22
N VAL A 540 -43.61 -29.40 -7.02
CA VAL A 540 -42.88 -28.54 -7.93
C VAL A 540 -42.31 -27.35 -7.17
N ALA A 541 -42.87 -27.03 -6.01
CA ALA A 541 -42.33 -25.94 -5.21
C ALA A 541 -41.04 -26.36 -4.50
N SER A 542 -40.81 -27.66 -4.39
CA SER A 542 -39.61 -28.14 -3.70
C SER A 542 -38.58 -28.66 -4.70
N MET A 543 -39.04 -29.21 -5.83
CA MET A 543 -38.14 -29.61 -6.90
C MET A 543 -37.41 -28.42 -7.49
N VAL A 544 -38.09 -27.28 -7.55
CA VAL A 544 -37.51 -26.04 -8.05
C VAL A 544 -36.42 -25.52 -7.12
N PHE A 545 -36.64 -25.60 -5.81
CA PHE A 545 -35.61 -25.18 -4.87
C PHE A 545 -34.42 -26.13 -4.88
N SER A 546 -34.65 -27.40 -5.22
CA SER A 546 -33.55 -28.32 -5.38
C SER A 546 -32.83 -28.07 -6.70
N LEU A 547 -33.51 -27.46 -7.66
CA LEU A 547 -32.94 -27.24 -8.97
C LEU A 547 -32.10 -25.96 -9.01
N ALA A 548 -32.58 -24.91 -8.35
CA ALA A 548 -31.80 -23.69 -8.28
C ALA A 548 -30.61 -23.83 -7.36
N MET A 549 -30.77 -24.61 -6.29
CA MET A 549 -29.65 -24.82 -5.38
C MET A 549 -28.70 -25.86 -5.95
N GLY A 550 -29.19 -26.70 -6.84
CA GLY A 550 -28.33 -27.73 -7.41
C GLY A 550 -27.32 -27.18 -8.38
N TRP A 551 -27.71 -26.19 -9.17
CA TRP A 551 -26.73 -25.54 -10.04
C TRP A 551 -25.89 -24.55 -9.26
N THR A 552 -26.41 -24.03 -8.15
CA THR A 552 -25.60 -23.16 -7.30
C THR A 552 -24.50 -23.96 -6.62
N ASN A 553 -24.73 -25.25 -6.40
CA ASN A 553 -23.72 -26.15 -5.87
C ASN A 553 -22.74 -26.66 -6.92
N MET A 554 -22.83 -26.16 -8.16
CA MET A 554 -21.77 -26.38 -9.12
C MET A 554 -20.53 -25.58 -8.74
N LEU A 555 -20.70 -24.54 -7.91
CA LEU A 555 -19.58 -23.78 -7.37
C LEU A 555 -18.78 -24.56 -6.32
N TYR A 556 -19.21 -25.75 -5.93
CA TYR A 556 -18.32 -26.62 -5.17
C TYR A 556 -17.17 -27.08 -6.02
N TYR A 557 -17.46 -27.57 -7.21
CA TYR A 557 -16.46 -28.24 -8.01
C TYR A 557 -15.54 -27.28 -8.74
N THR A 558 -15.72 -25.98 -8.54
CA THR A 558 -14.81 -25.01 -9.15
C THR A 558 -13.56 -24.86 -8.32
N ARG A 559 -13.49 -25.50 -7.15
CA ARG A 559 -12.20 -25.74 -6.52
C ARG A 559 -11.46 -26.82 -7.30
N GLY A 560 -10.18 -26.96 -7.04
CA GLY A 560 -9.34 -27.81 -7.84
C GLY A 560 -8.82 -27.15 -9.10
N PHE A 561 -9.56 -26.19 -9.64
CA PHE A 561 -9.06 -25.20 -10.58
C PHE A 561 -8.65 -24.02 -9.73
N GLN A 562 -7.39 -23.60 -9.84
CA GLN A 562 -6.81 -22.71 -8.84
C GLN A 562 -7.40 -21.31 -8.91
N GLN A 563 -7.40 -20.70 -10.09
CA GLN A 563 -7.86 -19.32 -10.20
C GLN A 563 -9.38 -19.25 -10.12
N MET A 564 -10.06 -20.36 -10.36
CA MET A 564 -11.50 -20.41 -10.16
C MET A 564 -11.86 -20.76 -8.73
N GLY A 565 -11.01 -21.56 -8.07
CA GLY A 565 -11.30 -21.94 -6.69
C GLY A 565 -11.06 -20.82 -5.72
N ILE A 566 -10.04 -19.99 -5.98
CA ILE A 566 -9.83 -18.78 -5.18
C ILE A 566 -10.97 -17.80 -5.40
N TYR A 567 -11.55 -17.81 -6.60
CA TYR A 567 -12.66 -16.92 -6.92
C TYR A 567 -13.91 -17.25 -6.11
N ALA A 568 -14.16 -18.53 -5.86
CA ALA A 568 -15.38 -18.91 -5.15
C ALA A 568 -15.18 -18.85 -3.64
N VAL A 569 -13.94 -18.92 -3.18
CA VAL A 569 -13.67 -18.63 -1.77
C VAL A 569 -13.91 -17.16 -1.51
N MET A 570 -13.57 -16.31 -2.47
CA MET A 570 -13.87 -14.90 -2.34
C MET A 570 -15.37 -14.64 -2.41
N ILE A 571 -16.11 -15.44 -3.17
CA ILE A 571 -17.58 -15.34 -3.19
C ILE A 571 -18.16 -15.67 -1.81
N GLU A 572 -17.60 -16.69 -1.15
CA GLU A 572 -17.99 -17.02 0.21
C GLU A 572 -17.70 -15.88 1.17
N LYS A 573 -16.53 -15.27 1.06
CA LYS A 573 -16.17 -14.20 1.99
C LYS A 573 -16.86 -12.90 1.64
N MET A 574 -17.53 -12.81 0.49
CA MET A 574 -18.37 -11.66 0.23
C MET A 574 -19.78 -11.87 0.76
N ILE A 575 -20.25 -13.12 0.75
CA ILE A 575 -21.57 -13.41 1.31
C ILE A 575 -21.56 -13.23 2.82
N LEU A 576 -20.57 -13.80 3.49
CA LEU A 576 -20.55 -13.83 4.94
C LEU A 576 -20.13 -12.49 5.54
N ARG A 577 -19.21 -11.78 4.89
CA ARG A 577 -18.63 -10.60 5.51
C ARG A 577 -19.27 -9.31 5.00
N ASP A 578 -19.52 -9.21 3.70
CA ASP A 578 -20.01 -7.97 3.12
C ASP A 578 -21.49 -8.00 2.73
N LEU A 579 -22.02 -9.17 2.36
CA LEU A 579 -23.43 -9.21 1.97
C LEU A 579 -24.33 -9.34 3.19
N CYS A 580 -23.83 -9.96 4.26
CA CYS A 580 -24.62 -10.04 5.49
C CYS A 580 -24.70 -8.67 6.17
N ARG A 581 -23.62 -7.90 6.14
CA ARG A 581 -23.67 -6.57 6.71
C ARG A 581 -24.47 -5.63 5.83
N PHE A 582 -24.55 -5.92 4.53
CA PHE A 582 -25.38 -5.12 3.65
C PHE A 582 -26.85 -5.44 3.84
N MET A 583 -27.21 -6.72 3.78
CA MET A 583 -28.62 -7.09 3.73
C MET A 583 -29.32 -6.96 5.07
N PHE A 584 -28.58 -6.65 6.13
CA PHE A 584 -29.26 -6.22 7.35
C PHE A 584 -29.67 -4.76 7.23
N VAL A 585 -28.72 -3.89 6.88
CA VAL A 585 -28.97 -2.46 6.84
C VAL A 585 -29.83 -2.11 5.63
N TYR A 586 -29.76 -2.92 4.58
CA TYR A 586 -30.64 -2.73 3.43
C TYR A 586 -32.08 -3.07 3.77
N LEU A 587 -32.31 -4.22 4.42
CA LEU A 587 -33.68 -4.62 4.72
C LEU A 587 -34.27 -3.79 5.85
N VAL A 588 -33.43 -3.16 6.66
CA VAL A 588 -33.91 -2.17 7.62
C VAL A 588 -34.35 -0.91 6.89
N PHE A 589 -33.61 -0.51 5.86
CA PHE A 589 -34.03 0.64 5.07
C PHE A 589 -35.19 0.31 4.16
N LEU A 590 -35.25 -0.92 3.64
CA LEU A 590 -36.33 -1.29 2.73
C LEU A 590 -37.64 -1.41 3.47
N PHE A 591 -37.64 -2.10 4.61
CA PHE A 591 -38.87 -2.26 5.38
C PHE A 591 -39.21 -0.97 6.11
N GLY A 592 -38.23 -0.08 6.28
CA GLY A 592 -38.49 1.17 6.97
C GLY A 592 -39.24 2.16 6.10
N PHE A 593 -38.77 2.36 4.87
CA PHE A 593 -39.40 3.33 4.00
C PHE A 593 -40.67 2.79 3.37
N SER A 594 -40.75 1.47 3.16
CA SER A 594 -41.97 0.90 2.59
C SER A 594 -43.10 0.90 3.59
N THR A 595 -42.78 0.84 4.88
CA THR A 595 -43.79 1.06 5.90
C THR A 595 -44.32 2.49 5.83
N ALA A 596 -43.44 3.44 5.54
CA ALA A 596 -43.85 4.83 5.50
C ALA A 596 -44.59 5.16 4.22
N VAL A 597 -44.42 4.36 3.17
CA VAL A 597 -45.13 4.63 1.92
C VAL A 597 -46.54 4.05 1.99
N VAL A 598 -46.69 2.85 2.57
CA VAL A 598 -48.01 2.25 2.72
C VAL A 598 -48.89 3.08 3.64
N THR A 599 -48.28 3.64 4.70
CA THR A 599 -49.01 4.48 5.63
C THR A 599 -49.53 5.74 4.95
N LEU A 600 -48.79 6.26 3.99
CA LEU A 600 -49.28 7.36 3.17
C LEU A 600 -50.44 6.96 2.28
N ILE A 601 -50.27 5.92 1.48
CA ILE A 601 -51.19 5.64 0.40
C ILE A 601 -52.46 5.00 0.95
N GLU A 602 -53.59 5.39 0.40
CA GLU A 602 -54.89 4.90 0.79
C GLU A 602 -55.41 3.92 -0.25
N ASP A 603 -56.70 3.65 -0.15
CA ASP A 603 -57.40 2.92 -1.21
C ASP A 603 -57.61 3.84 -2.42
N GLY A 604 -58.44 3.35 -3.35
CA GLY A 604 -58.72 4.09 -4.57
C GLY A 604 -59.38 5.44 -4.32
N LYS A 605 -60.51 5.41 -3.59
CA LYS A 605 -61.20 6.58 -3.01
C LYS A 605 -61.84 7.49 -4.08
N ASN A 606 -61.60 7.24 -5.36
CA ASN A 606 -62.19 8.02 -6.44
C ASN A 606 -63.26 7.24 -7.19
N TYR A 607 -63.64 6.08 -6.68
CA TYR A 607 -64.67 5.25 -7.31
C TYR A 607 -66.06 5.77 -6.97
N TRP A 618 -60.97 6.38 -14.45
CA TRP A 618 -60.71 7.57 -13.65
C TRP A 618 -59.31 8.11 -13.93
N ARG A 619 -58.43 7.23 -14.39
CA ARG A 619 -57.06 7.60 -14.71
C ARG A 619 -56.61 6.80 -15.94
N ALA A 620 -55.87 7.49 -16.81
CA ALA A 620 -55.34 6.86 -18.01
C ALA A 620 -54.28 5.82 -17.64
N PRO A 621 -54.31 4.65 -18.29
CA PRO A 621 -53.40 3.55 -17.92
C PRO A 621 -51.97 3.77 -18.36
N GLY A 622 -51.19 4.47 -17.53
CA GLY A 622 -49.77 4.57 -17.80
C GLY A 622 -49.11 3.27 -17.39
N CYS A 623 -48.76 2.45 -18.38
CA CYS A 623 -48.31 1.04 -18.36
C CYS A 623 -49.40 0.09 -17.90
N ARG A 624 -50.58 0.60 -17.52
CA ARG A 624 -51.68 -0.16 -16.93
C ARG A 624 -51.33 -1.10 -15.77
N PRO A 625 -50.89 -0.58 -14.62
CA PRO A 625 -51.21 -1.26 -13.34
C PRO A 625 -52.28 -0.53 -12.53
N PRO A 626 -53.57 -0.61 -12.87
CA PRO A 626 -54.56 -0.06 -11.93
C PRO A 626 -54.67 -0.98 -10.73
N ASP A 627 -54.07 -0.56 -9.61
CA ASP A 627 -53.75 -1.51 -8.57
C ASP A 627 -54.00 -0.90 -7.20
N SER A 628 -54.44 -1.75 -6.28
CA SER A 628 -54.35 -1.47 -4.86
C SER A 628 -52.92 -1.74 -4.42
N TYR A 629 -52.16 -0.66 -4.27
CA TYR A 629 -50.80 -0.73 -3.75
C TYR A 629 -50.81 -0.74 -2.23
N ASN A 630 -51.99 -0.75 -1.64
CA ASN A 630 -52.25 -0.67 -0.22
C ASN A 630 -51.74 -1.88 0.56
N SER A 631 -51.17 -2.89 -0.09
CA SER A 631 -50.49 -3.99 0.57
C SER A 631 -49.07 -3.58 0.92
N LEU A 632 -48.57 -4.12 2.02
CA LEU A 632 -47.18 -3.88 2.39
C LEU A 632 -46.24 -4.65 1.47
N TYR A 633 -46.70 -5.78 0.95
CA TYR A 633 -45.87 -6.60 0.07
C TYR A 633 -45.63 -5.92 -1.27
N SER A 634 -46.63 -5.19 -1.76
CA SER A 634 -46.49 -4.55 -3.06
C SER A 634 -45.50 -3.42 -3.00
N THR A 635 -45.47 -2.68 -1.89
CA THR A 635 -44.59 -1.53 -1.78
C THR A 635 -43.15 -1.95 -1.52
N CYS A 636 -42.96 -2.99 -0.69
CA CYS A 636 -41.63 -3.57 -0.53
C CYS A 636 -41.11 -4.16 -1.83
N LEU A 637 -42.01 -4.60 -2.69
CA LEU A 637 -41.61 -5.05 -4.02
C LEU A 637 -41.31 -3.85 -4.92
N GLU A 638 -42.00 -2.73 -4.72
CA GLU A 638 -41.79 -1.56 -5.57
C GLU A 638 -40.60 -0.73 -5.11
N LEU A 639 -40.19 -0.89 -3.85
CA LEU A 639 -38.96 -0.21 -3.44
C LEU A 639 -37.74 -1.08 -3.67
N PHE A 640 -37.95 -2.38 -3.86
CA PHE A 640 -36.83 -3.23 -4.25
C PHE A 640 -36.41 -2.95 -5.68
N LYS A 641 -37.34 -2.45 -6.50
CA LYS A 641 -37.05 -2.21 -7.90
C LYS A 641 -36.13 -1.01 -8.08
N PHE A 642 -36.08 -0.12 -7.09
CA PHE A 642 -35.11 0.97 -7.14
C PHE A 642 -33.68 0.45 -7.01
N THR A 643 -33.53 -0.66 -6.29
CA THR A 643 -32.20 -1.25 -6.11
C THR A 643 -31.74 -1.92 -7.39
N ILE A 644 -32.66 -2.57 -8.12
CA ILE A 644 -32.32 -3.18 -9.39
C ILE A 644 -32.00 -2.13 -10.45
N GLY A 645 -32.86 -1.13 -10.58
CA GLY A 645 -32.73 -0.16 -11.64
C GLY A 645 -34.03 -0.05 -12.38
N MET A 646 -35.09 -0.56 -11.77
CA MET A 646 -36.44 -0.54 -12.33
C MET A 646 -37.41 0.17 -11.40
N GLY A 647 -36.92 1.09 -10.59
CA GLY A 647 -37.77 1.81 -9.66
C GLY A 647 -38.62 2.80 -10.40
N ASP A 648 -39.94 2.74 -10.16
CA ASP A 648 -40.87 3.48 -11.01
C ASP A 648 -40.87 4.95 -10.67
N LEU A 649 -40.84 5.29 -9.37
CA LEU A 649 -40.77 6.61 -8.73
C LEU A 649 -42.09 7.37 -8.88
N GLU A 650 -43.04 6.85 -9.65
CA GLU A 650 -44.41 7.32 -9.68
C GLU A 650 -45.34 6.12 -9.71
N PHE A 651 -45.07 5.13 -8.87
CA PHE A 651 -45.71 3.83 -9.02
C PHE A 651 -47.15 3.85 -8.57
N THR A 652 -47.56 4.87 -7.84
CA THR A 652 -48.95 5.04 -7.49
C THR A 652 -49.30 6.51 -7.43
N GLU A 653 -50.58 6.81 -7.50
CA GLU A 653 -51.10 8.15 -7.30
C GLU A 653 -52.14 8.19 -6.20
N ASN A 654 -52.47 7.04 -5.63
CA ASN A 654 -53.54 6.93 -4.65
C ASN A 654 -53.00 7.33 -3.28
N TYR A 655 -52.71 8.62 -3.15
CA TYR A 655 -52.27 9.17 -1.88
C TYR A 655 -52.78 10.60 -1.77
N ASP A 656 -52.41 11.23 -0.67
CA ASP A 656 -52.40 12.67 -0.53
C ASP A 656 -50.96 13.08 -0.29
N PHE A 657 -50.73 14.40 -0.30
CA PHE A 657 -49.45 15.02 0.05
C PHE A 657 -48.31 14.49 -0.83
N LYS A 658 -48.36 14.90 -2.10
CA LYS A 658 -47.40 14.44 -3.10
C LYS A 658 -45.97 14.80 -2.71
N ALA A 659 -45.80 15.87 -1.95
CA ALA A 659 -44.48 16.28 -1.48
C ALA A 659 -43.85 15.24 -0.58
N VAL A 660 -44.59 14.74 0.42
CA VAL A 660 -43.98 13.83 1.37
C VAL A 660 -43.89 12.42 0.80
N PHE A 661 -44.50 12.18 -0.35
CA PHE A 661 -44.33 10.88 -1.00
C PHE A 661 -43.02 10.84 -1.77
N ILE A 662 -42.67 11.95 -2.41
CA ILE A 662 -41.43 12.00 -3.19
C ILE A 662 -40.24 12.15 -2.26
N ILE A 663 -40.40 12.90 -1.17
CA ILE A 663 -39.35 13.05 -0.16
C ILE A 663 -39.01 11.71 0.47
N LEU A 664 -40.01 10.83 0.62
CA LEU A 664 -39.73 9.47 1.06
C LEU A 664 -38.96 8.69 0.01
N LEU A 665 -39.36 8.82 -1.26
CA LEU A 665 -38.69 8.06 -2.32
C LEU A 665 -37.29 8.59 -2.57
N LEU A 666 -37.13 9.92 -2.52
CA LEU A 666 -35.80 10.49 -2.75
C LEU A 666 -34.86 10.19 -1.59
N ALA A 667 -35.39 10.18 -0.36
CA ALA A 667 -34.55 9.79 0.76
C ALA A 667 -34.27 8.30 0.74
N TYR A 668 -35.09 7.52 0.04
CA TYR A 668 -34.81 6.10 -0.08
C TYR A 668 -33.74 5.84 -1.14
N VAL A 669 -33.83 6.53 -2.28
CA VAL A 669 -32.88 6.30 -3.36
C VAL A 669 -31.50 6.83 -2.97
N ILE A 670 -31.46 7.93 -2.23
CA ILE A 670 -30.19 8.48 -1.78
C ILE A 670 -29.57 7.58 -0.72
N LEU A 671 -30.39 7.08 0.22
CA LEU A 671 -29.83 6.25 1.29
C LEU A 671 -29.45 4.86 0.79
N THR A 672 -30.23 4.29 -0.13
CA THR A 672 -29.99 2.91 -0.56
C THR A 672 -29.25 2.82 -1.89
N TYR A 673 -29.78 3.43 -2.94
CA TYR A 673 -29.16 3.28 -4.25
C TYR A 673 -27.88 4.09 -4.35
N ILE A 674 -27.93 5.36 -3.97
CA ILE A 674 -26.75 6.22 -4.11
C ILE A 674 -25.71 5.89 -3.05
N LEU A 675 -26.12 5.81 -1.80
CA LEU A 675 -25.20 5.52 -0.72
C LEU A 675 -24.88 4.04 -0.59
N LEU A 676 -25.88 3.20 -0.32
CA LEU A 676 -25.62 1.92 0.30
C LEU A 676 -25.15 0.89 -0.71
N LEU A 677 -25.63 0.95 -1.95
CA LEU A 677 -25.11 0.06 -2.99
C LEU A 677 -23.71 0.44 -3.40
N ASN A 678 -23.45 1.73 -3.56
CA ASN A 678 -22.12 2.17 -3.98
C ASN A 678 -21.12 1.99 -2.86
N MET A 679 -21.60 1.94 -1.62
CA MET A 679 -20.72 1.64 -0.49
C MET A 679 -20.42 0.16 -0.43
N LEU A 680 -21.36 -0.69 -0.86
CA LEU A 680 -21.13 -2.13 -0.91
C LEU A 680 -20.02 -2.48 -1.88
N ILE A 681 -19.94 -1.74 -3.00
CA ILE A 681 -18.88 -1.98 -3.97
C ILE A 681 -17.53 -1.55 -3.40
N ALA A 682 -17.53 -0.49 -2.59
CA ALA A 682 -16.31 -0.03 -1.97
C ALA A 682 -15.87 -0.95 -0.85
N LEU A 683 -16.82 -1.53 -0.12
CA LEU A 683 -16.47 -2.45 0.96
C LEU A 683 -16.10 -3.83 0.42
N MET A 684 -16.65 -4.21 -0.74
CA MET A 684 -16.10 -5.37 -1.43
C MET A 684 -14.72 -5.07 -1.97
N GLY A 685 -14.43 -3.81 -2.25
CA GLY A 685 -13.09 -3.46 -2.70
C GLY A 685 -12.03 -3.61 -1.63
N GLU A 686 -12.38 -3.29 -0.38
CA GLU A 686 -11.44 -3.45 0.73
C GLU A 686 -11.20 -4.92 1.03
N THR A 687 -12.26 -5.72 0.98
CA THR A 687 -12.18 -7.12 1.41
C THR A 687 -11.31 -7.91 0.46
N VAL A 688 -11.38 -7.60 -0.83
CA VAL A 688 -10.54 -8.26 -1.84
C VAL A 688 -9.05 -8.00 -1.57
N ASN A 689 -8.71 -6.78 -1.14
CA ASN A 689 -7.32 -6.46 -0.82
C ASN A 689 -6.82 -7.21 0.40
N LYS A 690 -7.72 -7.51 1.35
CA LYS A 690 -7.25 -8.10 2.59
C LYS A 690 -7.36 -9.62 2.58
N ILE A 691 -8.14 -10.20 1.67
CA ILE A 691 -8.25 -11.66 1.66
C ILE A 691 -7.52 -12.22 0.45
N ALA A 692 -6.73 -11.38 -0.21
CA ALA A 692 -6.05 -11.79 -1.45
C ALA A 692 -5.04 -12.90 -1.19
N GLN A 693 -4.42 -12.90 -0.01
CA GLN A 693 -3.56 -14.00 0.37
C GLN A 693 -4.33 -15.07 1.12
N GLU A 694 -5.33 -14.67 1.91
CA GLU A 694 -6.07 -15.61 2.73
C GLU A 694 -6.92 -16.55 1.88
N SER A 695 -7.50 -16.04 0.80
CA SER A 695 -8.37 -16.86 -0.04
C SER A 695 -7.59 -17.91 -0.81
N LYS A 696 -6.29 -17.66 -1.04
CA LYS A 696 -5.46 -18.71 -1.62
C LYS A 696 -5.20 -19.82 -0.63
N ASN A 697 -5.16 -19.50 0.67
CA ASN A 697 -4.87 -20.53 1.66
C ASN A 697 -6.13 -21.27 2.07
N ILE A 698 -7.28 -20.59 2.04
CA ILE A 698 -8.54 -21.28 2.32
C ILE A 698 -8.85 -22.25 1.20
N TRP A 699 -8.48 -21.89 -0.04
CA TRP A 699 -8.69 -22.79 -1.17
C TRP A 699 -7.82 -24.03 -1.07
N LYS A 700 -6.56 -23.87 -0.63
CA LYS A 700 -5.69 -25.03 -0.48
C LYS A 700 -6.16 -25.93 0.65
N LEU A 701 -6.89 -25.40 1.62
CA LEU A 701 -7.55 -26.25 2.60
C LEU A 701 -8.80 -26.89 2.00
N GLN A 702 -9.50 -26.19 1.11
CA GLN A 702 -10.66 -26.78 0.46
C GLN A 702 -10.26 -27.90 -0.49
N ARG A 703 -9.11 -27.76 -1.13
CA ARG A 703 -8.62 -28.83 -1.98
C ARG A 703 -8.09 -29.99 -1.13
N ALA A 704 -7.57 -29.68 0.05
CA ALA A 704 -7.00 -30.72 0.91
C ALA A 704 -8.08 -31.61 1.49
N ILE A 705 -9.24 -31.05 1.83
CA ILE A 705 -10.36 -31.85 2.30
C ILE A 705 -10.86 -32.76 1.18
N THR A 706 -10.79 -32.27 -0.06
CA THR A 706 -11.19 -33.08 -1.20
C THR A 706 -10.22 -34.23 -1.43
N ILE A 707 -8.93 -33.99 -1.22
CA ILE A 707 -7.91 -35.01 -1.41
C ILE A 707 -8.06 -36.11 -0.36
N LEU A 708 -8.35 -35.71 0.88
CA LEU A 708 -8.47 -36.71 1.94
C LEU A 708 -9.79 -37.44 1.86
N ASP A 709 -10.86 -36.77 1.44
CA ASP A 709 -12.15 -37.44 1.35
C ASP A 709 -12.19 -38.39 0.15
N THR A 710 -11.35 -38.13 -0.85
CA THR A 710 -11.22 -39.07 -1.96
C THR A 710 -10.53 -40.35 -1.51
N GLU A 711 -9.52 -40.23 -0.65
CA GLU A 711 -8.79 -41.40 -0.18
C GLU A 711 -9.62 -42.24 0.78
N LYS A 712 -10.58 -41.62 1.47
CA LYS A 712 -11.45 -42.38 2.36
C LYS A 712 -12.47 -43.21 1.59
N SER A 713 -12.72 -42.85 0.33
CA SER A 713 -13.69 -43.57 -0.49
C SER A 713 -13.21 -44.95 -0.91
N PHE A 714 -11.90 -45.21 -0.91
CA PHE A 714 -11.38 -46.48 -1.39
C PHE A 714 -10.24 -46.95 -0.50
N LEU A 715 -10.38 -48.16 0.06
CA LEU A 715 -9.27 -48.78 0.77
C LEU A 715 -8.17 -49.23 -0.18
N LYS A 716 -8.55 -49.54 -1.43
CA LYS A 716 -7.56 -49.92 -2.43
C LYS A 716 -6.69 -48.75 -2.82
N CYS A 717 -7.27 -47.54 -2.86
CA CYS A 717 -6.50 -46.36 -3.26
C CYS A 717 -5.57 -45.91 -2.13
N MET A 718 -5.83 -46.35 -0.90
CA MET A 718 -4.95 -46.00 0.22
C MET A 718 -3.59 -46.64 0.07
N ARG A 719 -3.53 -47.84 -0.51
CA ARG A 719 -2.24 -48.46 -0.80
C ARG A 719 -1.60 -47.81 -2.02
N LYS A 720 -2.39 -47.09 -2.82
CA LYS A 720 -1.83 -46.25 -3.86
C LYS A 720 -1.54 -44.85 -3.32
N ALA A 721 -2.16 -44.49 -2.19
CA ALA A 721 -1.98 -43.16 -1.61
C ALA A 721 -0.69 -43.03 -0.82
N PHE A 722 0.18 -44.05 -0.81
CA PHE A 722 1.54 -43.82 -0.40
C PHE A 722 2.17 -42.86 -1.39
N ARG A 723 2.40 -41.61 -0.98
CA ARG A 723 2.86 -40.59 -1.89
C ARG A 723 4.38 -40.67 -1.99
N SER A 724 4.85 -41.44 -2.98
CA SER A 724 6.23 -41.49 -3.49
C SER A 724 7.27 -41.72 -2.41
N GLY A 725 6.90 -42.38 -1.32
CA GLY A 725 7.85 -42.59 -0.24
C GLY A 725 8.91 -43.61 -0.63
N LYS A 726 8.52 -44.56 -1.48
CA LYS A 726 9.37 -45.57 -2.11
C LYS A 726 10.04 -46.53 -1.13
N LEU A 727 9.75 -46.42 0.18
CA LEU A 727 10.45 -47.11 1.26
C LEU A 727 11.96 -46.92 1.13
N LEU A 728 12.39 -45.67 1.27
CA LEU A 728 13.79 -45.32 1.07
C LEU A 728 14.58 -45.48 2.36
N GLN A 729 15.87 -45.78 2.22
CA GLN A 729 16.76 -45.85 3.37
C GLN A 729 17.34 -44.46 3.64
N VAL A 730 17.29 -44.03 4.89
CA VAL A 730 17.78 -42.71 5.26
C VAL A 730 18.92 -42.78 6.27
N GLY A 731 19.65 -43.88 6.30
CA GLY A 731 20.74 -44.03 7.22
C GLY A 731 20.54 -45.28 8.04
N TYR A 732 21.08 -45.26 9.25
CA TYR A 732 21.04 -46.40 10.15
C TYR A 732 20.50 -45.98 11.50
N THR A 733 19.71 -46.85 12.11
CA THR A 733 19.21 -46.65 13.45
C THR A 733 20.33 -46.93 14.46
N PRO A 734 20.14 -46.54 15.72
CA PRO A 734 20.87 -47.22 16.79
C PRO A 734 20.48 -48.69 16.82
N ASP A 735 21.46 -49.53 17.16
CA ASP A 735 21.65 -51.00 16.97
C ASP A 735 22.13 -51.24 15.54
N GLY A 736 22.22 -50.21 14.70
CA GLY A 736 22.83 -50.35 13.39
C GLY A 736 21.99 -51.08 12.37
N LYS A 737 20.67 -50.92 12.44
CA LYS A 737 19.76 -51.56 11.51
C LYS A 737 19.33 -50.55 10.45
N ASP A 738 18.76 -51.04 9.36
CA ASP A 738 18.31 -50.18 8.28
C ASP A 738 17.10 -49.35 8.72
N ASP A 739 17.05 -48.09 8.29
CA ASP A 739 16.01 -47.20 8.82
C ASP A 739 14.71 -47.38 8.05
N TYR A 740 14.75 -47.24 6.72
CA TYR A 740 13.67 -47.61 5.79
C TYR A 740 12.37 -46.87 6.08
N ARG A 741 12.40 -45.55 5.90
CA ARG A 741 11.24 -44.71 6.17
C ARG A 741 10.68 -44.13 4.88
N TRP A 742 9.35 -44.03 4.82
CA TRP A 742 8.67 -43.46 3.66
C TRP A 742 8.97 -41.98 3.56
N CYS A 743 9.66 -41.60 2.48
CA CYS A 743 10.18 -40.25 2.37
C CYS A 743 9.73 -39.61 1.06
N PHE A 744 9.04 -38.48 1.18
CA PHE A 744 8.73 -37.67 0.02
C PHE A 744 9.97 -36.91 -0.42
N ARG A 745 10.22 -36.89 -1.73
CA ARG A 745 11.44 -36.35 -2.29
C ARG A 745 11.21 -34.96 -2.86
N VAL A 746 12.06 -34.01 -2.47
CA VAL A 746 11.97 -32.63 -2.90
C VAL A 746 13.32 -32.19 -3.43
N ASP A 747 13.36 -31.76 -4.69
CA ASP A 747 14.58 -31.24 -5.28
C ASP A 747 14.72 -29.76 -4.98
N GLU A 748 15.94 -29.34 -4.63
CA GLU A 748 16.21 -27.97 -4.25
C GLU A 748 17.49 -27.50 -4.92
N VAL A 749 17.79 -26.21 -4.78
CA VAL A 749 18.99 -25.61 -5.34
C VAL A 749 19.37 -24.40 -4.49
N ASN A 750 20.67 -24.23 -4.25
CA ASN A 750 21.21 -23.03 -3.60
C ASN A 750 22.45 -22.61 -4.36
N TRP A 751 22.58 -21.31 -4.60
CA TRP A 751 23.72 -20.78 -5.33
C TRP A 751 24.69 -20.03 -4.43
N THR A 752 24.50 -20.08 -3.12
CA THR A 752 25.44 -19.52 -2.16
C THR A 752 25.96 -20.53 -1.15
N THR A 753 25.12 -21.39 -0.61
CA THR A 753 25.53 -22.45 0.29
C THR A 753 25.58 -23.76 -0.47
N TRP A 754 26.76 -24.37 -0.53
CA TRP A 754 27.04 -25.43 -1.48
C TRP A 754 26.83 -26.83 -0.90
N ASN A 755 26.38 -26.92 0.36
CA ASN A 755 25.86 -28.14 0.98
C ASN A 755 26.91 -29.25 1.05
N THR A 756 28.00 -28.99 1.76
CA THR A 756 28.96 -30.04 2.09
C THR A 756 28.54 -30.61 3.44
N ASN A 757 27.56 -31.50 3.38
CA ASN A 757 26.86 -31.94 4.57
C ASN A 757 27.55 -33.16 5.17
N VAL A 758 27.33 -33.35 6.48
CA VAL A 758 27.85 -34.53 7.17
C VAL A 758 27.06 -35.76 6.76
N GLY A 759 25.73 -35.67 6.78
CA GLY A 759 24.90 -36.80 6.40
C GLY A 759 24.28 -36.66 5.04
N ILE A 760 24.82 -37.37 4.05
CA ILE A 760 24.25 -37.47 2.71
C ILE A 760 24.10 -38.96 2.41
N ILE A 761 22.91 -39.36 1.95
CA ILE A 761 22.57 -40.77 1.92
C ILE A 761 23.26 -41.47 0.75
N ASN A 762 22.99 -41.05 -0.47
CA ASN A 762 23.57 -41.66 -1.66
C ASN A 762 24.82 -40.88 -2.06
N GLU A 763 25.90 -41.60 -2.34
CA GLU A 763 27.09 -40.92 -2.85
C GLU A 763 26.93 -40.59 -4.33
N ASP A 764 26.19 -41.42 -5.08
CA ASP A 764 25.92 -41.17 -6.47
C ASP A 764 24.66 -40.32 -6.60
N PRO A 765 24.66 -39.27 -7.41
CA PRO A 765 23.52 -38.36 -7.44
C PRO A 765 22.35 -38.90 -8.27
N GLY A 766 21.19 -38.30 -8.08
CA GLY A 766 20.03 -38.62 -8.90
C GLY A 766 19.37 -39.92 -8.51
N ASN A 767 18.33 -40.26 -9.28
CA ASN A 767 17.55 -41.47 -9.07
C ASN A 767 17.28 -42.12 -10.42
N CYS A 768 17.87 -43.29 -10.65
CA CYS A 768 17.74 -43.98 -11.93
C CYS A 768 17.54 -45.48 -11.75
N GLU A 769 16.86 -45.89 -10.67
CA GLU A 769 16.69 -47.28 -10.19
C GLU A 769 18.03 -47.96 -9.93
N GLY A 770 19.06 -47.20 -9.55
CA GLY A 770 20.34 -47.74 -9.13
C GLY A 770 20.87 -46.98 -7.94
N VAL A 771 21.12 -47.69 -6.84
CA VAL A 771 21.41 -47.06 -5.55
C VAL A 771 22.84 -47.40 -5.14
N LYS A 772 23.43 -46.54 -4.30
CA LYS A 772 24.74 -46.75 -3.71
C LYS A 772 24.85 -45.89 -2.46
N ARG A 773 25.07 -46.54 -1.32
CA ARG A 773 25.05 -45.87 -0.04
C ARG A 773 26.40 -45.23 0.25
N THR A 774 26.39 -44.24 1.15
CA THR A 774 27.60 -43.51 1.49
C THR A 774 28.25 -44.11 2.74
N LEU A 775 29.57 -44.23 2.72
CA LEU A 775 30.33 -44.77 3.83
C LEU A 775 30.56 -43.78 4.96
N SER A 776 29.92 -42.60 4.92
CA SER A 776 30.12 -41.62 5.98
C SER A 776 29.23 -41.87 7.18
N PHE A 777 28.37 -42.89 7.08
CA PHE A 777 27.44 -43.22 8.20
C PHE A 777 28.23 -43.99 9.26
N SER A 778 28.04 -43.63 10.53
CA SER A 778 28.80 -44.27 11.64
C SER A 778 28.52 -45.77 11.65
N LEU A 779 27.34 -46.19 11.20
CA LEU A 779 26.98 -47.63 11.23
C LEU A 779 26.98 -48.19 9.81
N LEU B 111 51.83 -63.65 -0.23
CA LEU B 111 51.15 -62.55 -0.93
C LEU B 111 49.70 -62.45 -0.47
N LYS B 112 49.27 -61.24 -0.13
CA LYS B 112 47.90 -61.02 0.33
C LYS B 112 46.95 -61.05 -0.86
N LEU B 113 45.87 -61.82 -0.72
CA LEU B 113 44.88 -61.90 -1.79
C LEU B 113 43.95 -60.70 -1.71
N TYR B 114 43.63 -60.13 -2.88
CA TYR B 114 42.73 -59.00 -3.00
C TYR B 114 41.60 -59.29 -3.96
N ASP B 115 40.38 -58.95 -3.56
CA ASP B 115 39.24 -58.90 -4.45
C ASP B 115 38.87 -57.45 -4.71
N ARG B 116 37.73 -57.26 -5.38
CA ARG B 116 37.29 -55.91 -5.71
C ARG B 116 36.71 -55.21 -4.49
N ARG B 117 35.99 -55.94 -3.63
CA ARG B 117 35.21 -55.31 -2.57
C ARG B 117 36.10 -54.73 -1.48
N SER B 118 37.22 -55.40 -1.18
CA SER B 118 38.12 -54.89 -0.16
C SER B 118 38.87 -53.66 -0.63
N ILE B 119 39.05 -53.51 -1.94
CA ILE B 119 39.73 -52.34 -2.47
C ILE B 119 38.82 -51.12 -2.41
N PHE B 120 37.54 -51.30 -2.75
CA PHE B 120 36.58 -50.20 -2.61
C PHE B 120 36.36 -49.82 -1.15
N ASP B 121 36.42 -50.81 -0.25
CA ASP B 121 36.18 -50.52 1.16
C ASP B 121 37.38 -49.82 1.78
N ALA B 122 38.60 -50.19 1.38
CA ALA B 122 39.78 -49.56 1.93
C ALA B 122 39.99 -48.16 1.36
N VAL B 123 39.54 -47.93 0.12
CA VAL B 123 39.77 -46.62 -0.49
C VAL B 123 38.74 -45.62 0.02
N ALA B 124 37.68 -46.12 0.65
CA ALA B 124 36.67 -45.23 1.23
C ALA B 124 37.00 -44.90 2.68
N GLN B 125 37.49 -45.88 3.45
CA GLN B 125 37.77 -45.69 4.87
C GLN B 125 39.00 -44.84 5.15
N ASN B 126 39.76 -44.45 4.13
CA ASN B 126 40.98 -43.63 4.22
C ASN B 126 42.04 -44.31 5.09
N ASN B 127 42.26 -45.60 4.89
CA ASN B 127 43.37 -46.30 5.53
C ASN B 127 44.37 -46.75 4.47
N CYS B 128 45.53 -46.07 4.42
CA CYS B 128 46.57 -46.42 3.48
C CYS B 128 47.36 -47.64 3.94
N GLN B 129 47.27 -47.98 5.23
CA GLN B 129 48.01 -49.13 5.74
C GLN B 129 47.34 -50.44 5.32
N GLU B 130 46.04 -50.40 5.02
CA GLU B 130 45.37 -51.57 4.48
C GLU B 130 45.78 -51.80 3.04
N LEU B 131 45.93 -50.73 2.28
CA LEU B 131 46.23 -50.81 0.86
C LEU B 131 47.73 -50.59 0.70
N GLU B 132 48.51 -51.62 1.02
CA GLU B 132 49.97 -51.54 0.91
C GLU B 132 50.55 -52.73 0.17
N SER B 133 49.88 -53.88 0.23
CA SER B 133 50.33 -55.04 -0.51
C SER B 133 49.62 -55.19 -1.85
N LEU B 134 48.93 -54.15 -2.30
CA LEU B 134 48.19 -54.24 -3.56
C LEU B 134 49.15 -54.25 -4.74
N LEU B 135 50.18 -53.39 -4.70
CA LEU B 135 51.16 -53.34 -5.77
C LEU B 135 52.02 -54.61 -5.89
N PRO B 136 52.48 -55.27 -4.80
CA PRO B 136 53.09 -56.60 -5.01
C PRO B 136 52.09 -57.66 -5.46
N PHE B 137 50.81 -57.50 -5.14
CA PHE B 137 49.81 -58.44 -5.62
C PHE B 137 49.46 -58.19 -7.08
N LEU B 138 49.49 -56.93 -7.50
CA LEU B 138 49.09 -56.59 -8.86
C LEU B 138 50.21 -56.91 -9.84
N GLN B 139 51.46 -56.84 -9.38
CA GLN B 139 52.59 -57.23 -10.21
C GLN B 139 52.67 -58.74 -10.35
N LYS B 140 52.27 -59.48 -9.30
CA LYS B 140 52.27 -60.93 -9.35
C LYS B 140 51.16 -61.45 -10.25
N SER B 141 49.94 -60.92 -10.07
CA SER B 141 48.78 -61.40 -10.81
C SER B 141 48.79 -60.97 -12.27
N ARG B 142 49.65 -60.00 -12.63
CA ARG B 142 49.72 -59.36 -13.94
C ARG B 142 48.40 -58.71 -14.35
N LYS B 143 47.57 -58.35 -13.38
CA LYS B 143 46.35 -57.61 -13.67
C LYS B 143 46.66 -56.12 -13.70
N ARG B 144 45.66 -55.34 -14.08
CA ARG B 144 45.76 -53.89 -14.05
C ARG B 144 44.61 -53.33 -13.21
N LEU B 145 44.76 -52.08 -12.77
CA LEU B 145 43.68 -51.44 -12.03
C LEU B 145 42.49 -51.14 -12.94
N THR B 146 42.75 -50.99 -14.24
CA THR B 146 41.70 -50.69 -15.22
C THR B 146 41.20 -52.00 -15.84
N ASP B 147 40.91 -52.97 -14.98
CA ASP B 147 40.43 -54.27 -15.42
C ASP B 147 38.93 -54.34 -15.14
N SER B 148 38.25 -55.26 -15.83
CA SER B 148 36.82 -55.42 -15.66
C SER B 148 36.48 -55.99 -14.29
N GLU B 149 37.42 -56.69 -13.66
CA GLU B 149 37.17 -57.27 -12.35
C GLU B 149 37.21 -56.20 -11.26
N PHE B 150 37.86 -55.08 -11.53
CA PHE B 150 38.01 -54.05 -10.50
C PHE B 150 37.01 -52.91 -10.70
N LYS B 151 36.51 -52.76 -11.92
CA LYS B 151 35.45 -51.80 -12.16
C LYS B 151 34.11 -52.40 -11.78
N ASP B 152 33.24 -51.58 -11.22
CA ASP B 152 31.89 -52.01 -10.83
C ASP B 152 31.09 -52.35 -12.09
N PRO B 153 30.34 -53.46 -12.09
CA PRO B 153 29.70 -53.91 -13.34
C PRO B 153 28.50 -53.09 -13.77
N GLU B 154 27.79 -52.46 -12.83
CA GLU B 154 26.62 -51.68 -13.21
C GLU B 154 27.01 -50.33 -13.80
N THR B 155 27.66 -49.50 -12.99
CA THR B 155 28.28 -48.26 -13.44
C THR B 155 29.79 -48.48 -13.45
N GLY B 156 30.45 -48.07 -14.53
CA GLY B 156 31.86 -48.39 -14.70
C GLY B 156 32.80 -47.63 -13.77
N LYS B 157 32.62 -47.86 -12.47
CA LYS B 157 33.29 -47.08 -11.43
C LYS B 157 34.62 -47.75 -11.06
N THR B 158 35.71 -47.11 -11.45
CA THR B 158 37.03 -47.56 -11.03
C THR B 158 37.24 -47.10 -9.58
N CYS B 159 38.24 -47.65 -8.90
CA CYS B 159 38.47 -47.31 -7.50
C CYS B 159 39.06 -45.91 -7.34
N LEU B 160 39.50 -45.28 -8.43
CA LEU B 160 39.82 -43.86 -8.37
C LEU B 160 38.56 -43.03 -8.20
N LEU B 161 37.47 -43.43 -8.87
CA LEU B 161 36.20 -42.73 -8.72
C LEU B 161 35.67 -42.87 -7.30
N LYS B 162 35.77 -44.08 -6.74
CA LYS B 162 35.33 -44.32 -5.37
C LYS B 162 36.19 -43.56 -4.37
N ALA B 163 37.45 -43.29 -4.73
CA ALA B 163 38.30 -42.42 -3.93
C ALA B 163 37.81 -40.98 -3.98
N MET B 164 37.17 -40.59 -5.09
CA MET B 164 36.78 -39.20 -5.25
C MET B 164 35.40 -38.92 -4.67
N LEU B 165 34.55 -39.94 -4.56
CA LEU B 165 33.27 -39.73 -3.92
C LEU B 165 33.43 -39.56 -2.41
N ASN B 166 34.16 -40.47 -1.77
CA ASN B 166 34.28 -40.50 -0.32
C ASN B 166 35.58 -39.83 0.15
N LEU B 167 35.60 -38.50 0.11
CA LEU B 167 36.67 -37.78 0.77
C LEU B 167 36.36 -37.55 2.23
N HIS B 168 37.40 -37.43 3.04
CA HIS B 168 37.29 -37.15 4.46
C HIS B 168 37.96 -35.80 4.72
N ASN B 169 37.15 -34.85 5.22
CA ASN B 169 37.56 -33.47 5.51
C ASN B 169 38.13 -32.75 4.29
N GLY B 170 37.72 -33.14 3.09
CA GLY B 170 38.28 -32.57 1.88
C GLY B 170 39.67 -33.04 1.53
N GLN B 171 40.24 -33.98 2.31
CA GLN B 171 41.63 -34.41 2.15
C GLN B 171 41.66 -35.95 2.20
N ASN B 172 41.52 -36.58 1.05
CA ASN B 172 41.74 -38.02 0.99
C ASN B 172 43.22 -38.30 0.74
N ASP B 173 43.79 -39.19 1.56
CA ASP B 173 45.19 -39.56 1.42
C ASP B 173 45.39 -40.89 0.72
N THR B 174 44.31 -41.61 0.41
CA THR B 174 44.45 -42.91 -0.23
C THR B 174 44.66 -42.73 -1.73
N ILE B 175 44.21 -41.62 -2.29
CA ILE B 175 44.23 -41.39 -3.74
C ILE B 175 45.65 -41.30 -4.27
N SER B 176 46.54 -40.64 -3.51
CA SER B 176 47.92 -40.48 -3.95
C SER B 176 48.67 -41.81 -3.93
N LEU B 177 48.17 -42.78 -3.18
CA LEU B 177 48.78 -44.10 -3.16
C LEU B 177 48.48 -44.87 -4.44
N LEU B 178 47.21 -44.94 -4.83
CA LEU B 178 46.89 -45.77 -5.99
C LEU B 178 47.05 -45.01 -7.29
N LEU B 179 47.32 -43.70 -7.24
CA LEU B 179 47.87 -43.04 -8.41
C LEU B 179 49.31 -43.50 -8.65
N ASP B 180 50.05 -43.78 -7.58
CA ASP B 180 51.40 -44.30 -7.73
C ASP B 180 51.38 -45.75 -8.19
N ILE B 181 50.33 -46.48 -7.83
CA ILE B 181 50.22 -47.89 -8.24
C ILE B 181 49.93 -47.97 -9.74
N ALA B 182 49.19 -46.99 -10.27
CA ALA B 182 48.89 -46.99 -11.70
C ALA B 182 50.11 -46.61 -12.53
N ARG B 183 51.05 -45.85 -11.95
CA ARG B 183 52.22 -45.45 -12.72
C ARG B 183 53.35 -46.48 -12.58
N GLN B 184 53.34 -47.28 -11.51
CA GLN B 184 54.27 -48.39 -11.43
C GLN B 184 53.87 -49.50 -12.38
N THR B 185 52.56 -49.70 -12.55
CA THR B 185 52.00 -50.66 -13.49
C THR B 185 51.62 -50.02 -14.82
N ASP B 186 52.33 -48.94 -15.19
CA ASP B 186 52.36 -48.24 -16.49
C ASP B 186 51.00 -48.15 -17.21
N SER B 187 49.95 -47.84 -16.44
CA SER B 187 48.62 -47.64 -16.99
C SER B 187 47.93 -46.44 -16.35
N LEU B 188 48.67 -45.35 -16.10
CA LEU B 188 48.08 -44.18 -15.45
C LEU B 188 47.14 -43.44 -16.40
N LYS B 189 47.40 -43.51 -17.71
CA LYS B 189 46.60 -42.76 -18.67
C LYS B 189 45.20 -43.33 -18.80
N GLU B 190 45.08 -44.66 -18.74
CA GLU B 190 43.76 -45.28 -18.76
C GLU B 190 43.12 -45.19 -17.38
N PHE B 191 43.92 -44.92 -16.36
CA PHE B 191 43.42 -44.94 -14.98
C PHE B 191 42.65 -43.67 -14.65
N VAL B 192 43.20 -42.50 -14.96
CA VAL B 192 42.51 -41.26 -14.63
C VAL B 192 41.45 -40.94 -15.68
N ASN B 193 41.60 -41.45 -16.89
CA ASN B 193 40.61 -41.21 -17.94
C ASN B 193 39.51 -42.26 -17.94
N ALA B 194 39.49 -43.16 -16.98
CA ALA B 194 38.38 -44.09 -16.86
C ALA B 194 37.16 -43.38 -16.29
N SER B 195 36.02 -43.61 -16.93
CA SER B 195 34.80 -42.90 -16.56
C SER B 195 33.68 -43.92 -16.37
N TYR B 196 32.53 -43.43 -15.94
CA TYR B 196 31.35 -44.28 -15.81
C TYR B 196 30.88 -44.76 -17.18
N THR B 197 30.57 -46.05 -17.27
CA THR B 197 30.03 -46.62 -18.49
C THR B 197 28.52 -46.65 -18.51
N ASP B 198 27.88 -46.29 -17.40
CA ASP B 198 26.43 -46.32 -17.34
C ASP B 198 25.85 -45.13 -18.08
N SER B 199 24.62 -45.30 -18.58
CA SER B 199 24.00 -44.26 -19.40
C SER B 199 23.52 -43.08 -18.56
N TYR B 200 23.55 -43.21 -17.23
CA TYR B 200 23.08 -42.12 -16.40
C TYR B 200 24.23 -41.22 -15.97
N TYR B 201 25.47 -41.70 -16.06
CA TYR B 201 26.65 -40.92 -15.70
C TYR B 201 27.71 -40.96 -16.79
N LYS B 202 27.29 -41.10 -18.05
CA LYS B 202 28.22 -41.44 -19.13
C LYS B 202 29.21 -40.32 -19.41
N GLY B 203 30.49 -40.62 -19.20
CA GLY B 203 31.56 -39.68 -19.44
C GLY B 203 32.11 -38.99 -18.22
N GLN B 204 31.52 -39.19 -17.05
CA GLN B 204 31.98 -38.54 -15.83
C GLN B 204 33.28 -39.17 -15.36
N THR B 205 34.38 -38.43 -15.45
CA THR B 205 35.65 -38.88 -14.96
C THR B 205 35.85 -38.44 -13.52
N ALA B 206 37.04 -38.71 -12.98
CA ALA B 206 37.35 -38.27 -11.63
C ALA B 206 37.66 -36.79 -11.59
N LEU B 207 37.97 -36.19 -12.75
CA LEU B 207 38.22 -34.76 -12.81
C LEU B 207 36.94 -33.97 -12.56
N HIS B 208 35.82 -34.48 -13.05
CA HIS B 208 34.53 -33.83 -12.80
C HIS B 208 34.15 -33.88 -11.33
N ILE B 209 34.55 -34.95 -10.64
CA ILE B 209 34.27 -35.04 -9.21
C ILE B 209 35.20 -34.11 -8.44
N ALA B 210 36.44 -33.97 -8.90
CA ALA B 210 37.40 -33.09 -8.23
C ALA B 210 37.01 -31.63 -8.37
N ILE B 211 36.38 -31.29 -9.49
CA ILE B 211 35.90 -29.92 -9.68
C ILE B 211 34.65 -29.68 -8.85
N GLU B 212 33.80 -30.69 -8.72
CA GLU B 212 32.55 -30.51 -7.98
C GLU B 212 32.77 -30.50 -6.48
N ARG B 213 33.79 -31.22 -5.99
CA ARG B 213 33.97 -31.26 -4.55
C ARG B 213 34.80 -30.10 -4.01
N ARG B 214 35.03 -29.04 -4.80
CA ARG B 214 35.63 -27.78 -4.34
C ARG B 214 37.06 -27.96 -3.84
N ASN B 215 37.78 -28.90 -4.44
CA ASN B 215 39.14 -29.23 -4.00
C ASN B 215 40.13 -28.78 -5.07
N MET B 216 40.89 -27.73 -4.74
CA MET B 216 41.89 -27.21 -5.67
C MET B 216 43.04 -28.19 -5.84
N ALA B 217 43.44 -28.85 -4.75
CA ALA B 217 44.59 -29.76 -4.81
C ALA B 217 44.24 -31.04 -5.56
N LEU B 218 42.98 -31.47 -5.49
CA LEU B 218 42.58 -32.70 -6.18
C LEU B 218 42.45 -32.47 -7.68
N VAL B 219 42.12 -31.24 -8.08
CA VAL B 219 42.08 -30.91 -9.51
C VAL B 219 43.49 -30.90 -10.07
N THR B 220 44.43 -30.31 -9.33
CA THR B 220 45.82 -30.22 -9.77
C THR B 220 46.47 -31.59 -9.86
N LEU B 221 46.22 -32.45 -8.87
CA LEU B 221 46.87 -33.75 -8.81
C LEU B 221 46.38 -34.69 -9.90
N LEU B 222 45.19 -34.42 -10.44
CA LEU B 222 44.66 -35.27 -11.50
C LEU B 222 45.19 -34.86 -12.86
N VAL B 223 45.25 -33.55 -13.13
CA VAL B 223 45.63 -33.09 -14.47
C VAL B 223 47.14 -33.22 -14.68
N GLU B 224 47.91 -33.30 -13.59
CA GLU B 224 49.32 -33.62 -13.71
C GLU B 224 49.51 -35.06 -14.19
N ASN B 225 48.59 -35.94 -13.81
CA ASN B 225 48.72 -37.35 -14.13
C ASN B 225 48.05 -37.72 -15.45
N GLY B 226 47.52 -36.75 -16.19
CA GLY B 226 46.99 -37.02 -17.50
C GLY B 226 45.48 -37.08 -17.56
N ALA B 227 44.81 -36.33 -16.69
CA ALA B 227 43.35 -36.27 -16.73
C ALA B 227 42.91 -35.50 -17.95
N ASP B 228 41.99 -36.09 -18.71
CA ASP B 228 41.47 -35.45 -19.90
C ASP B 228 40.55 -34.30 -19.50
N VAL B 229 41.00 -33.07 -19.73
CA VAL B 229 40.19 -31.89 -19.44
C VAL B 229 39.14 -31.63 -20.51
N GLN B 230 39.02 -32.50 -21.51
CA GLN B 230 37.98 -32.43 -22.51
C GLN B 230 37.01 -33.60 -22.42
N ALA B 231 36.88 -34.19 -21.23
CA ALA B 231 36.00 -35.34 -21.08
C ALA B 231 34.54 -34.92 -21.09
N ALA B 232 33.80 -35.43 -22.05
CA ALA B 232 32.39 -35.08 -22.24
C ALA B 232 31.55 -35.95 -21.32
N ALA B 233 31.09 -35.38 -20.22
CA ALA B 233 30.22 -36.09 -19.28
C ALA B 233 28.77 -36.01 -19.78
N ASN B 234 28.50 -36.75 -20.85
CA ASN B 234 27.21 -36.69 -21.52
C ASN B 234 26.28 -37.79 -21.00
N GLY B 235 26.04 -37.73 -19.70
CA GLY B 235 25.14 -38.68 -19.08
C GLY B 235 23.73 -38.14 -18.98
N ASP B 236 22.78 -38.99 -18.59
CA ASP B 236 21.40 -38.54 -18.47
C ASP B 236 21.22 -37.62 -17.27
N PHE B 237 22.10 -37.75 -16.28
CA PHE B 237 22.06 -36.82 -15.15
C PHE B 237 22.61 -35.46 -15.53
N PHE B 238 23.48 -35.41 -16.54
CA PHE B 238 24.17 -34.16 -16.83
C PHE B 238 23.58 -33.49 -18.06
N LYS B 239 22.61 -34.11 -18.71
CA LYS B 239 21.89 -33.44 -19.78
C LYS B 239 20.69 -32.68 -19.20
N LYS B 240 19.80 -32.24 -20.11
CA LYS B 240 18.68 -31.42 -19.67
C LYS B 240 17.60 -32.26 -19.00
N THR B 241 16.96 -33.16 -19.77
CA THR B 241 15.97 -34.14 -19.29
C THR B 241 14.82 -33.47 -18.55
N LYS B 242 13.99 -32.75 -19.32
CA LYS B 242 13.16 -31.56 -18.99
C LYS B 242 12.59 -31.58 -17.57
N GLY B 243 11.94 -32.65 -17.14
CA GLY B 243 11.39 -32.70 -15.80
C GLY B 243 12.11 -33.59 -14.83
N ARG B 244 13.11 -34.33 -15.29
CA ARG B 244 13.85 -35.23 -14.41
C ARG B 244 14.80 -34.43 -13.54
N PRO B 245 15.18 -34.94 -12.36
CA PRO B 245 16.22 -34.26 -11.57
C PRO B 245 17.59 -34.43 -12.22
N GLY B 246 18.35 -33.35 -12.25
CA GLY B 246 19.67 -33.37 -12.84
C GLY B 246 20.31 -32.01 -12.72
N PHE B 247 21.54 -31.91 -13.22
CA PHE B 247 22.28 -30.67 -13.24
C PHE B 247 23.02 -30.55 -14.55
N TYR B 248 22.63 -29.59 -15.38
CA TYR B 248 23.31 -29.30 -16.64
C TYR B 248 24.35 -28.22 -16.38
N PHE B 249 25.57 -28.47 -16.81
CA PHE B 249 26.64 -27.48 -16.71
C PHE B 249 27.40 -27.33 -18.01
N GLY B 250 27.03 -28.05 -19.06
CA GLY B 250 27.75 -27.97 -20.32
C GLY B 250 28.68 -29.12 -20.59
N GLU B 251 28.70 -30.15 -19.73
CA GLU B 251 29.33 -31.45 -19.98
C GLU B 251 30.85 -31.36 -20.15
N LEU B 252 31.46 -30.30 -19.66
CA LEU B 252 32.89 -30.12 -19.84
C LEU B 252 33.50 -29.74 -18.50
N PRO B 253 34.76 -30.12 -18.25
CA PRO B 253 35.40 -29.76 -16.98
C PRO B 253 35.63 -28.27 -16.81
N LEU B 254 36.00 -27.56 -17.87
CA LEU B 254 36.15 -26.11 -17.76
C LEU B 254 34.80 -25.43 -17.74
N SER B 255 33.75 -26.14 -18.15
CA SER B 255 32.40 -25.62 -17.98
C SER B 255 31.91 -25.84 -16.56
N LEU B 256 32.34 -26.94 -15.93
CA LEU B 256 31.89 -27.24 -14.57
C LEU B 256 32.54 -26.31 -13.55
N ALA B 257 33.77 -25.89 -13.80
CA ALA B 257 34.41 -24.93 -12.91
C ALA B 257 33.79 -23.56 -13.08
N ALA B 258 33.26 -23.26 -14.26
CA ALA B 258 32.60 -21.98 -14.48
C ALA B 258 31.22 -21.95 -13.86
N CYS B 259 30.42 -23.00 -14.08
CA CYS B 259 29.02 -22.97 -13.70
C CYS B 259 28.84 -23.17 -12.20
N THR B 260 29.87 -23.65 -11.51
CA THR B 260 29.81 -23.86 -10.08
C THR B 260 30.60 -22.84 -9.28
N ASN B 261 30.85 -21.66 -9.86
CA ASN B 261 31.44 -20.50 -9.18
C ASN B 261 32.83 -20.79 -8.64
N GLN B 262 33.69 -21.35 -9.48
CA GLN B 262 35.06 -21.70 -9.10
C GLN B 262 36.00 -20.94 -10.03
N LEU B 263 36.39 -19.75 -9.62
CA LEU B 263 37.22 -18.92 -10.48
C LEU B 263 38.66 -19.40 -10.51
N ALA B 264 39.15 -19.94 -9.40
CA ALA B 264 40.54 -20.38 -9.33
C ALA B 264 40.76 -21.65 -10.13
N ILE B 265 39.72 -22.47 -10.27
CA ILE B 265 39.86 -23.72 -11.00
C ILE B 265 39.68 -23.49 -12.50
N VAL B 266 38.80 -22.56 -12.88
CA VAL B 266 38.59 -22.28 -14.29
C VAL B 266 39.77 -21.50 -14.86
N LYS B 267 40.53 -20.81 -14.00
CA LYS B 267 41.79 -20.24 -14.45
C LYS B 267 42.85 -21.32 -14.56
N PHE B 268 42.79 -22.32 -13.68
CA PHE B 268 43.84 -23.33 -13.66
C PHE B 268 43.70 -24.31 -14.81
N LEU B 269 42.48 -24.58 -15.25
CA LEU B 269 42.27 -25.48 -16.38
C LEU B 269 42.71 -24.83 -17.69
N LEU B 270 42.68 -23.49 -17.74
CA LEU B 270 43.10 -22.78 -18.93
C LEU B 270 44.59 -22.44 -18.92
N GLN B 271 45.24 -22.50 -17.75
CA GLN B 271 46.61 -22.00 -17.58
C GLN B 271 47.47 -23.03 -16.84
N ASN B 272 47.42 -24.29 -17.26
CA ASN B 272 48.30 -25.31 -16.72
C ASN B 272 49.28 -25.76 -17.78
N SER B 273 50.42 -26.31 -17.35
CA SER B 273 51.48 -26.64 -18.29
C SER B 273 51.22 -28.00 -18.95
N TRP B 274 50.38 -28.83 -18.33
CA TRP B 274 50.24 -30.21 -18.80
C TRP B 274 49.26 -30.31 -19.96
N GLN B 275 48.00 -29.93 -19.72
CA GLN B 275 47.01 -29.98 -20.77
C GLN B 275 46.05 -28.81 -20.64
N PRO B 276 46.16 -27.79 -21.50
CA PRO B 276 45.28 -26.63 -21.36
C PRO B 276 43.91 -26.91 -21.94
N ALA B 277 42.89 -26.29 -21.34
CA ALA B 277 41.52 -26.52 -21.77
C ALA B 277 41.19 -25.67 -22.98
N ASP B 278 40.46 -26.27 -23.92
CA ASP B 278 39.96 -25.58 -25.09
C ASP B 278 38.77 -24.72 -24.66
N ILE B 279 38.93 -23.39 -24.75
CA ILE B 279 37.88 -22.50 -24.29
C ILE B 279 36.73 -22.45 -25.29
N SER B 280 36.98 -22.85 -26.52
CA SER B 280 35.95 -22.89 -27.56
C SER B 280 35.33 -24.28 -27.72
N ALA B 281 35.56 -25.18 -26.78
CA ALA B 281 35.02 -26.52 -26.91
C ALA B 281 33.54 -26.55 -26.57
N ARG B 282 32.82 -27.48 -27.18
CA ARG B 282 31.38 -27.56 -27.04
C ARG B 282 30.96 -28.99 -26.74
N ASP B 283 29.78 -29.13 -26.15
CA ASP B 283 29.25 -30.43 -25.76
C ASP B 283 28.40 -31.02 -26.88
N SER B 284 27.62 -32.05 -26.57
CA SER B 284 26.73 -32.66 -27.57
C SER B 284 25.62 -31.69 -27.98
N VAL B 285 25.20 -30.82 -27.06
CA VAL B 285 24.24 -29.78 -27.40
C VAL B 285 24.86 -28.72 -28.30
N GLY B 286 26.18 -28.53 -28.21
CA GLY B 286 26.85 -27.46 -28.90
C GLY B 286 27.17 -26.28 -28.02
N ASN B 287 26.78 -26.32 -26.75
CA ASN B 287 27.03 -25.22 -25.84
C ASN B 287 28.51 -25.14 -25.50
N THR B 288 29.10 -23.96 -25.65
CA THR B 288 30.45 -23.70 -25.17
C THR B 288 30.36 -23.28 -23.70
N VAL B 289 31.44 -22.70 -23.19
CA VAL B 289 31.46 -22.32 -21.78
C VAL B 289 30.54 -21.15 -21.52
N LEU B 290 30.44 -20.23 -22.47
CA LEU B 290 29.61 -19.04 -22.27
C LEU B 290 28.13 -19.36 -22.45
N HIS B 291 27.82 -20.35 -23.29
CA HIS B 291 26.45 -20.80 -23.43
C HIS B 291 25.98 -21.49 -22.16
N ALA B 292 26.87 -22.25 -21.53
CA ALA B 292 26.49 -23.00 -20.34
C ALA B 292 26.27 -22.08 -19.15
N LEU B 293 26.99 -20.95 -19.11
CA LEU B 293 26.73 -19.96 -18.06
C LEU B 293 25.37 -19.31 -18.24
N VAL B 294 24.88 -19.24 -19.48
CA VAL B 294 23.55 -18.69 -19.71
C VAL B 294 22.48 -19.66 -19.23
N GLU B 295 22.57 -20.94 -19.61
CA GLU B 295 21.53 -21.89 -19.25
C GLU B 295 21.61 -22.33 -17.79
N VAL B 296 22.63 -21.87 -17.06
CA VAL B 296 22.70 -22.11 -15.62
C VAL B 296 21.95 -21.03 -14.85
N ALA B 297 22.07 -19.78 -15.28
CA ALA B 297 21.50 -18.66 -14.54
C ALA B 297 19.98 -18.67 -14.59
N ASP B 298 19.35 -18.53 -13.42
CA ASP B 298 17.89 -18.55 -13.32
C ASP B 298 17.32 -17.27 -12.74
N ASN B 299 17.91 -16.12 -13.06
CA ASN B 299 17.40 -14.76 -12.85
C ASN B 299 17.31 -14.33 -11.39
N THR B 300 17.70 -15.16 -10.43
CA THR B 300 17.66 -14.73 -9.04
C THR B 300 18.85 -13.82 -8.75
N ALA B 301 18.81 -13.17 -7.58
CA ALA B 301 19.76 -12.10 -7.29
C ALA B 301 21.16 -12.65 -7.00
N ASP B 302 21.22 -13.86 -6.44
CA ASP B 302 22.53 -14.45 -6.15
C ASP B 302 23.11 -15.13 -7.38
N ASN B 303 22.24 -15.69 -8.23
CA ASN B 303 22.73 -16.43 -9.40
C ASN B 303 23.19 -15.47 -10.47
N THR B 304 22.54 -14.31 -10.59
CA THR B 304 22.95 -13.30 -11.56
C THR B 304 24.31 -12.72 -11.20
N LYS B 305 24.63 -12.67 -9.91
CA LYS B 305 25.81 -11.94 -9.44
C LYS B 305 27.10 -12.61 -9.88
N PHE B 306 27.18 -13.94 -9.79
CA PHE B 306 28.45 -14.58 -10.09
C PHE B 306 28.51 -15.06 -11.53
N VAL B 307 27.35 -15.35 -12.14
CA VAL B 307 27.33 -15.79 -13.53
C VAL B 307 27.83 -14.67 -14.44
N THR B 308 27.37 -13.44 -14.21
CA THR B 308 27.88 -12.33 -14.98
C THR B 308 29.29 -11.95 -14.54
N SER B 309 29.69 -12.36 -13.33
CA SER B 309 31.09 -12.22 -12.94
C SER B 309 31.95 -13.28 -13.61
N MET B 310 31.42 -14.51 -13.73
CA MET B 310 32.16 -15.56 -14.39
C MET B 310 32.15 -15.37 -15.90
N TYR B 311 31.08 -14.77 -16.44
CA TYR B 311 31.03 -14.48 -17.86
C TYR B 311 32.05 -13.42 -18.24
N ASN B 312 32.37 -12.52 -17.32
CA ASN B 312 33.39 -11.53 -17.56
C ASN B 312 34.77 -12.15 -17.57
N GLU B 313 35.07 -12.99 -16.57
CA GLU B 313 36.43 -13.48 -16.38
C GLU B 313 36.84 -14.45 -17.48
N ILE B 314 35.87 -15.11 -18.10
CA ILE B 314 36.19 -16.03 -19.19
C ILE B 314 36.41 -15.28 -20.49
N LEU B 315 35.69 -14.15 -20.68
CA LEU B 315 35.98 -13.28 -21.82
C LEU B 315 37.37 -12.67 -21.71
N ILE B 316 37.73 -12.21 -20.51
CA ILE B 316 39.04 -11.62 -20.28
C ILE B 316 40.13 -12.66 -20.45
N LEU B 317 39.89 -13.88 -19.97
CA LEU B 317 40.81 -14.97 -20.25
C LEU B 317 40.74 -15.38 -21.71
N GLY B 318 39.58 -15.22 -22.34
CA GLY B 318 39.45 -15.55 -23.75
C GLY B 318 40.18 -14.57 -24.65
N ALA B 319 40.46 -13.38 -24.15
CA ALA B 319 41.24 -12.41 -24.92
C ALA B 319 42.73 -12.59 -24.66
N LYS B 320 43.10 -12.92 -23.44
CA LYS B 320 44.52 -13.01 -23.09
C LYS B 320 45.15 -14.28 -23.63
N LEU B 321 44.41 -15.39 -23.65
CA LEU B 321 44.95 -16.66 -24.12
C LEU B 321 45.17 -16.65 -25.63
N HIS B 322 44.12 -16.36 -26.41
CA HIS B 322 44.28 -16.10 -27.83
C HIS B 322 43.24 -15.06 -28.27
N PRO B 323 43.68 -13.87 -28.67
CA PRO B 323 42.72 -12.78 -28.91
C PRO B 323 42.04 -12.84 -30.26
N THR B 324 42.51 -13.72 -31.15
CA THR B 324 41.97 -13.75 -32.51
C THR B 324 40.58 -14.39 -32.55
N LEU B 325 40.20 -15.10 -31.49
CA LEU B 325 38.92 -15.78 -31.48
C LEU B 325 37.90 -15.00 -30.67
N LYS B 326 36.79 -14.64 -31.32
CA LYS B 326 35.68 -13.93 -30.68
C LYS B 326 34.74 -14.98 -30.12
N LEU B 327 34.63 -15.02 -28.79
CA LEU B 327 33.94 -16.12 -28.12
C LEU B 327 32.43 -16.01 -28.26
N GLU B 328 31.91 -14.80 -28.45
CA GLU B 328 30.46 -14.62 -28.46
C GLU B 328 29.89 -14.87 -29.83
N GLU B 329 30.74 -15.10 -30.83
CA GLU B 329 30.24 -15.44 -32.16
C GLU B 329 29.99 -16.93 -32.30
N LEU B 330 30.45 -17.71 -31.33
CA LEU B 330 30.30 -19.17 -31.43
C LEU B 330 28.87 -19.58 -31.13
N ILE B 331 28.32 -20.39 -32.02
CA ILE B 331 26.92 -20.81 -31.93
C ILE B 331 26.86 -22.27 -31.50
N ASN B 332 25.73 -22.63 -30.89
CA ASN B 332 25.45 -24.02 -30.59
C ASN B 332 24.72 -24.67 -31.76
N LYS B 333 24.17 -25.86 -31.53
CA LYS B 333 23.51 -26.58 -32.63
C LYS B 333 22.11 -26.03 -32.88
N LYS B 334 21.63 -25.11 -32.05
CA LYS B 334 20.42 -24.37 -32.38
C LYS B 334 20.73 -23.04 -33.06
N GLY B 335 21.98 -22.78 -33.39
CA GLY B 335 22.36 -21.56 -34.07
C GLY B 335 22.31 -20.31 -33.21
N LEU B 336 22.31 -20.44 -31.90
CA LEU B 336 22.16 -19.32 -30.99
C LEU B 336 23.53 -18.90 -30.49
N THR B 337 23.78 -17.59 -30.43
CA THR B 337 24.97 -17.03 -29.82
C THR B 337 24.71 -16.97 -28.30
N PRO B 338 25.72 -16.70 -27.46
CA PRO B 338 25.42 -16.60 -26.01
C PRO B 338 24.55 -15.42 -25.64
N LEU B 339 24.51 -14.38 -26.47
CA LEU B 339 23.58 -13.29 -26.22
C LEU B 339 22.20 -13.63 -26.75
N ALA B 340 22.13 -14.36 -27.86
CA ALA B 340 20.82 -14.76 -28.38
C ALA B 340 20.20 -15.86 -27.54
N LEU B 341 21.04 -16.64 -26.85
CA LEU B 341 20.52 -17.68 -25.96
C LEU B 341 19.91 -17.06 -24.70
N ALA B 342 20.49 -15.96 -24.24
CA ALA B 342 19.95 -15.28 -23.06
C ALA B 342 18.62 -14.59 -23.38
N ALA B 343 18.42 -14.24 -24.65
CA ALA B 343 17.14 -13.65 -25.04
C ALA B 343 16.12 -14.72 -25.41
N SER B 344 16.60 -15.86 -25.93
CA SER B 344 15.68 -16.94 -26.30
C SER B 344 15.04 -17.56 -25.07
N SER B 345 15.82 -17.72 -24.01
CA SER B 345 15.25 -18.07 -22.72
C SER B 345 15.00 -16.77 -21.97
N GLY B 346 14.62 -16.86 -20.70
CA GLY B 346 14.26 -15.66 -19.98
C GLY B 346 15.36 -15.13 -19.09
N LYS B 347 16.60 -15.27 -19.53
CA LYS B 347 17.72 -14.90 -18.68
C LYS B 347 17.96 -13.40 -18.79
N ILE B 348 17.23 -12.62 -18.00
CA ILE B 348 17.30 -11.17 -18.12
C ILE B 348 18.56 -10.63 -17.48
N GLY B 349 19.05 -11.26 -16.42
CA GLY B 349 20.21 -10.74 -15.73
C GLY B 349 21.50 -10.93 -16.52
N VAL B 350 21.56 -12.01 -17.30
CA VAL B 350 22.66 -12.17 -18.24
C VAL B 350 22.48 -11.22 -19.41
N LEU B 351 21.23 -10.99 -19.82
CA LEU B 351 20.95 -10.06 -20.92
C LEU B 351 21.27 -8.62 -20.53
N ALA B 352 20.98 -8.24 -19.29
CA ALA B 352 21.25 -6.88 -18.83
C ALA B 352 22.75 -6.64 -18.70
N TYR B 353 23.52 -7.70 -18.52
CA TYR B 353 24.95 -7.55 -18.35
C TYR B 353 25.68 -7.43 -19.67
N ILE B 354 25.30 -8.25 -20.65
CA ILE B 354 26.04 -8.30 -21.91
C ILE B 354 25.83 -7.01 -22.69
N LEU B 355 24.60 -6.50 -22.69
CA LEU B 355 24.28 -5.30 -23.47
C LEU B 355 24.88 -4.06 -22.83
N GLN B 356 25.28 -4.13 -21.57
CA GLN B 356 25.83 -2.97 -20.87
C GLN B 356 27.24 -3.25 -20.40
N ARG B 357 27.95 -4.14 -21.08
CA ARG B 357 29.23 -4.63 -20.60
C ARG B 357 30.33 -3.60 -20.84
N GLU B 358 30.90 -3.09 -19.75
CA GLU B 358 32.07 -2.23 -19.80
C GLU B 358 33.24 -2.98 -19.18
N ILE B 359 34.32 -3.14 -19.93
CA ILE B 359 35.52 -3.79 -19.44
C ILE B 359 36.64 -2.76 -19.44
N GLN B 360 37.23 -2.51 -18.27
CA GLN B 360 38.12 -1.38 -18.10
C GLN B 360 39.56 -1.72 -18.49
N GLU B 361 39.90 -3.00 -18.50
CA GLU B 361 41.29 -3.39 -18.66
C GLU B 361 41.75 -3.20 -20.11
N PRO B 362 42.89 -2.57 -20.33
CA PRO B 362 43.46 -2.53 -21.68
C PRO B 362 43.88 -3.93 -22.12
N GLU B 363 43.82 -4.13 -23.45
CA GLU B 363 43.85 -5.37 -24.25
C GLU B 363 42.51 -6.12 -24.12
N CYS B 364 41.62 -5.70 -23.22
CA CYS B 364 40.28 -6.25 -23.12
C CYS B 364 39.20 -5.19 -23.28
N ARG B 365 39.56 -3.99 -23.77
CA ARG B 365 38.57 -2.95 -23.95
C ARG B 365 37.66 -3.25 -25.14
N HIS B 366 38.18 -4.02 -26.11
CA HIS B 366 37.41 -4.33 -27.31
C HIS B 366 36.26 -5.30 -27.03
N LEU B 367 36.29 -5.96 -25.88
CA LEU B 367 35.22 -6.89 -25.53
C LEU B 367 34.04 -6.16 -24.91
N SER B 368 34.16 -4.85 -24.68
CA SER B 368 33.08 -4.09 -24.11
C SER B 368 31.97 -3.90 -25.14
N ARG B 369 30.74 -3.87 -24.66
CA ARG B 369 29.60 -3.56 -25.49
C ARG B 369 29.02 -2.19 -25.17
N LYS B 370 29.44 -1.58 -24.06
CA LYS B 370 29.09 -0.20 -23.75
C LYS B 370 30.36 0.62 -23.69
N PHE B 371 30.39 1.73 -24.43
CA PHE B 371 31.51 2.65 -24.42
C PHE B 371 31.00 4.04 -24.08
N THR B 372 31.93 4.94 -23.75
CA THR B 372 31.63 6.36 -23.66
C THR B 372 32.51 7.11 -24.65
N GLU B 373 31.91 7.98 -25.46
CA GLU B 373 32.70 8.63 -26.50
C GLU B 373 33.22 9.99 -26.03
N TRP B 374 32.52 10.66 -25.13
CA TRP B 374 33.05 11.86 -24.52
C TRP B 374 32.44 12.03 -23.14
N ALA B 375 33.10 12.87 -22.34
CA ALA B 375 32.66 13.14 -20.98
C ALA B 375 33.13 14.54 -20.61
N TYR B 376 32.22 15.51 -20.62
CA TYR B 376 32.56 16.88 -20.30
C TYR B 376 31.93 17.21 -18.95
N GLY B 377 32.69 16.99 -17.89
CA GLY B 377 32.22 17.27 -16.55
C GLY B 377 31.14 16.32 -16.10
N PRO B 378 29.93 16.83 -15.91
CA PRO B 378 28.82 15.99 -15.49
C PRO B 378 28.19 15.16 -16.60
N VAL B 379 28.19 15.66 -17.82
CA VAL B 379 27.48 15.03 -18.93
C VAL B 379 28.46 14.14 -19.68
N HIS B 380 28.06 12.90 -19.93
CA HIS B 380 28.85 11.99 -20.74
C HIS B 380 27.93 11.21 -21.66
N SER B 381 28.44 10.85 -22.82
CA SER B 381 27.64 10.24 -23.87
C SER B 381 28.04 8.79 -24.06
N SER B 382 27.11 7.88 -23.78
CA SER B 382 27.38 6.45 -23.80
C SER B 382 27.04 5.87 -25.17
N LEU B 383 27.83 4.91 -25.61
CA LEU B 383 27.60 4.19 -26.86
C LEU B 383 27.36 2.73 -26.56
N TYR B 384 26.20 2.23 -26.98
CA TYR B 384 25.86 0.83 -26.85
C TYR B 384 26.05 0.15 -28.19
N ASP B 385 26.89 -0.90 -28.21
CA ASP B 385 27.14 -1.64 -29.42
C ASP B 385 25.90 -2.42 -29.84
N LEU B 386 25.69 -2.51 -31.16
CA LEU B 386 24.53 -3.13 -31.76
C LEU B 386 24.96 -4.19 -32.77
N SER B 387 25.85 -5.09 -32.35
CA SER B 387 26.46 -6.06 -33.25
C SER B 387 25.47 -7.10 -33.75
N CYS B 388 24.94 -7.92 -32.85
CA CYS B 388 23.99 -8.94 -33.29
C CYS B 388 22.55 -8.47 -33.18
N ILE B 389 22.28 -7.47 -32.34
CA ILE B 389 20.95 -6.89 -32.20
C ILE B 389 20.74 -5.89 -33.35
N ASP B 390 19.55 -5.29 -33.43
CA ASP B 390 19.07 -4.26 -34.40
C ASP B 390 18.73 -4.90 -35.74
N THR B 391 18.17 -6.12 -35.74
CA THR B 391 17.27 -6.71 -36.72
C THR B 391 17.99 -7.03 -38.05
N CYS B 392 19.22 -6.57 -38.25
CA CYS B 392 19.91 -6.82 -39.52
C CYS B 392 20.47 -8.23 -39.57
N GLU B 393 20.71 -8.83 -38.41
CA GLU B 393 21.19 -10.20 -38.36
C GLU B 393 20.03 -11.19 -38.38
N LYS B 394 20.36 -12.46 -38.18
CA LYS B 394 19.36 -13.51 -38.30
C LYS B 394 18.70 -13.81 -36.96
N ASN B 395 19.51 -13.91 -35.90
CA ASN B 395 19.03 -14.18 -34.56
C ASN B 395 19.15 -12.95 -33.66
N SER B 396 18.80 -11.78 -34.19
CA SER B 396 18.83 -10.51 -33.46
C SER B 396 17.96 -10.58 -32.23
N VAL B 397 18.54 -10.17 -31.08
CA VAL B 397 17.89 -10.45 -29.80
C VAL B 397 16.69 -9.55 -29.59
N LEU B 398 16.60 -8.47 -30.35
CA LEU B 398 15.39 -7.66 -30.34
C LEU B 398 14.27 -8.41 -31.05
N GLU B 399 14.61 -9.17 -32.08
CA GLU B 399 13.63 -9.99 -32.77
C GLU B 399 13.34 -11.26 -31.99
N VAL B 400 14.34 -11.77 -31.26
CA VAL B 400 14.20 -13.02 -30.52
C VAL B 400 13.28 -12.82 -29.32
N ILE B 401 13.40 -11.68 -28.63
CA ILE B 401 12.55 -11.38 -27.49
C ILE B 401 11.10 -11.18 -27.91
N ALA B 402 10.88 -10.35 -28.94
CA ALA B 402 9.52 -9.95 -29.29
C ALA B 402 8.76 -11.08 -29.96
N TYR B 403 9.47 -12.00 -30.60
CA TYR B 403 8.82 -13.14 -31.26
C TYR B 403 8.93 -14.41 -30.43
N SER B 404 8.96 -14.29 -29.11
CA SER B 404 9.02 -15.47 -28.26
C SER B 404 7.65 -16.13 -28.18
N SER B 405 7.64 -17.34 -27.62
CA SER B 405 6.44 -18.18 -27.65
C SER B 405 5.65 -18.17 -26.34
N SER B 406 5.93 -17.22 -25.45
CA SER B 406 5.26 -16.94 -24.18
C SER B 406 5.47 -18.00 -23.11
N GLU B 407 6.14 -19.11 -23.42
CA GLU B 407 6.59 -20.01 -22.39
C GLU B 407 7.89 -19.55 -21.76
N THR B 408 8.58 -18.61 -22.41
CA THR B 408 9.83 -18.09 -21.89
C THR B 408 9.52 -16.96 -20.90
N PRO B 409 10.15 -16.96 -19.73
CA PRO B 409 9.84 -15.92 -18.74
C PRO B 409 10.41 -14.58 -19.13
N ASN B 410 9.89 -13.54 -18.46
CA ASN B 410 10.46 -12.19 -18.46
C ASN B 410 10.47 -11.55 -19.84
N ARG B 411 9.48 -11.88 -20.69
CA ARG B 411 9.43 -11.29 -22.02
C ARG B 411 9.16 -9.80 -21.96
N HIS B 412 8.28 -9.41 -21.04
CA HIS B 412 7.90 -8.00 -20.94
C HIS B 412 8.98 -7.19 -20.25
N ASP B 413 9.87 -7.87 -19.52
CA ASP B 413 10.89 -7.17 -18.75
C ASP B 413 12.21 -7.09 -19.50
N MET B 414 12.41 -7.94 -20.50
CA MET B 414 13.68 -7.93 -21.22
C MET B 414 13.79 -6.72 -22.16
N LEU B 415 12.68 -6.05 -22.46
CA LEU B 415 12.77 -4.84 -23.27
C LEU B 415 13.01 -3.61 -22.41
N LEU B 416 13.14 -3.79 -21.10
CA LEU B 416 13.41 -2.66 -20.23
C LEU B 416 14.88 -2.49 -19.90
N VAL B 417 15.76 -3.33 -20.47
CA VAL B 417 17.19 -3.07 -20.33
C VAL B 417 17.54 -1.88 -21.21
N GLU B 418 18.62 -1.20 -20.84
CA GLU B 418 18.84 0.19 -21.29
C GLU B 418 19.13 0.35 -22.78
N PRO B 419 19.77 -0.59 -23.50
CA PRO B 419 19.75 -0.44 -24.97
C PRO B 419 18.38 -0.65 -25.59
N LEU B 420 17.66 -1.69 -25.18
CA LEU B 420 16.51 -2.15 -25.97
C LEU B 420 15.30 -1.25 -25.80
N ASN B 421 15.27 -0.46 -24.72
CA ASN B 421 14.16 0.46 -24.54
C ASN B 421 14.31 1.68 -25.44
N ARG B 422 15.52 2.26 -25.46
CA ARG B 422 15.75 3.46 -26.25
C ARG B 422 15.91 3.12 -27.72
N LEU B 423 16.22 1.86 -28.03
CA LEU B 423 16.34 1.46 -29.43
C LEU B 423 14.97 1.38 -30.08
N LEU B 424 14.00 0.82 -29.38
CA LEU B 424 12.64 0.73 -29.91
C LEU B 424 11.94 2.07 -29.91
N GLN B 425 12.21 2.90 -28.89
CA GLN B 425 11.57 4.21 -28.82
C GLN B 425 12.05 5.12 -29.92
N ASP B 426 13.32 5.03 -30.29
CA ASP B 426 13.81 5.85 -31.38
C ASP B 426 13.63 5.16 -32.72
N LYS B 427 13.31 3.87 -32.71
CA LYS B 427 12.73 3.28 -33.91
C LYS B 427 11.27 3.65 -34.05
N TRP B 428 10.63 4.05 -32.96
CA TRP B 428 9.25 4.50 -33.06
C TRP B 428 9.18 5.95 -33.51
N ASP B 429 10.05 6.79 -32.95
CA ASP B 429 9.94 8.24 -33.15
C ASP B 429 10.27 8.65 -34.58
N ARG B 430 10.91 7.78 -35.34
CA ARG B 430 11.14 8.01 -36.76
C ARG B 430 11.00 6.69 -37.50
N PHE B 431 10.47 6.77 -38.72
CA PHE B 431 10.15 5.76 -39.75
C PHE B 431 9.13 4.71 -39.33
N VAL B 432 8.58 4.73 -38.13
CA VAL B 432 7.54 3.73 -37.83
C VAL B 432 6.22 4.38 -37.45
N LYS B 433 6.25 5.43 -36.63
CA LYS B 433 5.00 6.02 -36.17
C LYS B 433 4.27 6.73 -37.30
N ARG B 434 4.98 7.11 -38.36
CA ARG B 434 4.28 7.64 -39.53
C ARG B 434 3.75 6.50 -40.38
N ILE B 435 4.37 5.32 -40.29
CA ILE B 435 3.84 4.15 -41.00
C ILE B 435 2.69 3.56 -40.22
N PHE B 436 2.76 3.62 -38.89
CA PHE B 436 1.69 3.08 -38.07
C PHE B 436 0.45 3.97 -38.10
N TYR B 437 0.65 5.29 -38.15
CA TYR B 437 -0.50 6.20 -38.25
C TYR B 437 -1.11 6.14 -39.64
N PHE B 438 -0.33 5.72 -40.62
CA PHE B 438 -0.89 5.49 -41.94
C PHE B 438 -1.72 4.21 -41.96
N ASN B 439 -1.28 3.18 -41.24
CA ASN B 439 -2.05 1.94 -41.18
C ASN B 439 -3.32 2.13 -40.37
N PHE B 440 -3.30 3.03 -39.40
CA PHE B 440 -4.51 3.36 -38.65
C PHE B 440 -5.39 4.32 -39.44
N PHE B 441 -4.82 5.03 -40.41
CA PHE B 441 -5.65 5.88 -41.26
C PHE B 441 -6.35 5.06 -42.32
N VAL B 442 -5.69 4.04 -42.86
CA VAL B 442 -6.32 3.22 -43.89
C VAL B 442 -7.38 2.31 -43.28
N TYR B 443 -7.13 1.81 -42.05
CA TYR B 443 -8.08 0.90 -41.42
C TYR B 443 -9.34 1.65 -40.99
N CYS B 444 -9.22 2.93 -40.65
CA CYS B 444 -10.42 3.72 -40.44
C CYS B 444 -11.13 3.97 -41.77
N LEU B 445 -10.37 4.20 -42.84
CA LEU B 445 -10.99 4.35 -44.16
C LEU B 445 -11.49 3.01 -44.69
N TYR B 446 -10.93 1.91 -44.21
CA TYR B 446 -11.47 0.62 -44.60
C TYR B 446 -12.81 0.35 -43.93
N MET B 447 -12.94 0.72 -42.66
CA MET B 447 -14.16 0.40 -41.94
C MET B 447 -15.28 1.37 -42.28
N ILE B 448 -14.94 2.61 -42.66
CA ILE B 448 -15.97 3.55 -43.11
C ILE B 448 -16.54 3.12 -44.46
N VAL B 449 -15.70 2.56 -45.33
CA VAL B 449 -16.20 2.02 -46.58
C VAL B 449 -17.03 0.77 -46.34
N PHE B 450 -16.58 -0.10 -45.44
CA PHE B 450 -17.29 -1.35 -45.20
C PHE B 450 -18.55 -1.12 -44.37
N THR B 451 -18.60 -0.03 -43.59
CA THR B 451 -19.86 0.37 -42.98
C THR B 451 -20.86 0.83 -44.02
N THR B 452 -20.43 1.71 -44.92
CA THR B 452 -21.36 2.36 -45.84
C THR B 452 -21.81 1.37 -46.93
N ALA B 453 -20.94 0.42 -47.28
CA ALA B 453 -21.34 -0.59 -48.25
C ALA B 453 -22.30 -1.60 -47.64
N ALA B 454 -22.30 -1.73 -46.31
CA ALA B 454 -23.19 -2.68 -45.67
C ALA B 454 -24.45 -1.99 -45.14
N TYR B 455 -24.35 -0.71 -44.81
CA TYR B 455 -25.53 0.07 -44.43
C TYR B 455 -26.49 0.18 -45.60
N TYR B 456 -25.97 0.43 -46.79
CA TYR B 456 -26.77 0.57 -48.00
C TYR B 456 -26.82 -0.70 -48.81
N ARG B 457 -26.87 -1.86 -48.16
CA ARG B 457 -26.93 -3.12 -48.86
C ARG B 457 -28.28 -3.27 -49.57
N PRO B 458 -28.35 -3.99 -50.67
CA PRO B 458 -29.63 -4.22 -51.33
C PRO B 458 -30.53 -5.10 -50.49
N VAL B 459 -31.83 -4.93 -50.65
CA VAL B 459 -32.83 -5.58 -49.82
C VAL B 459 -33.88 -6.29 -50.64
N ASP B 460 -33.81 -6.18 -51.97
CA ASP B 460 -34.94 -6.55 -52.82
C ASP B 460 -35.16 -8.06 -52.88
N GLY B 461 -34.07 -8.84 -52.93
CA GLY B 461 -34.25 -10.27 -53.11
C GLY B 461 -33.02 -11.13 -52.86
N LEU B 462 -32.81 -12.11 -53.73
CA LEU B 462 -31.74 -13.08 -53.62
C LEU B 462 -30.37 -12.39 -53.79
N PRO B 463 -29.35 -12.87 -53.08
CA PRO B 463 -28.12 -12.08 -52.88
C PRO B 463 -27.28 -11.80 -54.13
N PRO B 464 -27.35 -12.55 -55.23
CA PRO B 464 -26.79 -11.96 -56.45
C PRO B 464 -27.71 -10.86 -56.97
N TYR B 465 -27.31 -9.61 -56.74
CA TYR B 465 -28.13 -8.46 -57.07
C TYR B 465 -27.64 -7.83 -58.37
N LYS B 466 -28.59 -7.46 -59.23
CA LYS B 466 -28.26 -6.84 -60.50
C LYS B 466 -27.74 -5.43 -60.28
N LEU B 467 -26.74 -5.05 -61.07
CA LEU B 467 -26.12 -3.73 -60.98
C LEU B 467 -27.00 -2.74 -61.74
N LYS B 468 -27.80 -1.98 -61.00
CA LYS B 468 -28.60 -0.94 -61.64
C LYS B 468 -27.70 0.24 -61.99
N ASN B 469 -27.93 0.79 -63.19
CA ASN B 469 -27.07 1.83 -63.74
C ASN B 469 -27.37 3.20 -63.12
N THR B 470 -27.08 3.30 -61.83
CA THR B 470 -27.18 4.56 -61.10
C THR B 470 -25.82 4.89 -60.52
N VAL B 471 -25.65 6.14 -60.08
CA VAL B 471 -24.38 6.55 -59.49
C VAL B 471 -24.27 6.00 -58.07
N GLY B 472 -25.40 5.69 -57.44
CA GLY B 472 -25.37 5.13 -56.10
C GLY B 472 -24.97 3.67 -56.08
N ASP B 473 -25.48 2.88 -57.03
CA ASP B 473 -25.15 1.46 -57.05
C ASP B 473 -23.77 1.23 -57.65
N TYR B 474 -23.22 2.23 -58.35
CA TYR B 474 -21.82 2.15 -58.73
C TYR B 474 -20.92 2.34 -57.52
N PHE B 475 -21.27 3.30 -56.65
CA PHE B 475 -20.51 3.51 -55.42
C PHE B 475 -20.73 2.37 -54.44
N ARG B 476 -21.90 1.73 -54.49
CA ARG B 476 -22.18 0.65 -53.55
C ARG B 476 -21.37 -0.59 -53.87
N VAL B 477 -21.25 -0.93 -55.16
CA VAL B 477 -20.47 -2.10 -55.53
C VAL B 477 -18.99 -1.79 -55.51
N THR B 478 -18.63 -0.50 -55.57
CA THR B 478 -17.24 -0.11 -55.36
C THR B 478 -16.85 -0.30 -53.90
N GLY B 479 -17.77 0.00 -52.99
CA GLY B 479 -17.50 -0.20 -51.58
C GLY B 479 -17.49 -1.67 -51.19
N GLU B 480 -18.18 -2.51 -51.96
CA GLU B 480 -18.17 -3.93 -51.67
C GLU B 480 -16.90 -4.60 -52.18
N ILE B 481 -16.38 -4.13 -53.33
CA ILE B 481 -15.12 -4.66 -53.84
C ILE B 481 -13.96 -4.24 -52.93
N LEU B 482 -14.03 -3.02 -52.39
CA LEU B 482 -13.01 -2.58 -51.44
C LEU B 482 -13.18 -3.27 -50.09
N SER B 483 -14.37 -3.79 -49.80
CA SER B 483 -14.58 -4.50 -48.54
C SER B 483 -14.02 -5.91 -48.61
N VAL B 484 -14.24 -6.59 -49.74
CA VAL B 484 -13.75 -7.96 -49.90
C VAL B 484 -12.24 -7.96 -50.05
N SER B 485 -11.69 -6.96 -50.73
CA SER B 485 -10.24 -6.88 -50.93
C SER B 485 -9.50 -6.62 -49.63
N GLY B 486 -10.15 -5.95 -48.69
CA GLY B 486 -9.62 -5.89 -47.34
C GLY B 486 -9.77 -7.21 -46.61
N GLY B 487 -10.87 -7.93 -46.89
CA GLY B 487 -11.06 -9.22 -46.27
C GLY B 487 -10.12 -10.27 -46.82
N VAL B 488 -9.72 -10.12 -48.08
CA VAL B 488 -8.66 -10.97 -48.63
C VAL B 488 -7.33 -10.60 -48.00
N TYR B 489 -7.13 -9.31 -47.71
CA TYR B 489 -5.85 -8.85 -47.18
C TYR B 489 -5.61 -9.35 -45.77
N PHE B 490 -6.59 -9.23 -44.89
CA PHE B 490 -6.41 -9.70 -43.52
C PHE B 490 -6.42 -11.22 -43.47
N PHE B 491 -6.97 -11.87 -44.49
CA PHE B 491 -6.81 -13.31 -44.62
C PHE B 491 -5.38 -13.67 -44.96
N LEU B 492 -4.82 -13.03 -46.00
CA LEU B 492 -3.46 -13.34 -46.43
C LEU B 492 -2.43 -12.87 -45.42
N ARG B 493 -2.76 -11.83 -44.65
CA ARG B 493 -1.88 -11.44 -43.55
C ARG B 493 -1.94 -12.44 -42.42
N GLY B 494 -3.06 -13.15 -42.28
CA GLY B 494 -3.16 -14.17 -41.25
C GLY B 494 -2.56 -15.49 -41.68
N ILE B 495 -2.58 -15.78 -42.99
CA ILE B 495 -1.93 -16.99 -43.49
C ILE B 495 -0.43 -16.89 -43.36
N GLN B 496 0.13 -15.71 -43.65
CA GLN B 496 1.58 -15.54 -43.56
C GLN B 496 2.04 -15.49 -42.11
N TYR B 497 1.13 -15.18 -41.18
CA TYR B 497 1.47 -15.31 -39.77
C TYR B 497 1.43 -16.77 -39.33
N PHE B 498 0.59 -17.58 -39.96
CA PHE B 498 0.46 -18.96 -39.51
C PHE B 498 1.49 -19.86 -40.17
N LEU B 499 1.86 -19.55 -41.41
CA LEU B 499 2.70 -20.45 -42.20
C LEU B 499 4.03 -19.85 -42.60
N GLN B 500 4.02 -18.67 -43.23
CA GLN B 500 5.25 -18.15 -43.82
C GLN B 500 6.20 -17.61 -42.76
N ARG B 501 5.77 -16.60 -42.02
CA ARG B 501 6.51 -16.13 -40.87
C ARG B 501 5.86 -16.71 -39.63
N ARG B 502 6.62 -16.74 -38.53
CA ARG B 502 6.13 -17.13 -37.21
C ARG B 502 5.45 -18.49 -37.13
N PRO B 503 6.22 -19.59 -37.17
CA PRO B 503 5.59 -20.91 -37.03
C PRO B 503 5.04 -21.09 -35.63
N SER B 504 3.71 -21.05 -35.52
CA SER B 504 3.02 -20.91 -34.25
C SER B 504 2.68 -22.27 -33.67
N MET B 505 2.80 -22.38 -32.35
CA MET B 505 2.37 -23.57 -31.63
C MET B 505 0.88 -23.45 -31.31
N LYS B 506 0.35 -24.51 -30.69
CA LYS B 506 -1.07 -24.52 -30.33
C LYS B 506 -1.34 -23.58 -29.15
N THR B 507 -0.36 -23.40 -28.27
CA THR B 507 -0.52 -22.42 -27.21
C THR B 507 -0.12 -21.03 -27.67
N LEU B 508 0.33 -20.91 -28.92
CA LEU B 508 0.65 -19.59 -29.44
C LEU B 508 -0.56 -18.97 -30.12
N PHE B 509 -1.57 -19.79 -30.45
CA PHE B 509 -2.85 -19.24 -30.90
C PHE B 509 -3.61 -18.60 -29.76
N VAL B 510 -3.35 -19.04 -28.52
CA VAL B 510 -3.92 -18.35 -27.36
C VAL B 510 -2.90 -17.40 -26.76
N ASP B 511 -1.81 -17.15 -27.49
CA ASP B 511 -0.90 -16.07 -27.11
C ASP B 511 -1.22 -14.80 -27.86
N SER B 512 -1.16 -14.84 -29.19
CA SER B 512 -1.43 -13.66 -30.02
C SER B 512 -2.93 -13.57 -30.30
N TYR B 513 -3.58 -12.74 -29.49
CA TYR B 513 -5.03 -12.58 -29.62
C TYR B 513 -5.38 -11.65 -30.76
N SER B 514 -4.46 -10.75 -31.13
CA SER B 514 -4.78 -9.76 -32.15
C SER B 514 -4.82 -10.38 -33.52
N GLU B 515 -3.88 -11.27 -33.83
CA GLU B 515 -3.82 -11.81 -35.18
C GLU B 515 -4.93 -12.83 -35.40
N MET B 516 -5.40 -13.46 -34.33
CA MET B 516 -6.62 -14.26 -34.44
C MET B 516 -7.83 -13.39 -34.71
N LEU B 517 -7.95 -12.26 -34.01
CA LEU B 517 -9.12 -11.41 -34.16
C LEU B 517 -9.20 -10.76 -35.54
N PHE B 518 -8.06 -10.48 -36.16
CA PHE B 518 -8.11 -10.00 -37.54
C PHE B 518 -8.33 -11.14 -38.52
N PHE B 519 -7.90 -12.35 -38.16
CA PHE B 519 -8.13 -13.48 -39.06
C PHE B 519 -9.56 -13.97 -38.99
N VAL B 520 -10.13 -13.99 -37.77
CA VAL B 520 -11.53 -14.39 -37.61
C VAL B 520 -12.46 -13.38 -38.27
N GLN B 521 -12.08 -12.10 -38.26
CA GLN B 521 -12.81 -11.08 -39.01
C GLN B 521 -12.79 -11.38 -40.51
N SER B 522 -11.65 -11.78 -41.04
CA SER B 522 -11.56 -12.07 -42.46
C SER B 522 -12.26 -13.38 -42.81
N LEU B 523 -12.45 -14.25 -41.82
CA LEU B 523 -13.24 -15.45 -42.07
C LEU B 523 -14.72 -15.12 -42.19
N PHE B 524 -15.21 -14.15 -41.40
CA PHE B 524 -16.59 -13.73 -41.57
C PHE B 524 -16.76 -12.90 -42.83
N MET B 525 -15.71 -12.21 -43.27
CA MET B 525 -15.79 -11.42 -44.48
C MET B 525 -15.73 -12.30 -45.71
N LEU B 526 -14.81 -13.26 -45.75
CA LEU B 526 -14.75 -14.17 -46.87
C LEU B 526 -15.87 -15.20 -46.81
N GLY B 527 -16.33 -15.54 -45.60
CA GLY B 527 -17.48 -16.39 -45.47
C GLY B 527 -18.76 -15.70 -45.92
N SER B 528 -18.76 -14.37 -45.89
CA SER B 528 -19.88 -13.61 -46.43
C SER B 528 -19.93 -13.72 -47.95
N VAL B 529 -18.77 -13.76 -48.60
CA VAL B 529 -18.73 -13.82 -50.05
C VAL B 529 -19.13 -15.21 -50.54
N VAL B 530 -18.79 -16.24 -49.77
CA VAL B 530 -19.21 -17.60 -50.10
C VAL B 530 -20.71 -17.74 -49.96
N LEU B 531 -21.27 -17.13 -48.91
CA LEU B 531 -22.72 -17.15 -48.74
C LEU B 531 -23.41 -16.17 -49.68
N TYR B 532 -22.64 -15.24 -50.26
CA TYR B 532 -23.22 -14.27 -51.20
C TYR B 532 -23.59 -14.93 -52.51
N PHE B 533 -22.64 -15.66 -53.11
CA PHE B 533 -22.86 -16.20 -54.43
C PHE B 533 -23.52 -17.57 -54.38
N SER B 534 -23.81 -18.07 -53.19
CA SER B 534 -24.46 -19.36 -53.08
C SER B 534 -25.96 -19.22 -52.95
N HIS B 535 -26.48 -18.04 -53.33
CA HIS B 535 -27.91 -17.72 -53.35
C HIS B 535 -28.53 -17.85 -51.96
N ARG B 536 -27.78 -17.46 -50.94
CA ARG B 536 -28.19 -17.61 -49.55
C ARG B 536 -28.24 -16.24 -48.88
N LYS B 537 -29.36 -15.95 -48.21
CA LYS B 537 -29.52 -14.68 -47.50
C LYS B 537 -28.76 -14.64 -46.18
N GLU B 538 -27.99 -15.68 -45.86
CA GLU B 538 -27.14 -15.72 -44.67
C GLU B 538 -25.84 -14.94 -44.86
N TYR B 539 -25.68 -14.25 -45.99
CA TYR B 539 -24.50 -13.41 -46.18
C TYR B 539 -24.53 -12.23 -45.23
N VAL B 540 -25.72 -11.78 -44.86
CA VAL B 540 -25.83 -10.64 -43.96
C VAL B 540 -25.59 -11.09 -42.52
N ALA B 541 -25.74 -12.39 -42.25
CA ALA B 541 -25.47 -12.89 -40.91
C ALA B 541 -23.97 -12.99 -40.65
N SER B 542 -23.18 -13.00 -41.71
CA SER B 542 -21.74 -13.12 -41.55
C SER B 542 -21.04 -11.79 -41.79
N MET B 543 -21.60 -10.96 -42.67
CA MET B 543 -21.10 -9.61 -42.88
C MET B 543 -21.23 -8.76 -41.62
N VAL B 544 -22.31 -8.99 -40.87
CA VAL B 544 -22.54 -8.29 -39.62
C VAL B 544 -21.53 -8.68 -38.55
N PHE B 545 -21.19 -9.97 -38.47
CA PHE B 545 -20.16 -10.40 -37.52
C PHE B 545 -18.79 -9.89 -37.92
N SER B 546 -18.56 -9.68 -39.21
CA SER B 546 -17.31 -9.06 -39.64
C SER B 546 -17.32 -7.57 -39.37
N LEU B 547 -18.51 -6.99 -39.26
CA LEU B 547 -18.63 -5.55 -39.07
C LEU B 547 -18.52 -5.17 -37.61
N ALA B 548 -19.10 -5.97 -36.73
CA ALA B 548 -18.97 -5.70 -35.29
C ALA B 548 -17.59 -6.04 -34.79
N MET B 549 -16.98 -7.08 -35.35
CA MET B 549 -15.63 -7.45 -34.95
C MET B 549 -14.62 -6.53 -35.61
N GLY B 550 -14.98 -5.92 -36.74
CA GLY B 550 -14.05 -5.06 -37.43
C GLY B 550 -13.82 -3.74 -36.71
N TRP B 551 -14.87 -3.19 -36.11
CA TRP B 551 -14.69 -2.00 -35.29
C TRP B 551 -14.12 -2.36 -33.93
N THR B 552 -14.35 -3.58 -33.47
CA THR B 552 -13.75 -4.01 -32.22
C THR B 552 -12.24 -4.17 -32.37
N ASN B 553 -11.80 -4.46 -33.60
CA ASN B 553 -10.38 -4.53 -33.91
C ASN B 553 -9.75 -3.17 -34.18
N MET B 554 -10.51 -2.08 -33.99
CA MET B 554 -9.90 -0.76 -33.94
C MET B 554 -9.08 -0.59 -32.67
N LEU B 555 -9.36 -1.41 -31.64
CA LEU B 555 -8.57 -1.43 -30.42
C LEU B 555 -7.19 -2.05 -30.62
N TYR B 556 -6.88 -2.58 -31.79
CA TYR B 556 -5.49 -2.91 -32.09
C TYR B 556 -4.66 -1.66 -32.21
N TYR B 557 -5.14 -0.70 -32.98
CA TYR B 557 -4.33 0.45 -33.33
C TYR B 557 -4.27 1.50 -32.24
N THR B 558 -4.89 1.24 -31.10
CA THR B 558 -4.81 2.17 -29.99
C THR B 558 -3.52 1.94 -29.20
N ARG B 559 -2.75 0.91 -29.54
CA ARG B 559 -1.35 0.87 -29.14
C ARG B 559 -0.58 1.88 -29.97
N GLY B 560 0.64 2.17 -29.54
CA GLY B 560 1.39 3.26 -30.12
C GLY B 560 1.05 4.62 -29.55
N PHE B 561 -0.16 4.80 -29.07
CA PHE B 561 -0.54 5.87 -28.16
C PHE B 561 -0.40 5.27 -26.77
N GLN B 562 0.42 5.90 -25.93
CA GLN B 562 0.88 5.23 -24.71
C GLN B 562 -0.23 5.04 -23.69
N GLN B 563 -0.94 6.12 -23.36
CA GLN B 563 -1.95 6.03 -22.32
C GLN B 563 -3.20 5.32 -22.83
N MET B 564 -3.37 5.25 -24.15
CA MET B 564 -4.46 4.48 -24.71
C MET B 564 -4.05 3.03 -24.91
N GLY B 565 -2.77 2.77 -25.19
CA GLY B 565 -2.33 1.41 -25.39
C GLY B 565 -2.24 0.61 -24.10
N ILE B 566 -1.88 1.29 -23.01
CA ILE B 566 -1.91 0.66 -21.69
C ILE B 566 -3.35 0.37 -21.29
N TYR B 567 -4.28 1.22 -21.74
CA TYR B 567 -5.70 1.05 -21.43
C TYR B 567 -6.27 -0.20 -22.07
N ALA B 568 -5.83 -0.54 -23.29
CA ALA B 568 -6.39 -1.69 -23.97
C ALA B 568 -5.70 -2.98 -23.58
N VAL B 569 -4.46 -2.88 -23.07
CA VAL B 569 -3.85 -4.05 -22.45
C VAL B 569 -4.58 -4.39 -21.16
N MET B 570 -5.03 -3.38 -20.44
CA MET B 570 -5.84 -3.62 -19.25
C MET B 570 -7.21 -4.18 -19.62
N ILE B 571 -7.76 -3.80 -20.78
CA ILE B 571 -9.01 -4.40 -21.27
C ILE B 571 -8.82 -5.88 -21.54
N GLU B 572 -7.67 -6.25 -22.13
CA GLU B 572 -7.34 -7.66 -22.33
C GLU B 572 -7.24 -8.40 -21.01
N LYS B 573 -6.58 -7.82 -20.02
CA LYS B 573 -6.39 -8.51 -18.76
C LYS B 573 -7.66 -8.48 -17.91
N MET B 574 -8.67 -7.71 -18.31
CA MET B 574 -9.96 -7.83 -17.65
C MET B 574 -10.82 -8.89 -18.30
N ILE B 575 -10.67 -9.09 -19.61
CA ILE B 575 -11.43 -10.14 -20.27
C ILE B 575 -10.93 -11.51 -19.84
N LEU B 576 -9.61 -11.71 -19.85
CA LEU B 576 -9.04 -13.02 -19.59
C LEU B 576 -9.05 -13.39 -18.12
N ARG B 577 -8.84 -12.41 -17.24
CA ARG B 577 -8.65 -12.73 -15.84
C ARG B 577 -9.92 -12.53 -15.01
N ASP B 578 -10.66 -11.45 -15.26
CA ASP B 578 -11.82 -11.13 -14.44
C ASP B 578 -13.15 -11.39 -15.11
N LEU B 579 -13.23 -11.29 -16.44
CA LEU B 579 -14.52 -11.52 -17.09
C LEU B 579 -14.75 -13.00 -17.35
N CYS B 580 -13.66 -13.77 -17.53
CA CYS B 580 -13.81 -15.22 -17.68
C CYS B 580 -14.22 -15.86 -16.37
N ARG B 581 -13.67 -15.38 -15.25
CA ARG B 581 -14.07 -15.91 -13.95
C ARG B 581 -15.47 -15.46 -13.59
N PHE B 582 -15.89 -14.31 -14.11
CA PHE B 582 -17.25 -13.85 -13.87
C PHE B 582 -18.25 -14.63 -14.71
N MET B 583 -18.01 -14.74 -16.01
CA MET B 583 -19.03 -15.27 -16.91
C MET B 583 -19.15 -16.79 -16.82
N PHE B 584 -18.28 -17.45 -16.06
CA PHE B 584 -18.57 -18.83 -15.72
C PHE B 584 -19.58 -18.89 -14.59
N VAL B 585 -19.30 -18.17 -13.50
CA VAL B 585 -20.14 -18.24 -12.30
C VAL B 585 -21.46 -17.51 -12.54
N TYR B 586 -21.43 -16.51 -13.44
CA TYR B 586 -22.67 -15.85 -13.83
C TYR B 586 -23.58 -16.76 -14.64
N LEU B 587 -23.03 -17.44 -15.65
CA LEU B 587 -23.86 -18.29 -16.49
C LEU B 587 -24.29 -19.55 -15.76
N VAL B 588 -23.56 -19.94 -14.72
CA VAL B 588 -24.02 -21.01 -13.84
C VAL B 588 -25.21 -20.54 -13.01
N PHE B 589 -25.16 -19.29 -12.54
CA PHE B 589 -26.29 -18.75 -11.81
C PHE B 589 -27.45 -18.40 -12.74
N LEU B 590 -27.15 -17.95 -13.97
CA LEU B 590 -28.23 -17.58 -14.88
C LEU B 590 -28.97 -18.81 -15.37
N PHE B 591 -28.24 -19.83 -15.80
CA PHE B 591 -28.89 -21.05 -16.27
C PHE B 591 -29.45 -21.84 -15.11
N GLY B 592 -28.97 -21.60 -13.89
CA GLY B 592 -29.48 -22.33 -12.75
C GLY B 592 -30.84 -21.85 -12.31
N PHE B 593 -30.99 -20.54 -12.16
CA PHE B 593 -32.27 -20.01 -11.69
C PHE B 593 -33.31 -19.97 -12.80
N SER B 594 -32.88 -19.82 -14.06
CA SER B 594 -33.85 -19.80 -15.15
C SER B 594 -34.40 -21.18 -15.42
N THR B 595 -33.63 -22.21 -15.11
CA THR B 595 -34.17 -23.57 -15.12
C THR B 595 -35.24 -23.72 -14.06
N ALA B 596 -35.04 -23.10 -12.89
CA ALA B 596 -36.00 -23.23 -11.81
C ALA B 596 -37.23 -22.37 -12.03
N VAL B 597 -37.13 -21.35 -12.88
CA VAL B 597 -38.29 -20.51 -13.15
C VAL B 597 -39.18 -21.16 -14.21
N VAL B 598 -38.58 -21.74 -15.24
CA VAL B 598 -39.34 -22.43 -16.28
C VAL B 598 -40.07 -23.64 -15.70
N THR B 599 -39.42 -24.35 -14.78
CA THR B 599 -40.02 -25.50 -14.13
C THR B 599 -41.25 -25.10 -13.31
N LEU B 600 -41.23 -23.90 -12.73
CA LEU B 600 -42.41 -23.37 -12.08
C LEU B 600 -43.52 -23.05 -13.06
N ILE B 601 -43.24 -22.24 -14.07
CA ILE B 601 -44.28 -21.65 -14.88
C ILE B 601 -44.83 -22.68 -15.86
N GLU B 602 -46.13 -22.65 -16.04
CA GLU B 602 -46.84 -23.55 -16.93
C GLU B 602 -47.23 -22.82 -18.20
N ASP B 603 -48.14 -23.45 -18.95
CA ASP B 603 -48.80 -22.78 -20.05
C ASP B 603 -49.83 -21.77 -19.55
N GLY B 604 -50.65 -21.27 -20.48
CA GLY B 604 -51.64 -20.27 -20.13
C GLY B 604 -52.68 -20.78 -19.14
N LYS B 605 -53.33 -21.90 -19.47
CA LYS B 605 -54.17 -22.73 -18.58
C LYS B 605 -55.49 -22.02 -18.21
N ASN B 606 -55.67 -20.76 -18.57
CA ASN B 606 -56.89 -20.02 -18.29
C ASN B 606 -57.72 -19.78 -19.55
N TYR B 607 -57.34 -20.40 -20.66
CA TYR B 607 -58.05 -20.26 -21.92
C TYR B 607 -59.29 -21.15 -21.94
N TRP B 618 -58.20 -12.23 -20.73
CA TRP B 618 -58.19 -12.85 -19.42
C TRP B 618 -57.39 -12.02 -18.44
N ARG B 619 -56.46 -11.23 -18.97
CA ARG B 619 -55.61 -10.36 -18.16
C ARG B 619 -55.37 -9.06 -18.91
N ALA B 620 -55.39 -7.95 -18.17
CA ALA B 620 -55.12 -6.65 -18.74
C ALA B 620 -53.66 -6.55 -19.20
N PRO B 621 -53.44 -5.96 -20.38
CA PRO B 621 -52.07 -5.92 -20.96
C PRO B 621 -51.15 -4.93 -20.27
N GLY B 622 -50.51 -5.35 -19.19
CA GLY B 622 -49.49 -4.52 -18.59
C GLY B 622 -48.23 -4.62 -19.42
N CYS B 623 -47.97 -3.56 -20.20
CA CYS B 623 -46.97 -3.40 -21.28
C CYS B 623 -47.28 -4.28 -22.50
N ARG B 624 -48.34 -5.12 -22.44
CA ARG B 624 -48.69 -6.11 -23.45
C ARG B 624 -47.56 -7.02 -23.95
N PRO B 625 -46.98 -7.88 -23.10
CA PRO B 625 -46.49 -9.18 -23.60
C PRO B 625 -47.36 -10.35 -23.21
N PRO B 626 -48.51 -10.59 -23.85
CA PRO B 626 -49.22 -11.85 -23.58
C PRO B 626 -48.45 -12.98 -24.24
N ASP B 627 -47.73 -13.75 -23.42
CA ASP B 627 -46.66 -14.57 -23.96
C ASP B 627 -46.62 -15.91 -23.27
N SER B 628 -46.26 -16.94 -24.04
CA SER B 628 -45.77 -18.19 -23.49
C SER B 628 -44.31 -18.01 -23.09
N TYR B 629 -44.11 -17.82 -21.79
CA TYR B 629 -42.77 -17.73 -21.23
C TYR B 629 -42.20 -19.10 -20.96
N ASN B 630 -42.93 -20.13 -21.33
CA ASN B 630 -42.65 -21.54 -21.10
C ASN B 630 -41.41 -22.04 -21.86
N SER B 631 -40.76 -21.20 -22.66
CA SER B 631 -39.48 -21.52 -23.27
C SER B 631 -38.36 -21.25 -22.27
N LEU B 632 -37.30 -22.04 -22.37
CA LEU B 632 -36.13 -21.79 -21.54
C LEU B 632 -35.37 -20.57 -22.02
N TYR B 633 -35.46 -20.29 -23.33
CA TYR B 633 -34.75 -19.15 -23.90
C TYR B 633 -35.36 -17.83 -23.43
N SER B 634 -36.67 -17.80 -23.26
CA SER B 634 -37.33 -16.56 -22.87
C SER B 634 -36.98 -16.20 -21.43
N THR B 635 -36.86 -17.19 -20.56
CA THR B 635 -36.58 -16.92 -19.16
C THR B 635 -35.12 -16.56 -18.92
N CYS B 636 -34.21 -17.23 -19.64
CA CYS B 636 -32.81 -16.84 -19.61
C CYS B 636 -32.62 -15.43 -20.16
N LEU B 637 -33.49 -15.02 -21.08
CA LEU B 637 -33.47 -13.64 -21.56
C LEU B 637 -34.08 -12.70 -20.53
N GLU B 638 -35.05 -13.18 -19.76
CA GLU B 638 -35.70 -12.31 -18.78
C GLU B 638 -34.92 -12.23 -17.47
N LEU B 639 -34.04 -13.21 -17.23
CA LEU B 639 -33.17 -13.08 -16.06
C LEU B 639 -31.88 -12.35 -16.41
N PHE B 640 -31.56 -12.26 -17.69
CA PHE B 640 -30.42 -11.45 -18.10
C PHE B 640 -30.74 -9.97 -17.93
N LYS B 641 -32.02 -9.61 -17.99
CA LYS B 641 -32.41 -8.21 -17.92
C LYS B 641 -32.26 -7.66 -16.51
N PHE B 642 -32.22 -8.54 -15.50
CA PHE B 642 -31.91 -8.10 -14.14
C PHE B 642 -30.47 -7.62 -14.05
N THR B 643 -29.58 -8.21 -14.85
CA THR B 643 -28.19 -7.82 -14.83
C THR B 643 -27.99 -6.46 -15.48
N ILE B 644 -28.74 -6.18 -16.56
CA ILE B 644 -28.67 -4.89 -17.22
C ILE B 644 -29.27 -3.81 -16.33
N GLY B 645 -30.45 -4.04 -15.79
CA GLY B 645 -31.16 -3.01 -15.05
C GLY B 645 -32.56 -2.88 -15.60
N MET B 646 -32.97 -3.89 -16.36
CA MET B 646 -34.29 -3.94 -16.97
C MET B 646 -35.05 -5.19 -16.55
N GLY B 647 -34.73 -5.72 -15.37
CA GLY B 647 -35.40 -6.92 -14.90
C GLY B 647 -36.81 -6.60 -14.47
N ASP B 648 -37.76 -7.36 -15.00
CA ASP B 648 -39.16 -6.98 -14.85
C ASP B 648 -39.68 -7.29 -13.45
N LEU B 649 -39.31 -8.46 -12.91
CA LEU B 649 -39.59 -9.00 -11.57
C LEU B 649 -41.05 -9.43 -11.43
N GLU B 650 -41.90 -9.12 -12.42
CA GLU B 650 -43.24 -9.66 -12.54
C GLU B 650 -43.49 -10.02 -13.99
N PHE B 651 -42.52 -10.68 -14.62
CA PHE B 651 -42.54 -10.80 -16.07
C PHE B 651 -43.56 -11.81 -16.54
N THR B 652 -44.06 -12.64 -15.64
CA THR B 652 -45.15 -13.55 -15.98
C THR B 652 -46.05 -13.74 -14.77
N GLU B 653 -47.26 -14.22 -15.03
CA GLU B 653 -48.17 -14.62 -13.98
C GLU B 653 -48.63 -16.05 -14.15
N ASN B 654 -48.20 -16.70 -15.22
CA ASN B 654 -48.66 -18.04 -15.55
C ASN B 654 -47.88 -19.06 -14.74
N TYR B 655 -48.14 -19.05 -13.44
CA TYR B 655 -47.55 -20.02 -12.54
C TYR B 655 -48.54 -20.34 -11.43
N ASP B 656 -48.09 -21.19 -10.51
CA ASP B 656 -48.66 -21.30 -9.19
C ASP B 656 -47.57 -20.92 -8.21
N PHE B 657 -47.95 -20.81 -6.93
CA PHE B 657 -47.04 -20.60 -5.81
C PHE B 657 -46.21 -19.33 -6.00
N LYS B 658 -46.90 -18.19 -5.89
CA LYS B 658 -46.28 -16.89 -6.09
C LYS B 658 -45.13 -16.63 -5.14
N ALA B 659 -45.16 -17.27 -3.97
CA ALA B 659 -44.09 -17.13 -3.00
C ALA B 659 -42.78 -17.69 -3.53
N VAL B 660 -42.79 -18.91 -4.09
CA VAL B 660 -41.53 -19.52 -4.50
C VAL B 660 -41.07 -18.96 -5.84
N PHE B 661 -41.90 -18.18 -6.50
CA PHE B 661 -41.45 -17.51 -7.71
C PHE B 661 -40.65 -16.26 -7.38
N ILE B 662 -41.08 -15.54 -6.36
CA ILE B 662 -40.38 -14.31 -5.97
C ILE B 662 -39.11 -14.66 -5.19
N ILE B 663 -39.16 -15.73 -4.39
CA ILE B 663 -37.98 -16.19 -3.65
C ILE B 663 -36.89 -16.63 -4.62
N LEU B 664 -37.27 -17.17 -5.78
CA LEU B 664 -36.29 -17.46 -6.81
C LEU B 664 -35.72 -16.19 -7.41
N LEU B 665 -36.57 -15.21 -7.68
CA LEU B 665 -36.10 -13.98 -8.29
C LEU B 665 -35.28 -13.15 -7.30
N LEU B 666 -35.69 -13.13 -6.04
CA LEU B 666 -34.95 -12.37 -5.05
C LEU B 666 -33.61 -13.03 -4.73
N ALA B 667 -33.57 -14.36 -4.72
CA ALA B 667 -32.29 -15.03 -4.54
C ALA B 667 -31.43 -14.90 -5.79
N TYR B 668 -32.03 -14.61 -6.93
CA TYR B 668 -31.23 -14.38 -8.13
C TYR B 668 -30.64 -12.98 -8.13
N VAL B 669 -31.43 -11.98 -7.76
CA VAL B 669 -30.97 -10.60 -7.79
C VAL B 669 -29.93 -10.37 -6.70
N ILE B 670 -30.09 -11.03 -5.56
CA ILE B 670 -29.10 -10.92 -4.48
C ILE B 670 -27.81 -11.62 -4.85
N LEU B 671 -27.90 -12.81 -5.46
CA LEU B 671 -26.69 -13.55 -5.79
C LEU B 671 -25.97 -12.94 -6.99
N THR B 672 -26.70 -12.42 -7.97
CA THR B 672 -26.08 -11.94 -9.19
C THR B 672 -25.93 -10.42 -9.23
N TYR B 673 -27.03 -9.70 -9.08
CA TYR B 673 -26.95 -8.25 -9.21
C TYR B 673 -26.28 -7.62 -8.00
N ILE B 674 -26.72 -7.98 -6.80
CA ILE B 674 -26.18 -7.36 -5.60
C ILE B 674 -24.80 -7.89 -5.30
N LEU B 675 -24.62 -9.21 -5.29
CA LEU B 675 -23.33 -9.80 -4.99
C LEU B 675 -22.39 -9.79 -6.19
N LEU B 676 -22.76 -10.45 -7.28
CA LEU B 676 -21.74 -10.90 -8.23
C LEU B 676 -21.29 -9.79 -9.16
N LEU B 677 -22.19 -8.86 -9.52
CA LEU B 677 -21.77 -7.71 -10.30
C LEU B 677 -20.93 -6.74 -9.48
N ASN B 678 -21.34 -6.49 -8.24
CA ASN B 678 -20.59 -5.55 -7.41
C ASN B 678 -19.27 -6.15 -6.97
N MET B 679 -19.18 -7.48 -6.98
CA MET B 679 -17.91 -8.14 -6.70
C MET B 679 -16.98 -8.07 -7.91
N LEU B 680 -17.56 -8.08 -9.12
CA LEU B 680 -16.76 -7.93 -10.33
C LEU B 680 -16.07 -6.58 -10.38
N ILE B 681 -16.74 -5.53 -9.91
CA ILE B 681 -16.14 -4.21 -9.87
C ILE B 681 -15.01 -4.17 -8.84
N ALA B 682 -15.16 -4.91 -7.75
CA ALA B 682 -14.11 -4.96 -6.73
C ALA B 682 -12.93 -5.80 -7.20
N LEU B 683 -13.19 -6.85 -7.96
CA LEU B 683 -12.11 -7.69 -8.46
C LEU B 683 -11.41 -7.05 -9.65
N MET B 684 -12.13 -6.21 -10.42
CA MET B 684 -11.45 -5.37 -11.38
C MET B 684 -10.63 -4.30 -10.67
N GLY B 685 -11.04 -3.93 -9.46
CA GLY B 685 -10.28 -2.95 -8.70
C GLY B 685 -8.94 -3.49 -8.23
N GLU B 686 -8.89 -4.77 -7.86
CA GLU B 686 -7.63 -5.37 -7.43
C GLU B 686 -6.70 -5.55 -8.61
N THR B 687 -7.23 -5.96 -9.76
CA THR B 687 -6.40 -6.31 -10.90
C THR B 687 -5.70 -5.09 -11.45
N VAL B 688 -6.38 -3.93 -11.43
CA VAL B 688 -5.79 -2.68 -11.88
C VAL B 688 -4.57 -2.31 -11.02
N ASN B 689 -4.66 -2.55 -9.70
CA ASN B 689 -3.54 -2.25 -8.81
C ASN B 689 -2.35 -3.17 -9.07
N LYS B 690 -2.60 -4.39 -9.52
CA LYS B 690 -1.49 -5.33 -9.64
C LYS B 690 -0.92 -5.37 -11.06
N ILE B 691 -1.65 -4.87 -12.05
CA ILE B 691 -1.13 -4.91 -13.41
C ILE B 691 -0.74 -3.50 -13.85
N ALA B 692 -0.70 -2.56 -12.90
CA ALA B 692 -0.44 -1.17 -13.23
C ALA B 692 0.97 -0.98 -13.78
N GLN B 693 1.92 -1.80 -13.32
CA GLN B 693 3.25 -1.78 -13.91
C GLN B 693 3.37 -2.78 -15.05
N GLU B 694 2.66 -3.92 -14.94
CA GLU B 694 2.77 -4.98 -15.93
C GLU B 694 2.17 -4.56 -17.27
N SER B 695 1.06 -3.82 -17.23
CA SER B 695 0.39 -3.42 -18.46
C SER B 695 1.20 -2.39 -19.24
N LYS B 696 2.06 -1.64 -18.55
CA LYS B 696 2.97 -0.76 -19.26
C LYS B 696 4.04 -1.58 -20.00
N ASN B 697 4.43 -2.73 -19.44
CA ASN B 697 5.48 -3.50 -20.08
C ASN B 697 4.92 -4.41 -21.17
N ILE B 698 3.68 -4.86 -21.02
CA ILE B 698 3.04 -5.64 -22.08
C ILE B 698 2.77 -4.74 -23.28
N TRP B 699 2.46 -3.47 -23.04
CA TRP B 699 2.26 -2.52 -24.13
C TRP B 699 3.55 -2.26 -24.90
N LYS B 700 4.68 -2.13 -24.18
CA LYS B 700 5.95 -1.91 -24.85
C LYS B 700 6.38 -3.13 -25.65
N LEU B 701 5.91 -4.31 -25.27
CA LEU B 701 6.10 -5.48 -26.13
C LEU B 701 5.14 -5.46 -27.31
N GLN B 702 3.92 -4.94 -27.10
CA GLN B 702 2.97 -4.84 -28.22
C GLN B 702 3.43 -3.81 -29.24
N ARG B 703 4.08 -2.74 -28.78
CA ARG B 703 4.62 -1.77 -29.71
C ARG B 703 5.87 -2.31 -30.39
N ALA B 704 6.62 -3.18 -29.69
CA ALA B 704 7.85 -3.72 -30.25
C ALA B 704 7.57 -4.71 -31.37
N ILE B 705 6.50 -5.48 -31.25
CA ILE B 705 6.11 -6.39 -32.34
C ILE B 705 5.67 -5.58 -33.54
N THR B 706 5.05 -4.43 -33.31
CA THR B 706 4.63 -3.55 -34.40
C THR B 706 5.85 -2.93 -35.10
N ILE B 707 6.88 -2.59 -34.33
CA ILE B 707 8.08 -1.99 -34.90
C ILE B 707 8.84 -3.01 -35.75
N LEU B 708 8.89 -4.25 -35.28
CA LEU B 708 9.62 -5.27 -36.03
C LEU B 708 8.83 -5.76 -37.23
N ASP B 709 7.49 -5.81 -37.12
CA ASP B 709 6.69 -6.28 -38.25
C ASP B 709 6.63 -5.20 -39.33
N THR B 710 6.82 -3.94 -38.95
CA THR B 710 6.92 -2.88 -39.95
C THR B 710 8.21 -3.01 -40.76
N GLU B 711 9.31 -3.36 -40.09
CA GLU B 711 10.59 -3.49 -40.78
C GLU B 711 10.62 -4.71 -41.69
N LYS B 712 9.83 -5.73 -41.38
CA LYS B 712 9.78 -6.91 -42.25
C LYS B 712 9.02 -6.63 -43.53
N SER B 713 8.20 -5.58 -43.55
CA SER B 713 7.40 -5.26 -44.72
C SER B 713 8.22 -4.66 -45.85
N PHE B 714 9.41 -4.12 -45.56
CA PHE B 714 10.21 -3.47 -46.60
C PHE B 714 11.67 -3.81 -46.41
N LEU B 715 12.29 -4.37 -47.45
CA LEU B 715 13.74 -4.56 -47.45
C LEU B 715 14.48 -3.24 -47.60
N LYS B 716 13.84 -2.26 -48.24
CA LYS B 716 14.44 -0.94 -48.39
C LYS B 716 14.49 -0.20 -47.06
N CYS B 717 13.49 -0.41 -46.20
CA CYS B 717 13.46 0.27 -44.91
C CYS B 717 14.45 -0.37 -43.93
N MET B 718 14.88 -1.61 -44.21
CA MET B 718 15.86 -2.26 -43.35
C MET B 718 17.22 -1.56 -43.42
N ARG B 719 17.56 -1.01 -44.58
CA ARG B 719 18.77 -0.20 -44.69
C ARG B 719 18.57 1.18 -44.07
N LYS B 720 17.30 1.57 -43.88
CA LYS B 720 17.00 2.76 -43.08
C LYS B 720 16.85 2.38 -41.61
N ALA B 721 16.60 1.10 -41.33
CA ALA B 721 16.39 0.65 -39.96
C ALA B 721 17.70 0.47 -39.18
N PHE B 722 18.84 0.82 -39.76
CA PHE B 722 20.03 1.02 -38.94
C PHE B 722 19.75 2.18 -38.01
N ARG B 723 19.55 1.90 -36.73
CA ARG B 723 19.14 2.93 -35.79
C ARG B 723 20.40 3.65 -35.28
N SER B 724 20.74 4.75 -35.97
CA SER B 724 21.69 5.78 -35.57
C SER B 724 23.05 5.24 -35.17
N GLY B 725 23.45 4.08 -35.71
CA GLY B 725 24.73 3.51 -35.34
C GLY B 725 25.88 4.30 -35.91
N LYS B 726 25.66 4.92 -37.08
CA LYS B 726 26.56 5.84 -37.76
C LYS B 726 27.89 5.22 -38.19
N LEU B 727 28.09 3.91 -37.97
CA LEU B 727 29.37 3.21 -38.12
C LEU B 727 30.48 3.97 -37.38
N LEU B 728 30.34 4.02 -36.05
CA LEU B 728 31.27 4.79 -35.24
C LEU B 728 32.46 3.95 -34.83
N GLN B 729 33.60 4.60 -34.63
CA GLN B 729 34.79 3.93 -34.12
C GLN B 729 34.77 3.94 -32.60
N VAL B 730 35.02 2.78 -32.00
CA VAL B 730 34.99 2.65 -30.55
C VAL B 730 36.32 2.21 -29.99
N GLY B 731 37.41 2.49 -30.68
CA GLY B 731 38.72 2.11 -30.23
C GLY B 731 39.40 1.27 -31.29
N TYR B 732 40.28 0.39 -30.83
CA TYR B 732 41.08 -0.43 -31.72
C TYR B 732 40.97 -1.89 -31.30
N THR B 733 40.93 -2.78 -32.30
CA THR B 733 40.94 -4.20 -32.06
C THR B 733 42.35 -4.66 -31.69
N PRO B 734 42.51 -5.88 -31.18
CA PRO B 734 43.80 -6.55 -31.32
C PRO B 734 44.13 -6.74 -32.80
N ASP B 735 45.42 -6.65 -33.11
CA ASP B 735 46.12 -6.39 -34.39
C ASP B 735 46.09 -4.89 -34.68
N GLY B 736 45.41 -4.09 -33.87
CA GLY B 736 45.48 -2.64 -33.99
C GLY B 736 44.72 -2.07 -35.17
N LYS B 737 43.60 -2.68 -35.53
CA LYS B 737 42.77 -2.21 -36.63
C LYS B 737 41.59 -1.44 -36.07
N ASP B 738 40.92 -0.68 -36.95
CA ASP B 738 39.77 0.11 -36.53
C ASP B 738 38.59 -0.79 -36.19
N ASP B 739 37.85 -0.42 -35.14
CA ASP B 739 36.81 -1.32 -34.66
C ASP B 739 35.52 -1.17 -35.46
N TYR B 740 35.01 0.05 -35.56
CA TYR B 740 33.93 0.45 -36.48
C TYR B 740 32.65 -0.36 -36.28
N ARG B 741 32.05 -0.18 -35.11
CA ARG B 741 30.83 -0.91 -34.76
C ARG B 741 29.63 0.03 -34.69
N TRP B 742 28.47 -0.47 -35.12
CA TRP B 742 27.23 0.30 -35.10
C TRP B 742 26.80 0.53 -33.65
N CYS B 743 26.80 1.79 -33.23
CA CYS B 743 26.60 2.11 -31.83
C CYS B 743 25.47 3.11 -31.67
N PHE B 744 24.47 2.71 -30.91
CA PHE B 744 23.42 3.63 -30.51
C PHE B 744 23.94 4.56 -29.41
N ARG B 745 23.65 5.85 -29.54
CA ARG B 745 24.21 6.87 -28.67
C ARG B 745 23.20 7.30 -27.62
N VAL B 746 23.64 7.29 -26.35
CA VAL B 746 22.79 7.65 -25.21
C VAL B 746 23.52 8.70 -24.39
N ASP B 747 22.89 9.86 -24.21
CA ASP B 747 23.45 10.90 -23.37
C ASP B 747 23.03 10.69 -21.92
N GLU B 748 23.98 10.89 -21.01
CA GLU B 748 23.75 10.65 -19.59
C GLU B 748 24.34 11.80 -18.79
N VAL B 749 24.09 11.79 -17.49
CA VAL B 749 24.61 12.80 -16.58
C VAL B 749 24.71 12.19 -15.18
N ASN B 750 25.79 12.51 -14.47
CA ASN B 750 25.96 12.15 -13.07
C ASN B 750 26.52 13.36 -12.33
N TRP B 751 25.96 13.64 -11.16
CA TRP B 751 26.40 14.77 -10.36
C TRP B 751 27.22 14.36 -9.15
N THR B 752 27.57 13.08 -9.03
CA THR B 752 28.45 12.60 -7.98
C THR B 752 29.70 11.91 -8.49
N THR B 753 29.59 11.06 -9.51
CA THR B 753 30.72 10.41 -10.14
C THR B 753 31.04 11.12 -11.44
N TRP B 754 32.25 11.67 -11.54
CA TRP B 754 32.57 12.65 -12.56
C TRP B 754 33.23 12.04 -13.79
N ASN B 755 33.36 10.70 -13.82
CA ASN B 755 33.71 9.92 -15.02
C ASN B 755 35.07 10.30 -15.59
N THR B 756 36.12 10.11 -14.79
CA THR B 756 37.49 10.20 -15.30
C THR B 756 37.90 8.79 -15.76
N ASN B 757 37.45 8.45 -16.95
CA ASN B 757 37.51 7.07 -17.41
C ASN B 757 38.83 6.81 -18.13
N VAL B 758 39.22 5.53 -18.14
CA VAL B 758 40.41 5.12 -18.88
C VAL B 758 40.14 5.17 -20.38
N GLY B 759 39.03 4.59 -20.81
CA GLY B 759 38.70 4.58 -22.22
C GLY B 759 37.61 5.56 -22.59
N ILE B 760 38.00 6.68 -23.19
CA ILE B 760 37.08 7.66 -23.75
C ILE B 760 37.47 7.88 -25.20
N ILE B 761 36.50 7.81 -26.11
CA ILE B 761 36.81 7.69 -27.53
C ILE B 761 37.25 9.03 -28.10
N ASN B 762 36.38 10.03 -28.04
CA ASN B 762 36.68 11.36 -28.58
C ASN B 762 37.21 12.23 -27.46
N GLU B 763 38.30 12.95 -27.74
CA GLU B 763 38.79 13.91 -26.75
C GLU B 763 37.97 15.19 -26.79
N ASP B 764 37.45 15.55 -27.96
CA ASP B 764 36.58 16.71 -28.08
C ASP B 764 35.13 16.29 -27.84
N PRO B 765 34.37 17.04 -27.05
CA PRO B 765 33.04 16.59 -26.68
C PRO B 765 32.02 16.86 -27.77
N GLY B 766 30.87 16.19 -27.65
CA GLY B 766 29.75 16.46 -28.54
C GLY B 766 29.91 15.83 -29.90
N ASN B 767 28.92 16.09 -30.75
CA ASN B 767 28.87 15.58 -32.12
C ASN B 767 28.42 16.69 -33.05
N CYS B 768 29.33 17.14 -33.92
CA CYS B 768 29.04 18.25 -34.82
C CYS B 768 29.59 18.00 -36.22
N GLU B 769 29.62 16.74 -36.66
CA GLU B 769 30.26 16.24 -37.88
C GLU B 769 31.75 16.55 -37.92
N GLY B 770 32.40 16.64 -36.77
CA GLY B 770 33.84 16.79 -36.69
C GLY B 770 34.40 15.92 -35.59
N VAL B 771 35.33 15.03 -35.91
CA VAL B 771 35.78 13.99 -35.00
C VAL B 771 37.25 14.19 -34.68
N LYS B 772 37.67 13.69 -33.52
CA LYS B 772 39.05 13.70 -33.09
C LYS B 772 39.25 12.61 -32.05
N ARG B 773 40.14 11.66 -32.34
CA ARG B 773 40.31 10.49 -31.50
C ARG B 773 41.26 10.78 -30.35
N THR B 774 41.16 9.98 -29.29
CA THR B 774 41.97 10.17 -28.11
C THR B 774 43.22 9.30 -28.16
N LEU B 775 44.35 9.88 -27.76
CA LEU B 775 45.63 9.18 -27.75
C LEU B 775 45.81 8.24 -26.56
N SER B 776 44.77 8.02 -25.74
CA SER B 776 44.91 7.14 -24.60
C SER B 776 44.72 5.67 -24.96
N PHE B 777 44.43 5.41 -26.23
CA PHE B 777 44.22 4.01 -26.69
C PHE B 777 45.60 3.36 -26.86
N SER B 778 45.75 2.11 -26.41
CA SER B 778 47.06 1.42 -26.49
C SER B 778 47.50 1.28 -27.94
N LEU B 779 46.54 1.21 -28.87
CA LEU B 779 46.88 1.01 -30.30
C LEU B 779 46.58 2.30 -31.07
N LEU C 111 69.90 21.83 -37.22
CA LEU C 111 68.61 22.18 -36.63
C LEU C 111 67.54 21.16 -37.02
N LYS C 112 66.81 20.67 -36.03
CA LYS C 112 65.75 19.69 -36.29
C LYS C 112 64.54 20.37 -36.91
N LEU C 113 64.03 19.79 -38.00
CA LEU C 113 62.86 20.35 -38.66
C LEU C 113 61.60 19.90 -37.92
N TYR C 114 60.67 20.82 -37.74
CA TYR C 114 59.40 20.55 -37.08
C TYR C 114 58.23 20.97 -37.98
N ASP C 115 57.24 20.09 -38.07
CA ASP C 115 55.94 20.42 -38.63
C ASP C 115 54.90 20.51 -37.51
N ARG C 116 53.64 20.64 -37.91
CA ARG C 116 52.57 20.75 -36.93
C ARG C 116 52.26 19.41 -36.29
N ARG C 117 52.30 18.33 -37.09
CA ARG C 117 51.79 17.04 -36.64
C ARG C 117 52.68 16.42 -35.56
N SER C 118 53.99 16.61 -35.67
CA SER C 118 54.91 16.06 -34.68
C SER C 118 54.82 16.80 -33.36
N ILE C 119 54.40 18.06 -33.40
CA ILE C 119 54.26 18.83 -32.17
C ILE C 119 53.02 18.39 -31.40
N PHE C 120 51.91 18.17 -32.12
CA PHE C 120 50.70 17.65 -31.49
C PHE C 120 50.91 16.23 -30.98
N ASP C 121 51.71 15.43 -31.67
CA ASP C 121 51.92 14.05 -31.25
C ASP C 121 52.85 13.98 -30.05
N ALA C 122 53.85 14.86 -29.98
CA ALA C 122 54.76 14.85 -28.84
C ALA C 122 54.10 15.45 -27.60
N VAL C 123 53.17 16.39 -27.79
CA VAL C 123 52.57 17.04 -26.63
C VAL C 123 51.48 16.15 -26.05
N ALA C 124 51.06 15.13 -26.80
CA ALA C 124 50.08 14.19 -26.27
C ALA C 124 50.75 13.00 -25.60
N GLN C 125 51.86 12.51 -26.15
CA GLN C 125 52.55 11.34 -25.62
C GLN C 125 53.30 11.59 -24.31
N ASN C 126 53.36 12.85 -23.85
CA ASN C 126 54.05 13.26 -22.62
C ASN C 126 55.53 12.91 -22.65
N ASN C 127 56.21 13.19 -23.77
CA ASN C 127 57.66 13.06 -23.86
C ASN C 127 58.27 14.45 -24.06
N CYS C 128 58.90 14.97 -23.00
CA CYS C 128 59.55 16.27 -23.07
C CYS C 128 60.90 16.18 -23.78
N GLN C 129 61.46 14.97 -23.89
CA GLN C 129 62.75 14.81 -24.55
C GLN C 129 62.61 14.90 -26.07
N GLU C 130 61.41 14.64 -26.59
CA GLU C 130 61.17 14.85 -28.01
C GLU C 130 61.06 16.34 -28.32
N LEU C 131 60.44 17.09 -27.42
CA LEU C 131 60.19 18.51 -27.63
C LEU C 131 61.26 19.28 -26.89
N GLU C 132 62.47 19.31 -27.45
CA GLU C 132 63.57 20.02 -26.82
C GLU C 132 64.29 20.93 -27.81
N SER C 133 64.26 20.59 -29.10
CA SER C 133 64.86 21.46 -30.10
C SER C 133 63.84 22.37 -30.75
N LEU C 134 62.65 22.50 -30.17
CA LEU C 134 61.61 23.35 -30.75
C LEU C 134 61.96 24.81 -30.60
N LEU C 135 62.45 25.19 -29.42
CA LEU C 135 62.84 26.59 -29.19
C LEU C 135 64.04 27.05 -30.01
N PRO C 136 65.10 26.25 -30.23
CA PRO C 136 66.09 26.69 -31.23
C PRO C 136 65.57 26.70 -32.66
N PHE C 137 64.56 25.87 -32.95
CA PHE C 137 63.97 25.89 -34.29
C PHE C 137 63.03 27.07 -34.46
N LEU C 138 62.35 27.45 -33.38
CA LEU C 138 61.37 28.53 -33.48
C LEU C 138 62.06 29.89 -33.50
N GLN C 139 63.23 29.98 -32.86
CA GLN C 139 64.00 31.22 -32.93
C GLN C 139 64.67 31.37 -34.28
N LYS C 140 65.06 30.25 -34.91
CA LYS C 140 65.66 30.31 -36.23
C LYS C 140 64.63 30.66 -37.30
N SER C 141 63.48 29.99 -37.26
CA SER C 141 62.46 30.18 -38.29
C SER C 141 61.73 31.51 -38.16
N ARG C 142 61.87 32.19 -37.02
CA ARG C 142 61.16 33.42 -36.63
C ARG C 142 59.66 33.25 -36.65
N LYS C 143 59.17 32.02 -36.47
CA LYS C 143 57.75 31.77 -36.34
C LYS C 143 57.35 31.93 -34.87
N ARG C 144 56.06 31.85 -34.62
CA ARG C 144 55.52 31.87 -33.27
C ARG C 144 54.66 30.62 -33.07
N LEU C 145 54.40 30.28 -31.81
CA LEU C 145 53.52 29.16 -31.52
C LEU C 145 52.07 29.50 -31.87
N THR C 146 51.73 30.78 -31.86
CA THR C 146 50.37 31.23 -32.19
C THR C 146 50.29 31.60 -33.67
N ASP C 147 50.80 30.70 -34.51
CA ASP C 147 50.80 30.90 -35.95
C ASP C 147 49.71 30.01 -36.55
N SER C 148 49.29 30.37 -37.76
CA SER C 148 48.24 29.62 -38.44
C SER C 148 48.71 28.23 -38.85
N GLU C 149 50.03 28.05 -39.00
CA GLU C 149 50.57 26.74 -39.37
C GLU C 149 50.55 25.77 -38.21
N PHE C 150 50.51 26.29 -36.98
CA PHE C 150 50.57 25.41 -35.81
C PHE C 150 49.18 25.18 -35.22
N LYS C 151 48.25 26.08 -35.49
CA LYS C 151 46.87 25.85 -35.08
C LYS C 151 46.18 24.94 -36.09
N ASP C 152 45.31 24.08 -35.58
CA ASP C 152 44.55 23.18 -36.44
C ASP C 152 43.56 23.98 -37.28
N PRO C 153 43.42 23.67 -38.58
CA PRO C 153 42.62 24.53 -39.45
C PRO C 153 41.12 24.43 -39.26
N GLU C 154 40.62 23.28 -38.80
CA GLU C 154 39.18 23.13 -38.63
C GLU C 154 38.71 23.83 -37.36
N THR C 155 39.18 23.37 -36.20
CA THR C 155 38.99 24.04 -34.93
C THR C 155 40.31 24.68 -34.54
N GLY C 156 40.28 25.93 -34.10
CA GLY C 156 41.51 26.67 -33.86
C GLY C 156 42.30 26.21 -32.66
N LYS C 157 42.74 24.96 -32.69
CA LYS C 157 43.35 24.29 -31.55
C LYS C 157 44.85 24.51 -31.56
N THR C 158 45.34 25.32 -30.63
CA THR C 158 46.77 25.49 -30.43
C THR C 158 47.28 24.25 -29.68
N CYS C 159 48.60 24.06 -29.66
CA CYS C 159 49.17 22.88 -29.01
C CYS C 159 49.12 22.97 -27.50
N LEU C 160 48.79 24.14 -26.95
CA LEU C 160 48.46 24.23 -25.53
C LEU C 160 47.13 23.55 -25.24
N LEU C 161 46.16 23.70 -26.15
CA LEU C 161 44.88 23.04 -25.99
C LEU C 161 45.04 21.53 -26.07
N LYS C 162 45.84 21.06 -27.02
CA LYS C 162 46.10 19.62 -27.17
C LYS C 162 46.87 19.08 -25.97
N ALA C 163 47.64 19.93 -25.30
CA ALA C 163 48.26 19.55 -24.03
C ALA C 163 47.21 19.39 -22.93
N MET C 164 46.11 20.13 -23.03
CA MET C 164 45.13 20.13 -21.95
C MET C 164 44.10 19.03 -22.14
N LEU C 165 43.89 18.57 -23.38
CA LEU C 165 42.98 17.45 -23.57
C LEU C 165 43.60 16.16 -23.08
N ASN C 166 44.84 15.88 -23.51
CA ASN C 166 45.49 14.60 -23.23
C ASN C 166 46.45 14.72 -22.04
N LEU C 167 45.87 14.76 -20.84
CA LEU C 167 46.69 14.61 -19.64
C LEU C 167 46.88 13.14 -19.30
N HIS C 168 47.99 12.85 -18.64
CA HIS C 168 48.32 11.51 -18.16
C HIS C 168 48.38 11.54 -16.65
N ASN C 169 47.50 10.76 -16.01
CA ASN C 169 47.34 10.66 -14.55
C ASN C 169 47.05 12.01 -13.90
N GLY C 170 46.43 12.93 -14.62
CA GLY C 170 46.19 14.26 -14.11
C GLY C 170 47.40 15.16 -14.05
N GLN C 171 48.57 14.70 -14.53
CA GLN C 171 49.82 15.41 -14.42
C GLN C 171 50.53 15.38 -15.78
N ASN C 172 50.26 16.37 -16.61
CA ASN C 172 51.04 16.51 -17.84
C ASN C 172 52.28 17.35 -17.54
N ASP C 173 53.43 16.85 -17.98
CA ASP C 173 54.69 17.57 -17.80
C ASP C 173 55.16 18.27 -19.05
N THR C 174 54.47 18.10 -20.17
CA THR C 174 54.90 18.75 -21.40
C THR C 174 54.45 20.20 -21.43
N ILE C 175 53.38 20.53 -20.70
CA ILE C 175 52.76 21.85 -20.75
C ILE C 175 53.69 22.93 -20.20
N SER C 176 54.42 22.61 -19.11
CA SER C 176 55.32 23.59 -18.51
C SER C 176 56.52 23.87 -19.42
N LEU C 177 56.80 22.97 -20.36
CA LEU C 177 57.88 23.22 -21.31
C LEU C 177 57.48 24.25 -22.34
N LEU C 178 56.32 24.08 -22.98
CA LEU C 178 55.98 25.00 -24.06
C LEU C 178 55.29 26.26 -23.55
N LEU C 179 54.98 26.33 -22.25
CA LEU C 179 54.71 27.63 -21.64
C LEU C 179 55.99 28.44 -21.54
N ASP C 180 57.12 27.77 -21.31
CA ASP C 180 58.39 28.46 -21.28
C ASP C 180 58.83 28.87 -22.68
N ILE C 181 58.41 28.11 -23.69
CA ILE C 181 58.78 28.45 -25.07
C ILE C 181 58.01 29.68 -25.53
N ALA C 182 56.80 29.86 -25.03
CA ALA C 182 56.01 31.03 -25.40
C ALA C 182 56.53 32.29 -24.73
N ARG C 183 57.19 32.16 -23.57
CA ARG C 183 57.69 33.35 -22.89
C ARG C 183 59.11 33.69 -23.34
N GLN C 184 59.84 32.71 -23.88
CA GLN C 184 61.12 33.02 -24.51
C GLN C 184 60.91 33.73 -25.84
N THR C 185 59.86 33.33 -26.56
CA THR C 185 59.46 33.95 -27.82
C THR C 185 58.38 35.01 -27.63
N ASP C 186 58.36 35.64 -26.44
CA ASP C 186 57.59 36.84 -26.03
C ASP C 186 56.17 36.92 -26.61
N SER C 187 55.47 35.78 -26.60
CA SER C 187 54.07 35.73 -27.03
C SER C 187 53.22 34.86 -26.11
N LEU C 188 53.46 34.93 -24.80
CA LEU C 188 52.72 34.10 -23.86
C LEU C 188 51.27 34.57 -23.72
N LYS C 189 51.02 35.88 -23.92
CA LYS C 189 49.69 36.41 -23.72
C LYS C 189 48.74 35.95 -24.82
N GLU C 190 49.24 35.85 -26.05
CA GLU C 190 48.41 35.32 -27.13
C GLU C 190 48.35 33.79 -27.05
N PHE C 191 49.29 33.19 -26.31
CA PHE C 191 49.40 31.74 -26.27
C PHE C 191 48.34 31.12 -25.38
N VAL C 192 48.18 31.63 -24.16
CA VAL C 192 47.20 31.05 -23.25
C VAL C 192 45.79 31.55 -23.57
N ASN C 193 45.69 32.73 -24.19
CA ASN C 193 44.38 33.25 -24.54
C ASN C 193 43.92 32.81 -25.92
N ALA C 194 44.66 31.91 -26.57
CA ALA C 194 44.19 31.35 -27.82
C ALA C 194 43.10 30.32 -27.56
N SER C 195 42.02 30.43 -28.32
CA SER C 195 40.85 29.58 -28.11
C SER C 195 40.45 28.95 -29.43
N TYR C 196 39.45 28.08 -29.36
CA TYR C 196 38.90 27.47 -30.56
C TYR C 196 38.21 28.52 -31.42
N THR C 197 38.47 28.47 -32.72
CA THR C 197 37.82 29.36 -33.67
C THR C 197 36.58 28.73 -34.29
N ASP C 198 36.31 27.47 -34.02
CA ASP C 198 35.17 26.80 -34.61
C ASP C 198 33.90 27.25 -33.89
N SER C 199 32.78 27.18 -34.61
CA SER C 199 31.51 27.67 -34.07
C SER C 199 30.93 26.71 -33.03
N TYR C 200 31.51 25.51 -32.90
CA TYR C 200 30.96 24.56 -31.95
C TYR C 200 31.69 24.64 -30.61
N TYR C 201 32.87 25.26 -30.59
CA TYR C 201 33.63 25.41 -29.36
C TYR C 201 34.11 26.84 -29.16
N LYS C 202 33.37 27.82 -29.68
CA LYS C 202 33.86 29.19 -29.82
C LYS C 202 34.09 29.84 -28.46
N GLY C 203 35.35 30.19 -28.20
CA GLY C 203 35.72 30.85 -26.97
C GLY C 203 36.35 29.97 -25.93
N GLN C 204 36.38 28.65 -26.13
CA GLN C 204 36.94 27.75 -25.13
C GLN C 204 38.45 27.87 -25.11
N THR C 205 39.00 28.40 -24.02
CA THR C 205 40.43 28.49 -23.85
C THR C 205 40.93 27.26 -23.11
N ALA C 206 42.23 27.27 -22.80
CA ALA C 206 42.81 26.16 -22.04
C ALA C 206 42.44 26.26 -20.57
N LEU C 207 42.00 27.44 -20.12
CA LEU C 207 41.57 27.60 -18.73
C LEU C 207 40.27 26.84 -18.48
N HIS C 208 39.38 26.82 -19.47
CA HIS C 208 38.14 26.05 -19.34
C HIS C 208 38.41 24.56 -19.28
N ILE C 209 39.45 24.10 -19.96
CA ILE C 209 39.79 22.68 -19.90
C ILE C 209 40.44 22.36 -18.56
N ALA C 210 41.23 23.30 -18.02
CA ALA C 210 41.90 23.08 -16.74
C ALA C 210 40.90 23.06 -15.60
N ILE C 211 39.81 23.81 -15.73
CA ILE C 211 38.75 23.78 -14.72
C ILE C 211 37.93 22.51 -14.84
N GLU C 212 37.72 22.04 -16.07
CA GLU C 212 36.88 20.85 -16.27
C GLU C 212 37.63 19.58 -15.89
N ARG C 213 38.96 19.55 -16.06
CA ARG C 213 39.67 18.31 -15.77
C ARG C 213 40.05 18.17 -14.29
N ARG C 214 39.49 18.99 -13.40
CA ARG C 214 39.61 18.83 -11.94
C ARG C 214 41.05 18.96 -11.45
N ASN C 215 41.83 19.81 -12.11
CA ASN C 215 43.25 19.97 -11.82
C ASN C 215 43.46 21.35 -11.21
N MET C 216 43.75 21.37 -9.91
CA MET C 216 44.00 22.63 -9.22
C MET C 216 45.31 23.26 -9.68
N ALA C 217 46.33 22.44 -9.92
CA ALA C 217 47.64 22.97 -10.30
C ALA C 217 47.63 23.51 -11.73
N LEU C 218 46.80 22.91 -12.59
CA LEU C 218 46.75 23.38 -13.98
C LEU C 218 45.98 24.68 -14.10
N VAL C 219 45.02 24.92 -13.20
CA VAL C 219 44.32 26.20 -13.17
C VAL C 219 45.26 27.31 -12.70
N THR C 220 46.05 27.01 -11.66
CA THR C 220 46.98 27.99 -11.12
C THR C 220 48.07 28.34 -12.12
N LEU C 221 48.61 27.34 -12.82
CA LEU C 221 49.73 27.56 -13.72
C LEU C 221 49.32 28.34 -14.96
N LEU C 222 48.02 28.34 -15.27
CA LEU C 222 47.56 29.08 -16.44
C LEU C 222 47.30 30.55 -16.10
N VAL C 223 46.69 30.81 -14.95
CA VAL C 223 46.31 32.19 -14.63
C VAL C 223 47.51 33.01 -14.19
N GLU C 224 48.59 32.34 -13.77
CA GLU C 224 49.84 33.04 -13.53
C GLU C 224 50.44 33.55 -14.84
N ASN C 225 50.21 32.82 -15.92
CA ASN C 225 50.80 33.17 -17.21
C ASN C 225 49.92 34.09 -18.04
N GLY C 226 48.79 34.53 -17.49
CA GLY C 226 47.97 35.51 -18.19
C GLY C 226 46.74 34.94 -18.84
N ALA C 227 46.19 33.87 -18.27
CA ALA C 227 44.96 33.30 -18.79
C ALA C 227 43.79 34.22 -18.49
N ASP C 228 43.01 34.53 -19.52
CA ASP C 228 41.86 35.40 -19.36
C ASP C 228 40.77 34.65 -18.61
N VAL C 229 40.51 35.05 -17.35
CA VAL C 229 39.45 34.45 -16.56
C VAL C 229 38.07 34.98 -16.94
N GLN C 230 37.98 35.84 -17.94
CA GLN C 230 36.72 36.32 -18.46
C GLN C 230 36.46 35.83 -19.89
N ALA C 231 37.05 34.70 -20.26
CA ALA C 231 36.89 34.19 -21.62
C ALA C 231 35.50 33.60 -21.80
N ALA C 232 34.75 34.17 -22.73
CA ALA C 232 33.38 33.75 -23.01
C ALA C 232 33.41 32.57 -23.95
N ALA C 233 33.20 31.36 -23.42
CA ALA C 233 33.14 30.16 -24.24
C ALA C 233 31.73 30.01 -24.81
N ASN C 234 31.43 30.86 -25.78
CA ASN C 234 30.09 30.94 -26.36
C ASN C 234 29.99 30.08 -27.61
N GLY C 235 30.26 28.79 -27.43
CA GLY C 235 30.17 27.85 -28.52
C GLY C 235 28.82 27.18 -28.58
N ASP C 236 28.55 26.44 -29.64
CA ASP C 236 27.26 25.75 -29.75
C ASP C 236 27.17 24.58 -28.78
N PHE C 237 28.33 24.04 -28.37
CA PHE C 237 28.32 23.00 -27.35
C PHE C 237 28.03 23.58 -25.97
N PHE C 238 28.35 24.85 -25.77
CA PHE C 238 28.26 25.40 -24.43
C PHE C 238 27.02 26.28 -24.26
N LYS C 239 26.25 26.46 -25.33
CA LYS C 239 24.97 27.14 -25.20
C LYS C 239 23.87 26.12 -24.88
N LYS C 240 22.63 26.57 -24.99
CA LYS C 240 21.51 25.70 -24.61
C LYS C 240 21.24 24.65 -25.67
N THR C 241 20.82 25.08 -26.87
CA THR C 241 20.61 24.23 -28.06
C THR C 241 19.65 23.08 -27.78
N LYS C 242 18.37 23.44 -27.58
CA LYS C 242 17.29 22.80 -26.79
C LYS C 242 17.38 21.27 -26.77
N GLY C 243 17.46 20.60 -27.92
CA GLY C 243 17.53 19.15 -27.93
C GLY C 243 18.87 18.56 -28.28
N ARG C 244 19.84 19.40 -28.63
CA ARG C 244 21.16 18.91 -29.00
C ARG C 244 21.94 18.52 -27.74
N PRO C 245 22.90 17.60 -27.85
CA PRO C 245 23.76 17.32 -26.68
C PRO C 245 24.71 18.48 -26.43
N GLY C 246 24.87 18.82 -25.15
CA GLY C 246 25.73 19.91 -24.76
C GLY C 246 25.70 20.06 -23.26
N PHE C 247 26.50 21.02 -22.78
CA PHE C 247 26.56 21.35 -21.37
C PHE C 247 26.63 22.87 -21.21
N TYR C 248 25.58 23.45 -20.65
CA TYR C 248 25.54 24.87 -20.34
C TYR C 248 26.02 25.07 -18.91
N PHE C 249 26.97 25.96 -18.74
CA PHE C 249 27.46 26.32 -17.41
C PHE C 249 27.52 27.83 -17.19
N GLY C 250 27.14 28.62 -18.19
CA GLY C 250 27.22 30.06 -18.06
C GLY C 250 28.38 30.70 -18.78
N GLU C 251 29.17 29.93 -19.54
CA GLU C 251 30.14 30.42 -20.52
C GLU C 251 31.29 31.21 -19.88
N LEU C 252 31.52 31.01 -18.58
CA LEU C 252 32.55 31.77 -17.90
C LEU C 252 33.40 30.81 -17.09
N PRO C 253 34.68 31.11 -16.89
CA PRO C 253 35.53 30.21 -16.08
C PRO C 253 35.14 30.15 -14.62
N LEU C 254 34.74 31.28 -14.02
CA LEU C 254 34.29 31.24 -12.62
C LEU C 254 32.88 30.66 -12.54
N SER C 255 32.17 30.59 -13.66
CA SER C 255 30.91 29.88 -13.70
C SER C 255 31.13 28.38 -13.84
N LEU C 256 32.19 27.98 -14.54
CA LEU C 256 32.46 26.56 -14.74
C LEU C 256 32.98 25.91 -13.48
N ALA C 257 33.72 26.65 -12.66
CA ALA C 257 34.16 26.11 -11.38
C ALA C 257 33.00 25.99 -10.40
N ALA C 258 31.99 26.85 -10.57
CA ALA C 258 30.81 26.79 -9.71
C ALA C 258 29.91 25.64 -10.11
N CYS C 259 29.62 25.51 -11.40
CA CYS C 259 28.60 24.57 -11.87
C CYS C 259 29.11 23.14 -11.85
N THR C 260 30.42 22.95 -11.75
CA THR C 260 30.99 21.61 -11.72
C THR C 260 31.51 21.21 -10.33
N ASN C 261 30.97 21.84 -9.28
CA ASN C 261 31.22 21.46 -7.87
C ASN C 261 32.68 21.56 -7.49
N GLN C 262 33.32 22.69 -7.82
CA GLN C 262 34.74 22.91 -7.54
C GLN C 262 34.83 24.14 -6.65
N LEU C 263 34.80 23.93 -5.33
CA LEU C 263 34.79 25.06 -4.41
C LEU C 263 36.17 25.69 -4.29
N ALA C 264 37.23 24.88 -4.39
CA ALA C 264 38.58 25.39 -4.22
C ALA C 264 39.01 26.21 -5.43
N ILE C 265 38.45 25.91 -6.60
CA ILE C 265 38.83 26.63 -7.81
C ILE C 265 38.03 27.92 -7.94
N VAL C 266 36.76 27.89 -7.50
CA VAL C 266 35.93 29.10 -7.60
C VAL C 266 36.35 30.11 -6.53
N LYS C 267 36.99 29.63 -5.46
CA LYS C 267 37.62 30.57 -4.53
C LYS C 267 38.92 31.11 -5.11
N PHE C 268 39.64 30.29 -5.88
CA PHE C 268 40.93 30.70 -6.38
C PHE C 268 40.80 31.71 -7.52
N LEU C 269 39.75 31.58 -8.32
CA LEU C 269 39.55 32.53 -9.41
C LEU C 269 39.14 33.90 -8.88
N LEU C 270 38.51 33.93 -7.71
CA LEU C 270 38.12 35.19 -7.11
C LEU C 270 39.18 35.80 -6.22
N GLN C 271 40.18 35.01 -5.80
CA GLN C 271 41.16 35.42 -4.80
C GLN C 271 42.58 35.11 -5.25
N ASN C 272 42.93 35.46 -6.48
CA ASN C 272 44.30 35.34 -6.96
C ASN C 272 44.90 36.72 -7.18
N SER C 273 46.23 36.80 -7.14
CA SER C 273 46.89 38.10 -7.21
C SER C 273 47.02 38.59 -8.64
N TRP C 274 46.92 37.68 -9.61
CA TRP C 274 47.22 38.04 -11.00
C TRP C 274 46.02 38.68 -11.68
N GLN C 275 44.92 37.96 -11.78
CA GLN C 275 43.72 38.50 -12.42
C GLN C 275 42.48 37.97 -11.71
N PRO C 276 41.82 38.80 -10.89
CA PRO C 276 40.64 38.31 -10.17
C PRO C 276 39.42 38.27 -11.07
N ALA C 277 38.55 37.30 -10.80
CA ALA C 277 37.36 37.12 -11.62
C ALA C 277 36.26 38.08 -11.20
N ASP C 278 35.57 38.62 -12.19
CA ASP C 278 34.41 39.49 -11.97
C ASP C 278 33.24 38.61 -11.58
N ILE C 279 32.76 38.75 -10.34
CA ILE C 279 31.69 37.89 -9.86
C ILE C 279 30.36 38.32 -10.45
N SER C 280 30.27 39.55 -10.95
CA SER C 280 29.05 40.06 -11.56
C SER C 280 29.08 39.95 -13.08
N ALA C 281 30.00 39.19 -13.64
CA ALA C 281 30.08 39.08 -15.09
C ALA C 281 29.01 38.16 -15.63
N ARG C 282 28.59 38.42 -16.86
CA ARG C 282 27.50 37.68 -17.47
C ARG C 282 27.90 37.24 -18.87
N ASP C 283 27.21 36.21 -19.35
CA ASP C 283 27.47 35.64 -20.67
C ASP C 283 26.60 36.31 -21.73
N SER C 284 26.52 35.70 -22.91
CA SER C 284 25.68 36.24 -23.98
C SER C 284 24.20 36.15 -23.62
N VAL C 285 23.83 35.14 -22.83
CA VAL C 285 22.47 35.04 -22.33
C VAL C 285 22.18 36.12 -21.29
N GLY C 286 23.20 36.58 -20.59
CA GLY C 286 23.04 37.50 -19.49
C GLY C 286 23.13 36.83 -18.13
N ASN C 287 23.30 35.52 -18.10
CA ASN C 287 23.38 34.79 -16.84
C ASN C 287 24.68 35.09 -16.14
N THR C 288 24.60 35.47 -14.86
CA THR C 288 25.78 35.59 -14.02
C THR C 288 26.07 34.23 -13.41
N VAL C 289 26.90 34.21 -12.37
CA VAL C 289 27.29 32.94 -11.77
C VAL C 289 26.13 32.31 -11.02
N LEU C 290 25.29 33.15 -10.39
CA LEU C 290 24.17 32.62 -9.62
C LEU C 290 23.03 32.17 -10.52
N HIS C 291 22.89 32.81 -11.68
CA HIS C 291 21.89 32.35 -12.65
C HIS C 291 22.28 31.00 -13.24
N ALA C 292 23.58 30.79 -13.44
CA ALA C 292 24.05 29.56 -14.07
C ALA C 292 23.92 28.39 -13.11
N LEU C 293 24.03 28.65 -11.81
CA LEU C 293 23.78 27.59 -10.83
C LEU C 293 22.32 27.18 -10.81
N VAL C 294 21.42 28.10 -11.16
CA VAL C 294 20.01 27.77 -11.23
C VAL C 294 19.73 26.88 -12.42
N GLU C 295 20.21 27.26 -13.61
CA GLU C 295 19.91 26.50 -14.82
C GLU C 295 20.71 25.21 -14.92
N VAL C 296 21.62 24.97 -13.97
CA VAL C 296 22.32 23.70 -13.90
C VAL C 296 21.54 22.67 -13.09
N ALA C 297 20.94 23.11 -11.99
CA ALA C 297 20.27 22.20 -11.07
C ALA C 297 19.00 21.62 -11.68
N ASP C 298 18.86 20.29 -11.60
CA ASP C 298 17.72 19.61 -12.16
C ASP C 298 16.91 18.83 -11.13
N ASN C 299 16.77 19.37 -9.92
CA ASN C 299 15.85 18.96 -8.86
C ASN C 299 16.14 17.60 -8.24
N THR C 300 17.18 16.88 -8.66
CA THR C 300 17.49 15.61 -8.04
C THR C 300 18.18 15.84 -6.69
N ALA C 301 18.30 14.77 -5.92
CA ALA C 301 18.73 14.90 -4.54
C ALA C 301 20.22 15.21 -4.44
N ASP C 302 21.00 14.73 -5.39
CA ASP C 302 22.44 15.01 -5.36
C ASP C 302 22.75 16.37 -5.97
N ASN C 303 21.96 16.78 -6.98
CA ASN C 303 22.23 18.03 -7.65
C ASN C 303 21.80 19.22 -6.79
N THR C 304 20.72 19.05 -6.02
CA THR C 304 20.26 20.10 -5.13
C THR C 304 21.26 20.35 -4.01
N LYS C 305 21.98 19.30 -3.61
CA LYS C 305 22.81 19.37 -2.41
C LYS C 305 24.01 20.30 -2.58
N PHE C 306 24.67 20.25 -3.74
CA PHE C 306 25.88 21.05 -3.88
C PHE C 306 25.59 22.39 -4.53
N VAL C 307 24.54 22.46 -5.36
CA VAL C 307 24.18 23.72 -6.01
C VAL C 307 23.77 24.75 -4.98
N THR C 308 22.96 24.35 -4.01
CA THR C 308 22.60 25.25 -2.93
C THR C 308 23.76 25.45 -1.96
N SER C 309 24.71 24.52 -1.96
CA SER C 309 25.95 24.74 -1.22
C SER C 309 26.86 25.71 -1.96
N MET C 310 26.92 25.59 -3.29
CA MET C 310 27.73 26.51 -4.07
C MET C 310 27.06 27.88 -4.17
N TYR C 311 25.74 27.92 -4.15
CA TYR C 311 25.02 29.20 -4.16
C TYR C 311 25.28 29.96 -2.88
N ASN C 312 25.49 29.25 -1.77
CA ASN C 312 25.80 29.90 -0.51
C ASN C 312 27.21 30.48 -0.54
N GLU C 313 28.18 29.70 -1.01
CA GLU C 313 29.58 30.10 -0.88
C GLU C 313 29.93 31.26 -1.78
N ILE C 314 29.17 31.44 -2.87
CA ILE C 314 29.44 32.54 -3.77
C ILE C 314 28.79 33.82 -3.24
N LEU C 315 27.66 33.70 -2.55
CA LEU C 315 27.10 34.86 -1.85
C LEU C 315 28.00 35.33 -0.73
N ILE C 316 28.56 34.38 0.04
CA ILE C 316 29.46 34.72 1.13
C ILE C 316 30.74 35.34 0.58
N LEU C 317 31.25 34.80 -0.52
CA LEU C 317 32.37 35.43 -1.20
C LEU C 317 31.95 36.73 -1.85
N GLY C 318 30.68 36.82 -2.28
CA GLY C 318 30.19 38.05 -2.89
C GLY C 318 30.03 39.18 -1.88
N ALA C 319 29.93 38.84 -0.59
CA ALA C 319 29.86 39.87 0.43
C ALA C 319 31.25 40.26 0.92
N LYS C 320 32.18 39.29 0.97
CA LYS C 320 33.50 39.56 1.52
C LYS C 320 34.36 40.32 0.52
N LEU C 321 34.24 40.02 -0.77
CA LEU C 321 35.04 40.68 -1.79
C LEU C 321 34.65 42.14 -1.97
N HIS C 322 33.38 42.42 -2.26
CA HIS C 322 32.85 43.77 -2.21
C HIS C 322 31.39 43.75 -1.77
N PRO C 323 31.09 44.29 -0.58
CA PRO C 323 29.74 44.11 -0.02
C PRO C 323 28.71 45.05 -0.58
N THR C 324 29.13 46.05 -1.36
CA THR C 324 28.19 47.06 -1.84
C THR C 324 27.31 46.53 -2.97
N LEU C 325 27.71 45.40 -3.58
CA LEU C 325 26.94 44.86 -4.68
C LEU C 325 26.08 43.70 -4.24
N LYS C 326 24.77 43.83 -4.46
CA LYS C 326 23.80 42.79 -4.14
C LYS C 326 23.69 41.89 -5.35
N LEU C 327 24.11 40.63 -5.18
CA LEU C 327 24.27 39.74 -6.33
C LEU C 327 22.93 39.23 -6.85
N GLU C 328 21.91 39.18 -6.00
CA GLU C 328 20.65 38.59 -6.41
C GLU C 328 19.76 39.61 -7.10
N GLU C 329 20.19 40.87 -7.16
CA GLU C 329 19.42 41.86 -7.89
C GLU C 329 19.81 41.89 -9.36
N LEU C 330 20.89 41.20 -9.72
CA LEU C 330 21.36 41.22 -11.10
C LEU C 330 20.46 40.37 -11.98
N ILE C 331 20.03 40.94 -13.09
CA ILE C 331 19.11 40.28 -14.00
C ILE C 331 19.84 39.86 -15.26
N ASN C 332 19.30 38.85 -15.93
CA ASN C 332 19.78 38.45 -17.24
C ASN C 332 19.02 39.21 -18.32
N LYS C 333 19.17 38.78 -19.57
CA LYS C 333 18.52 39.49 -20.66
C LYS C 333 17.05 39.15 -20.78
N LYS C 334 16.56 38.18 -19.98
CA LYS C 334 15.13 37.98 -19.84
C LYS C 334 14.55 38.72 -18.64
N GLY C 335 15.34 39.56 -17.98
CA GLY C 335 14.87 40.33 -16.84
C GLY C 335 14.62 39.52 -15.59
N LEU C 336 15.17 38.33 -15.47
CA LEU C 336 14.90 37.44 -14.34
C LEU C 336 16.04 37.55 -13.35
N THR C 337 15.69 37.61 -12.06
CA THR C 337 16.66 37.54 -10.98
C THR C 337 17.00 36.07 -10.75
N PRO C 338 18.03 35.71 -9.95
CA PRO C 338 18.28 34.28 -9.73
C PRO C 338 17.20 33.56 -8.95
N LEU C 339 16.40 34.31 -8.18
CA LEU C 339 15.27 33.70 -7.51
C LEU C 339 14.07 33.61 -8.45
N ALA C 340 13.91 34.59 -9.33
CA ALA C 340 12.82 34.51 -10.30
C ALA C 340 13.10 33.49 -11.38
N LEU C 341 14.39 33.21 -11.64
CA LEU C 341 14.74 32.18 -12.61
C LEU C 341 14.45 30.79 -12.07
N ALA C 342 14.62 30.60 -10.76
CA ALA C 342 14.32 29.31 -10.15
C ALA C 342 12.83 29.05 -10.11
N ALA C 343 12.03 30.11 -10.10
CA ALA C 343 10.58 29.95 -10.13
C ALA C 343 10.07 29.86 -11.57
N SER C 344 10.75 30.51 -12.51
CA SER C 344 10.32 30.48 -13.90
C SER C 344 10.53 29.10 -14.50
N SER C 345 11.63 28.46 -14.14
CA SER C 345 11.81 27.05 -14.45
C SER C 345 11.32 26.26 -13.24
N GLY C 346 11.52 24.95 -13.25
CA GLY C 346 10.99 24.14 -12.18
C GLY C 346 11.99 23.79 -11.11
N LYS C 347 12.91 24.70 -10.82
CA LYS C 347 13.98 24.40 -9.89
C LYS C 347 13.50 24.60 -8.47
N ILE C 348 12.85 23.57 -7.91
CA ILE C 348 12.24 23.70 -6.59
C ILE C 348 13.29 23.66 -5.49
N GLY C 349 14.35 22.89 -5.69
CA GLY C 349 15.35 22.75 -4.63
C GLY C 349 16.18 24.00 -4.45
N VAL C 350 16.40 24.74 -5.53
CA VAL C 350 17.03 26.05 -5.42
C VAL C 350 16.03 27.05 -4.84
N LEU C 351 14.75 26.90 -5.19
CA LEU C 351 13.70 27.78 -4.66
C LEU C 351 13.50 27.56 -3.17
N ALA C 352 13.55 26.30 -2.73
CA ALA C 352 13.36 26.01 -1.30
C ALA C 352 14.54 26.50 -0.48
N TYR C 353 15.69 26.67 -1.11
CA TYR C 353 16.88 27.10 -0.37
C TYR C 353 16.92 28.61 -0.22
N ILE C 354 16.61 29.35 -1.28
CA ILE C 354 16.75 30.80 -1.26
C ILE C 354 15.73 31.41 -0.32
N LEU C 355 14.50 30.90 -0.35
CA LEU C 355 13.43 31.48 0.47
C LEU C 355 13.63 31.16 1.96
N GLN C 356 14.47 30.18 2.26
CA GLN C 356 14.67 29.76 3.65
C GLN C 356 16.13 29.92 4.04
N ARG C 357 16.84 30.85 3.40
CA ARG C 357 18.29 30.93 3.53
C ARG C 357 18.65 31.61 4.84
N GLU C 358 19.31 30.86 5.73
CA GLU C 358 19.88 31.38 6.96
C GLU C 358 21.39 31.31 6.84
N ILE C 359 22.07 32.45 7.00
CA ILE C 359 23.52 32.49 6.97
C ILE C 359 23.99 32.96 8.33
N GLN C 360 24.81 32.14 9.00
CA GLN C 360 25.11 32.36 10.40
C GLN C 360 26.29 33.31 10.59
N GLU C 361 27.12 33.46 9.56
CA GLU C 361 28.38 34.19 9.72
C GLU C 361 28.12 35.69 9.82
N PRO C 362 28.71 36.38 10.79
CA PRO C 362 28.65 37.83 10.80
C PRO C 362 29.44 38.42 9.64
N GLU C 363 28.97 39.60 9.19
CA GLU C 363 29.23 40.33 7.95
C GLU C 363 28.50 39.66 6.77
N CYS C 364 27.92 38.48 6.95
CA CYS C 364 27.10 37.82 5.95
C CYS C 364 25.71 37.52 6.46
N ARG C 365 25.29 38.11 7.59
CA ARG C 365 23.96 37.86 8.11
C ARG C 365 22.90 38.57 7.27
N HIS C 366 23.29 39.66 6.60
CA HIS C 366 22.34 40.43 5.81
C HIS C 366 21.92 39.71 4.53
N LEU C 367 22.67 38.68 4.15
CA LEU C 367 22.31 37.91 2.96
C LEU C 367 21.26 36.85 3.27
N SER C 368 20.90 36.70 4.53
CA SER C 368 19.88 35.72 4.90
C SER C 368 18.51 36.20 4.46
N ARG C 369 17.66 35.25 4.08
CA ARG C 369 16.28 35.54 3.77
C ARG C 369 15.34 35.00 4.84
N LYS C 370 15.84 34.17 5.75
CA LYS C 370 15.08 33.73 6.92
C LYS C 370 15.79 34.21 8.17
N PHE C 371 15.05 34.89 9.04
CA PHE C 371 15.58 35.35 10.32
C PHE C 371 14.70 34.83 11.43
N THR C 372 15.18 34.92 12.66
CA THR C 372 14.37 34.71 13.85
C THR C 372 14.40 35.98 14.69
N GLU C 373 13.22 36.46 15.09
CA GLU C 373 13.21 37.74 15.81
C GLU C 373 13.22 37.53 17.32
N TRP C 374 12.69 36.41 17.80
CA TRP C 374 12.84 36.09 19.22
C TRP C 374 12.78 34.58 19.38
N ALA C 375 13.26 34.12 20.53
CA ALA C 375 13.29 32.70 20.86
C ALA C 375 13.23 32.56 22.36
N TYR C 376 12.05 32.19 22.87
CA TYR C 376 11.86 32.04 24.31
C TYR C 376 11.71 30.56 24.61
N GLY C 377 12.84 29.90 24.89
CA GLY C 377 12.83 28.49 25.20
C GLY C 377 12.52 27.63 24.00
N PRO C 378 11.37 26.96 24.02
CA PRO C 378 10.98 26.11 22.89
C PRO C 378 10.42 26.86 21.71
N VAL C 379 9.73 27.97 21.94
CA VAL C 379 9.01 28.68 20.89
C VAL C 379 9.91 29.77 20.34
N HIS C 380 10.03 29.83 19.02
CA HIS C 380 10.77 30.89 18.35
C HIS C 380 10.00 31.34 17.13
N SER C 381 10.14 32.62 16.79
CA SER C 381 9.34 33.24 15.75
C SER C 381 10.23 33.58 14.56
N SER C 382 9.96 32.94 13.42
CA SER C 382 10.78 33.08 12.23
C SER C 382 10.24 34.17 11.35
N LEU C 383 11.13 34.90 10.69
CA LEU C 383 10.78 35.94 9.74
C LEU C 383 11.33 35.57 8.37
N TYR C 384 10.44 35.48 7.40
CA TYR C 384 10.82 35.22 6.02
C TYR C 384 10.77 36.51 5.24
N ASP C 385 11.89 36.87 4.63
CA ASP C 385 11.96 38.09 3.84
C ASP C 385 11.12 37.95 2.57
N LEU C 386 10.50 39.06 2.18
CA LEU C 386 9.59 39.13 1.04
C LEU C 386 10.02 40.22 0.08
N SER C 387 11.30 40.21 -0.31
CA SER C 387 11.88 41.29 -1.10
C SER C 387 11.32 41.33 -2.52
N CYS C 388 11.58 40.29 -3.31
CA CYS C 388 11.07 40.30 -4.68
C CYS C 388 9.73 39.59 -4.81
N ILE C 389 9.39 38.72 -3.86
CA ILE C 389 8.10 38.04 -3.82
C ILE C 389 7.08 39.00 -3.21
N ASP C 390 5.80 38.57 -3.14
CA ASP C 390 4.61 39.26 -2.58
C ASP C 390 4.09 40.33 -3.55
N THR C 391 4.17 40.10 -4.85
CA THR C 391 3.31 40.62 -5.92
C THR C 391 3.54 42.13 -6.17
N CYS C 392 4.28 42.82 -5.30
CA CYS C 392 4.47 44.26 -5.48
C CYS C 392 5.52 44.53 -6.54
N GLU C 393 6.41 43.57 -6.79
CA GLU C 393 7.42 43.73 -7.82
C GLU C 393 6.87 43.27 -9.17
N LYS C 394 7.77 43.23 -10.15
CA LYS C 394 7.35 42.92 -11.51
C LYS C 394 7.45 41.43 -11.80
N ASN C 395 8.55 40.81 -11.39
CA ASN C 395 8.78 39.38 -11.58
C ASN C 395 8.70 38.62 -10.26
N SER C 396 7.70 38.96 -9.44
CA SER C 396 7.46 38.31 -8.16
C SER C 396 7.23 36.82 -8.32
N VAL C 397 7.96 36.01 -7.52
CA VAL C 397 8.03 34.58 -7.80
C VAL C 397 6.73 33.90 -7.44
N LEU C 398 5.90 34.55 -6.62
CA LEU C 398 4.57 34.03 -6.37
C LEU C 398 3.70 34.21 -7.61
N GLU C 399 3.92 35.29 -8.34
CA GLU C 399 3.21 35.51 -9.60
C GLU C 399 3.82 34.68 -10.71
N VAL C 400 5.13 34.45 -10.66
CA VAL C 400 5.83 33.70 -11.69
C VAL C 400 5.45 32.23 -11.66
N ILE C 401 5.31 31.65 -10.46
CA ILE C 401 4.91 30.26 -10.32
C ILE C 401 3.48 30.04 -10.78
N ALA C 402 2.56 30.88 -10.31
CA ALA C 402 1.14 30.63 -10.55
C ALA C 402 0.75 30.93 -11.98
N TYR C 403 1.49 31.81 -12.65
CA TYR C 403 1.20 32.13 -14.04
C TYR C 403 2.14 31.43 -15.01
N SER C 404 2.62 30.24 -14.64
CA SER C 404 3.49 29.49 -15.55
C SER C 404 2.69 28.84 -16.66
N SER C 405 3.40 28.33 -17.66
CA SER C 405 2.77 27.86 -18.89
C SER C 405 2.62 26.35 -18.95
N SER C 406 2.76 25.64 -17.83
CA SER C 406 2.57 24.22 -17.59
C SER C 406 3.60 23.33 -18.29
N GLU C 407 4.51 23.89 -19.08
CA GLU C 407 5.66 23.14 -19.53
C GLU C 407 6.77 23.12 -18.49
N THR C 408 6.67 23.99 -17.49
CA THR C 408 7.67 24.04 -16.44
C THR C 408 7.31 23.01 -15.38
N PRO C 409 8.26 22.20 -14.91
CA PRO C 409 7.93 21.18 -13.93
C PRO C 409 7.67 21.77 -12.55
N ASN C 410 7.06 20.94 -11.70
CA ASN C 410 6.93 21.18 -10.25
C ASN C 410 6.15 22.45 -9.92
N ARG C 411 5.17 22.80 -10.75
CA ARG C 411 4.38 23.99 -10.49
C ARG C 411 3.53 23.81 -9.24
N HIS C 412 2.98 22.62 -9.06
CA HIS C 412 2.10 22.37 -7.92
C HIS C 412 2.91 22.18 -6.65
N ASP C 413 4.20 21.89 -6.78
CA ASP C 413 5.01 21.61 -5.61
C ASP C 413 5.78 22.85 -5.16
N MET C 414 5.94 23.85 -6.03
CA MET C 414 6.71 25.04 -5.65
C MET C 414 5.93 25.93 -4.68
N LEU C 415 4.61 25.73 -4.56
CA LEU C 415 3.87 26.51 -3.59
C LEU C 415 3.85 25.83 -2.22
N LEU C 416 4.53 24.70 -2.10
CA LEU C 416 4.59 24.01 -0.82
C LEU C 416 5.85 24.33 -0.03
N VAL C 417 6.71 25.21 -0.55
CA VAL C 417 7.83 25.67 0.26
C VAL C 417 7.28 26.62 1.34
N GLU C 418 8.01 26.73 2.44
CA GLU C 418 7.42 27.22 3.68
C GLU C 418 7.02 28.71 3.68
N PRO C 419 7.68 29.63 2.96
CA PRO C 419 7.05 30.96 2.82
C PRO C 419 5.79 30.95 1.98
N LEU C 420 5.80 30.29 0.83
CA LEU C 420 4.76 30.53 -0.17
C LEU C 420 3.44 29.86 0.20
N ASN C 421 3.48 28.87 1.09
CA ASN C 421 2.25 28.24 1.52
C ASN C 421 1.51 29.13 2.52
N ARG C 422 2.23 29.64 3.51
CA ARG C 422 1.61 30.46 4.54
C ARG C 422 1.33 31.86 4.04
N LEU C 423 2.01 32.27 2.97
CA LEU C 423 1.77 33.59 2.39
C LEU C 423 0.42 33.62 1.68
N LEU C 424 0.14 32.58 0.90
CA LEU C 424 -1.13 32.50 0.20
C LEU C 424 -2.29 32.20 1.14
N GLN C 425 -2.05 31.39 2.17
CA GLN C 425 -3.10 31.05 3.11
C GLN C 425 -3.53 32.26 3.93
N ASP C 426 -2.56 33.12 4.28
CA ASP C 426 -2.94 34.31 5.03
C ASP C 426 -3.28 35.47 4.09
N LYS C 427 -2.99 35.32 2.80
CA LYS C 427 -3.67 36.17 1.82
C LYS C 427 -5.08 35.68 1.56
N TRP C 428 -5.37 34.42 1.87
CA TRP C 428 -6.72 33.95 1.71
C TRP C 428 -7.58 34.32 2.91
N ASP C 429 -7.02 34.18 4.12
CA ASP C 429 -7.81 34.32 5.34
C ASP C 429 -8.25 35.76 5.59
N ARG C 430 -7.63 36.71 4.91
CA ARG C 430 -8.08 38.09 4.96
C ARG C 430 -7.92 38.71 3.58
N PHE C 431 -8.83 39.60 3.23
CA PHE C 431 -9.04 40.40 2.02
C PHE C 431 -9.27 39.60 0.72
N VAL C 432 -9.29 38.27 0.75
CA VAL C 432 -9.58 37.58 -0.51
C VAL C 432 -10.81 36.67 -0.37
N LYS C 433 -10.93 35.94 0.74
CA LYS C 433 -12.04 35.00 0.87
C LYS C 433 -13.37 35.73 1.02
N ARG C 434 -13.35 36.98 1.45
CA ARG C 434 -14.58 37.76 1.44
C ARG C 434 -14.85 38.32 0.05
N ILE C 435 -13.80 38.49 -0.75
CA ILE C 435 -13.99 38.91 -2.13
C ILE C 435 -14.40 37.72 -2.98
N PHE C 436 -13.86 36.55 -2.67
CA PHE C 436 -14.21 35.36 -3.43
C PHE C 436 -15.61 34.87 -3.10
N TYR C 437 -16.03 34.99 -1.84
CA TYR C 437 -17.40 34.60 -1.50
C TYR C 437 -18.40 35.62 -2.03
N PHE C 438 -17.95 36.84 -2.29
CA PHE C 438 -18.81 37.80 -2.95
C PHE C 438 -18.95 37.47 -4.43
N ASN C 439 -17.87 37.00 -5.06
CA ASN C 439 -17.94 36.63 -6.47
C ASN C 439 -18.77 35.36 -6.66
N PHE C 440 -18.77 34.49 -5.67
CA PHE C 440 -19.62 33.31 -5.70
C PHE C 440 -21.05 33.66 -5.32
N PHE C 441 -21.26 34.78 -4.63
CA PHE C 441 -22.62 35.20 -4.35
C PHE C 441 -23.25 35.88 -5.56
N VAL C 442 -22.46 36.64 -6.31
CA VAL C 442 -23.02 37.32 -7.48
C VAL C 442 -23.26 36.31 -8.60
N TYR C 443 -22.39 35.31 -8.74
CA TYR C 443 -22.55 34.34 -9.81
C TYR C 443 -23.73 33.42 -9.56
N CYS C 444 -24.06 33.16 -8.30
CA CYS C 444 -25.31 32.48 -8.01
C CYS C 444 -26.50 33.38 -8.30
N LEU C 445 -26.38 34.67 -7.99
CA LEU C 445 -27.44 35.61 -8.34
C LEU C 445 -27.47 35.89 -9.84
N TYR C 446 -26.36 35.68 -10.53
CA TYR C 446 -26.39 35.82 -11.98
C TYR C 446 -27.13 34.65 -12.62
N MET C 447 -26.91 33.44 -12.11
CA MET C 447 -27.51 32.27 -12.75
C MET C 447 -28.97 32.12 -12.36
N ILE C 448 -29.37 32.61 -11.19
CA ILE C 448 -30.78 32.60 -10.82
C ILE C 448 -31.57 33.57 -11.68
N VAL C 449 -30.98 34.72 -12.00
CA VAL C 449 -31.62 35.66 -12.92
C VAL C 449 -31.68 35.09 -14.33
N PHE C 450 -30.59 34.47 -14.77
CA PHE C 450 -30.54 33.95 -16.14
C PHE C 450 -31.36 32.66 -16.27
N THR C 451 -31.59 31.94 -15.17
CA THR C 451 -32.55 30.85 -15.19
C THR C 451 -33.97 31.38 -15.36
N THR C 452 -34.34 32.38 -14.55
CA THR C 452 -35.71 32.83 -14.50
C THR C 452 -36.07 33.63 -15.75
N ALA C 453 -35.09 34.31 -16.34
CA ALA C 453 -35.35 35.03 -17.58
C ALA C 453 -35.47 34.08 -18.76
N ALA C 454 -34.92 32.87 -18.64
CA ALA C 454 -35.00 31.91 -19.73
C ALA C 454 -36.12 30.91 -19.51
N TYR C 455 -36.48 30.66 -18.25
CA TYR C 455 -37.63 29.82 -17.94
C TYR C 455 -38.91 30.47 -18.43
N TYR C 456 -39.03 31.78 -18.22
CA TYR C 456 -40.19 32.55 -18.62
C TYR C 456 -40.00 33.27 -19.93
N ARG C 457 -39.30 32.64 -20.88
CA ARG C 457 -39.07 33.26 -22.18
C ARG C 457 -40.39 33.34 -22.95
N PRO C 458 -40.54 34.32 -23.84
CA PRO C 458 -41.75 34.38 -24.66
C PRO C 458 -41.77 33.24 -25.66
N VAL C 459 -42.99 32.86 -26.04
CA VAL C 459 -43.21 31.68 -26.86
C VAL C 459 -44.08 31.98 -28.07
N ASP C 460 -44.56 33.22 -28.19
CA ASP C 460 -45.65 33.53 -29.11
C ASP C 460 -45.20 33.50 -30.57
N GLY C 461 -44.00 33.99 -30.85
CA GLY C 461 -43.59 34.08 -32.24
C GLY C 461 -42.12 34.36 -32.49
N LEU C 462 -41.86 35.24 -33.46
CA LEU C 462 -40.51 35.59 -33.88
C LEU C 462 -39.75 36.31 -32.77
N PRO C 463 -38.44 36.10 -32.67
CA PRO C 463 -37.70 36.42 -31.43
C PRO C 463 -37.59 37.90 -31.08
N PRO C 464 -37.74 38.89 -31.98
CA PRO C 464 -38.00 40.22 -31.44
C PRO C 464 -39.43 40.32 -30.91
N TYR C 465 -39.55 40.27 -29.58
CA TYR C 465 -40.84 40.23 -28.92
C TYR C 465 -41.19 41.62 -28.40
N LYS C 466 -42.46 42.00 -28.59
CA LYS C 466 -42.93 43.29 -28.12
C LYS C 466 -43.03 43.31 -26.61
N LEU C 467 -42.66 44.44 -26.01
CA LEU C 467 -42.69 44.61 -24.57
C LEU C 467 -44.12 44.94 -24.17
N LYS C 468 -44.84 43.94 -23.66
CA LYS C 468 -46.17 44.18 -23.14
C LYS C 468 -46.09 44.88 -21.79
N ASN C 469 -46.95 45.87 -21.59
CA ASN C 469 -46.90 46.74 -20.42
C ASN C 469 -47.51 46.05 -19.19
N THR C 470 -46.83 44.98 -18.75
CA THR C 470 -47.17 44.28 -17.52
C THR C 470 -45.99 44.33 -16.59
N VAL C 471 -46.22 43.99 -15.32
CA VAL C 471 -45.14 43.98 -14.35
C VAL C 471 -44.27 42.74 -14.55
N GLY C 472 -44.84 41.70 -15.16
CA GLY C 472 -44.06 40.49 -15.41
C GLY C 472 -43.09 40.65 -16.55
N ASP C 473 -43.54 41.29 -17.64
CA ASP C 473 -42.66 41.45 -18.80
C ASP C 473 -41.65 42.56 -18.58
N TYR C 474 -41.89 43.43 -17.59
CA TYR C 474 -40.86 44.36 -17.17
C TYR C 474 -39.75 43.63 -16.43
N PHE C 475 -40.12 42.70 -15.55
CA PHE C 475 -39.12 41.90 -14.84
C PHE C 475 -38.44 40.91 -15.78
N ARG C 476 -39.14 40.47 -16.83
CA ARG C 476 -38.57 39.49 -17.75
C ARG C 476 -37.48 40.13 -18.60
N VAL C 477 -37.71 41.36 -19.09
CA VAL C 477 -36.71 42.01 -19.91
C VAL C 477 -35.62 42.60 -19.04
N THR C 478 -35.91 42.82 -17.75
CA THR C 478 -34.85 43.21 -16.81
C THR C 478 -33.90 42.03 -16.58
N GLY C 479 -34.45 40.83 -16.50
CA GLY C 479 -33.60 39.65 -16.32
C GLY C 479 -32.82 39.31 -17.57
N GLU C 480 -33.32 39.72 -18.74
CA GLU C 480 -32.58 39.46 -19.97
C GLU C 480 -31.45 40.46 -20.16
N ILE C 481 -31.66 41.71 -19.75
CA ILE C 481 -30.59 42.70 -19.82
C ILE C 481 -29.48 42.36 -18.82
N LEU C 482 -29.85 41.83 -17.66
CA LEU C 482 -28.85 41.39 -16.69
C LEU C 482 -28.17 40.10 -17.14
N SER C 483 -28.83 39.34 -18.02
CA SER C 483 -28.22 38.12 -18.51
C SER C 483 -27.18 38.40 -19.59
N VAL C 484 -27.50 39.34 -20.49
CA VAL C 484 -26.56 39.70 -21.56
C VAL C 484 -25.37 40.45 -20.99
N SER C 485 -25.61 41.30 -19.98
CA SER C 485 -24.53 42.09 -19.40
C SER C 485 -23.55 41.21 -18.64
N GLY C 486 -24.02 40.09 -18.11
CA GLY C 486 -23.09 39.09 -17.61
C GLY C 486 -22.39 38.36 -18.73
N GLY C 487 -23.08 38.15 -19.85
CA GLY C 487 -22.44 37.51 -20.99
C GLY C 487 -21.43 38.40 -21.67
N VAL C 488 -21.64 39.72 -21.60
CA VAL C 488 -20.61 40.66 -22.05
C VAL C 488 -19.43 40.63 -21.09
N TYR C 489 -19.72 40.46 -19.79
CA TYR C 489 -18.68 40.51 -18.78
C TYR C 489 -17.72 39.33 -18.88
N PHE C 490 -18.27 38.11 -18.99
CA PHE C 490 -17.38 36.95 -19.11
C PHE C 490 -16.72 36.89 -20.48
N PHE C 491 -17.29 37.60 -21.46
CA PHE C 491 -16.58 37.78 -22.73
C PHE C 491 -15.38 38.68 -22.54
N LEU C 492 -15.58 39.86 -21.94
CA LEU C 492 -14.49 40.82 -21.76
C LEU C 492 -13.47 40.32 -20.75
N ARG C 493 -13.89 39.50 -19.80
CA ARG C 493 -12.94 38.86 -18.91
C ARG C 493 -12.12 37.80 -19.63
N GLY C 494 -12.69 37.21 -20.69
CA GLY C 494 -11.94 36.24 -21.46
C GLY C 494 -11.04 36.88 -22.50
N ILE C 495 -11.43 38.06 -23.00
CA ILE C 495 -10.57 38.79 -23.93
C ILE C 495 -9.32 39.30 -23.22
N GLN C 496 -9.48 39.79 -21.99
CA GLN C 496 -8.33 40.31 -21.26
C GLN C 496 -7.44 39.18 -20.76
N TYR C 497 -7.96 37.96 -20.68
CA TYR C 497 -7.10 36.81 -20.42
C TYR C 497 -6.34 36.41 -21.66
N PHE C 498 -6.91 36.63 -22.84
CA PHE C 498 -6.27 36.16 -24.06
C PHE C 498 -5.28 37.19 -24.58
N LEU C 499 -5.56 38.47 -24.38
CA LEU C 499 -4.79 39.53 -25.01
C LEU C 499 -4.12 40.45 -24.01
N GLN C 500 -4.86 41.02 -23.05
CA GLN C 500 -4.29 42.07 -22.22
C GLN C 500 -3.35 41.51 -21.17
N ARG C 501 -3.86 40.65 -20.29
CA ARG C 501 -3.02 39.90 -19.37
C ARG C 501 -2.84 38.51 -19.93
N ARG C 502 -1.79 37.83 -19.47
CA ARG C 502 -1.53 36.42 -19.76
C ARG C 502 -1.46 36.08 -21.25
N PRO C 503 -0.38 36.43 -21.96
CA PRO C 503 -0.27 36.04 -23.37
C PRO C 503 -0.13 34.53 -23.49
N SER C 504 -1.19 33.89 -23.95
CA SER C 504 -1.34 32.45 -23.87
C SER C 504 -0.82 31.77 -25.13
N MET C 505 -0.17 30.63 -24.94
CA MET C 505 0.25 29.79 -26.06
C MET C 505 -0.89 28.87 -26.47
N LYS C 506 -0.65 28.09 -27.53
CA LYS C 506 -1.66 27.17 -28.02
C LYS C 506 -1.86 26.00 -27.08
N THR C 507 -0.80 25.60 -26.38
CA THR C 507 -0.95 24.55 -25.37
C THR C 507 -1.40 25.15 -24.03
N LEU C 508 -1.55 26.47 -23.97
CA LEU C 508 -2.05 27.08 -22.74
C LEU C 508 -3.57 27.19 -22.79
N PHE C 509 -4.16 27.07 -23.98
CA PHE C 509 -5.62 26.95 -24.06
C PHE C 509 -6.08 25.60 -23.56
N VAL C 510 -5.22 24.58 -23.66
CA VAL C 510 -5.55 23.30 -23.05
C VAL C 510 -4.89 23.17 -21.68
N ASP C 511 -4.39 24.29 -21.16
CA ASP C 511 -3.96 24.32 -19.76
C ASP C 511 -5.05 24.87 -18.87
N SER C 512 -5.49 26.10 -19.12
CA SER C 512 -6.53 26.75 -18.32
C SER C 512 -7.90 26.37 -18.87
N TYR C 513 -8.50 25.37 -18.22
CA TYR C 513 -9.79 24.88 -18.68
C TYR C 513 -10.91 25.77 -18.17
N SER C 514 -10.68 26.49 -17.07
CA SER C 514 -11.75 27.27 -16.48
C SER C 514 -12.04 28.52 -17.30
N GLU C 515 -11.00 29.18 -17.80
CA GLU C 515 -11.22 30.43 -18.51
C GLU C 515 -11.78 30.18 -19.89
N MET C 516 -11.49 29.01 -20.46
CA MET C 516 -12.18 28.59 -21.68
C MET C 516 -13.66 28.35 -21.42
N LEU C 517 -13.97 27.67 -20.32
CA LEU C 517 -15.37 27.30 -20.04
C LEU C 517 -16.23 28.52 -19.73
N PHE C 518 -15.65 29.56 -19.14
CA PHE C 518 -16.41 30.80 -18.97
C PHE C 518 -16.47 31.60 -20.26
N PHE C 519 -15.47 31.45 -21.12
CA PHE C 519 -15.49 32.18 -22.39
C PHE C 519 -16.43 31.51 -23.39
N VAL C 520 -16.43 30.18 -23.41
CA VAL C 520 -17.34 29.43 -24.29
C VAL C 520 -18.79 29.66 -23.86
N GLN C 521 -19.02 29.80 -22.56
CA GLN C 521 -20.35 30.18 -22.06
C GLN C 521 -20.78 31.55 -22.58
N SER C 522 -19.86 32.51 -22.59
CA SER C 522 -20.21 33.84 -23.08
C SER C 522 -20.35 33.87 -24.59
N LEU C 523 -19.75 32.89 -25.29
CA LEU C 523 -19.97 32.77 -26.72
C LEU C 523 -21.37 32.28 -27.01
N PHE C 524 -21.90 31.36 -26.19
CA PHE C 524 -23.27 30.93 -26.38
C PHE C 524 -24.25 32.02 -25.93
N MET C 525 -23.84 32.85 -24.96
CA MET C 525 -24.72 33.91 -24.51
C MET C 525 -24.75 35.07 -25.50
N LEU C 526 -23.58 35.47 -26.00
CA LEU C 526 -23.57 36.53 -27.02
C LEU C 526 -24.02 35.99 -28.37
N GLY C 527 -23.80 34.72 -28.63
CA GLY C 527 -24.33 34.11 -29.84
C GLY C 527 -25.84 33.99 -29.78
N SER C 528 -26.40 33.97 -28.58
CA SER C 528 -27.85 33.99 -28.44
C SER C 528 -28.42 35.34 -28.82
N VAL C 529 -27.69 36.42 -28.53
CA VAL C 529 -28.18 37.77 -28.82
C VAL C 529 -28.10 38.03 -30.32
N VAL C 530 -27.07 37.47 -30.98
CA VAL C 530 -26.96 37.61 -32.43
C VAL C 530 -28.08 36.85 -33.12
N LEU C 531 -28.41 35.66 -32.61
CA LEU C 531 -29.53 34.91 -33.16
C LEU C 531 -30.87 35.48 -32.71
N TYR C 532 -30.86 36.32 -31.68
CA TYR C 532 -32.10 36.93 -31.20
C TYR C 532 -32.61 37.97 -32.17
N PHE C 533 -31.74 38.91 -32.55
CA PHE C 533 -32.20 40.03 -33.37
C PHE C 533 -32.13 39.71 -34.85
N SER C 534 -31.70 38.50 -35.21
CA SER C 534 -31.62 38.13 -36.61
C SER C 534 -32.88 37.39 -37.05
N HIS C 535 -33.95 37.51 -36.25
CA HIS C 535 -35.27 36.93 -36.52
C HIS C 535 -35.20 35.42 -36.64
N ARG C 536 -34.37 34.80 -35.81
CA ARG C 536 -34.12 33.37 -35.85
C ARG C 536 -34.50 32.73 -34.53
N LYS C 537 -35.30 31.66 -34.58
CA LYS C 537 -35.69 30.95 -33.37
C LYS C 537 -34.60 30.06 -32.80
N GLU C 538 -33.39 30.10 -33.37
CA GLU C 538 -32.24 29.37 -32.87
C GLU C 538 -31.57 30.08 -31.70
N TYR C 539 -32.18 31.17 -31.21
CA TYR C 539 -31.64 31.84 -30.02
C TYR C 539 -31.81 30.96 -28.79
N VAL C 540 -32.84 30.13 -28.80
CA VAL C 540 -33.09 29.27 -27.65
C VAL C 540 -32.15 28.05 -27.70
N ALA C 541 -31.62 27.75 -28.88
CA ALA C 541 -30.68 26.64 -28.98
C ALA C 541 -29.31 27.02 -28.45
N SER C 542 -29.05 28.33 -28.34
CA SER C 542 -27.75 28.78 -27.85
C SER C 542 -27.84 29.28 -26.42
N MET C 543 -28.99 29.84 -26.05
CA MET C 543 -29.23 30.25 -24.66
C MET C 543 -29.24 29.05 -23.74
N VAL C 544 -29.74 27.91 -24.22
CA VAL C 544 -29.77 26.68 -23.46
C VAL C 544 -28.37 26.13 -23.22
N PHE C 545 -27.50 26.20 -24.24
CA PHE C 545 -26.12 25.77 -24.06
C PHE C 545 -25.37 26.71 -23.13
N SER C 546 -25.75 27.97 -23.08
CA SER C 546 -25.15 28.88 -22.11
C SER C 546 -25.70 28.63 -20.71
N LEU C 547 -26.89 28.03 -20.64
CA LEU C 547 -27.53 27.81 -19.35
C LEU C 547 -27.05 26.53 -18.70
N ALA C 548 -26.86 25.48 -19.49
CA ALA C 548 -26.34 24.23 -18.95
C ALA C 548 -24.86 24.36 -18.62
N MET C 549 -24.12 25.12 -19.43
CA MET C 549 -22.72 25.31 -19.15
C MET C 549 -22.52 26.33 -18.05
N GLY C 550 -23.51 27.21 -17.84
CA GLY C 550 -23.38 28.22 -16.83
C GLY C 550 -23.48 27.67 -15.42
N TRP C 551 -24.35 26.69 -15.22
CA TRP C 551 -24.40 26.02 -13.93
C TRP C 551 -23.28 25.02 -13.78
N THR C 552 -22.77 24.50 -14.89
CA THR C 552 -21.62 23.61 -14.83
C THR C 552 -20.37 24.38 -14.40
N ASN C 553 -20.34 25.68 -14.71
CA ASN C 553 -19.26 26.56 -14.27
C ASN C 553 -19.44 27.05 -12.85
N MET C 554 -20.46 26.57 -12.13
CA MET C 554 -20.50 26.78 -10.69
C MET C 554 -19.43 25.96 -9.99
N LEU C 555 -18.92 24.91 -10.65
CA LEU C 555 -17.80 24.14 -10.14
C LEU C 555 -16.47 24.89 -10.20
N TYR C 556 -16.43 26.09 -10.78
CA TYR C 556 -15.26 26.93 -10.57
C TYR C 556 -15.17 27.39 -9.14
N TYR C 557 -16.27 27.89 -8.60
CA TYR C 557 -16.23 28.55 -7.31
C TYR C 557 -16.21 27.58 -6.15
N THR C 558 -16.20 26.28 -6.42
CA THR C 558 -16.10 25.30 -5.35
C THR C 558 -14.65 25.12 -4.91
N ARG C 559 -13.71 25.76 -5.59
CA ARG C 559 -12.40 25.98 -5.02
C ARG C 559 -12.50 27.05 -3.94
N GLY C 560 -11.47 27.17 -3.13
CA GLY C 560 -11.53 28.00 -1.96
C GLY C 560 -12.19 27.35 -0.76
N PHE C 561 -13.09 26.40 -0.99
CA PHE C 561 -13.51 25.42 -0.01
C PHE C 561 -12.61 24.22 -0.25
N GLN C 562 -11.89 23.78 0.80
CA GLN C 562 -10.77 22.88 0.60
C GLN C 562 -11.23 21.49 0.18
N GLN C 563 -12.15 20.89 0.93
CA GLN C 563 -12.55 19.52 0.63
C GLN C 563 -13.46 19.46 -0.60
N MET C 564 -14.06 20.60 -0.95
CA MET C 564 -14.83 20.65 -2.19
C MET C 564 -13.94 21.00 -3.37
N GLY C 565 -12.89 21.79 -3.14
CA GLY C 565 -12.01 22.16 -4.24
C GLY C 565 -11.12 21.02 -4.68
N ILE C 566 -10.69 20.18 -3.75
CA ILE C 566 -9.96 18.96 -4.09
C ILE C 566 -10.88 18.00 -4.85
N TYR C 567 -12.17 18.03 -4.51
CA TYR C 567 -13.14 17.16 -5.17
C TYR C 567 -13.31 17.50 -6.64
N ALA C 568 -13.27 18.79 -6.99
CA ALA C 568 -13.48 19.18 -8.38
C ALA C 568 -12.21 19.10 -9.20
N VAL C 569 -11.05 19.16 -8.53
CA VAL C 569 -9.80 18.85 -9.23
C VAL C 569 -9.77 17.38 -9.60
N MET C 570 -10.31 16.53 -8.72
CA MET C 570 -10.42 15.12 -9.06
C MET C 570 -11.44 14.88 -10.16
N ILE C 571 -12.49 15.71 -10.24
CA ILE C 571 -13.45 15.62 -11.36
C ILE C 571 -12.76 15.96 -12.67
N GLU C 572 -11.88 16.97 -12.66
CA GLU C 572 -11.07 17.29 -13.83
C GLU C 572 -10.18 16.13 -14.23
N LYS C 573 -9.51 15.50 -13.26
CA LYS C 573 -8.59 14.44 -13.59
C LYS C 573 -9.32 13.13 -13.92
N MET C 574 -10.63 13.08 -13.68
CA MET C 574 -11.40 11.94 -14.17
C MET C 574 -11.88 12.17 -15.59
N ILE C 575 -12.16 13.43 -15.95
CA ILE C 575 -12.58 13.72 -17.30
C ILE C 575 -11.43 13.53 -18.27
N LEU C 576 -10.26 14.09 -17.94
CA LEU C 576 -9.13 14.10 -18.85
C LEU C 576 -8.43 12.75 -18.92
N ARG C 577 -8.35 12.03 -17.80
CA ARG C 577 -7.53 10.84 -17.76
C ARG C 577 -8.34 9.57 -17.93
N ASP C 578 -9.51 9.48 -17.29
CA ASP C 578 -10.29 8.25 -17.31
C ASP C 578 -11.53 8.31 -18.19
N LEU C 579 -12.13 9.48 -18.37
CA LEU C 579 -13.33 9.55 -19.19
C LEU C 579 -12.98 9.68 -20.66
N CYS C 580 -11.82 10.29 -20.97
CA CYS C 580 -11.38 10.37 -22.35
C CYS C 580 -10.94 9.00 -22.86
N ARG C 581 -10.28 8.22 -22.02
CA ARG C 581 -9.89 6.87 -22.42
C ARG C 581 -11.09 5.96 -22.49
N PHE C 582 -12.14 6.26 -21.72
CA PHE C 582 -13.36 5.48 -21.79
C PHE C 582 -14.15 5.82 -23.04
N MET C 583 -14.40 7.10 -23.28
CA MET C 583 -15.35 7.50 -24.32
C MET C 583 -14.76 7.37 -25.71
N PHE C 584 -13.47 7.04 -25.83
CA PHE C 584 -12.99 6.60 -27.14
C PHE C 584 -13.36 5.15 -27.38
N VAL C 585 -13.03 4.28 -26.43
CA VAL C 585 -13.25 2.85 -26.60
C VAL C 585 -14.74 2.52 -26.50
N TYR C 586 -15.49 3.35 -25.76
CA TYR C 586 -16.93 3.18 -25.72
C TYR C 586 -17.59 3.54 -27.03
N LEU C 587 -17.22 4.68 -27.62
CA LEU C 587 -17.85 5.10 -28.85
C LEU C 587 -17.39 4.27 -30.03
N VAL C 588 -16.23 3.63 -29.91
CA VAL C 588 -15.82 2.64 -30.90
C VAL C 588 -16.68 1.39 -30.79
N PHE C 589 -17.01 0.98 -29.56
CA PHE C 589 -17.90 -0.16 -29.38
C PHE C 589 -19.34 0.20 -29.68
N LEU C 590 -19.75 1.44 -29.39
CA LEU C 590 -21.13 1.82 -29.63
C LEU C 590 -21.41 1.96 -31.12
N PHE C 591 -20.52 2.65 -31.84
CA PHE C 591 -20.71 2.81 -33.27
C PHE C 591 -20.40 1.52 -34.01
N GLY C 592 -19.64 0.63 -33.38
CA GLY C 592 -19.32 -0.62 -34.03
C GLY C 592 -20.48 -1.60 -34.06
N PHE C 593 -21.12 -1.80 -32.90
CA PHE C 593 -22.21 -2.76 -32.85
C PHE C 593 -23.50 -2.18 -33.41
N SER C 594 -23.69 -0.86 -33.33
CA SER C 594 -24.90 -0.27 -33.89
C SER C 594 -24.85 -0.26 -35.41
N THR C 595 -23.66 -0.21 -35.98
CA THR C 595 -23.52 -0.43 -37.41
C THR C 595 -23.94 -1.84 -37.79
N ALA C 596 -23.61 -2.81 -36.93
CA ALA C 596 -23.93 -4.20 -37.24
C ALA C 596 -25.40 -4.51 -36.98
N VAL C 597 -26.08 -3.70 -36.17
CA VAL C 597 -27.49 -3.94 -35.91
C VAL C 597 -28.34 -3.35 -37.03
N VAL C 598 -27.97 -2.15 -37.51
CA VAL C 598 -28.70 -1.53 -38.62
C VAL C 598 -28.56 -2.36 -39.89
N THR C 599 -27.37 -2.93 -40.11
CA THR C 599 -27.12 -3.76 -41.27
C THR C 599 -28.00 -5.01 -41.25
N LEU C 600 -28.28 -5.54 -40.06
CA LEU C 600 -29.24 -6.62 -39.92
C LEU C 600 -30.66 -6.19 -40.24
N ILE C 601 -31.15 -5.15 -39.59
CA ILE C 601 -32.56 -4.86 -39.60
C ILE C 601 -32.94 -4.19 -40.92
N GLU C 602 -34.10 -4.57 -41.44
CA GLU C 602 -34.61 -4.05 -42.68
C GLU C 602 -35.73 -3.06 -42.41
N ASP C 603 -36.49 -2.75 -43.47
CA ASP C 603 -37.73 -2.03 -43.32
C ASP C 603 -38.82 -2.92 -42.71
N GLY C 604 -40.05 -2.42 -42.76
CA GLY C 604 -41.17 -3.15 -42.18
C GLY C 604 -41.43 -4.47 -42.88
N LYS C 605 -41.59 -4.44 -44.20
CA LYS C 605 -41.60 -5.61 -45.11
C LYS C 605 -42.85 -6.50 -44.93
N ASN C 606 -43.68 -6.24 -43.91
CA ASN C 606 -44.89 -7.00 -43.67
C ASN C 606 -46.13 -6.21 -44.02
N TYR C 607 -45.98 -5.03 -44.63
CA TYR C 607 -47.10 -4.19 -45.01
C TYR C 607 -47.75 -4.69 -46.29
N TRP C 618 -50.24 -5.32 -37.60
CA TRP C 618 -49.48 -6.52 -37.92
C TRP C 618 -48.80 -7.07 -36.68
N ARG C 619 -48.58 -6.20 -35.70
CA ARG C 619 -47.96 -6.59 -34.44
C ARG C 619 -48.59 -5.81 -33.31
N ALA C 620 -48.80 -6.49 -32.18
CA ALA C 620 -49.36 -5.86 -30.99
C ALA C 620 -48.39 -4.84 -30.43
N PRO C 621 -48.90 -3.67 -30.01
CA PRO C 621 -48.01 -2.57 -29.55
C PRO C 621 -47.42 -2.81 -28.17
N GLY C 622 -46.31 -3.53 -28.10
CA GLY C 622 -45.61 -3.65 -26.85
C GLY C 622 -44.84 -2.37 -26.59
N CYS C 623 -45.37 -1.55 -25.68
CA CYS C 623 -45.03 -0.15 -25.34
C CYS C 623 -45.38 0.82 -26.47
N ARG C 624 -45.85 0.32 -27.62
CA ARG C 624 -46.09 1.10 -28.83
C ARG C 624 -44.96 2.02 -29.29
N PRO C 625 -43.80 1.49 -29.70
CA PRO C 625 -43.02 2.16 -30.77
C PRO C 625 -43.09 1.43 -32.10
N PRO C 626 -44.17 1.54 -32.89
CA PRO C 626 -44.10 1.00 -34.25
C PRO C 626 -43.23 1.91 -35.09
N ASP C 627 -42.00 1.48 -35.35
CA ASP C 627 -40.98 2.41 -35.77
C ASP C 627 -40.10 1.79 -36.84
N SER C 628 -39.65 2.64 -37.76
CA SER C 628 -38.51 2.36 -38.61
C SER C 628 -37.25 2.59 -37.79
N TYR C 629 -36.66 1.49 -37.31
CA TYR C 629 -35.39 1.55 -36.61
C TYR C 629 -34.23 1.54 -37.58
N ASN C 630 -34.52 1.57 -38.86
CA ASN C 630 -33.62 1.48 -39.98
C ASN C 630 -32.66 2.69 -40.08
N SER C 631 -32.79 3.69 -39.21
CA SER C 631 -31.83 4.77 -39.10
C SER C 631 -30.66 4.32 -38.25
N LEU C 632 -29.47 4.86 -38.56
CA LEU C 632 -28.31 4.60 -37.72
C LEU C 632 -28.40 5.36 -36.42
N TYR C 633 -29.08 6.50 -36.42
CA TYR C 633 -29.20 7.31 -35.22
C TYR C 633 -30.09 6.64 -34.19
N SER C 634 -31.12 5.93 -34.64
CA SER C 634 -32.04 5.30 -33.71
C SER C 634 -31.38 4.14 -32.99
N THR C 635 -30.52 3.40 -33.69
CA THR C 635 -29.89 2.23 -33.08
C THR C 635 -28.76 2.64 -32.14
N CYS C 636 -27.99 3.66 -32.52
CA CYS C 636 -27.00 4.22 -31.61
C CYS C 636 -27.66 4.80 -30.36
N LEU C 637 -28.89 5.28 -30.50
CA LEU C 637 -29.65 5.71 -29.33
C LEU C 637 -30.16 4.53 -28.54
N GLU C 638 -30.46 3.41 -29.22
CA GLU C 638 -31.01 2.26 -28.50
C GLU C 638 -29.90 1.40 -27.91
N LEU C 639 -28.67 1.53 -28.38
CA LEU C 639 -27.58 0.84 -27.71
C LEU C 639 -26.97 1.69 -26.63
N PHE C 640 -27.22 3.00 -26.65
CA PHE C 640 -26.79 3.83 -25.54
C PHE C 640 -27.63 3.56 -24.31
N LYS C 641 -28.85 3.08 -24.50
CA LYS C 641 -29.75 2.85 -23.37
C LYS C 641 -29.32 1.63 -22.56
N PHE C 642 -28.54 0.73 -23.16
CA PHE C 642 -27.98 -0.37 -22.39
C PHE C 642 -26.95 0.14 -21.38
N THR C 643 -26.28 1.23 -21.71
CA THR C 643 -25.29 1.79 -20.81
C THR C 643 -25.96 2.47 -19.62
N ILE C 644 -27.10 3.13 -19.86
CA ILE C 644 -27.85 3.76 -18.78
C ILE C 644 -28.47 2.71 -17.88
N GLY C 645 -29.14 1.73 -18.45
CA GLY C 645 -29.88 0.76 -17.67
C GLY C 645 -31.29 0.68 -18.20
N MET C 646 -31.49 1.19 -19.41
CA MET C 646 -32.78 1.20 -20.08
C MET C 646 -32.70 0.51 -21.43
N GLY C 647 -31.77 -0.45 -21.57
CA GLY C 647 -31.62 -1.15 -22.82
C GLY C 647 -32.76 -2.12 -23.02
N ASP C 648 -33.41 -2.04 -24.18
CA ASP C 648 -34.67 -2.75 -24.35
C ASP C 648 -34.44 -4.23 -24.58
N LEU C 649 -33.42 -4.58 -25.39
CA LEU C 649 -32.91 -5.91 -25.76
C LEU C 649 -33.89 -6.65 -26.69
N GLU C 650 -35.08 -6.11 -26.91
CA GLU C 650 -35.99 -6.55 -27.95
C GLU C 650 -36.58 -5.34 -28.64
N PHE C 651 -35.74 -4.36 -28.96
CA PHE C 651 -36.25 -3.05 -29.34
C PHE C 651 -36.83 -3.05 -30.74
N THR C 652 -36.54 -4.08 -31.53
CA THR C 652 -37.17 -4.22 -32.83
C THR C 652 -37.37 -5.69 -33.14
N GLU C 653 -38.26 -5.96 -34.08
CA GLU C 653 -38.44 -7.29 -34.62
C GLU C 653 -38.28 -7.32 -36.12
N ASN C 654 -38.04 -6.17 -36.73
CA ASN C 654 -37.96 -6.07 -38.19
C ASN C 654 -36.57 -6.49 -38.65
N TYR C 655 -36.30 -7.77 -38.51
CA TYR C 655 -35.07 -8.34 -39.00
C TYR C 655 -35.32 -9.76 -39.47
N ASP C 656 -34.25 -10.41 -39.89
CA ASP C 656 -34.16 -11.85 -39.98
C ASP C 656 -33.07 -12.28 -39.04
N PHE C 657 -32.94 -13.60 -38.85
CA PHE C 657 -31.86 -14.26 -38.11
C PHE C 657 -31.80 -13.74 -36.67
N LYS C 658 -32.82 -14.13 -35.90
CA LYS C 658 -32.95 -13.68 -34.51
C LYS C 658 -31.75 -14.07 -33.67
N ALA C 659 -31.07 -15.14 -34.04
CA ALA C 659 -29.89 -15.58 -33.32
C ALA C 659 -28.76 -14.55 -33.41
N VAL C 660 -28.47 -14.05 -34.61
CA VAL C 660 -27.32 -13.15 -34.74
C VAL C 660 -27.68 -11.74 -34.30
N PHE C 661 -28.96 -11.49 -34.03
CA PHE C 661 -29.33 -10.19 -33.47
C PHE C 661 -29.08 -10.16 -31.98
N ILE C 662 -29.36 -11.28 -31.30
CA ILE C 662 -29.17 -11.33 -29.86
C ILE C 662 -27.69 -11.52 -29.53
N ILE C 663 -26.97 -12.26 -30.37
CA ILE C 663 -25.52 -12.44 -30.19
C ILE C 663 -24.80 -11.11 -30.34
N LEU C 664 -25.31 -10.22 -31.19
CA LEU C 664 -24.77 -8.87 -31.25
C LEU C 664 -25.07 -8.09 -29.98
N LEU C 665 -26.30 -8.19 -29.48
CA LEU C 665 -26.68 -7.44 -28.28
C LEU C 665 -25.99 -8.00 -27.05
N LEU C 666 -25.87 -9.32 -26.96
CA LEU C 666 -25.20 -9.91 -25.80
C LEU C 666 -23.71 -9.65 -25.82
N ALA C 667 -23.10 -9.64 -27.01
CA ALA C 667 -21.69 -9.26 -27.07
C ALA C 667 -21.50 -7.78 -26.84
N TYR C 668 -22.56 -6.99 -27.02
CA TYR C 668 -22.44 -5.57 -26.72
C TYR C 668 -22.57 -5.31 -25.23
N VAL C 669 -23.51 -5.99 -24.57
CA VAL C 669 -23.73 -5.76 -23.13
C VAL C 669 -22.56 -6.32 -22.33
N ILE C 670 -21.98 -7.43 -22.79
CA ILE C 670 -20.83 -8.00 -22.11
C ILE C 670 -19.60 -7.12 -22.31
N LEU C 671 -19.39 -6.61 -23.52
CA LEU C 671 -18.21 -5.79 -23.77
C LEU C 671 -18.33 -4.41 -23.15
N THR C 672 -19.51 -3.82 -23.16
CA THR C 672 -19.67 -2.45 -22.69
C THR C 672 -20.21 -2.36 -21.27
N TYR C 673 -21.38 -2.95 -21.01
CA TYR C 673 -21.98 -2.80 -19.69
C TYR C 673 -21.25 -3.63 -18.66
N ILE C 674 -21.01 -4.90 -18.95
CA ILE C 674 -20.38 -5.77 -17.95
C ILE C 674 -18.89 -5.47 -17.83
N LEU C 675 -18.19 -5.39 -18.96
CA LEU C 675 -16.77 -5.13 -18.93
C LEU C 675 -16.44 -3.65 -18.76
N LEU C 676 -16.86 -2.81 -19.70
CA LEU C 676 -16.20 -1.53 -19.88
C LEU C 676 -16.65 -0.50 -18.86
N LEU C 677 -17.92 -0.55 -18.44
CA LEU C 677 -18.37 0.35 -17.37
C LEU C 677 -17.80 -0.05 -16.03
N ASN C 678 -17.77 -1.35 -15.74
CA ASN C 678 -17.25 -1.80 -14.45
C ASN C 678 -15.74 -1.64 -14.40
N MET C 679 -15.10 -1.60 -15.56
CA MET C 679 -13.66 -1.31 -15.62
C MET C 679 -13.40 0.17 -15.40
N LEU C 680 -14.31 1.03 -15.85
CA LEU C 680 -14.19 2.46 -15.63
C LEU C 680 -14.21 2.79 -14.15
N ILE C 681 -15.03 2.08 -13.37
CA ILE C 681 -15.10 2.30 -11.94
C ILE C 681 -13.80 1.83 -11.27
N ALA C 682 -13.20 0.77 -11.80
CA ALA C 682 -11.94 0.29 -11.27
C ALA C 682 -10.79 1.21 -11.63
N LEU C 683 -10.83 1.79 -12.83
CA LEU C 683 -9.77 2.69 -13.25
C LEU C 683 -9.92 4.07 -12.61
N MET C 684 -11.15 4.46 -12.28
CA MET C 684 -11.31 5.62 -11.41
C MET C 684 -10.85 5.31 -10.01
N GLY C 685 -10.89 4.04 -9.62
CA GLY C 685 -10.39 3.67 -8.30
C GLY C 685 -8.88 3.81 -8.18
N GLU C 686 -8.15 3.48 -9.25
CA GLU C 686 -6.70 3.62 -9.23
C GLU C 686 -6.29 5.08 -9.23
N THR C 687 -7.00 5.90 -10.01
CA THR C 687 -6.59 7.28 -10.21
C THR C 687 -6.75 8.08 -8.93
N VAL C 688 -7.79 7.78 -8.16
CA VAL C 688 -8.02 8.43 -6.86
C VAL C 688 -6.86 8.15 -5.90
N ASN C 689 -6.33 6.92 -5.92
CA ASN C 689 -5.22 6.58 -5.05
C ASN C 689 -3.93 7.31 -5.45
N LYS C 690 -3.77 7.61 -6.74
CA LYS C 690 -2.51 8.19 -7.17
C LYS C 690 -2.56 9.71 -7.24
N ILE C 691 -3.75 10.30 -7.25
CA ILE C 691 -3.82 11.77 -7.32
C ILE C 691 -4.26 12.33 -5.98
N ALA C 692 -4.28 11.48 -4.95
CA ALA C 692 -4.79 11.89 -3.64
C ALA C 692 -3.92 12.97 -3.02
N GLN C 693 -2.63 12.95 -3.30
CA GLN C 693 -1.76 14.05 -2.87
C GLN C 693 -1.65 15.12 -3.94
N GLU C 694 -1.69 14.73 -5.21
CA GLU C 694 -1.53 15.68 -6.31
C GLU C 694 -2.71 16.63 -6.40
N SER C 695 -3.93 16.14 -6.16
CA SER C 695 -5.11 16.99 -6.29
C SER C 695 -5.17 18.03 -5.18
N LYS C 696 -4.54 17.76 -4.05
CA LYS C 696 -4.42 18.79 -3.02
C LYS C 696 -3.48 19.90 -3.46
N ASN C 697 -2.46 19.56 -4.25
CA ASN C 697 -1.49 20.58 -4.67
C ASN C 697 -1.98 21.34 -5.89
N ILE C 698 -2.74 20.68 -6.76
CA ILE C 698 -3.33 21.39 -7.89
C ILE C 698 -4.39 22.37 -7.41
N TRP C 699 -5.10 22.02 -6.35
CA TRP C 699 -6.08 22.92 -5.76
C TRP C 699 -5.42 24.15 -5.16
N LYS C 700 -4.29 23.98 -4.48
CA LYS C 700 -3.59 25.11 -3.89
C LYS C 700 -3.01 26.02 -4.97
N LEU C 701 -2.75 25.48 -6.15
CA LEU C 701 -2.41 26.33 -7.28
C LEU C 701 -3.65 27.00 -7.85
N GLN C 702 -4.79 26.32 -7.83
CA GLN C 702 -6.03 26.93 -8.30
C GLN C 702 -6.49 28.05 -7.38
N ARG C 703 -6.24 27.90 -6.08
CA ARG C 703 -6.57 28.98 -5.16
C ARG C 703 -5.56 30.11 -5.28
N ALA C 704 -4.31 29.78 -5.64
CA ALA C 704 -3.28 30.80 -5.75
C ALA C 704 -3.51 31.72 -6.95
N ILE C 705 -4.00 31.16 -8.05
CA ILE C 705 -4.34 31.98 -9.21
C ILE C 705 -5.51 32.90 -8.88
N THR C 706 -6.43 32.43 -8.03
CA THR C 706 -7.55 33.25 -7.60
C THR C 706 -7.09 34.38 -6.70
N ILE C 707 -6.10 34.12 -5.85
CA ILE C 707 -5.58 35.14 -4.93
C ILE C 707 -4.84 36.22 -5.71
N LEU C 708 -4.08 35.82 -6.73
CA LEU C 708 -3.33 36.81 -7.49
C LEU C 708 -4.22 37.56 -8.46
N ASP C 709 -5.24 36.92 -9.00
CA ASP C 709 -6.14 37.61 -9.94
C ASP C 709 -7.06 38.56 -9.19
N THR C 710 -7.29 38.30 -7.90
CA THR C 710 -8.05 39.24 -7.09
C THR C 710 -7.25 40.52 -6.85
N GLU C 711 -5.94 40.37 -6.63
CA GLU C 711 -5.09 41.53 -6.35
C GLU C 711 -4.88 42.37 -7.60
N LYS C 712 -4.97 41.76 -8.78
CA LYS C 712 -4.83 42.53 -10.02
C LYS C 712 -6.06 43.38 -10.29
N SER C 713 -7.19 43.05 -9.67
CA SER C 713 -8.42 43.78 -9.91
C SER C 713 -8.43 45.15 -9.25
N PHE C 714 -7.58 45.39 -8.25
CA PHE C 714 -7.60 46.66 -7.53
C PHE C 714 -6.18 47.10 -7.23
N LEU C 715 -5.82 48.30 -7.67
CA LEU C 715 -4.55 48.90 -7.28
C LEU C 715 -4.57 49.35 -5.82
N LYS C 716 -5.76 49.66 -5.30
CA LYS C 716 -5.89 50.05 -3.90
C LYS C 716 -5.66 48.86 -2.98
N CYS C 717 -6.07 47.67 -3.42
CA CYS C 717 -5.89 46.48 -2.58
C CYS C 717 -4.46 46.00 -2.59
N MET C 718 -3.66 46.44 -3.58
CA MET C 718 -2.25 46.06 -3.63
C MET C 718 -1.48 46.69 -2.48
N ARG C 719 -1.87 47.88 -2.06
CA ARG C 719 -1.26 48.48 -0.88
C ARG C 719 -1.80 47.83 0.39
N LYS C 720 -2.93 47.14 0.30
CA LYS C 720 -3.38 46.29 1.38
C LYS C 720 -2.79 44.89 1.25
N ALA C 721 -2.34 44.53 0.04
CA ALA C 721 -1.80 43.20 -0.19
C ALA C 721 -0.36 43.03 0.30
N PHE C 722 0.21 44.04 0.96
CA PHE C 722 1.41 43.78 1.75
C PHE C 722 1.02 42.82 2.85
N ARG C 723 1.47 41.57 2.75
CA ARG C 723 1.05 40.54 3.70
C ARG C 723 1.95 40.61 4.92
N SER C 724 1.50 41.37 5.91
CA SER C 724 1.99 41.40 7.30
C SER C 724 3.49 41.61 7.41
N GLY C 725 4.11 42.26 6.42
CA GLY C 725 5.54 42.45 6.48
C GLY C 725 5.94 43.46 7.54
N LYS C 726 5.06 44.43 7.80
CA LYS C 726 5.13 45.43 8.86
C LYS C 726 6.33 46.37 8.75
N LEU C 727 7.14 46.25 7.68
CA LEU C 727 8.44 46.92 7.53
C LEU C 727 9.30 46.70 8.78
N LEU C 728 9.67 45.45 9.01
CA LEU C 728 10.40 45.09 10.21
C LEU C 728 11.91 45.21 9.99
N GLN C 729 12.62 45.51 11.07
CA GLN C 729 14.08 45.55 11.02
C GLN C 729 14.62 44.15 11.28
N VAL C 730 15.55 43.71 10.45
CA VAL C 730 16.13 42.38 10.57
C VAL C 730 17.63 42.42 10.80
N GLY C 731 18.14 43.51 11.36
CA GLY C 731 19.55 43.64 11.60
C GLY C 731 20.08 44.87 10.93
N TYR C 732 21.35 44.84 10.57
CA TYR C 732 22.02 45.98 9.97
C TYR C 732 22.72 45.56 8.69
N THR C 733 22.68 46.43 7.70
CA THR C 733 23.40 46.22 6.46
C THR C 733 24.89 46.47 6.67
N PRO C 734 25.74 46.08 5.72
CA PRO C 734 27.04 46.74 5.60
C PRO C 734 26.83 48.22 5.27
N ASP C 735 27.74 49.04 5.82
CA ASP C 735 27.73 50.51 6.09
C ASP C 735 26.93 50.76 7.39
N GLY C 736 26.34 49.73 7.99
CA GLY C 736 25.73 49.87 9.29
C GLY C 736 24.41 50.62 9.31
N LYS C 737 23.63 50.49 8.25
CA LYS C 737 22.33 51.14 8.15
C LYS C 737 21.24 50.15 8.49
N ASP C 738 20.04 50.66 8.75
CA ASP C 738 18.91 49.80 9.09
C ASP C 738 18.46 49.00 7.88
N ASP C 739 18.07 47.74 8.10
CA ASP C 739 17.80 46.87 6.97
C ASP C 739 16.38 47.06 6.46
N TYR C 740 15.39 46.94 7.34
CA TYR C 740 13.99 47.33 7.11
C TYR C 740 13.36 46.61 5.92
N ARG C 741 13.22 45.29 6.05
CA ARG C 741 12.66 44.47 4.98
C ARG C 741 11.30 43.91 5.38
N TRP C 742 10.41 43.83 4.38
CA TRP C 742 9.07 43.28 4.61
C TRP C 742 9.16 41.79 4.90
N CYS C 743 8.78 41.41 6.12
CA CYS C 743 9.01 40.05 6.56
C CYS C 743 7.71 39.43 7.06
N PHE C 744 7.33 38.32 6.45
CA PHE C 744 6.22 37.52 6.94
C PHE C 744 6.67 36.75 8.17
N ARG C 745 5.82 36.73 9.20
CA ARG C 745 6.18 36.18 10.50
C ARG C 745 5.56 34.80 10.68
N VAL C 746 6.40 33.83 11.08
CA VAL C 746 5.97 32.45 11.27
C VAL C 746 6.43 31.99 12.64
N ASP C 747 5.48 31.57 13.47
CA ASP C 747 5.81 31.04 14.79
C ASP C 747 6.11 29.55 14.70
N GLU C 748 7.14 29.12 15.41
CA GLU C 748 7.59 27.73 15.36
C GLU C 748 7.87 27.25 16.77
N VAL C 749 8.16 25.96 16.90
CA VAL C 749 8.49 25.35 18.18
C VAL C 749 9.37 24.12 17.92
N ASN C 750 10.38 23.92 18.76
CA ASN C 750 11.20 22.72 18.75
C ASN C 750 11.42 22.28 20.19
N TRP C 751 11.28 20.98 20.44
CA TRP C 751 11.45 20.43 21.77
C TRP C 751 12.75 19.67 21.93
N THR C 752 13.63 19.71 20.94
CA THR C 752 14.97 19.13 21.05
C THR C 752 16.09 20.12 20.81
N THR C 753 15.97 21.00 19.81
CA THR C 753 16.96 22.04 19.57
C THR C 753 16.41 23.36 20.10
N TRP C 754 17.14 23.95 21.05
CA TRP C 754 16.60 25.01 21.88
C TRP C 754 16.94 26.41 21.36
N ASN C 755 17.62 26.49 20.20
CA ASN C 755 17.78 27.71 19.42
C ASN C 755 18.53 28.81 20.19
N THR C 756 19.78 28.52 20.57
CA THR C 756 20.66 29.55 21.11
C THR C 756 21.43 30.12 19.92
N ASN C 757 20.76 31.03 19.21
CA ASN C 757 21.24 31.48 17.91
C ASN C 757 22.16 32.68 18.06
N VAL C 758 23.03 32.86 17.06
CA VAL C 758 23.90 34.02 17.03
C VAL C 758 23.10 35.27 16.69
N GLY C 759 22.27 35.20 15.65
CA GLY C 759 21.48 36.35 15.27
C GLY C 759 20.02 36.23 15.65
N ILE C 760 19.63 36.93 16.71
CA ILE C 760 18.24 37.06 17.13
C ILE C 760 17.93 38.54 17.22
N ILE C 761 16.82 38.96 16.61
CA ILE C 761 16.60 40.38 16.38
C ILE C 761 16.16 41.09 17.66
N ASN C 762 15.04 40.67 18.23
CA ASN C 762 14.51 41.28 19.45
C ASN C 762 14.98 40.49 20.66
N GLU C 763 15.47 41.20 21.68
CA GLU C 763 15.83 40.50 22.91
C GLU C 763 14.59 40.19 23.74
N ASP C 764 13.56 41.04 23.64
CA ASP C 764 12.31 40.79 24.33
C ASP C 764 11.39 39.97 23.44
N PRO C 765 10.75 38.93 23.94
CA PRO C 765 9.99 38.04 23.08
C PRO C 765 8.61 38.60 22.73
N GLY C 766 8.01 38.02 21.71
CA GLY C 766 6.65 38.36 21.35
C GLY C 766 6.53 39.67 20.59
N ASN C 767 5.28 40.04 20.29
CA ASN C 767 4.96 41.26 19.56
C ASN C 767 3.76 41.92 20.23
N CYS C 768 3.98 43.08 20.84
CA CYS C 768 2.93 43.78 21.57
C CYS C 768 2.96 45.28 21.31
N GLU C 769 3.36 45.69 20.10
CA GLU C 769 3.64 47.07 19.67
C GLU C 769 4.71 47.73 20.54
N GLY C 770 5.65 46.95 21.08
CA GLY C 770 6.79 47.48 21.79
C GLY C 770 8.05 46.70 21.43
N VAL C 771 9.07 47.39 20.92
CA VAL C 771 10.22 46.75 20.32
C VAL C 771 11.46 47.07 21.15
N LYS C 772 12.47 46.19 21.06
CA LYS C 772 13.76 46.38 21.69
C LYS C 772 14.78 45.51 20.97
N ARG C 773 15.80 46.15 20.41
CA ARG C 773 16.77 45.45 19.57
C ARG C 773 17.85 44.80 20.41
N THR C 774 18.51 43.80 19.83
CA THR C 774 19.53 43.05 20.54
C THR C 774 20.92 43.62 20.23
N LEU C 775 21.75 43.73 21.28
CA LEU C 775 23.10 44.26 21.14
C LEU C 775 24.10 43.25 20.58
N SER C 776 23.65 42.08 20.11
CA SER C 776 24.57 41.09 19.57
C SER C 776 24.92 41.34 18.12
N PHE C 777 24.30 42.37 17.54
CA PHE C 777 24.57 42.71 16.11
C PHE C 777 25.91 43.44 16.04
N SER C 778 26.76 43.07 15.06
CA SER C 778 28.11 43.67 14.93
C SER C 778 27.97 45.18 14.73
N LEU C 779 26.87 45.62 14.11
CA LEU C 779 26.70 47.07 13.81
C LEU C 779 25.61 47.64 14.73
N LEU D 111 33.98 62.86 40.42
CA LEU D 111 33.00 61.78 40.35
C LEU D 111 32.41 61.70 38.93
N LYS D 112 32.39 60.49 38.38
CA LYS D 112 31.86 60.29 37.04
C LYS D 112 30.33 60.34 37.06
N LEU D 113 29.76 61.12 36.15
CA LEU D 113 28.31 61.23 36.07
C LEU D 113 27.75 60.04 35.31
N TYR D 114 26.64 59.49 35.80
CA TYR D 114 25.96 58.37 35.18
C TYR D 114 24.50 58.69 34.94
N ASP D 115 24.03 58.37 33.75
CA ASP D 115 22.61 58.34 33.43
C ASP D 115 22.14 56.90 33.30
N ARG D 116 20.91 56.73 32.86
CA ARG D 116 20.34 55.40 32.72
C ARG D 116 20.91 54.68 31.48
N ARG D 117 21.11 55.43 30.40
CA ARG D 117 21.42 54.81 29.10
C ARG D 117 22.81 54.20 29.09
N SER D 118 23.77 54.84 29.76
CA SER D 118 25.13 54.32 29.79
C SER D 118 25.23 53.08 30.67
N ILE D 119 24.32 52.94 31.64
CA ILE D 119 24.35 51.75 32.50
C ILE D 119 23.79 50.55 31.75
N PHE D 120 22.71 50.75 30.98
CA PHE D 120 22.18 49.67 30.14
C PHE D 120 23.16 49.29 29.04
N ASP D 121 23.90 50.26 28.51
CA ASP D 121 24.83 49.96 27.43
C ASP D 121 26.07 49.24 27.94
N ALA D 122 26.54 49.60 29.14
CA ALA D 122 27.71 48.94 29.69
C ALA D 122 27.38 47.55 30.20
N VAL D 123 26.14 47.34 30.65
CA VAL D 123 25.80 46.03 31.21
C VAL D 123 25.51 45.04 30.09
N ALA D 124 25.32 45.55 28.87
CA ALA D 124 25.12 44.67 27.73
C ALA D 124 26.43 44.32 27.03
N GLN D 125 27.36 45.29 26.94
CA GLN D 125 28.63 45.08 26.24
C GLN D 125 29.62 44.22 27.00
N ASN D 126 29.30 43.82 28.23
CA ASN D 126 30.15 42.99 29.10
C ASN D 126 31.51 43.64 29.37
N ASN D 127 31.52 44.93 29.67
CA ASN D 127 32.73 45.61 30.12
C ASN D 127 32.55 46.05 31.57
N CYS D 128 33.25 45.36 32.48
CA CYS D 128 33.20 45.69 33.89
C CYS D 128 34.09 46.90 34.21
N GLN D 129 35.02 47.23 33.33
CA GLN D 129 35.89 48.37 33.57
C GLN D 129 35.17 49.68 33.32
N GLU D 130 34.11 49.65 32.52
CA GLU D 130 33.28 50.85 32.36
C GLU D 130 32.44 51.09 33.60
N LEU D 131 31.94 50.02 34.20
CA LEU D 131 31.04 50.11 35.34
C LEU D 131 31.88 49.87 36.60
N GLU D 132 32.64 50.88 37.00
CA GLU D 132 33.48 50.77 38.18
C GLU D 132 33.30 51.96 39.11
N SER D 133 32.93 53.12 38.56
CA SER D 133 32.67 54.28 39.39
C SER D 133 31.20 54.45 39.71
N LEU D 134 30.38 53.42 39.45
CA LEU D 134 28.96 53.53 39.70
C LEU D 134 28.66 53.54 41.20
N LEU D 135 29.33 52.67 41.94
CA LEU D 135 29.14 52.61 43.39
C LEU D 135 29.63 53.86 44.13
N PRO D 136 30.76 54.50 43.79
CA PRO D 136 31.00 55.83 44.41
C PRO D 136 30.04 56.91 43.94
N PHE D 137 29.46 56.76 42.74
CA PHE D 137 28.47 57.73 42.29
C PHE D 137 27.12 57.49 42.97
N LEU D 138 26.80 56.23 43.23
CA LEU D 138 25.49 55.92 43.81
C LEU D 138 25.47 56.21 45.30
N GLN D 139 26.62 56.12 45.95
CA GLN D 139 26.71 56.51 47.35
C GLN D 139 26.67 58.02 47.51
N LYS D 140 27.24 58.74 46.54
CA LYS D 140 27.22 60.21 46.60
C LYS D 140 25.83 60.74 46.32
N SER D 141 25.18 60.24 45.27
CA SER D 141 23.87 60.74 44.86
C SER D 141 22.75 60.32 45.79
N ARG D 142 23.01 59.33 46.66
CA ARG D 142 22.04 58.70 47.56
C ARG D 142 20.87 58.07 46.81
N LYS D 143 21.06 57.72 45.54
CA LYS D 143 20.07 57.01 44.78
C LYS D 143 20.21 55.51 45.04
N ARG D 144 19.28 54.74 44.51
CA ARG D 144 19.34 53.29 44.55
C ARG D 144 19.24 52.75 43.13
N LEU D 145 19.66 51.50 42.94
CA LEU D 145 19.51 50.87 41.64
C LEU D 145 18.05 50.59 41.31
N THR D 146 17.21 50.44 42.34
CA THR D 146 15.79 50.17 42.15
C THR D 146 15.00 51.49 42.18
N ASP D 147 15.51 52.46 41.43
CA ASP D 147 14.88 53.77 41.33
C ASP D 147 14.14 53.86 40.01
N SER D 148 13.18 54.79 39.94
CA SER D 148 12.39 54.98 38.72
C SER D 148 13.23 55.54 37.60
N GLU D 149 14.34 56.22 37.92
CA GLU D 149 15.19 56.80 36.88
C GLU D 149 16.03 55.72 36.21
N PHE D 150 16.24 54.59 36.88
CA PHE D 150 17.11 53.55 36.33
C PHE D 150 16.29 52.43 35.69
N LYS D 151 15.04 52.29 36.08
CA LYS D 151 14.15 51.35 35.40
C LYS D 151 13.60 51.98 34.14
N ASP D 152 13.45 51.15 33.10
CA ASP D 152 12.90 51.62 31.84
C ASP D 152 11.42 51.97 32.02
N PRO D 153 10.96 53.09 31.45
CA PRO D 153 9.61 53.56 31.76
C PRO D 153 8.49 52.76 31.12
N GLU D 154 8.74 52.13 29.97
CA GLU D 154 7.69 51.38 29.30
C GLU D 154 7.47 50.03 29.97
N THR D 155 8.49 49.17 29.95
CA THR D 155 8.52 47.94 30.70
C THR D 155 9.47 48.13 31.86
N GLY D 156 9.07 47.71 33.06
CA GLY D 156 9.85 48.01 34.26
C GLY D 156 11.15 47.24 34.37
N LYS D 157 12.05 47.46 33.41
CA LYS D 157 13.26 46.67 33.25
C LYS D 157 14.40 47.31 34.03
N THR D 158 14.80 46.66 35.12
CA THR D 158 15.97 47.08 35.87
C THR D 158 17.21 46.61 35.09
N CYS D 159 18.38 47.14 35.44
CA CYS D 159 19.60 46.78 34.72
C CYS D 159 20.08 45.37 35.04
N LEU D 160 19.51 44.75 36.08
CA LEU D 160 19.74 43.32 36.28
C LEU D 160 19.05 42.51 35.20
N LEU D 161 17.85 42.93 34.79
CA LEU D 161 17.14 42.25 33.72
C LEU D 161 17.90 42.39 32.41
N LYS D 162 18.40 43.58 32.12
CA LYS D 162 19.18 43.83 30.90
C LYS D 162 20.49 43.06 30.93
N ALA D 163 21.01 42.76 32.12
CA ALA D 163 22.15 41.87 32.24
C ALA D 163 21.77 40.44 31.89
N MET D 164 20.52 40.07 32.11
CA MET D 164 20.12 38.68 31.91
C MET D 164 19.67 38.43 30.48
N LEU D 165 19.23 39.45 29.77
CA LEU D 165 18.90 39.26 28.37
C LEU D 165 20.16 39.08 27.53
N ASN D 166 21.13 39.97 27.68
CA ASN D 166 22.32 39.99 26.84
C ASN D 166 23.51 39.30 27.53
N LEU D 167 23.46 37.98 27.56
CA LEU D 167 24.65 37.23 27.97
C LEU D 167 25.57 36.98 26.77
N HIS D 168 26.85 36.86 27.07
CA HIS D 168 27.87 36.56 26.07
C HIS D 168 28.48 35.20 26.39
N ASN D 169 28.33 34.25 25.47
CA ASN D 169 28.80 32.87 25.57
C ASN D 169 28.21 32.15 26.78
N GLY D 170 27.03 32.55 27.25
CA GLY D 170 26.45 31.98 28.45
C GLY D 170 27.08 32.44 29.74
N GLN D 171 28.07 33.36 29.69
CA GLN D 171 28.83 33.77 30.86
C GLN D 171 28.92 35.30 30.86
N ASN D 172 27.95 35.96 31.50
CA ASN D 172 28.07 37.38 31.70
C ASN D 172 28.83 37.64 33.01
N ASP D 173 29.83 38.52 32.93
CA ASP D 173 30.63 38.87 34.10
C ASP D 173 30.24 40.20 34.70
N THR D 174 29.32 40.94 34.08
CA THR D 174 28.93 42.24 34.61
C THR D 174 27.93 42.08 35.74
N ILE D 175 27.19 40.96 35.73
CA ILE D 175 26.09 40.75 36.67
C ILE D 175 26.59 40.63 38.11
N SER D 176 27.73 39.96 38.31
CA SER D 176 28.27 39.79 39.65
C SER D 176 28.79 41.10 40.21
N LEU D 177 29.05 42.08 39.35
CA LEU D 177 29.49 43.38 39.82
C LEU D 177 28.32 44.17 40.42
N LEU D 178 27.20 44.26 39.69
CA LEU D 178 26.12 45.10 40.20
C LEU D 178 25.21 44.35 41.15
N LEU D 179 25.42 43.04 41.31
CA LEU D 179 24.86 42.38 42.49
C LEU D 179 25.59 42.82 43.74
N ASP D 180 26.90 43.07 43.63
CA ASP D 180 27.66 43.58 44.76
C ASP D 180 27.31 45.03 45.05
N ILE D 181 26.92 45.78 44.02
CA ILE D 181 26.56 47.18 44.21
C ILE D 181 25.23 47.28 44.94
N ALA D 182 24.33 46.32 44.71
CA ALA D 182 23.04 46.34 45.39
C ALA D 182 23.18 45.94 46.86
N ARG D 183 24.21 45.16 47.20
CA ARG D 183 24.37 44.75 48.60
C ARG D 183 25.21 45.75 49.39
N GLN D 184 26.04 46.55 48.70
CA GLN D 184 26.72 47.65 49.37
C GLN D 184 25.74 48.77 49.67
N THR D 185 24.78 49.00 48.78
CA THR D 185 23.72 49.97 48.96
C THR D 185 22.44 49.35 49.52
N ASP D 186 22.60 48.26 50.29
CA ASP D 186 21.60 47.56 51.14
C ASP D 186 20.18 47.51 50.56
N SER D 187 20.09 47.21 49.26
CA SER D 187 18.81 47.02 48.59
C SER D 187 18.84 45.83 47.64
N LEU D 188 19.49 44.73 48.03
CA LEU D 188 19.59 43.57 47.16
C LEU D 188 18.26 42.84 47.03
N LYS D 189 17.43 42.92 48.07
CA LYS D 189 16.16 42.19 48.07
C LYS D 189 15.17 42.78 47.09
N GLU D 190 15.16 44.11 46.97
CA GLU D 190 14.31 44.75 45.96
C GLU D 190 14.95 44.66 44.59
N PHE D 191 16.25 44.37 44.55
CA PHE D 191 16.99 44.39 43.29
C PHE D 191 16.73 43.13 42.47
N VAL D 192 16.82 41.96 43.09
CA VAL D 192 16.61 40.72 42.34
C VAL D 192 15.12 40.43 42.19
N ASN D 193 14.30 40.95 43.10
CA ASN D 193 12.87 40.73 43.00
C ASN D 193 12.16 41.79 42.17
N ALA D 194 12.91 42.68 41.53
CA ALA D 194 12.30 43.63 40.62
C ALA D 194 11.95 42.94 39.30
N SER D 195 10.73 43.18 38.84
CA SER D 195 10.22 42.50 37.66
C SER D 195 9.67 43.54 36.69
N TYR D 196 9.24 43.06 35.53
CA TYR D 196 8.60 43.92 34.55
C TYR D 196 7.27 44.42 35.07
N THR D 197 7.01 45.72 34.89
CA THR D 197 5.74 46.30 35.26
C THR D 197 4.77 46.36 34.12
N ASP D 198 5.20 45.99 32.91
CA ASP D 198 4.32 46.05 31.75
C ASP D 198 3.35 44.87 31.78
N SER D 199 2.19 45.06 31.16
CA SER D 199 1.14 44.04 31.20
C SER D 199 1.47 42.87 30.29
N TYR D 200 2.51 42.98 29.46
CA TYR D 200 2.83 41.88 28.55
C TYR D 200 3.89 40.97 29.16
N TYR D 201 4.61 41.44 30.17
CA TYR D 201 5.63 40.64 30.84
C TYR D 201 5.47 40.66 32.36
N LYS D 202 4.25 40.82 32.84
CA LYS D 202 4.02 41.15 34.25
C LYS D 202 4.42 40.02 35.18
N GLY D 203 5.40 40.30 36.03
CA GLY D 203 5.88 39.34 37.00
C GLY D 203 7.17 38.65 36.63
N GLN D 204 7.69 38.85 35.43
CA GLN D 204 8.91 38.17 35.00
C GLN D 204 10.11 38.78 35.70
N THR D 205 10.74 38.01 36.60
CA THR D 205 11.94 38.46 37.27
C THR D 205 13.16 38.00 36.49
N ALA D 206 14.34 38.25 37.06
CA ALA D 206 15.57 37.79 36.43
C ALA D 206 15.78 36.31 36.64
N LEU D 207 15.08 35.71 37.61
CA LEU D 207 15.17 34.28 37.83
C LEU D 207 14.54 33.51 36.69
N HIS D 208 13.44 34.04 36.13
CA HIS D 208 12.79 33.40 34.98
C HIS D 208 13.68 33.46 33.75
N ILE D 209 14.49 34.51 33.62
CA ILE D 209 15.41 34.59 32.49
C ILE D 209 16.58 33.64 32.70
N ALA D 210 17.02 33.49 33.96
CA ALA D 210 18.14 32.60 34.25
C ALA D 210 17.75 31.14 34.04
N ILE D 211 16.49 30.81 34.26
CA ILE D 211 16.01 29.46 34.01
C ILE D 211 15.85 29.22 32.51
N GLU D 212 15.41 30.25 31.78
CA GLU D 212 15.17 30.08 30.35
C GLU D 212 16.47 30.06 29.56
N ARG D 213 17.50 30.76 30.03
CA ARG D 213 18.74 30.79 29.25
C ARG D 213 19.67 29.61 29.53
N ARG D 214 19.19 28.56 30.20
CA ARG D 214 19.89 27.28 30.37
C ARG D 214 21.20 27.43 31.14
N ASN D 215 21.23 28.36 32.09
CA ASN D 215 22.43 28.67 32.85
C ASN D 215 22.24 28.22 34.29
N MET D 216 22.95 27.15 34.66
CA MET D 216 22.87 26.62 36.02
C MET D 216 23.51 27.58 37.02
N ALA D 217 24.61 28.24 36.63
CA ALA D 217 25.30 29.12 37.56
C ALA D 217 24.54 30.42 37.77
N LEU D 218 23.79 30.87 36.76
CA LEU D 218 23.03 32.10 36.91
C LEU D 218 21.79 31.88 37.77
N VAL D 219 21.23 30.67 37.77
CA VAL D 219 20.11 30.36 38.65
C VAL D 219 20.58 30.32 40.10
N THR D 220 21.75 29.71 40.33
CA THR D 220 22.30 29.59 41.68
C THR D 220 22.66 30.96 42.24
N LEU D 221 23.28 31.81 41.42
CA LEU D 221 23.77 33.10 41.89
C LEU D 221 22.63 34.05 42.23
N LEU D 222 21.45 33.81 41.65
CA LEU D 222 20.31 34.67 41.93
C LEU D 222 19.59 34.27 43.22
N VAL D 223 19.40 32.96 43.43
CA VAL D 223 18.62 32.50 44.57
C VAL D 223 19.42 32.61 45.85
N GLU D 224 20.76 32.68 45.75
CA GLU D 224 21.57 32.98 46.92
C GLU D 224 21.34 34.41 47.39
N ASN D 225 21.06 35.31 46.44
CA ASN D 225 20.92 36.72 46.76
C ASN D 225 19.48 37.10 47.10
N GLY D 226 18.57 36.15 47.14
CA GLY D 226 17.21 36.43 47.59
C GLY D 226 16.21 36.52 46.46
N ALA D 227 16.44 35.77 45.38
CA ALA D 227 15.47 35.74 44.30
C ALA D 227 14.23 34.98 44.72
N ASP D 228 13.07 35.59 44.51
CA ASP D 228 11.82 34.96 44.87
C ASP D 228 11.52 33.83 43.89
N VAL D 229 11.61 32.59 44.38
CA VAL D 229 11.30 31.43 43.57
C VAL D 229 9.80 31.19 43.44
N GLN D 230 8.97 32.06 44.00
CA GLN D 230 7.53 32.02 43.84
C GLN D 230 7.00 33.20 43.04
N ALA D 231 7.83 33.79 42.19
CA ALA D 231 7.41 34.96 41.42
C ALA D 231 6.46 34.55 40.31
N ALA D 232 5.25 35.08 40.36
CA ALA D 232 4.20 34.76 39.40
C ALA D 232 4.38 35.64 38.17
N ALA D 233 4.93 35.06 37.11
CA ALA D 233 5.10 35.78 35.84
C ALA D 233 3.79 35.72 35.05
N ASN D 234 2.80 36.48 35.54
CA ASN D 234 1.46 36.44 34.97
C ASN D 234 1.28 37.54 33.93
N GLY D 235 2.12 37.48 32.91
CA GLY D 235 2.04 38.44 31.83
C GLY D 235 1.20 37.93 30.69
N ASP D 236 0.91 38.79 29.71
CA ASP D 236 0.11 38.36 28.57
C ASP D 236 0.90 37.44 27.66
N PHE D 237 2.23 37.53 27.69
CA PHE D 237 3.06 36.60 26.93
C PHE D 237 3.09 35.24 27.59
N PHE D 238 2.87 35.19 28.90
CA PHE D 238 3.07 33.93 29.61
C PHE D 238 1.74 33.27 29.94
N LYS D 239 0.62 33.91 29.62
CA LYS D 239 -0.66 33.26 29.74
C LYS D 239 -1.01 32.52 28.45
N LYS D 240 -2.27 32.09 28.33
CA LYS D 240 -2.66 31.28 27.19
C LYS D 240 -2.83 32.14 25.94
N THR D 241 -3.82 33.06 25.95
CA THR D 241 -4.06 34.05 24.89
C THR D 241 -4.25 33.39 23.52
N LYS D 242 -5.38 32.69 23.38
CA LYS D 242 -5.68 31.51 22.52
C LYS D 242 -4.95 31.54 21.19
N GLY D 243 -5.02 32.61 20.40
CA GLY D 243 -4.35 32.65 19.13
C GLY D 243 -3.12 33.53 19.06
N ARG D 244 -2.83 34.25 20.13
CA ARG D 244 -1.66 35.13 20.14
C ARG D 244 -0.38 34.31 20.31
N PRO D 245 0.76 34.80 19.85
CA PRO D 245 2.02 34.11 20.14
C PRO D 245 2.40 34.26 21.61
N GLY D 246 2.85 33.17 22.19
CA GLY D 246 3.24 33.17 23.60
C GLY D 246 3.72 31.80 24.00
N PHE D 247 4.12 31.69 25.26
CA PHE D 247 4.57 30.43 25.84
C PHE D 247 4.04 30.32 27.25
N TYR D 248 3.12 29.36 27.46
CA TYR D 248 2.59 29.07 28.78
C TYR D 248 3.44 27.97 29.41
N PHE D 249 3.90 28.21 30.63
CA PHE D 249 4.65 27.21 31.38
C PHE D 249 4.12 27.05 32.80
N GLY D 250 3.10 27.78 33.20
CA GLY D 250 2.59 27.70 34.54
C GLY D 250 2.99 28.84 35.45
N GLU D 251 3.69 29.86 34.92
CA GLU D 251 3.91 31.15 35.58
C GLU D 251 4.75 31.05 36.85
N LEU D 252 5.51 29.96 36.99
CA LEU D 252 6.29 29.77 38.21
C LEU D 252 7.70 29.38 37.81
N PRO D 253 8.70 29.73 38.62
CA PRO D 253 10.09 29.35 38.30
C PRO D 253 10.35 27.86 38.35
N LEU D 254 9.75 27.14 39.32
CA LEU D 254 9.91 25.69 39.35
C LEU D 254 9.05 25.03 38.29
N SER D 255 8.07 25.76 37.76
CA SER D 255 7.33 25.26 36.61
C SER D 255 8.11 25.49 35.32
N LEU D 256 8.89 26.56 35.26
CA LEU D 256 9.65 26.87 34.04
C LEU D 256 10.82 25.92 33.87
N ALA D 257 11.42 25.49 34.98
CA ALA D 257 12.50 24.51 34.90
C ALA D 257 11.95 23.14 34.52
N ALA D 258 10.70 22.87 34.87
CA ALA D 258 10.09 21.60 34.50
C ALA D 258 9.68 21.58 33.03
N CYS D 259 9.01 22.64 32.57
CA CYS D 259 8.41 22.64 31.24
C CYS D 259 9.45 22.83 30.15
N THR D 260 10.65 23.29 30.51
CA THR D 260 11.71 23.49 29.54
C THR D 260 12.82 22.45 29.63
N ASN D 261 12.52 21.27 30.18
CA ASN D 261 13.39 20.10 30.19
C ASN D 261 14.71 20.36 30.92
N GLN D 262 14.62 20.92 32.12
CA GLN D 262 15.79 21.24 32.93
C GLN D 262 15.67 20.49 34.24
N LEU D 263 16.22 19.27 34.27
CA LEU D 263 16.07 18.43 35.45
C LEU D 263 16.98 18.90 36.58
N ALA D 264 18.16 19.42 36.25
CA ALA D 264 19.11 19.83 37.27
C ALA D 264 18.65 21.11 37.97
N ILE D 265 17.89 21.95 37.26
CA ILE D 265 17.44 23.20 37.84
C ILE D 265 16.17 22.99 38.66
N VAL D 266 15.30 22.07 38.23
CA VAL D 266 14.08 21.81 38.97
C VAL D 266 14.39 21.01 40.24
N LYS D 267 15.52 20.30 40.25
CA LYS D 267 15.98 19.72 41.51
C LYS D 267 16.59 20.78 42.40
N PHE D 268 17.24 21.77 41.80
CA PHE D 268 17.95 22.78 42.60
C PHE D 268 16.98 23.76 43.25
N LEU D 269 15.87 24.05 42.58
CA LEU D 269 14.88 24.96 43.16
C LEU D 269 14.15 24.31 44.33
N LEU D 270 14.07 22.98 44.33
CA LEU D 270 13.41 22.27 45.41
C LEU D 270 14.37 21.90 46.54
N GLN D 271 15.68 21.94 46.29
CA GLN D 271 16.68 21.43 47.23
C GLN D 271 17.82 22.43 47.42
N ASN D 272 17.49 23.69 47.66
CA ASN D 272 18.48 24.71 47.99
C ASN D 272 18.30 25.14 49.45
N SER D 273 19.37 25.67 50.05
CA SER D 273 19.32 26.00 51.46
C SER D 273 18.68 27.36 51.70
N TRP D 274 18.63 28.20 50.67
CA TRP D 274 18.20 29.58 50.86
C TRP D 274 16.69 29.71 50.84
N GLN D 275 16.05 29.35 49.74
CA GLN D 275 14.61 29.43 49.64
C GLN D 275 14.08 28.26 48.81
N PRO D 276 13.49 27.25 49.44
CA PRO D 276 12.99 26.10 48.68
C PRO D 276 11.68 26.41 47.98
N ALA D 277 11.49 25.80 46.82
CA ALA D 277 10.28 26.05 46.05
C ALA D 277 9.12 25.21 46.55
N ASP D 278 7.95 25.83 46.60
CA ASP D 278 6.71 25.15 46.97
C ASP D 278 6.27 24.30 45.78
N ILE D 279 6.28 22.99 45.94
CA ILE D 279 5.95 22.11 44.83
C ILE D 279 4.44 22.08 44.59
N SER D 280 3.67 22.50 45.58
CA SER D 280 2.22 22.56 45.45
C SER D 280 1.71 23.94 45.08
N ALA D 281 2.58 24.83 44.66
CA ALA D 281 2.16 26.19 44.34
C ALA D 281 1.47 26.23 42.98
N ARG D 282 0.56 27.18 42.84
CA ARG D 282 -0.25 27.28 41.64
C ARG D 282 -0.27 28.72 41.13
N ASP D 283 -0.57 28.87 39.85
CA ASP D 283 -0.58 30.17 39.20
C ASP D 283 -1.99 30.79 39.28
N SER D 284 -2.23 31.82 38.49
CA SER D 284 -3.55 32.45 38.44
C SER D 284 -4.60 31.51 37.84
N VAL D 285 -4.18 30.64 36.93
CA VAL D 285 -5.06 29.60 36.41
C VAL D 285 -5.37 28.55 37.46
N GLY D 286 -4.47 28.34 38.40
CA GLY D 286 -4.58 27.26 39.35
C GLY D 286 -3.72 26.07 39.03
N ASN D 287 -2.99 26.10 37.91
CA ASN D 287 -2.15 24.99 37.52
C ASN D 287 -0.94 24.89 38.43
N THR D 288 -0.70 23.71 38.96
CA THR D 288 0.52 23.44 39.69
C THR D 288 1.59 23.01 38.69
N VAL D 289 2.67 22.39 39.18
CA VAL D 289 3.77 22.02 38.29
C VAL D 289 3.35 20.85 37.41
N LEU D 290 2.54 19.93 37.94
CA LEU D 290 2.15 18.76 37.17
C LEU D 290 1.06 19.11 36.15
N HIS D 291 0.24 20.10 36.45
CA HIS D 291 -0.74 20.57 35.49
C HIS D 291 -0.05 21.26 34.32
N ALA D 292 1.01 22.00 34.60
CA ALA D 292 1.69 22.75 33.56
C ALA D 292 2.45 21.83 32.63
N LEU D 293 2.93 20.69 33.13
CA LEU D 293 3.54 19.70 32.26
C LEU D 293 2.53 19.07 31.32
N VAL D 294 1.26 19.01 31.74
CA VAL D 294 0.22 18.49 30.87
C VAL D 294 -0.07 19.47 29.74
N GLU D 295 -0.29 20.75 30.06
CA GLU D 295 -0.66 21.72 29.04
C GLU D 295 0.52 22.14 28.17
N VAL D 296 1.73 21.65 28.49
CA VAL D 296 2.88 21.89 27.61
C VAL D 296 2.97 20.82 26.54
N ALA D 297 2.71 19.56 26.90
CA ALA D 297 2.89 18.45 25.98
C ALA D 297 1.88 18.48 24.84
N ASP D 298 2.37 18.35 23.61
CA ASP D 298 1.51 18.39 22.44
C ASP D 298 1.57 17.11 21.61
N ASN D 299 1.68 15.95 22.26
CA ASN D 299 1.50 14.61 21.72
C ASN D 299 2.56 14.16 20.71
N THR D 300 3.55 14.98 20.40
CA THR D 300 4.59 14.54 19.48
C THR D 300 5.56 13.60 20.20
N ALA D 301 6.42 12.95 19.41
CA ALA D 301 7.24 11.87 19.95
C ALA D 301 8.36 12.40 20.84
N ASP D 302 8.85 13.59 20.55
CA ASP D 302 9.92 14.16 21.37
C ASP D 302 9.36 14.85 22.61
N ASN D 303 8.17 15.43 22.48
CA ASN D 303 7.59 16.15 23.61
C ASN D 303 7.05 15.20 24.65
N THR D 304 6.53 14.06 24.21
CA THR D 304 6.01 13.05 25.15
C THR D 304 7.15 12.44 25.96
N LYS D 305 8.35 12.38 25.38
CA LYS D 305 9.45 11.63 25.98
C LYS D 305 9.95 12.29 27.25
N PHE D 306 10.10 13.61 27.26
CA PHE D 306 10.69 14.24 28.43
C PHE D 306 9.63 14.71 29.41
N VAL D 307 8.43 15.04 28.92
CA VAL D 307 7.35 15.48 29.80
C VAL D 307 6.95 14.37 30.75
N THR D 308 6.83 13.14 30.23
CA THR D 308 6.54 12.02 31.11
C THR D 308 7.77 11.62 31.91
N SER D 309 8.96 12.01 31.45
CA SER D 309 10.16 11.85 32.27
C SER D 309 10.21 12.91 33.36
N MET D 310 9.81 14.14 33.04
CA MET D 310 9.78 15.19 34.05
C MET D 310 8.61 15.00 35.00
N TYR D 311 7.51 14.43 34.53
CA TYR D 311 6.37 14.14 35.39
C TYR D 311 6.72 13.08 36.42
N ASN D 312 7.63 12.17 36.05
CA ASN D 312 8.07 11.15 37.00
C ASN D 312 8.96 11.76 38.07
N GLU D 313 9.92 12.59 37.66
CA GLU D 313 10.95 13.05 38.58
C GLU D 313 10.39 14.02 39.62
N ILE D 314 9.30 14.70 39.27
CA ILE D 314 8.69 15.63 40.22
C ILE D 314 7.81 14.87 41.21
N LEU D 315 7.19 13.77 40.78
CA LEU D 315 6.49 12.90 41.72
C LEU D 315 7.45 12.26 42.70
N ILE D 316 8.60 11.80 42.22
CA ILE D 316 9.61 11.18 43.07
C ILE D 316 10.18 12.20 44.03
N LEU D 317 10.43 13.43 43.54
CA LEU D 317 10.81 14.51 44.44
C LEU D 317 9.66 14.93 45.33
N GLY D 318 8.43 14.78 44.83
CA GLY D 318 7.27 15.14 45.64
C GLY D 318 7.02 14.15 46.77
N ALA D 319 7.57 12.94 46.66
CA ALA D 319 7.45 11.98 47.74
C ALA D 319 8.61 12.11 48.72
N LYS D 320 9.80 12.44 48.22
CA LYS D 320 10.98 12.51 49.09
C LYS D 320 10.99 13.77 49.94
N LEU D 321 10.52 14.89 49.39
CA LEU D 321 10.52 16.15 50.11
C LEU D 321 9.50 16.15 51.24
N HIS D 322 8.23 15.89 50.94
CA HIS D 322 7.22 15.63 51.97
C HIS D 322 6.21 14.61 51.45
N PRO D 323 6.16 13.41 52.03
CA PRO D 323 5.35 12.34 51.43
C PRO D 323 3.89 12.43 51.79
N THR D 324 3.51 13.31 52.72
CA THR D 324 2.12 13.35 53.17
C THR D 324 1.22 14.01 52.14
N LEU D 325 1.79 14.73 51.17
CA LEU D 325 0.99 15.43 50.18
C LEU D 325 0.94 14.65 48.87
N LYS D 326 -0.27 14.31 48.44
CA LYS D 326 -0.50 13.62 47.19
C LYS D 326 -0.65 14.67 46.10
N LEU D 327 0.30 14.70 45.16
CA LEU D 327 0.38 15.81 44.22
C LEU D 327 -0.69 15.72 43.14
N GLU D 328 -1.18 14.52 42.85
CA GLU D 328 -2.12 14.37 41.75
C GLU D 328 -3.55 14.64 42.20
N GLU D 329 -3.76 14.86 43.49
CA GLU D 329 -5.09 15.22 43.95
C GLU D 329 -5.33 16.72 43.87
N LEU D 330 -4.29 17.49 43.60
CA LEU D 330 -4.43 18.94 43.56
C LEU D 330 -5.12 19.37 42.28
N ILE D 331 -6.14 20.20 42.43
CA ILE D 331 -6.96 20.63 41.30
C ILE D 331 -6.64 22.09 40.99
N ASN D 332 -6.90 22.47 39.74
CA ASN D 332 -6.82 23.86 39.33
C ASN D 332 -8.19 24.53 39.53
N LYS D 333 -8.35 25.73 38.97
CA LYS D 333 -9.59 26.46 39.17
C LYS D 333 -10.70 25.94 38.25
N LYS D 334 -10.38 25.02 37.34
CA LYS D 334 -11.41 24.30 36.62
C LYS D 334 -11.76 22.98 37.28
N GLY D 335 -11.22 22.70 38.46
CA GLY D 335 -11.51 21.47 39.18
C GLY D 335 -10.90 20.21 38.58
N LEU D 336 -9.90 20.35 37.73
CA LEU D 336 -9.32 19.21 37.03
C LEU D 336 -8.06 18.77 37.76
N THR D 337 -7.87 17.46 37.90
CA THR D 337 -6.65 16.87 38.42
C THR D 337 -5.65 16.80 37.25
N PRO D 338 -4.35 16.51 37.49
CA PRO D 338 -3.44 16.42 36.34
C PRO D 338 -3.73 15.24 35.40
N LEU D 339 -4.41 14.21 35.90
CA LEU D 339 -4.83 13.13 35.02
C LEU D 339 -6.13 13.50 34.30
N ALA D 340 -7.02 14.24 34.96
CA ALA D 340 -8.24 14.66 34.30
C ALA D 340 -7.97 15.77 33.30
N LEU D 341 -6.89 16.53 33.50
CA LEU D 341 -6.52 17.56 32.53
C LEU D 341 -5.95 16.94 31.26
N ALA D 342 -5.25 15.82 31.40
CA ALA D 342 -4.70 15.15 30.22
C ALA D 342 -5.81 14.49 29.41
N ALA D 343 -6.91 14.15 30.05
CA ALA D 343 -8.04 13.58 29.33
C ALA D 343 -8.96 14.67 28.79
N SER D 344 -9.04 15.81 29.48
CA SER D 344 -9.90 16.89 29.03
C SER D 344 -9.36 17.52 27.76
N SER D 345 -8.04 17.66 27.67
CA SER D 345 -7.41 18.01 26.42
C SER D 345 -7.01 16.72 25.73
N GLY D 346 -6.28 16.81 24.63
CA GLY D 346 -5.97 15.61 23.88
C GLY D 346 -4.60 15.05 24.15
N LYS D 347 -4.13 15.18 25.39
CA LYS D 347 -2.77 14.78 25.70
C LYS D 347 -2.72 13.28 25.95
N ILE D 348 -2.60 12.50 24.87
CA ILE D 348 -2.68 11.05 24.98
C ILE D 348 -1.38 10.47 25.56
N GLY D 349 -0.24 11.10 25.25
CA GLY D 349 1.04 10.56 25.70
C GLY D 349 1.25 10.73 27.19
N VAL D 350 0.70 11.81 27.74
CA VAL D 350 0.69 11.97 29.19
C VAL D 350 -0.34 11.03 29.80
N LEU D 351 -1.46 10.81 29.10
CA LEU D 351 -2.49 9.90 29.58
C LEU D 351 -2.02 8.45 29.56
N ALA D 352 -1.26 8.07 28.54
CA ALA D 352 -0.75 6.70 28.45
C ALA D 352 0.31 6.44 29.51
N TYR D 353 0.95 7.49 30.00
CA TYR D 353 2.01 7.32 30.99
C TYR D 353 1.45 7.19 32.39
N ILE D 354 0.47 8.04 32.74
CA ILE D 354 -0.02 8.07 34.11
C ILE D 354 -0.78 6.79 34.43
N LEU D 355 -1.58 6.30 33.49
CA LEU D 355 -2.39 5.11 33.74
C LEU D 355 -1.54 3.85 33.78
N GLN D 356 -0.30 3.92 33.28
CA GLN D 356 0.55 2.75 33.24
C GLN D 356 1.83 2.99 34.03
N ARG D 357 1.77 3.88 35.03
CA ARG D 357 2.98 4.35 35.70
C ARG D 357 3.47 3.31 36.69
N GLU D 358 4.66 2.78 36.43
CA GLU D 358 5.37 1.90 37.34
C GLU D 358 6.60 2.63 37.85
N ILE D 359 6.72 2.77 39.16
CA ILE D 359 7.88 3.40 39.78
C ILE D 359 8.58 2.35 40.63
N GLN D 360 9.84 2.09 40.33
CA GLN D 360 10.53 0.94 40.90
C GLN D 360 11.17 1.26 42.24
N GLU D 361 11.39 2.53 42.53
CA GLU D 361 12.17 2.92 43.70
C GLU D 361 11.35 2.71 44.97
N PRO D 362 11.90 2.07 46.00
CA PRO D 362 11.22 2.04 47.30
C PRO D 362 11.17 3.43 47.92
N GLU D 363 10.13 3.64 48.72
CA GLU D 363 9.54 4.87 49.27
C GLU D 363 8.80 5.65 48.16
N CYS D 364 8.91 5.25 46.90
CA CYS D 364 8.14 5.81 45.81
C CYS D 364 7.31 4.77 45.08
N ARG D 365 7.13 3.58 45.65
CA ARG D 365 6.35 2.55 45.00
C ARG D 365 4.86 2.87 45.07
N HIS D 366 4.46 3.64 46.08
CA HIS D 366 3.05 3.97 46.27
C HIS D 366 2.54 4.95 45.22
N LEU D 367 3.46 5.61 44.50
CA LEU D 367 3.05 6.54 43.47
C LEU D 367 2.76 5.82 42.16
N SER D 368 3.01 4.52 42.10
CA SER D 368 2.73 3.76 40.89
C SER D 368 1.24 3.60 40.70
N ARG D 369 0.81 3.59 39.45
CA ARG D 369 -0.57 3.30 39.11
C ARG D 369 -0.71 1.94 38.44
N LYS D 370 0.39 1.32 38.05
CA LYS D 370 0.40 -0.06 37.57
C LYS D 370 1.25 -0.91 38.51
N PHE D 371 0.68 -2.00 38.99
CA PHE D 371 1.39 -2.95 39.84
C PHE D 371 1.30 -4.33 39.22
N THR D 372 2.13 -5.24 39.72
CA THR D 372 1.99 -6.66 39.41
C THR D 372 1.78 -7.42 40.73
N GLU D 373 0.76 -8.27 40.77
CA GLU D 373 0.46 -8.93 42.04
C GLU D 373 1.13 -10.30 42.13
N TRP D 374 1.36 -10.95 41.00
CA TRP D 374 2.16 -12.18 41.02
C TRP D 374 2.82 -12.35 39.67
N ALA D 375 3.84 -13.21 39.65
CA ALA D 375 4.60 -13.48 38.44
C ALA D 375 5.16 -14.88 38.55
N TYR D 376 4.56 -15.83 37.86
CA TYR D 376 5.00 -17.22 37.90
C TYR D 376 5.64 -17.55 36.56
N GLY D 377 6.94 -17.34 36.45
CA GLY D 377 7.66 -17.63 35.24
C GLY D 377 7.33 -16.66 34.13
N PRO D 378 6.69 -17.16 33.07
CA PRO D 378 6.31 -16.30 31.95
C PRO D 378 5.09 -15.45 32.19
N VAL D 379 4.12 -15.95 32.97
CA VAL D 379 2.83 -15.30 33.13
C VAL D 379 2.89 -14.42 34.38
N HIS D 380 2.47 -13.17 34.24
CA HIS D 380 2.37 -12.26 35.37
C HIS D 380 1.09 -11.46 35.25
N SER D 381 0.52 -11.10 36.40
CA SER D 381 -0.79 -10.48 36.46
C SER D 381 -0.64 -9.03 36.90
N SER D 382 -1.03 -8.11 36.02
CA SER D 382 -0.84 -6.68 36.25
C SER D 382 -2.10 -6.10 36.86
N LEU D 383 -1.92 -5.13 37.75
CA LEU D 383 -3.01 -4.41 38.39
C LEU D 383 -2.93 -2.95 38.02
N TYR D 384 -3.97 -2.42 37.41
CA TYR D 384 -4.07 -1.01 37.07
C TYR D 384 -4.96 -0.33 38.08
N ASP D 385 -4.44 0.70 38.74
CA ASP D 385 -5.19 1.45 39.72
C ASP D 385 -6.30 2.24 39.04
N LEU D 386 -7.43 2.34 39.73
CA LEU D 386 -8.63 3.00 39.22
C LEU D 386 -9.12 4.06 40.21
N SER D 387 -8.20 4.94 40.63
CA SER D 387 -8.50 5.90 41.69
C SER D 387 -9.50 6.97 41.25
N CYS D 388 -9.13 7.79 40.27
CA CYS D 388 -10.07 8.82 39.84
C CYS D 388 -10.91 8.38 38.65
N ILE D 389 -10.46 7.38 37.90
CA ILE D 389 -11.22 6.81 36.78
C ILE D 389 -12.24 5.83 37.35
N ASP D 390 -13.07 5.24 36.49
CA ASP D 390 -14.14 4.23 36.74
C ASP D 390 -15.38 4.88 37.33
N THR D 391 -15.70 6.11 36.91
CA THR D 391 -17.04 6.73 36.86
C THR D 391 -17.60 7.05 38.26
N CYS D 392 -16.97 6.57 39.34
CA CYS D 392 -17.49 6.81 40.67
C CYS D 392 -17.15 8.22 41.15
N GLU D 393 -16.09 8.80 40.59
CA GLU D 393 -15.72 10.16 40.93
C GLU D 393 -16.48 11.17 40.06
N LYS D 394 -16.09 12.43 40.21
CA LYS D 394 -16.82 13.50 39.52
C LYS D 394 -16.19 13.80 38.17
N ASN D 395 -14.87 13.88 38.10
CA ASN D 395 -14.14 14.14 36.87
C ASN D 395 -13.38 12.91 36.39
N SER D 396 -14.04 11.75 36.45
CA SER D 396 -13.48 10.48 36.00
C SER D 396 -13.08 10.54 34.53
N VAL D 397 -11.84 10.12 34.24
CA VAL D 397 -11.27 10.41 32.93
C VAL D 397 -11.90 9.52 31.87
N LEU D 398 -12.55 8.44 32.28
CA LEU D 398 -13.33 7.65 31.33
C LEU D 398 -14.58 8.42 30.92
N GLU D 399 -15.14 9.19 31.86
CA GLU D 399 -16.29 10.04 31.56
C GLU D 399 -15.85 11.30 30.84
N VAL D 400 -14.65 11.79 31.15
CA VAL D 400 -14.15 13.03 30.57
C VAL D 400 -13.81 12.84 29.09
N ILE D 401 -13.23 11.69 28.74
CA ILE D 401 -12.90 11.40 27.35
C ILE D 401 -14.15 11.22 26.51
N ALA D 402 -15.09 10.41 26.99
CA ALA D 402 -16.24 10.03 26.16
C ALA D 402 -17.23 11.18 26.03
N TYR D 403 -17.25 12.10 26.99
CA TYR D 403 -18.15 13.24 26.91
C TYR D 403 -17.44 14.50 26.47
N SER D 404 -16.40 14.38 25.66
CA SER D 404 -15.70 15.55 25.17
C SER D 404 -16.49 16.23 24.06
N SER D 405 -16.06 17.44 23.71
CA SER D 405 -16.83 18.30 22.80
C SER D 405 -16.33 18.29 21.38
N SER D 406 -15.49 17.33 20.99
CA SER D 406 -14.94 17.04 19.67
C SER D 406 -13.97 18.10 19.16
N GLU D 407 -13.76 19.19 19.87
CA GLU D 407 -12.66 20.08 19.57
C GLU D 407 -11.36 19.60 20.17
N THR D 408 -11.44 18.65 21.10
CA THR D 408 -10.24 18.11 21.72
C THR D 408 -9.70 16.99 20.85
N PRO D 409 -8.39 16.96 20.57
CA PRO D 409 -7.86 15.93 19.69
C PRO D 409 -7.81 14.57 20.38
N ASN D 410 -7.64 13.53 19.54
CA ASN D 410 -7.29 12.17 19.96
C ASN D 410 -8.36 11.54 20.86
N ARG D 411 -9.63 11.90 20.64
CA ARG D 411 -10.71 11.32 21.46
C ARG D 411 -10.85 9.84 21.19
N HIS D 412 -10.71 9.44 19.92
CA HIS D 412 -10.91 8.05 19.55
C HIS D 412 -9.68 7.23 19.94
N ASP D 413 -8.55 7.88 20.16
CA ASP D 413 -7.32 7.15 20.43
C ASP D 413 -7.05 7.05 21.93
N MET D 414 -7.68 7.91 22.75
CA MET D 414 -7.42 7.88 24.18
C MET D 414 -8.09 6.69 24.85
N LEU D 415 -9.03 6.04 24.18
CA LEU D 415 -9.61 4.83 24.77
C LEU D 415 -8.83 3.59 24.39
N LEU D 416 -7.74 3.75 23.66
CA LEU D 416 -6.90 2.61 23.29
C LEU D 416 -5.72 2.42 24.21
N VAL D 417 -5.57 3.25 25.26
CA VAL D 417 -4.56 2.97 26.26
C VAL D 417 -5.02 1.78 27.09
N GLU D 418 -4.05 1.08 27.67
CA GLU D 418 -4.28 -0.31 28.11
C GLU D 418 -5.25 -0.46 29.30
N PRO D 419 -5.38 0.48 30.26
CA PRO D 419 -6.52 0.33 31.18
C PRO D 419 -7.87 0.57 30.54
N LEU D 420 -8.01 1.62 29.72
CA LEU D 420 -9.34 2.10 29.35
C LEU D 420 -9.99 1.21 28.30
N ASN D 421 -9.20 0.42 27.58
CA ASN D 421 -9.79 -0.49 26.61
C ASN D 421 -10.40 -1.69 27.30
N ARG D 422 -9.65 -2.30 28.22
CA ARG D 422 -10.13 -3.49 28.90
C ARG D 422 -11.15 -3.15 29.98
N LEU D 423 -11.17 -1.90 30.42
CA LEU D 423 -12.15 -1.48 31.41
C LEU D 423 -13.54 -1.38 30.78
N LEU D 424 -13.61 -0.81 29.58
CA LEU D 424 -14.89 -0.69 28.89
C LEU D 424 -15.36 -2.03 28.33
N GLN D 425 -14.41 -2.86 27.88
CA GLN D 425 -14.79 -4.15 27.33
C GLN D 425 -15.34 -5.07 28.41
N ASP D 426 -14.80 -5.00 29.62
CA ASP D 426 -15.35 -5.82 30.68
C ASP D 426 -16.48 -5.11 31.42
N LYS D 427 -16.66 -3.82 31.17
CA LYS D 427 -17.94 -3.22 31.50
C LYS D 427 -18.98 -3.56 30.46
N TRP D 428 -18.56 -3.96 29.27
CA TRP D 428 -19.54 -4.38 28.27
C TRP D 428 -19.95 -5.83 28.49
N ASP D 429 -18.98 -6.69 28.80
CA ASP D 429 -19.22 -8.14 28.82
C ASP D 429 -20.12 -8.54 29.99
N ARG D 430 -20.27 -7.67 30.98
CA ARG D 430 -21.22 -7.90 32.06
C ARG D 430 -21.86 -6.58 32.44
N PHE D 431 -23.14 -6.63 32.81
CA PHE D 431 -24.11 -5.62 33.24
C PHE D 431 -24.43 -4.54 32.19
N VAL D 432 -23.86 -4.58 30.99
CA VAL D 432 -24.27 -3.55 30.02
C VAL D 432 -24.85 -4.18 28.75
N LYS D 433 -24.21 -5.24 28.24
CA LYS D 433 -24.66 -5.83 26.98
C LYS D 433 -26.02 -6.52 27.14
N ARG D 434 -26.38 -6.90 28.36
CA ARG D 434 -27.73 -7.41 28.57
C ARG D 434 -28.71 -6.25 28.73
N ILE D 435 -28.22 -5.08 29.15
CA ILE D 435 -29.09 -3.91 29.20
C ILE D 435 -29.23 -3.30 27.82
N PHE D 436 -28.15 -3.36 27.03
CA PHE D 436 -28.21 -2.81 25.68
C PHE D 436 -29.03 -3.69 24.75
N TYR D 437 -28.96 -5.01 24.92
CA TYR D 437 -29.78 -5.90 24.09
C TYR D 437 -31.24 -5.82 24.51
N PHE D 438 -31.49 -5.41 25.75
CA PHE D 438 -32.86 -5.16 26.16
C PHE D 438 -33.39 -3.86 25.55
N ASN D 439 -32.54 -2.84 25.44
CA ASN D 439 -32.96 -1.59 24.82
C ASN D 439 -33.17 -1.77 23.32
N PHE D 440 -32.42 -2.68 22.71
CA PHE D 440 -32.62 -2.99 21.29
C PHE D 440 -33.80 -3.93 21.11
N PHE D 441 -34.20 -4.65 22.17
CA PHE D 441 -35.39 -5.47 22.07
C PHE D 441 -36.65 -4.64 22.22
N VAL D 442 -36.62 -3.62 23.08
CA VAL D 442 -37.80 -2.78 23.26
C VAL D 442 -37.99 -1.86 22.07
N TYR D 443 -36.89 -1.39 21.47
CA TYR D 443 -37.01 -0.47 20.34
C TYR D 443 -37.48 -1.19 19.09
N CYS D 444 -37.17 -2.48 18.96
CA CYS D 444 -37.80 -3.26 17.91
C CYS D 444 -39.27 -3.49 18.20
N LEU D 445 -39.60 -3.72 19.48
CA LEU D 445 -41.02 -3.84 19.83
C LEU D 445 -41.73 -2.50 19.81
N TYR D 446 -40.98 -1.40 19.93
CA TYR D 446 -41.61 -0.10 19.77
C TYR D 446 -41.94 0.18 18.33
N MET D 447 -41.06 -0.21 17.41
CA MET D 447 -41.28 0.13 16.01
C MET D 447 -42.28 -0.82 15.36
N ILE D 448 -42.37 -2.06 15.86
CA ILE D 448 -43.39 -2.98 15.35
C ILE D 448 -44.78 -2.53 15.78
N VAL D 449 -44.90 -1.98 16.98
CA VAL D 449 -46.18 -1.42 17.41
C VAL D 449 -46.51 -0.15 16.63
N PHE D 450 -45.51 0.70 16.41
CA PHE D 450 -45.76 1.95 15.71
C PHE D 450 -45.93 1.74 14.20
N THR D 451 -45.39 0.65 13.67
CA THR D 451 -45.72 0.26 12.30
C THR D 451 -47.18 -0.18 12.21
N THR D 452 -47.60 -1.07 13.10
CA THR D 452 -48.92 -1.68 12.97
C THR D 452 -50.02 -0.69 13.32
N ALA D 453 -49.74 0.25 14.22
CA ALA D 453 -50.72 1.27 14.55
C ALA D 453 -50.85 2.30 13.43
N ALA D 454 -49.82 2.41 12.58
CA ALA D 454 -49.88 3.38 11.49
C ALA D 454 -50.30 2.71 10.18
N TYR D 455 -50.00 1.41 10.04
CA TYR D 455 -50.47 0.65 8.88
C TYR D 455 -51.99 0.57 8.89
N TYR D 456 -52.57 0.32 10.06
CA TYR D 456 -54.01 0.20 10.22
C TYR D 456 -54.66 1.49 10.70
N ARG D 457 -54.17 2.63 10.24
CA ARG D 457 -54.73 3.90 10.66
C ARG D 457 -56.13 4.07 10.08
N PRO D 458 -57.01 4.81 10.75
CA PRO D 458 -58.33 5.05 10.18
C PRO D 458 -58.25 5.95 8.96
N VAL D 459 -59.22 5.79 8.07
CA VAL D 459 -59.20 6.45 6.77
C VAL D 459 -60.50 7.19 6.50
N ASP D 460 -61.47 7.10 7.40
CA ASP D 460 -62.84 7.48 7.08
C ASP D 460 -63.01 8.99 6.96
N GLY D 461 -62.33 9.76 7.83
CA GLY D 461 -62.56 11.19 7.82
C GLY D 461 -61.57 12.03 8.61
N LEU D 462 -62.10 13.01 9.33
CA LEU D 462 -61.30 13.95 10.10
C LEU D 462 -60.57 13.26 11.24
N PRO D 463 -59.37 13.72 11.59
CA PRO D 463 -58.43 12.90 12.40
C PRO D 463 -58.86 12.62 13.84
N PRO D 464 -59.73 13.38 14.50
CA PRO D 464 -60.33 12.79 15.70
C PRO D 464 -61.34 11.71 15.33
N TYR D 465 -60.92 10.45 15.47
CA TYR D 465 -61.72 9.30 15.04
C TYR D 465 -62.41 8.69 16.25
N LYS D 466 -63.68 8.33 16.07
CA LYS D 466 -64.45 7.72 17.13
C LYS D 466 -63.98 6.29 17.38
N LEU D 467 -63.94 5.91 18.65
CA LEU D 467 -63.50 4.58 19.06
C LEU D 467 -64.66 3.62 18.86
N LYS D 468 -64.62 2.86 17.77
CA LYS D 468 -65.62 1.83 17.55
C LYS D 468 -65.35 0.65 18.46
N ASN D 469 -66.43 0.11 19.05
CA ASN D 469 -66.31 -0.95 20.06
C ASN D 469 -66.05 -2.31 19.42
N THR D 470 -64.88 -2.44 18.80
CA THR D 470 -64.40 -3.69 18.26
C THR D 470 -63.08 -4.04 18.93
N VAL D 471 -62.66 -5.30 18.77
CA VAL D 471 -61.40 -5.73 19.36
C VAL D 471 -60.23 -5.20 18.55
N GLY D 472 -60.47 -4.87 17.27
CA GLY D 472 -59.41 -4.32 16.44
C GLY D 472 -59.11 -2.87 16.75
N ASP D 473 -60.16 -2.06 16.97
CA ASP D 473 -59.95 -0.66 17.25
C ASP D 473 -59.51 -0.44 18.69
N TYR D 474 -59.71 -1.44 19.55
CA TYR D 474 -59.11 -1.38 20.87
C TYR D 474 -57.61 -1.60 20.79
N PHE D 475 -57.18 -2.55 19.96
CA PHE D 475 -55.75 -2.78 19.76
C PHE D 475 -55.11 -1.65 18.96
N ARG D 476 -55.89 -0.99 18.10
CA ARG D 476 -55.35 0.09 17.28
C ARG D 476 -55.05 1.32 18.13
N VAL D 477 -55.96 1.66 19.04
CA VAL D 477 -55.72 2.83 19.89
C VAL D 477 -54.75 2.49 21.01
N THR D 478 -54.60 1.20 21.33
CA THR D 478 -53.55 0.78 22.25
C THR D 478 -52.18 0.97 21.61
N GLY D 479 -52.07 0.66 20.32
CA GLY D 479 -50.82 0.86 19.63
C GLY D 479 -50.48 2.32 19.40
N GLU D 480 -51.51 3.17 19.37
CA GLU D 480 -51.25 4.60 19.20
C GLU D 480 -50.83 5.24 20.51
N ILE D 481 -51.38 4.78 21.63
CA ILE D 481 -50.96 5.29 22.93
C ILE D 481 -49.53 4.84 23.24
N LEU D 482 -49.17 3.63 22.83
CA LEU D 482 -47.80 3.17 23.00
C LEU D 482 -46.86 3.85 22.01
N SER D 483 -47.39 4.37 20.91
CA SER D 483 -46.55 5.08 19.96
C SER D 483 -46.23 6.50 20.44
N VAL D 484 -47.22 7.18 21.00
CA VAL D 484 -47.01 8.54 21.49
C VAL D 484 -46.15 8.52 22.74
N SER D 485 -46.34 7.51 23.60
CA SER D 485 -45.57 7.42 24.84
C SER D 485 -44.10 7.14 24.56
N GLY D 486 -43.81 6.47 23.46
CA GLY D 486 -42.42 6.39 23.01
C GLY D 486 -41.94 7.71 22.43
N GLY D 487 -42.85 8.44 21.77
CA GLY D 487 -42.47 9.74 21.23
C GLY D 487 -42.28 10.77 22.32
N VAL D 488 -42.99 10.63 23.44
CA VAL D 488 -42.73 11.46 24.60
C VAL D 488 -41.39 11.07 25.22
N TYR D 489 -41.06 9.78 25.18
CA TYR D 489 -39.85 9.28 25.82
C TYR D 489 -38.60 9.78 25.11
N PHE D 490 -38.56 9.66 23.78
CA PHE D 490 -37.38 10.13 23.06
C PHE D 490 -37.32 11.64 23.02
N PHE D 491 -38.45 12.31 23.25
CA PHE D 491 -38.43 13.75 23.47
C PHE D 491 -37.76 14.09 24.79
N LEU D 492 -38.22 13.46 25.88
CA LEU D 492 -37.67 13.75 27.20
C LEU D 492 -36.24 13.25 27.34
N ARG D 493 -35.87 12.21 26.60
CA ARG D 493 -34.48 11.79 26.56
C ARG D 493 -33.62 12.80 25.80
N GLY D 494 -34.22 13.52 24.85
CA GLY D 494 -33.49 14.53 24.13
C GLY D 494 -33.41 15.85 24.87
N ILE D 495 -34.42 16.14 25.69
CA ILE D 495 -34.38 17.35 26.52
C ILE D 495 -33.32 17.21 27.59
N GLN D 496 -33.19 16.03 28.20
CA GLN D 496 -32.21 15.84 29.25
C GLN D 496 -30.80 15.77 28.67
N TYR D 497 -30.67 15.48 27.38
CA TYR D 497 -29.38 15.58 26.74
C TYR D 497 -29.03 17.04 26.45
N PHE D 498 -30.04 17.87 26.21
CA PHE D 498 -29.76 19.25 25.82
C PHE D 498 -29.60 20.14 27.04
N LEU D 499 -30.30 19.83 28.12
CA LEU D 499 -30.38 20.72 29.27
C LEU D 499 -29.84 20.10 30.55
N GLN D 500 -30.34 18.92 30.94
CA GLN D 500 -30.01 18.39 32.26
C GLN D 500 -28.59 17.84 32.30
N ARG D 501 -28.31 16.82 31.50
CA ARG D 501 -26.96 16.33 31.32
C ARG D 501 -26.43 16.93 30.02
N ARG D 502 -25.09 16.93 29.91
CA ARG D 502 -24.38 17.31 28.69
C ARG D 502 -24.74 18.70 28.13
N PRO D 503 -24.26 19.78 28.75
CA PRO D 503 -24.53 21.11 28.18
C PRO D 503 -23.81 21.29 26.87
N SER D 504 -24.58 21.25 25.78
CA SER D 504 -24.05 21.12 24.43
C SER D 504 -23.80 22.48 23.81
N MET D 505 -22.71 22.58 23.06
CA MET D 505 -22.42 23.77 22.28
C MET D 505 -23.12 23.68 20.93
N LYS D 506 -22.97 24.74 20.13
CA LYS D 506 -23.60 24.77 18.81
C LYS D 506 -22.89 23.83 17.85
N THR D 507 -21.59 23.62 18.02
CA THR D 507 -20.89 22.64 17.21
C THR D 507 -21.01 21.24 17.80
N LEU D 508 -21.68 21.12 18.96
CA LEU D 508 -21.90 19.80 19.52
C LEU D 508 -23.20 19.21 19.02
N PHE D 509 -24.09 20.05 18.46
CA PHE D 509 -25.26 19.52 17.77
C PHE D 509 -24.87 18.88 16.45
N VAL D 510 -23.76 19.31 15.86
CA VAL D 510 -23.25 18.63 14.67
C VAL D 510 -22.14 17.66 15.07
N ASP D 511 -22.01 17.38 16.36
CA ASP D 511 -21.15 16.29 16.82
C ASP D 511 -21.95 15.03 17.04
N SER D 512 -22.94 15.08 17.94
CA SER D 512 -23.77 13.92 18.25
C SER D 512 -24.94 13.85 17.28
N TYR D 513 -24.75 13.02 16.26
CA TYR D 513 -25.77 12.89 15.23
C TYR D 513 -26.88 11.96 15.67
N SER D 514 -26.60 11.06 16.62
CA SER D 514 -27.60 10.08 17.01
C SER D 514 -28.68 10.71 17.87
N GLU D 515 -28.29 11.59 18.79
CA GLU D 515 -29.28 12.14 19.71
C GLU D 515 -30.15 13.17 19.01
N MET D 516 -29.62 13.80 17.96
CA MET D 516 -30.46 14.63 17.10
C MET D 516 -31.48 13.78 16.35
N LEU D 517 -31.03 12.64 15.80
CA LEU D 517 -31.91 11.80 14.98
C LEU D 517 -33.02 11.17 15.79
N PHE D 518 -32.77 10.87 17.07
CA PHE D 518 -33.87 10.41 17.91
C PHE D 518 -34.75 11.56 18.38
N PHE D 519 -34.19 12.76 18.48
CA PHE D 519 -34.99 13.89 18.91
C PHE D 519 -35.85 14.41 17.76
N VAL D 520 -35.28 14.44 16.55
CA VAL D 520 -36.04 14.86 15.37
C VAL D 520 -37.16 13.87 15.07
N GLN D 521 -36.93 12.58 15.34
CA GLN D 521 -37.99 11.57 15.26
C GLN D 521 -39.13 11.88 16.23
N SER D 522 -38.80 12.27 17.45
CA SER D 522 -39.84 12.57 18.44
C SER D 522 -40.53 13.88 18.12
N LEU D 523 -39.88 14.76 17.35
CA LEU D 523 -40.55 15.97 16.92
C LEU D 523 -41.60 15.66 15.86
N PHE D 524 -41.32 14.69 14.97
CA PHE D 524 -42.34 14.29 14.02
C PHE D 524 -43.43 13.48 14.69
N MET D 525 -43.10 12.77 15.77
CA MET D 525 -44.11 11.99 16.47
C MET D 525 -45.00 12.88 17.32
N LEU D 526 -44.41 13.83 18.06
CA LEU D 526 -45.23 14.75 18.82
C LEU D 526 -45.88 15.80 17.93
N GLY D 527 -45.23 16.12 16.82
CA GLY D 527 -45.87 16.99 15.85
C GLY D 527 -47.04 16.32 15.15
N SER D 528 -47.04 14.99 15.13
CA SER D 528 -48.18 14.27 14.61
C SER D 528 -49.37 14.39 15.53
N VAL D 529 -49.13 14.41 16.84
CA VAL D 529 -50.22 14.48 17.81
C VAL D 529 -50.84 15.87 17.82
N VAL D 530 -50.01 16.90 17.60
CA VAL D 530 -50.51 18.26 17.49
C VAL D 530 -51.36 18.42 16.25
N LEU D 531 -50.92 17.83 15.14
CA LEU D 531 -51.72 17.87 13.92
C LEU D 531 -52.90 16.89 13.99
N TYR D 532 -52.87 15.96 14.94
CA TYR D 532 -53.97 15.01 15.09
C TYR D 532 -55.21 15.69 15.66
N PHE D 533 -55.04 16.40 16.77
CA PHE D 533 -56.20 16.94 17.46
C PHE D 533 -56.56 18.33 16.93
N SER D 534 -55.82 18.82 15.94
CA SER D 534 -56.13 20.13 15.38
C SER D 534 -57.00 20.01 14.16
N HIS D 535 -57.64 18.84 13.98
CA HIS D 535 -58.58 18.54 12.90
C HIS D 535 -57.91 18.67 11.54
N ARG D 536 -56.64 18.27 11.46
CA ARG D 536 -55.84 18.41 10.25
C ARG D 536 -55.38 17.04 9.77
N LYS D 537 -55.59 16.76 8.47
CA LYS D 537 -55.15 15.49 7.89
C LYS D 537 -53.66 15.43 7.63
N GLU D 538 -52.90 16.45 8.03
CA GLU D 538 -51.45 16.47 7.92
C GLU D 538 -50.77 15.68 9.03
N TYR D 539 -51.55 14.99 9.87
CA TYR D 539 -50.96 14.13 10.89
C TYR D 539 -50.25 12.94 10.26
N VAL D 540 -50.74 12.51 9.09
CA VAL D 540 -50.14 11.36 8.42
C VAL D 540 -48.87 11.80 7.70
N ALA D 541 -48.74 13.11 7.41
CA ALA D 541 -47.53 13.58 6.76
C ALA D 541 -46.38 13.67 7.75
N SER D 542 -46.69 13.68 9.04
CA SER D 542 -45.63 13.77 10.04
C SER D 542 -45.39 12.43 10.72
N MET D 543 -46.44 11.62 10.85
CA MET D 543 -46.29 10.26 11.36
C MET D 543 -45.43 9.41 10.44
N VAL D 544 -45.53 9.65 9.14
CA VAL D 544 -44.74 8.93 8.15
C VAL D 544 -43.27 9.31 8.25
N PHE D 545 -42.96 10.59 8.47
CA PHE D 545 -41.57 11.00 8.65
C PHE D 545 -41.01 10.47 9.96
N SER D 546 -41.85 10.26 10.96
CA SER D 546 -41.39 9.63 12.19
C SER D 546 -41.21 8.13 12.00
N LEU D 547 -41.90 7.57 11.01
CA LEU D 547 -41.86 6.13 10.79
C LEU D 547 -40.66 5.74 9.94
N ALA D 548 -40.35 6.54 8.91
CA ALA D 548 -39.18 6.26 8.10
C ALA D 548 -37.90 6.58 8.85
N MET D 549 -37.91 7.61 9.68
CA MET D 549 -36.74 7.95 10.46
C MET D 549 -36.61 7.02 11.66
N GLY D 550 -37.72 6.44 12.10
CA GLY D 550 -37.67 5.55 13.24
C GLY D 550 -36.99 4.24 12.95
N TRP D 551 -37.20 3.69 11.76
CA TRP D 551 -36.48 2.49 11.37
C TRP D 551 -35.07 2.83 10.93
N THR D 552 -34.84 4.06 10.47
CA THR D 552 -33.49 4.46 10.13
C THR D 552 -32.65 4.60 11.40
N ASN D 553 -33.28 4.91 12.52
CA ASN D 553 -32.62 4.96 13.82
C ASN D 553 -32.44 3.58 14.45
N MET D 554 -32.80 2.51 13.75
CA MET D 554 -32.39 1.17 14.17
C MET D 554 -30.90 0.98 13.97
N LEU D 555 -30.28 1.79 13.11
CA LEU D 555 -28.83 1.80 12.94
C LEU D 555 -28.09 2.40 14.13
N TYR D 556 -28.78 2.94 15.13
CA TYR D 556 -28.12 3.24 16.38
C TYR D 556 -27.70 1.98 17.09
N TYR D 557 -28.61 1.03 17.22
CA TYR D 557 -28.39 -0.13 18.05
C TYR D 557 -27.52 -1.18 17.39
N THR D 558 -27.04 -0.92 16.18
CA THR D 558 -26.14 -1.86 15.52
C THR D 558 -24.71 -1.66 16.01
N ARG D 559 -24.47 -0.64 16.83
CA ARG D 559 -23.26 -0.62 17.65
C ARG D 559 -23.42 -1.64 18.77
N GLY D 560 -22.32 -1.96 19.42
CA GLY D 560 -22.29 -3.04 20.36
C GLY D 560 -22.08 -4.41 19.72
N PHE D 561 -22.51 -4.57 18.48
CA PHE D 561 -22.07 -5.65 17.61
C PHE D 561 -20.89 -5.05 16.83
N GLN D 562 -19.73 -5.70 16.91
CA GLN D 562 -18.49 -5.05 16.49
C GLN D 562 -18.43 -4.86 14.99
N GLN D 563 -18.64 -5.92 14.22
CA GLN D 563 -18.49 -5.82 12.78
C GLN D 563 -19.66 -5.08 12.15
N MET D 564 -20.78 -5.02 12.87
CA MET D 564 -21.90 -4.21 12.40
C MET D 564 -21.77 -2.76 12.85
N GLY D 565 -21.16 -2.54 14.01
CA GLY D 565 -21.02 -1.17 14.49
C GLY D 565 -19.96 -0.39 13.74
N ILE D 566 -18.90 -1.07 13.31
CA ILE D 566 -17.89 -0.45 12.44
C ILE D 566 -18.51 -0.15 11.09
N TYR D 567 -19.46 -0.98 10.66
CA TYR D 567 -20.13 -0.79 9.37
C TYR D 567 -20.97 0.47 9.35
N ALA D 568 -21.61 0.81 10.47
CA ALA D 568 -22.49 1.99 10.48
C ALA D 568 -21.71 3.26 10.77
N VAL D 569 -20.54 3.13 11.39
CA VAL D 569 -19.64 4.28 11.48
C VAL D 569 -19.11 4.64 10.10
N MET D 570 -18.87 3.61 9.28
CA MET D 570 -18.48 3.87 7.89
C MET D 570 -19.63 4.45 7.08
N ILE D 571 -20.88 4.09 7.41
CA ILE D 571 -22.03 4.70 6.76
C ILE D 571 -22.10 6.18 7.09
N GLU D 572 -21.82 6.54 8.35
CA GLU D 572 -21.73 7.94 8.75
C GLU D 572 -20.65 8.68 7.99
N LYS D 573 -19.48 8.07 7.85
CA LYS D 573 -18.36 8.75 7.19
C LYS D 573 -18.53 8.74 5.68
N MET D 574 -19.50 7.99 5.15
CA MET D 574 -19.81 8.12 3.73
C MET D 574 -20.85 9.21 3.50
N ILE D 575 -21.76 9.41 4.45
CA ILE D 575 -22.74 10.48 4.31
C ILE D 575 -22.06 11.84 4.42
N LEU D 576 -21.22 12.01 5.44
CA LEU D 576 -20.64 13.32 5.73
C LEU D 576 -19.51 13.67 4.78
N ARG D 577 -18.72 12.68 4.37
CA ARG D 577 -17.51 12.99 3.62
C ARG D 577 -17.69 12.81 2.11
N ASP D 578 -18.38 11.74 1.70
CA ASP D 578 -18.49 11.44 0.27
C ASP D 578 -19.86 11.72 -0.31
N LEU D 579 -20.94 11.63 0.48
CA LEU D 579 -22.25 11.89 -0.09
C LEU D 579 -22.57 13.37 -0.09
N CYS D 580 -22.01 14.12 0.86
CA CYS D 580 -22.20 15.57 0.85
C CYS D 580 -21.44 16.21 -0.29
N ARG D 581 -20.23 15.72 -0.59
CA ARG D 581 -19.49 16.24 -1.72
C ARG D 581 -20.11 15.81 -3.05
N PHE D 582 -20.80 14.68 -3.04
CA PHE D 582 -21.49 14.23 -4.25
C PHE D 582 -22.76 15.04 -4.46
N MET D 583 -23.61 15.15 -3.44
CA MET D 583 -24.94 15.70 -3.64
C MET D 583 -24.93 17.22 -3.78
N PHE D 584 -23.78 17.86 -3.60
CA PHE D 584 -23.68 19.25 -4.03
C PHE D 584 -23.45 19.31 -5.53
N VAL D 585 -22.45 18.58 -6.02
CA VAL D 585 -22.07 18.65 -7.43
C VAL D 585 -23.11 17.94 -8.28
N TYR D 586 -23.80 16.96 -7.70
CA TYR D 586 -24.90 16.32 -8.41
C TYR D 586 -26.09 17.25 -8.59
N LEU D 587 -26.50 17.92 -7.51
CA LEU D 587 -27.67 18.80 -7.61
C LEU D 587 -27.36 20.06 -8.38
N VAL D 588 -26.09 20.42 -8.49
CA VAL D 588 -25.70 21.50 -9.40
C VAL D 588 -25.83 21.04 -10.84
N PHE D 589 -25.46 19.78 -11.11
CA PHE D 589 -25.63 19.25 -12.47
C PHE D 589 -27.08 18.92 -12.76
N LEU D 590 -27.84 18.49 -11.75
CA LEU D 590 -29.24 18.14 -11.98
C LEU D 590 -30.07 19.38 -12.24
N PHE D 591 -29.91 20.40 -11.40
CA PHE D 591 -30.67 21.62 -11.59
C PHE D 591 -30.14 22.43 -12.76
N GLY D 592 -28.90 22.16 -13.16
CA GLY D 592 -28.33 22.89 -14.28
C GLY D 592 -28.87 22.43 -15.61
N PHE D 593 -28.88 21.11 -15.83
CA PHE D 593 -29.34 20.61 -17.12
C PHE D 593 -30.86 20.60 -17.21
N SER D 594 -31.55 20.44 -16.08
CA SER D 594 -33.01 20.45 -16.12
C SER D 594 -33.55 21.84 -16.36
N THR D 595 -32.80 22.86 -15.96
CA THR D 595 -33.14 24.22 -16.36
C THR D 595 -33.01 24.38 -17.86
N ALA D 596 -32.00 23.75 -18.45
CA ALA D 596 -31.77 23.89 -19.88
C ALA D 596 -32.75 23.05 -20.70
N VAL D 597 -33.35 22.02 -20.08
CA VAL D 597 -34.32 21.21 -20.81
C VAL D 597 -35.69 21.87 -20.80
N VAL D 598 -36.08 22.47 -19.68
CA VAL D 598 -37.36 23.17 -19.60
C VAL D 598 -37.37 24.38 -20.52
N THR D 599 -36.23 25.08 -20.60
CA THR D 599 -36.11 26.24 -21.47
C THR D 599 -36.26 25.84 -22.94
N LEU D 600 -35.83 24.64 -23.30
CA LEU D 600 -36.09 24.13 -24.64
C LEU D 600 -37.56 23.83 -24.86
N ILE D 601 -38.16 23.03 -24.00
CA ILE D 601 -39.46 22.45 -24.28
C ILE D 601 -40.55 23.49 -24.08
N GLU D 602 -41.53 23.49 -24.96
CA GLU D 602 -42.65 24.40 -24.93
C GLU D 602 -43.89 23.70 -24.42
N ASP D 603 -45.03 24.34 -24.63
CA ASP D 603 -46.32 23.69 -24.43
C ASP D 603 -46.59 22.69 -25.56
N GLY D 604 -47.84 22.22 -25.60
CA GLY D 604 -48.22 21.23 -26.59
C GLY D 604 -48.12 21.75 -28.02
N LYS D 605 -48.77 22.89 -28.29
CA LYS D 605 -48.62 23.71 -29.50
C LYS D 605 -49.19 23.03 -30.76
N ASN D 606 -49.60 21.76 -30.67
CA ASN D 606 -50.18 21.05 -31.80
C ASN D 606 -51.68 20.83 -31.63
N TYR D 607 -52.27 21.45 -30.62
CA TYR D 607 -53.71 21.33 -30.37
C TYR D 607 -54.50 22.23 -31.30
N TRP D 618 -53.02 13.28 -31.30
CA TRP D 618 -51.99 13.90 -32.12
C TRP D 618 -50.73 13.05 -32.14
N ARG D 619 -50.57 12.25 -31.09
CA ARG D 619 -49.42 11.37 -30.97
C ARG D 619 -49.85 10.07 -30.31
N ALA D 620 -49.31 8.95 -30.81
CA ALA D 620 -49.59 7.65 -30.25
C ALA D 620 -49.03 7.53 -28.84
N PRO D 621 -49.79 6.95 -27.91
CA PRO D 621 -49.36 6.90 -26.49
C PRO D 621 -48.25 5.88 -26.23
N GLY D 622 -47.01 6.29 -26.43
CA GLY D 622 -45.91 5.43 -26.04
C GLY D 622 -45.74 5.52 -24.53
N CYS D 623 -46.19 4.47 -23.84
CA CYS D 623 -46.38 4.30 -22.38
C CYS D 623 -47.51 5.18 -21.85
N ARG D 624 -48.11 6.04 -22.68
CA ARG D 624 -49.10 7.04 -22.30
C ARG D 624 -48.75 7.93 -21.10
N PRO D 625 -47.71 8.78 -21.20
CA PRO D 625 -47.75 10.08 -20.49
C PRO D 625 -48.01 11.26 -21.40
N PRO D 626 -49.23 11.52 -21.88
CA PRO D 626 -49.44 12.80 -22.58
C PRO D 626 -49.44 13.92 -21.56
N ASP D 627 -48.35 14.67 -21.52
CA ASP D 627 -48.06 15.48 -20.35
C ASP D 627 -47.48 16.81 -20.76
N SER D 628 -47.83 17.84 -19.98
CA SER D 628 -47.08 19.08 -19.95
C SER D 628 -45.84 18.87 -19.08
N TYR D 629 -44.72 18.67 -19.76
CA TYR D 629 -43.43 18.56 -19.08
C TYR D 629 -42.83 19.92 -18.81
N ASN D 630 -43.58 20.96 -19.14
CA ASN D 630 -43.20 22.36 -19.06
C ASN D 630 -42.98 22.85 -17.62
N SER D 631 -43.18 22.00 -16.61
CA SER D 631 -42.83 22.30 -15.23
C SER D 631 -41.35 22.02 -15.02
N LEU D 632 -40.74 22.78 -14.12
CA LEU D 632 -39.34 22.51 -13.76
C LEU D 632 -39.26 21.28 -12.87
N TYR D 633 -40.32 21.01 -12.11
CA TYR D 633 -40.32 19.87 -11.21
C TYR D 633 -40.37 18.56 -11.98
N SER D 634 -41.08 18.55 -13.10
CA SER D 634 -41.22 17.32 -13.87
C SER D 634 -39.90 16.94 -14.52
N THR D 635 -39.14 17.93 -14.98
CA THR D 635 -37.88 17.63 -15.68
C THR D 635 -36.78 17.25 -14.70
N CYS D 636 -36.73 17.92 -13.54
CA CYS D 636 -35.82 17.49 -12.48
C CYS D 636 -36.15 16.09 -11.99
N LEU D 637 -37.42 15.70 -12.08
CA LEU D 637 -37.79 14.33 -11.77
C LEU D 637 -37.40 13.39 -12.90
N GLU D 638 -37.43 13.88 -14.14
CA GLU D 638 -37.10 13.01 -15.28
C GLU D 638 -35.60 12.91 -15.51
N LEU D 639 -34.82 13.87 -14.98
CA LEU D 639 -33.39 13.72 -15.06
C LEU D 639 -32.83 12.98 -13.85
N PHE D 640 -33.62 12.89 -12.79
CA PHE D 640 -33.22 12.06 -11.66
C PHE D 640 -33.32 10.59 -12.02
N LYS D 641 -34.19 10.25 -12.97
CA LYS D 641 -34.40 8.86 -13.32
C LYS D 641 -33.22 8.30 -14.11
N PHE D 642 -32.42 9.17 -14.73
CA PHE D 642 -31.18 8.71 -15.35
C PHE D 642 -30.19 8.22 -14.32
N THR D 643 -30.24 8.79 -13.12
CA THR D 643 -29.32 8.38 -12.07
C THR D 643 -29.72 7.02 -11.50
N ILE D 644 -31.03 6.77 -11.40
CA ILE D 644 -31.51 5.47 -10.93
C ILE D 644 -31.23 4.39 -11.96
N GLY D 645 -31.57 4.64 -13.21
CA GLY D 645 -31.47 3.63 -14.24
C GLY D 645 -32.79 3.51 -14.96
N MET D 646 -33.63 4.53 -14.78
CA MET D 646 -34.94 4.61 -15.41
C MET D 646 -35.08 5.86 -16.25
N GLY D 647 -33.97 6.38 -16.76
CA GLY D 647 -34.01 7.59 -17.56
C GLY D 647 -34.59 7.29 -18.92
N ASP D 648 -35.59 8.07 -19.31
CA ASP D 648 -36.38 7.71 -20.48
C ASP D 648 -35.65 8.01 -21.77
N LEU D 649 -34.97 9.18 -21.83
CA LEU D 649 -34.11 9.72 -22.90
C LEU D 649 -34.94 10.16 -24.11
N GLU D 650 -36.24 9.86 -24.13
CA GLU D 650 -37.18 10.44 -25.08
C GLU D 650 -38.45 10.80 -24.34
N PHE D 651 -38.30 11.46 -23.18
CA PHE D 651 -39.42 11.60 -22.26
C PHE D 651 -40.43 12.62 -22.75
N THR D 652 -40.05 13.46 -23.70
CA THR D 652 -40.99 14.37 -24.31
C THR D 652 -40.63 14.58 -25.77
N GLU D 653 -41.59 15.07 -26.53
CA GLU D 653 -41.37 15.47 -27.91
C GLU D 653 -41.78 16.91 -28.14
N ASN D 654 -42.31 17.57 -27.12
CA ASN D 654 -42.84 18.92 -27.24
C ASN D 654 -41.70 19.92 -27.16
N TYR D 655 -40.87 19.91 -28.20
CA TYR D 655 -39.78 20.85 -28.31
C TYR D 655 -39.56 21.19 -29.77
N ASP D 656 -38.56 22.02 -30.01
CA ASP D 656 -37.90 22.14 -31.30
C ASP D 656 -36.45 21.73 -31.09
N PHE D 657 -35.72 21.62 -32.20
CA PHE D 657 -34.28 21.39 -32.23
C PHE D 657 -33.90 20.10 -31.47
N LYS D 658 -34.29 18.98 -32.09
CA LYS D 658 -34.07 17.66 -31.49
C LYS D 658 -32.61 17.39 -31.21
N ALA D 659 -31.71 18.00 -31.98
CA ALA D 659 -30.28 17.85 -31.79
C ALA D 659 -29.84 18.39 -30.43
N VAL D 660 -30.27 19.61 -30.08
CA VAL D 660 -29.77 20.21 -28.84
C VAL D 660 -30.50 19.66 -27.64
N PHE D 661 -31.56 18.88 -27.85
CA PHE D 661 -32.21 18.22 -26.73
C PHE D 661 -31.46 16.96 -26.35
N ILE D 662 -30.97 16.23 -27.33
CA ILE D 662 -30.23 15.00 -27.06
C ILE D 662 -28.82 15.31 -26.58
N ILE D 663 -28.22 16.38 -27.12
CA ILE D 663 -26.89 16.81 -26.69
C ILE D 663 -26.92 17.25 -25.22
N LEU D 664 -28.05 17.81 -24.78
CA LEU D 664 -28.22 18.09 -23.35
C LEU D 664 -28.32 16.81 -22.54
N LEU D 665 -29.10 15.84 -23.03
CA LEU D 665 -29.27 14.61 -22.28
C LEU D 665 -28.01 13.76 -22.30
N LEU D 666 -27.30 13.74 -23.42
CA LEU D 666 -26.07 12.96 -23.49
C LEU D 666 -24.97 13.60 -22.67
N ALA D 667 -24.91 14.92 -22.63
CA ALA D 667 -23.95 15.58 -21.75
C ALA D 667 -24.35 15.44 -20.29
N TYR D 668 -25.62 15.17 -20.02
CA TYR D 668 -26.02 14.94 -18.65
C TYR D 668 -25.68 13.53 -18.20
N VAL D 669 -25.92 12.54 -19.06
CA VAL D 669 -25.65 11.15 -18.69
C VAL D 669 -24.16 10.90 -18.59
N ILE D 670 -23.38 11.55 -19.44
CA ILE D 670 -21.93 11.41 -19.38
C ILE D 670 -21.37 12.11 -18.14
N LEU D 671 -21.88 13.29 -17.82
CA LEU D 671 -21.35 14.02 -16.66
C LEU D 671 -21.81 13.41 -15.35
N THR D 672 -23.04 12.91 -15.29
CA THR D 672 -23.58 12.43 -14.02
C THR D 672 -23.54 10.91 -13.90
N TYR D 673 -24.14 10.19 -14.84
CA TYR D 673 -24.21 8.74 -14.71
C TYR D 673 -22.86 8.10 -14.98
N ILE D 674 -22.23 8.46 -16.09
CA ILE D 674 -20.96 7.82 -16.45
C ILE D 674 -19.83 8.32 -15.57
N LEU D 675 -19.70 9.64 -15.43
CA LEU D 675 -18.63 10.22 -14.62
C LEU D 675 -18.94 10.19 -13.14
N LEU D 676 -20.01 10.87 -12.70
CA LEU D 676 -20.09 11.32 -11.32
C LEU D 676 -20.52 10.20 -10.39
N LEU D 677 -21.39 9.29 -10.86
CA LEU D 677 -21.74 8.14 -10.04
C LEU D 677 -20.58 7.15 -9.93
N ASN D 678 -19.90 6.89 -11.04
CA ASN D 678 -18.80 5.94 -11.01
C ASN D 678 -17.60 6.52 -10.26
N MET D 679 -17.53 7.84 -10.18
CA MET D 679 -16.50 8.49 -9.38
C MET D 679 -16.84 8.40 -7.90
N LEU D 680 -18.13 8.44 -7.56
CA LEU D 680 -18.55 8.28 -6.17
C LEU D 680 -18.17 6.93 -5.62
N ILE D 681 -18.25 5.88 -6.44
CA ILE D 681 -17.86 4.55 -6.02
C ILE D 681 -16.34 4.48 -5.80
N ALA D 682 -15.59 5.22 -6.62
CA ALA D 682 -14.15 5.24 -6.47
C ALA D 682 -13.74 6.06 -5.25
N LEU D 683 -14.47 7.13 -4.96
CA LEU D 683 -14.15 7.95 -3.80
C LEU D 683 -14.63 7.31 -2.51
N MET D 684 -15.67 6.50 -2.57
CA MET D 684 -15.99 5.64 -1.44
C MET D 684 -14.94 4.56 -1.27
N GLY D 685 -14.28 4.17 -2.37
CA GLY D 685 -13.23 3.20 -2.28
C GLY D 685 -12.00 3.71 -1.54
N GLU D 686 -11.66 4.99 -1.73
CA GLU D 686 -10.52 5.56 -1.04
C GLU D 686 -10.82 5.74 0.43
N THR D 687 -12.04 6.16 0.76
CA THR D 687 -12.39 6.51 2.13
C THR D 687 -12.38 5.28 3.02
N VAL D 688 -12.81 4.13 2.47
CA VAL D 688 -12.79 2.87 3.21
C VAL D 688 -11.36 2.48 3.58
N ASN D 689 -10.41 2.71 2.68
CA ASN D 689 -9.01 2.39 2.96
C ASN D 689 -8.42 3.29 4.05
N LYS D 690 -8.91 4.52 4.15
CA LYS D 690 -8.28 5.44 5.09
C LYS D 690 -9.01 5.48 6.43
N ILE D 691 -10.25 5.00 6.50
CA ILE D 691 -10.95 5.04 7.78
C ILE D 691 -11.06 3.63 8.35
N ALA D 692 -10.32 2.68 7.76
CA ALA D 692 -10.43 1.29 8.17
C ALA D 692 -9.95 1.08 9.60
N GLN D 693 -8.98 1.88 10.05
CA GLN D 693 -8.58 1.85 11.44
C GLN D 693 -9.37 2.86 12.27
N GLU D 694 -9.70 4.00 11.66
CA GLU D 694 -10.39 5.07 12.39
C GLU D 694 -11.80 4.67 12.78
N SER D 695 -12.50 3.94 11.90
CA SER D 695 -13.89 3.56 12.17
C SER D 695 -13.98 2.53 13.28
N LYS D 696 -12.91 1.76 13.50
CA LYS D 696 -12.88 0.87 14.65
C LYS D 696 -12.75 1.67 15.94
N ASN D 697 -12.06 2.81 15.89
CA ASN D 697 -11.85 3.58 17.12
C ASN D 697 -13.05 4.50 17.40
N ILE D 698 -13.72 4.98 16.34
CA ILE D 698 -14.93 5.76 16.54
C ILE D 698 -16.03 4.88 17.10
N TRP D 699 -16.06 3.62 16.70
CA TRP D 699 -17.05 2.67 17.24
C TRP D 699 -16.82 2.41 18.71
N LYS D 700 -15.55 2.25 19.11
CA LYS D 700 -15.25 2.02 20.52
C LYS D 700 -15.57 3.22 21.37
N LEU D 701 -15.57 4.42 20.77
CA LEU D 701 -16.07 5.58 21.48
C LEU D 701 -17.60 5.60 21.50
N GLN D 702 -18.23 5.10 20.44
CA GLN D 702 -19.69 5.01 20.42
C GLN D 702 -20.19 3.98 21.40
N ARG D 703 -19.45 2.91 21.61
CA ARG D 703 -19.83 1.93 22.61
C ARG D 703 -19.54 2.45 24.01
N ALA D 704 -18.52 3.31 24.14
CA ALA D 704 -18.15 3.84 25.45
C ALA D 704 -19.17 4.83 25.96
N ILE D 705 -19.76 5.62 25.07
CA ILE D 705 -20.83 6.54 25.48
C ILE D 705 -22.05 5.75 25.90
N THR D 706 -22.28 4.60 25.27
CA THR D 706 -23.39 3.75 25.65
C THR D 706 -23.17 3.11 27.01
N ILE D 707 -21.92 2.75 27.32
CA ILE D 707 -21.59 2.14 28.60
C ILE D 707 -21.75 3.15 29.73
N LEU D 708 -21.34 4.39 29.48
CA LEU D 708 -21.43 5.40 30.52
C LEU D 708 -22.85 5.91 30.69
N ASP D 709 -23.62 5.98 29.60
CA ASP D 709 -25.00 6.46 29.71
C ASP D 709 -25.89 5.40 30.34
N THR D 710 -25.48 4.12 30.25
CA THR D 710 -26.20 3.07 30.95
C THR D 710 -26.00 3.18 32.46
N GLU D 711 -24.78 3.53 32.87
CA GLU D 711 -24.49 3.63 34.30
C GLU D 711 -25.14 4.86 34.92
N LYS D 712 -25.40 5.90 34.12
CA LYS D 712 -26.07 7.07 34.65
C LYS D 712 -27.55 6.82 34.88
N SER D 713 -28.11 5.79 34.24
CA SER D 713 -29.52 5.49 34.39
C SER D 713 -29.87 4.88 35.74
N PHE D 714 -28.90 4.32 36.46
CA PHE D 714 -29.20 3.66 37.74
C PHE D 714 -28.11 3.97 38.74
N LEU D 715 -28.51 4.53 39.89
CA LEU D 715 -27.56 4.71 41.00
C LEU D 715 -27.24 3.37 41.66
N LYS D 716 -28.15 2.40 41.57
CA LYS D 716 -27.90 1.07 42.12
C LYS D 716 -26.85 0.34 41.29
N CYS D 717 -26.84 0.55 39.97
CA CYS D 717 -25.88 -0.13 39.13
C CYS D 717 -24.48 0.48 39.26
N MET D 718 -24.40 1.70 39.78
CA MET D 718 -23.09 2.34 39.99
C MET D 718 -22.29 1.61 41.06
N ARG D 719 -22.98 1.06 42.07
CA ARG D 719 -22.29 0.24 43.06
C ARG D 719 -21.97 -1.13 42.49
N LYS D 720 -22.64 -1.51 41.41
CA LYS D 720 -22.23 -2.69 40.66
C LYS D 720 -21.20 -2.33 39.59
N ALA D 721 -21.13 -1.04 39.23
CA ALA D 721 -20.19 -0.61 38.20
C ALA D 721 -18.77 -0.45 38.71
N PHE D 722 -18.48 -0.81 39.96
CA PHE D 722 -17.10 -1.04 40.33
C PHE D 722 -16.57 -2.20 39.52
N ARG D 723 -15.72 -1.92 38.55
CA ARG D 723 -15.26 -2.95 37.62
C ARG D 723 -14.10 -3.70 38.25
N SER D 724 -14.42 -4.78 38.95
CA SER D 724 -13.52 -5.85 39.42
C SER D 724 -12.33 -5.32 40.22
N GLY D 725 -12.47 -4.18 40.87
CA GLY D 725 -11.35 -3.62 41.62
C GLY D 725 -11.07 -4.42 42.86
N LYS D 726 -12.11 -5.03 43.44
CA LYS D 726 -12.09 -5.96 44.56
C LYS D 726 -11.55 -5.36 45.86
N LEU D 727 -11.22 -4.06 45.88
CA LEU D 727 -10.51 -3.38 46.98
C LEU D 727 -9.24 -4.16 47.34
N LEU D 728 -8.31 -4.22 46.39
CA LEU D 728 -7.10 -5.00 46.57
C LEU D 728 -6.01 -4.18 47.23
N GLN D 729 -5.14 -4.85 47.97
CA GLN D 729 -3.99 -4.21 48.56
C GLN D 729 -2.84 -4.22 47.57
N VAL D 730 -2.19 -3.07 47.39
CA VAL D 730 -1.10 -2.95 46.43
C VAL D 730 0.20 -2.54 47.11
N GLY D 731 0.36 -2.83 48.39
CA GLY D 731 1.55 -2.47 49.10
C GLY D 731 1.19 -1.64 50.30
N TYR D 732 2.12 -0.78 50.71
CA TYR D 732 1.96 0.04 51.89
C TYR D 732 2.23 1.50 51.54
N THR D 733 1.45 2.39 52.16
CA THR D 733 1.66 3.81 52.02
C THR D 733 2.86 4.25 52.87
N PRO D 734 3.37 5.46 52.68
CA PRO D 734 4.10 6.11 53.77
C PRO D 734 3.17 6.32 54.96
N ASP D 735 3.77 6.21 56.16
CA ASP D 735 3.23 5.94 57.51
C ASP D 735 2.95 4.44 57.67
N GLY D 736 3.13 3.64 56.61
CA GLY D 736 3.06 2.20 56.74
C GLY D 736 1.66 1.65 56.90
N LYS D 737 0.68 2.28 56.27
CA LYS D 737 -0.70 1.84 56.35
C LYS D 737 -1.05 1.07 55.08
N ASP D 738 -2.15 0.33 55.12
CA ASP D 738 -2.58 -0.45 53.96
C ASP D 738 -3.06 0.47 52.84
N ASP D 739 -2.75 0.10 51.59
CA ASP D 739 -3.02 1.02 50.50
C ASP D 739 -4.46 0.90 50.02
N TYR D 740 -4.89 -0.32 49.68
CA TYR D 740 -6.30 -0.69 49.44
C TYR D 740 -6.94 0.13 48.33
N ARG D 741 -6.44 -0.04 47.12
CA ARG D 741 -6.94 0.69 45.96
C ARG D 741 -7.67 -0.22 44.99
N TRP D 742 -8.74 0.30 44.39
CA TRP D 742 -9.51 -0.45 43.41
C TRP D 742 -8.69 -0.69 42.15
N CYS D 743 -8.39 -1.94 41.88
CA CYS D 743 -7.45 -2.27 40.82
C CYS D 743 -8.06 -3.25 39.84
N PHE D 744 -8.11 -2.86 38.58
CA PHE D 744 -8.49 -3.76 37.52
C PHE D 744 -7.33 -4.70 37.21
N ARG D 745 -7.63 -5.99 37.05
CA ARG D 745 -6.62 -7.02 36.93
C ARG D 745 -6.46 -7.44 35.47
N VAL D 746 -5.21 -7.44 35.00
CA VAL D 746 -4.88 -7.79 33.61
C VAL D 746 -3.79 -8.87 33.63
N ASP D 747 -4.09 -10.02 33.03
CA ASP D 747 -3.09 -11.08 32.92
C ASP D 747 -2.24 -10.87 31.67
N GLU D 748 -0.94 -11.08 31.81
CA GLU D 748 0.00 -10.86 30.73
C GLU D 748 0.98 -12.02 30.66
N VAL D 749 1.81 -12.02 29.64
CA VAL D 749 2.83 -13.04 29.44
C VAL D 749 3.98 -12.44 28.63
N ASN D 750 5.21 -12.79 29.00
CA ASN D 750 6.40 -12.43 28.24
C ASN D 750 7.30 -13.66 28.18
N TRP D 751 7.85 -13.94 27.00
CA TRP D 751 8.72 -15.08 26.81
C TRP D 751 10.18 -14.69 26.67
N THR D 752 10.52 -13.43 26.88
CA THR D 752 11.90 -12.96 26.89
C THR D 752 12.31 -12.28 28.19
N THR D 753 11.46 -11.43 28.74
CA THR D 753 11.73 -10.79 30.03
C THR D 753 10.91 -11.50 31.11
N TRP D 754 11.60 -12.06 32.09
CA TRP D 754 11.02 -13.04 32.98
C TRP D 754 10.50 -12.43 34.28
N ASN D 755 10.59 -11.09 34.42
CA ASN D 755 9.91 -10.31 35.45
C ASN D 755 10.33 -10.71 36.86
N THR D 756 11.62 -10.54 37.17
CA THR D 756 12.10 -10.65 38.54
C THR D 756 12.04 -9.25 39.14
N ASN D 757 10.83 -8.88 39.57
CA ASN D 757 10.56 -7.51 39.92
C ASN D 757 10.85 -7.26 41.40
N VAL D 758 11.10 -5.98 41.72
CA VAL D 758 11.30 -5.59 43.11
C VAL D 758 9.98 -5.62 43.87
N GLY D 759 8.94 -5.02 43.29
CA GLY D 759 7.65 -5.01 43.95
C GLY D 759 6.65 -5.96 43.32
N ILE D 760 6.42 -7.08 44.00
CA ILE D 760 5.39 -8.04 43.64
C ILE D 760 4.53 -8.25 44.88
N ILE D 761 3.21 -8.16 44.71
CA ILE D 761 2.32 -8.04 45.87
C ILE D 761 2.13 -9.38 46.56
N ASN D 762 1.62 -10.37 45.85
CA ASN D 762 1.37 -11.69 46.40
C ASN D 762 2.55 -12.60 46.09
N GLU D 763 3.03 -13.33 47.10
CA GLU D 763 4.09 -14.29 46.84
C GLU D 763 3.51 -15.57 46.23
N ASP D 764 2.26 -15.90 46.57
CA ASP D 764 1.60 -17.05 45.98
C ASP D 764 0.87 -16.62 44.71
N PRO D 765 0.98 -17.35 43.62
CA PRO D 765 0.42 -16.88 42.36
C PRO D 765 -1.08 -17.14 42.27
N GLY D 766 -1.71 -16.46 41.31
CA GLY D 766 -3.12 -16.69 41.03
C GLY D 766 -4.06 -16.06 42.02
N ASN D 767 -5.35 -16.30 41.81
CA ASN D 767 -6.41 -15.77 42.65
C ASN D 767 -7.43 -16.86 42.89
N CYS D 768 -7.53 -17.32 44.15
CA CYS D 768 -8.42 -18.42 44.50
C CYS D 768 -9.14 -18.18 45.81
N GLU D 769 -9.43 -16.92 46.13
CA GLU D 769 -9.97 -16.41 47.41
C GLU D 769 -9.05 -16.76 48.58
N GLY D 770 -7.74 -16.85 48.34
CA GLY D 770 -6.75 -17.03 49.39
C GLY D 770 -5.53 -16.18 49.11
N VAL D 771 -5.19 -15.29 50.04
CA VAL D 771 -4.18 -14.27 49.81
C VAL D 771 -2.99 -14.50 50.73
N LYS D 772 -1.83 -14.01 50.33
CA LYS D 772 -0.60 -14.05 51.11
C LYS D 772 0.33 -12.97 50.60
N ARG D 773 0.70 -12.04 51.48
CA ARG D 773 1.46 -10.86 51.07
C ARG D 773 2.95 -11.19 51.06
N THR D 774 3.71 -10.38 50.32
CA THR D 774 5.14 -10.59 50.17
C THR D 774 5.91 -9.74 51.17
N LEU D 775 6.93 -10.35 51.78
CA LEU D 775 7.77 -9.67 52.76
C LEU D 775 8.81 -8.74 52.14
N SER D 776 8.78 -8.50 50.83
CA SER D 776 9.76 -7.64 50.21
C SER D 776 9.39 -6.16 50.31
N PHE D 777 8.22 -5.89 50.89
CA PHE D 777 7.77 -4.48 51.05
C PHE D 777 8.51 -3.85 52.22
N SER D 778 9.01 -2.63 52.04
CA SER D 778 9.81 -1.95 53.10
C SER D 778 8.97 -1.79 54.36
N LEU D 779 7.64 -1.69 54.21
CA LEU D 779 6.76 -1.47 55.39
C LEU D 779 5.94 -2.73 55.65
N POV E . -52.69 -22.67 -5.00
P POV E . -49.58 -20.55 -1.61
C1 POV E . -47.04 -20.68 -0.84
C2 POV E . -46.07 -21.68 -0.19
C3 POV E . -44.80 -20.96 0.27
C210 POV E . -39.61 -29.73 1.47
C11 POV E . -51.63 -21.16 -3.18
O11 POV E . -48.27 -21.36 -0.95
C211 POV E . -38.93 -30.10 2.80
C12 POV E . -51.59 -21.74 -4.63
O12 POV E . -50.47 -21.62 -2.51
C212 POV E . -37.42 -29.71 2.81
C13 POV E . -52.12 -24.05 -4.93
O13 POV E . -49.09 -19.41 -2.49
C213 POV E . -37.12 -28.68 3.92
C14 POV E . -53.87 -22.67 -4.10
O14 POV E . -50.42 -20.00 -0.49
C214 POV E . -35.61 -28.28 3.97
C15 POV E . -53.20 -22.20 -6.32
C215 POV E . -35.41 -26.98 4.80
C216 POV E . -34.00 -26.36 4.58
C217 POV E . -34.06 -24.81 4.58
C218 POV E . -32.82 -24.16 5.21
C21 POV E . -46.17 -23.92 -0.74
O21 POV E . -45.73 -22.64 -1.13
C22 POV E . -45.15 -25.07 -0.68
O22 POV E . -47.30 -24.08 -0.46
C23 POV E . -44.87 -25.54 0.78
C24 POV E . -43.73 -26.60 0.85
C25 POV E . -42.57 -26.28 -0.12
C26 POV E . -41.21 -25.95 0.58
C27 POV E . -41.17 -26.25 2.11
C28 POV E . -40.42 -27.56 2.49
C29 POV E . -40.30 -28.58 1.33
C31 POV E . -42.48 -21.35 0.54
O31 POV E . -43.70 -21.81 -0.02
C32 POV E . -41.60 -22.28 1.41
O32 POV E . -42.12 -20.24 0.34
C33 POV E . -40.16 -21.72 1.58
C34 POV E . -39.10 -22.84 1.69
C35 POV E . -37.73 -22.31 2.18
C36 POV E . -37.27 -21.04 1.41
C37 POV E . -36.11 -20.32 2.14
C38 POV E . -35.45 -19.20 1.27
N POV F . -52.55 -17.83 1.89
P POV F . -50.77 -15.34 -2.29
C1 POV F . -48.53 -13.93 -2.36
C2 POV F . -47.37 -14.31 -1.43
C3 POV F . -47.86 -15.00 -0.15
C210 POV F . -36.26 -11.51 1.90
C310 POV F . -37.79 -17.13 3.32
C11 POV F . -51.71 -16.26 0.04
O11 POV F . -49.78 -14.14 -1.71
C211 POV F . -35.96 -12.24 0.57
C311 POV F . -36.55 -16.19 3.23
C12 POV F . -52.43 -17.58 0.43
O12 POV F . -50.93 -16.52 -1.11
C212 POV F . -35.23 -13.60 0.67
C13 POV F . -53.72 -17.05 2.38
O13 POV F . -52.12 -14.77 -2.63
C213 POV F . -35.19 -14.32 -0.70
C14 POV F . -52.87 -19.26 2.12
O14 POV F . -50.13 -15.95 -3.52
C214 POV F . -34.27 -15.58 -0.70
C15 POV F . -51.22 -17.62 2.54
C215 POV F . -32.97 -15.35 0.12
C216 POV F . -31.69 -15.68 -0.69
C217 POV F . -30.47 -14.81 -0.25
C218 POV F . -29.17 -15.62 -0.25
C21 POV F . -45.26 -13.35 -1.02
O21 POV F . -46.66 -13.16 -1.11
C22 POV F . -44.57 -13.42 0.37
O22 POV F . -44.61 -13.47 -2.01
C23 POV F . -43.16 -14.03 0.26
C24 POV F . -42.10 -12.90 0.19
C25 POV F . -40.87 -13.29 -0.69
C26 POV F . -39.54 -13.36 0.12
C27 POV F . -39.51 -12.41 1.36
C28 POV F . -38.40 -12.86 2.36
C29 POV F . -37.33 -11.77 2.68
C31 POV F . -47.41 -17.01 1.08
O31 POV F . -47.46 -16.36 -0.19
C32 POV F . -46.89 -16.25 2.33
O32 POV F . -47.80 -18.13 1.19
C33 POV F . -45.35 -16.41 2.49
C34 POV F . -44.94 -17.83 2.96
C35 POV F . -43.48 -18.20 2.60
C36 POV F . -42.51 -16.99 2.70
C37 POV F . -41.08 -17.40 3.19
C38 POV F . -40.19 -16.17 3.49
C39 POV F . -38.89 -16.55 4.26
C4 YBG G . -29.22 -20.31 -3.39
C5 YBG G . -29.94 -21.08 -4.49
C6 YBG G . -31.37 -21.43 -4.12
C7 YBG G . -32.15 -20.24 -3.59
C8 YBG G . -33.60 -20.62 -3.29
C10 YBG G . -25.93 -20.06 -1.94
C13 YBG G . -22.76 -19.82 -3.56
C15 YBG G . -22.50 -22.37 -3.12
C17 YBG G . -20.20 -23.22 -2.56
C20 YBG G . -18.81 -21.94 0.64
C21 YBG G . -20.73 -20.61 0.63
C22 YBG G . -21.99 -20.39 1.45
C24 YBG G . -23.23 -18.77 2.91
C26 YBG G . -25.43 -19.80 3.59
C28 YBG G . -26.16 -21.76 5.00
C1 YBG G . -27.03 -19.58 -1.40
C11 YBG G . -24.77 -19.11 -2.23
C12 YBG G . -23.44 -19.83 -2.20
C14 YBG G . -22.31 -21.20 -4.08
C16 YBG G . -21.48 -23.47 -3.35
C18 YBG G . -19.99 -24.32 -1.53
C19 YBG G . -18.35 -23.09 -0.25
C2 YBG G . -28.20 -20.51 -1.10
C23 YBG G . -22.13 -18.93 1.86
C25 YBG G . -24.55 -19.36 2.43
C27 YBG G . -25.07 -21.20 4.10
C29 YBG G . -26.13 -23.28 5.10
C3 YBG G . -28.66 -21.24 -2.34
C37 YBG G . -17.08 -23.69 0.35
C38 YBG G . -14.65 -24.15 3.61
C39 YBG G . -13.50 -24.85 4.35
C40 YBG G . -13.71 -24.80 5.85
C41 YBG G . -13.65 -23.36 6.33
C42 YBG G . -14.61 -22.40 5.60
C43 YBG G . -15.01 -22.75 4.15
C9 YBG G . -33.87 -20.59 -1.79
O1 YBG G . -20.37 -25.41 -1.78
O10 YBG G . -12.66 -25.51 6.46
O11 YBG G . -12.35 -22.89 6.12
O12 YBG G . -13.97 -21.15 5.55
O13 YBG G . -14.43 -21.79 3.30
O2 YBG G . -19.35 -24.07 -0.30
O3 YBG G . -20.20 -21.90 0.53
O4 YBG G . -20.20 -19.71 0.07
O5 YBG G . -17.18 -23.76 1.74
O6 YBG G . -18.02 -25.88 2.91
O7 YBG G . -16.07 -26.06 1.44
O8 YBG G . -15.79 -24.95 3.75
O9 YBG G . -13.50 -26.20 3.96
P1 YBG G . -16.76 -25.18 2.45
N POV H . -19.82 -33.00 -1.14
P POV H . -19.11 -35.85 -4.70
C1 POV H . -19.94 -36.79 -7.01
C2 POV H . -21.02 -37.88 -7.04
C3 POV H . -20.84 -38.72 -8.30
C210 POV H . -26.24 -39.21 -15.49
C310 POV H . -20.47 -41.73 -16.68
C11 POV H . -20.42 -33.92 -3.48
O11 POV H . -20.20 -35.91 -5.95
C211 POV H . -26.65 -40.54 -16.18
C311 POV H . -20.06 -42.51 -17.96
C12 POV H . -19.61 -32.92 -2.61
O12 POV H . -19.86 -35.21 -3.37
C212 POV H . -26.98 -40.38 -17.69
C312 POV H . -19.39 -41.60 -19.03
C13 POV H . -18.75 -33.88 -0.58
O13 POV H . -18.61 -37.24 -4.40
C213 POV H . -26.56 -39.01 -18.31
C313 POV H . -17.84 -41.68 -19.00
C14 POV H . -19.57 -31.67 -0.56
O14 POV H . -17.95 -34.97 -5.09
C214 POV H . -26.84 -38.91 -19.84
C314 POV H . -17.33 -43.15 -19.01
C15 POV H . -21.24 -33.32 -0.84
C215 POV H . -27.84 -37.77 -20.18
C315 POV H . -15.78 -43.24 -19.09
C216 POV H . -27.14 -36.42 -20.50
C316 POV H . -15.31 -43.66 -20.50
C217 POV H . -26.40 -36.45 -21.86
C218 POV H . -26.11 -35.03 -22.40
C21 POV H . -22.99 -36.86 -8.07
O21 POV H . -22.32 -37.35 -6.91
C22 POV H . -24.30 -37.50 -8.59
O22 POV H . -22.57 -35.92 -8.66
C23 POV H . -25.00 -38.43 -7.56
C24 POV H . -25.33 -39.82 -8.18
C25 POV H . -26.42 -39.72 -9.30
C26 POV H . -25.88 -40.12 -10.70
C27 POV H . -26.92 -39.81 -11.81
C28 POV H . -26.44 -40.30 -13.22
C29 POV H . -26.15 -39.09 -14.16
C31 POV H . -19.97 -40.92 -8.54
O31 POV H . -19.74 -39.58 -8.10
C32 POV H . -21.10 -41.76 -7.89
O32 POV H . -19.31 -41.37 -9.41
C33 POV H . -21.47 -42.99 -8.77
C34 POV H . -22.42 -42.63 -9.96
C35 POV H . -22.58 -43.80 -10.95
C36 POV H . -21.50 -43.80 -12.06
C37 POV H . -21.91 -42.94 -13.28
C38 POV H . -20.85 -42.96 -14.42
C39 POV H . -21.46 -42.55 -15.79
N POV I . -14.72 -12.63 12.96
P POV I . -16.17 -15.90 9.30
C1 POV I . -18.81 -15.64 9.16
C2 POV I . -19.73 -14.72 9.98
C3 POV I . -18.91 -13.83 10.92
C210 POV I . -26.49 -15.57 6.12
C310 POV I . -27.29 -11.26 8.75
C11 POV I . -15.04 -14.23 10.98
O11 POV I . -17.55 -15.02 9.01
C211 POV I . -26.35 -16.26 4.74
C311 POV I . -28.44 -11.81 7.87
C12 POV I . -14.52 -14.03 12.44
O12 POV I . -15.59 -15.53 10.82
C212 POV I . -26.49 -15.27 3.56
C312 POV I . -28.87 -10.81 6.76
C13 POV I . -16.10 -12.57 13.50
O13 POV I . -16.50 -17.38 9.22
C213 POV I . -27.47 -14.10 3.85
C313 POV I . -30.38 -10.90 6.46
C14 POV I . -13.82 -12.39 14.12
O14 POV I . -15.12 -15.54 8.27
C214 POV I . -27.31 -12.91 2.86
C314 POV I . -31.24 -10.82 7.75
C15 POV I . -14.31 -11.63 11.94
C215 POV I . -28.64 -12.56 2.15
C315 POV I . -31.76 -9.40 8.02
C216 POV I . -29.83 -12.50 3.13
C316 POV I . -32.59 -9.32 9.33
C217 POV I . -31.16 -12.05 2.45
C218 POV I . -32.36 -12.13 3.40
C21 POV I . -20.40 -16.70 11.24
O21 POV I . -20.71 -15.42 10.72
C22 POV I . -21.19 -17.95 10.74
O22 POV I . -19.55 -16.85 12.08
C23 POV I . -22.66 -17.63 10.37
C24 POV I . -22.84 -17.28 8.87
C25 POV I . -23.27 -15.80 8.63
C26 POV I . -24.36 -15.32 9.63
C27 POV I . -25.54 -14.61 8.91
C28 POV I . -26.72 -15.58 8.62
C29 POV I . -26.59 -16.29 7.25
C31 POV I . -18.91 -11.44 10.93
O31 POV I . -18.61 -12.62 10.22
C32 POV I . -19.14 -10.13 10.13
O32 POV I . -18.97 -11.44 12.12
C33 POV I . -20.63 -9.93 9.73
C34 POV I . -21.58 -9.76 10.94
C35 POV I . -22.87 -10.63 10.79
C36 POV I . -24.02 -9.84 10.11
C37 POV I . -25.40 -10.18 10.74
C38 POV I . -26.53 -9.25 10.19
C39 POV I . -27.74 -10.06 9.65
C210 POV J . -39.95 -41.50 -9.39
C211 POV J . -40.54 -41.04 -8.02
C212 POV J . -40.74 -39.51 -7.78
C213 POV J . -40.05 -38.58 -8.83
C214 POV J . -40.69 -37.17 -8.89
C215 POV J . -39.84 -36.09 -8.16
C216 POV J . -39.20 -35.09 -9.14
C217 POV J . -38.12 -35.74 -10.04
C218 POV J . -37.49 -34.73 -11.03
C22 POV J . -47.68 -45.11 -10.06
C23 POV J . -46.47 -44.25 -9.57
C24 POV J . -45.59 -43.75 -10.75
C25 POV J . -44.26 -44.56 -10.88
C26 POV J . -43.00 -43.65 -11.01
C27 POV J . -43.13 -42.33 -10.22
C28 POV J . -42.14 -41.22 -10.70
C29 POV J . -40.65 -41.60 -10.54
N POV K . -40.82 -30.71 -31.18
P POV K . -40.11 -28.53 -27.70
C1 POV K . -38.39 -27.57 -25.95
C2 POV K . -37.21 -26.75 -26.50
C3 POV K . -35.91 -27.55 -26.35
C210 POV K . -30.84 -21.07 -23.71
C310 POV K . -26.56 -27.72 -21.15
C11 POV K . -41.49 -28.52 -29.94
O11 POV K . -39.51 -27.29 -26.76
C211 POV K . -30.00 -19.95 -24.36
C311 POV K . -25.32 -26.88 -20.72
C12 POV K . -41.02 -29.22 -31.26
O12 POV K . -40.37 -27.98 -29.25
C212 POV K . -29.70 -18.81 -23.36
C312 POV K . -25.69 -25.42 -20.34
C13 POV K . -41.83 -31.34 -30.28
O13 POV K . -39.12 -29.67 -27.72
C213 POV K . -29.44 -17.44 -24.05
C313 POV K . -25.14 -25.00 -18.95
C14 POV K . -41.05 -31.32 -32.50
O14 POV K . -41.42 -29.01 -27.11
C214 POV K . -30.06 -16.25 -23.24
C314 POV K . -24.41 -23.63 -18.99
C15 POV K . -39.39 -30.91 -30.88
C215 POV K . -29.07 -15.07 -23.04
C315 POV K . -23.83 -23.24 -17.61
C216 POV K . -28.35 -15.13 -21.67
C316 POV K . -22.53 -22.43 -17.74
C217 POV K . -26.83 -15.42 -21.82
C218 POV K . -25.96 -14.16 -21.63
C21 POV K . -37.81 -24.50 -26.49
O21 POV K . -37.12 -25.54 -25.83
C22 POV K . -37.22 -23.88 -27.79
O22 POV K . -38.85 -24.10 -26.06
C23 POV K . -36.37 -22.61 -27.52
C24 POV K . -35.35 -22.78 -26.35
C25 POV K . -34.09 -23.60 -26.73
C26 POV K . -33.06 -22.79 -27.58
C27 POV K . -32.36 -21.66 -26.77
C28 POV K . -31.13 -22.17 -25.96
C29 POV K . -31.36 -22.08 -24.43
C31 POV K . -34.77 -27.38 -24.27
O31 POV K . -35.81 -28.01 -25.00
C32 POV K . -33.81 -28.24 -23.41
O32 POV K . -34.63 -26.20 -24.32
C33 POV K . -34.50 -28.82 -22.15
C34 POV K . -33.77 -28.50 -20.81
C35 POV K . -32.36 -27.86 -20.97
C36 POV K . -31.21 -28.88 -20.79
C37 POV K . -29.82 -28.22 -21.04
C38 POV K . -28.67 -28.97 -20.32
C39 POV K . -27.49 -28.03 -19.94
N POV L . -42.63 -27.68 -22.48
P POV L . -44.41 -32.28 -23.39
C1 POV L . -43.68 -33.86 -25.37
C2 POV L . -42.44 -34.77 -25.47
C3 POV L . -41.67 -34.78 -24.14
C210 POV L . -32.21 -31.84 -24.39
C310 POV L . -32.54 -39.81 -19.58
C11 POV L . -43.52 -30.08 -22.16
O11 POV L . -43.35 -32.74 -24.58
C211 POV L . -30.87 -31.10 -24.19
C311 POV L . -31.54 -40.93 -19.19
C12 POV L . -43.81 -28.55 -22.16
O12 POV L . -44.36 -30.64 -23.17
C212 POV L . -29.66 -32.06 -24.03
C312 POV L . -30.11 -40.72 -19.80
C13 POV L . -41.82 -28.27 -23.58
O13 POV L . -45.82 -32.69 -23.80
C213 POV L . -28.55 -31.45 -23.13
C313 POV L . -29.59 -41.96 -20.56
C14 POV L . -43.11 -26.41 -23.04
O14 POV L . -44.06 -32.97 -22.09
C214 POV L . -27.76 -30.30 -23.84
C314 POV L . -29.79 -41.85 -22.09
C15 POV L . -41.97 -27.35 -21.20
C215 POV L . -26.20 -30.44 -23.77
C315 POV L . -28.91 -40.73 -22.71
C216 POV L . -25.67 -31.68 -23.02
C316 POV L . -29.09 -40.62 -24.25
C217 POV L . -25.18 -32.79 -23.97
C218 POV L . -25.32 -34.19 -23.35
C21 POV L . -40.63 -33.39 -26.40
O21 POV L . -41.63 -34.40 -26.57
C22 POV L . -39.14 -33.75 -26.60
O22 POV L . -40.93 -32.27 -26.15
C23 POV L . -38.59 -33.25 -27.97
C24 POV L . -37.14 -32.71 -27.87
C25 POV L . -36.21 -33.60 -27.00
C26 POV L . -34.97 -32.82 -26.49
C27 POV L . -34.78 -32.95 -24.95
C28 POV L . -33.61 -33.92 -24.57
C29 POV L . -32.26 -33.18 -24.37
C31 POV L . -39.76 -35.78 -23.12
O31 POV L . -40.58 -35.68 -24.27
C32 POV L . -38.27 -35.36 -23.21
O32 POV L . -40.20 -36.21 -22.10
C33 POV L . -37.31 -36.41 -22.57
C34 POV L . -36.98 -36.10 -21.09
C35 POV L . -35.80 -36.97 -20.58
C36 POV L . -35.28 -36.51 -19.20
C37 POV L . -33.94 -37.21 -18.81
C38 POV L . -32.93 -37.27 -19.98
C39 POV L . -31.88 -38.40 -19.76
N POV M . -0.89 -23.38 -12.23
P POV M . -5.22 -25.17 -12.83
C1 POV M . -6.51 -26.54 -14.70
C2 POV M . -5.82 -26.14 -16.01
C3 POV M . -6.42 -24.81 -16.49
C210 POV M . -15.16 -31.66 -17.32
C310 POV M . -16.44 -27.05 -18.76
C11 POV M . -2.58 -25.31 -12.68
O11 POV M . -5.53 -26.57 -13.68
C211 POV M . -16.59 -31.99 -16.81
C311 POV M . -17.77 -26.34 -18.37
C12 POV M . -1.86 -24.38 -11.65
O12 POV M . -3.70 -24.62 -13.19
C212 POV M . -17.57 -30.80 -17.00
C312 POV M . -18.47 -27.03 -17.16
C13 POV M . -0.24 -23.89 -13.46
O13 POV M . -6.24 -24.12 -13.21
C213 POV M . -17.85 -30.51 -18.50
C313 POV M . -19.95 -27.37 -17.45
C14 POV M . -1.60 -22.13 -12.62
O14 POV M . -5.30 -25.46 -11.34
C214 POV M . -18.56 -31.69 -19.21
C314 POV M . -20.95 -26.43 -16.72
C15 POV M . -0.01 -22.99 -11.10
C215 POV M . -19.92 -31.26 -19.83
C315 POV M . -22.35 -27.06 -16.59
C216 POV M . -21.06 -32.25 -19.46
C316 POV M . -22.84 -27.77 -17.87
C217 POV M . -22.09 -32.39 -20.60
C218 POV M . -21.83 -33.62 -21.49
C21 POV M . -5.86 -28.46 -16.70
O21 POV M . -5.99 -27.08 -17.03
C22 POV M . -7.06 -29.42 -16.95
O22 POV M . -4.84 -28.89 -16.24
C23 POV M . -7.90 -29.00 -18.18
C24 POV M . -9.05 -28.02 -17.82
C25 POV M . -10.45 -28.62 -18.12
C26 POV M . -10.82 -29.77 -17.14
C27 POV M . -12.35 -30.04 -17.07
C28 POV M . -12.67 -31.56 -17.06
C29 POV M . -14.09 -31.87 -16.54
C31 POV M . -8.40 -23.60 -15.95
O31 POV M . -7.82 -24.86 -16.25
C32 POV M . -9.83 -23.27 -16.45
O32 POV M . -7.80 -22.79 -15.31
C33 POV M . -10.86 -23.18 -15.29
C34 POV M . -12.07 -24.12 -15.51
C35 POV M . -13.10 -24.07 -14.35
C36 POV M . -14.52 -24.52 -14.80
C37 POV M . -14.48 -25.88 -15.55
C38 POV M . -15.00 -25.79 -17.01
C39 POV M . -15.45 -27.17 -17.56
CL CL N . -52.61 0.50 -24.62
NA NA O . -34.24 0.33 -16.03
N POV P . -35.31 -17.41 -42.06
P POV P . -32.40 -19.20 -38.30
C1 POV P . -29.98 -18.87 -37.27
C2 POV P . -28.51 -19.03 -37.66
C3 POV P . -27.60 -18.92 -36.44
C210 POV P . -19.10 -17.85 -42.12
C11 POV P . -34.42 -18.63 -39.94
O11 POV P . -30.74 -19.25 -38.40
C211 POV P . -17.87 -18.77 -41.93
C12 POV P . -34.67 -17.29 -40.70
O12 POV P . -33.01 -18.77 -39.78
C212 POV P . -16.82 -18.15 -40.98
C13 POV P . -34.22 -17.24 -43.05
O13 POV P . -32.83 -18.20 -37.24
C213 POV P . -16.60 -19.04 -39.73
C14 POV P . -35.93 -18.73 -42.35
O14 POV P . -32.90 -20.57 -37.93
C214 POV P . -15.51 -18.46 -38.77
C15 POV P . -36.42 -16.43 -42.06
C215 POV P . -15.56 -19.14 -37.37
C216 POV P . -14.78 -18.35 -36.30
C217 POV P . -15.51 -18.37 -34.94
C218 POV P . -14.54 -18.45 -33.74
C21 POV P . -27.84 -18.54 -39.82
O21 POV P . -28.19 -18.02 -38.56
C22 POV P . -26.45 -18.19 -40.40
O22 POV P . -28.59 -19.24 -40.41
C23 POV P . -25.50 -19.41 -40.49
C24 POV P . -24.09 -19.01 -41.02
C25 POV P . -23.61 -17.64 -40.46
C26 POV P . -22.38 -17.73 -39.50
C27 POV P . -21.65 -19.10 -39.48
C28 POV P . -20.33 -19.13 -40.31
C29 POV P . -20.21 -18.01 -41.38
C31 POV P . -25.42 -18.21 -35.84
O31 POV P . -26.43 -18.21 -36.84
C32 POV P . -23.98 -18.64 -36.19
O32 POV P . -25.68 -17.88 -34.73
C33 POV P . -22.99 -18.21 -35.08
C34 POV P . -21.59 -17.83 -35.66
C35 POV P . -20.51 -17.72 -34.55
C36 POV P . -20.96 -16.83 -33.37
C37 POV P . -20.04 -17.02 -32.12
C38 POV P . -20.30 -15.96 -31.01
N POV Q . -34.69 -23.62 -36.38
P POV Q . -35.87 -19.08 -34.19
C1 POV Q . -34.67 -18.06 -32.07
C2 POV Q . -33.21 -18.42 -31.77
C3 POV Q . -32.84 -19.80 -32.34
C210 POV Q . -24.08 -16.84 -24.30
C310 POV Q . -22.35 -18.79 -29.70
C11 POV Q . -35.39 -21.59 -34.96
O11 POV Q . -35.36 -19.17 -32.60
C211 POV Q . -24.02 -15.50 -25.07
C311 POV Q . -21.78 -18.19 -28.39
C12 POV Q . -35.26 -22.24 -36.36
O12 POV Q . -35.05 -20.22 -35.09
C212 POV Q . -22.78 -15.29 -25.98
C13 POV Q . -35.81 -24.55 -36.05
O13 POV Q . -37.36 -19.33 -34.28
C213 POV Q . -22.94 -14.02 -26.88
C14 POV Q . -34.25 -23.96 -37.76
O14 POV Q . -35.55 -17.70 -34.72
C214 POV Q . -21.64 -13.65 -27.66
C15 POV Q . -33.46 -23.66 -35.56
C215 POV Q . -20.37 -13.84 -26.80
C216 POV Q . -19.49 -12.57 -26.71
C217 POV Q . -18.70 -12.51 -25.38
C218 POV Q . -17.33 -11.84 -25.54
C21 POV Q . -31.76 -17.93 -29.98
O21 POV Q . -33.02 -18.42 -30.38
C22 POV Q . -30.65 -18.91 -29.53
O22 POV Q . -31.55 -16.75 -30.00
C23 POV Q . -29.25 -18.22 -29.54
C24 POV Q . -28.91 -17.65 -28.15
C25 POV Q . -28.02 -16.38 -28.23
C26 POV Q . -26.62 -16.56 -27.58
C27 POV Q . -26.55 -17.68 -26.50
C28 POV Q . -25.07 -18.14 -26.28
C29 POV Q . -24.56 -18.00 -24.83
C31 POV Q . -31.16 -20.76 -33.76
O31 POV Q . -31.94 -19.61 -33.44
C32 POV Q . -30.58 -21.66 -32.64
O32 POV Q . -30.94 -21.02 -34.90
C33 POV Q . -29.19 -21.16 -32.15
C34 POV Q . -28.06 -21.42 -33.20
C35 POV Q . -26.83 -20.49 -33.01
C36 POV Q . -26.51 -20.17 -31.53
C37 POV Q . -24.99 -20.04 -31.26
C38 POV Q . -24.67 -19.94 -29.74
C39 POV Q . -23.15 -20.10 -29.46
C4 YBG R . -16.47 -9.11 -30.37
C5 YBG R . -17.16 -8.40 -31.54
C6 YBG R . -18.00 -9.35 -32.37
C7 YBG R . -18.96 -10.19 -31.54
C8 YBG R . -19.87 -11.03 -32.40
C10 YBG R . -13.32 -9.07 -28.60
C13 YBG R . -11.56 -6.25 -27.57
C15 YBG R . -10.05 -6.43 -29.62
C17 YBG R . -7.56 -6.16 -29.33
C20 YBG R . -5.71 -8.43 -27.06
C21 YBG R . -7.85 -9.25 -26.61
C22 YBG R . -8.69 -10.51 -26.76
C24 YBG R . -9.87 -12.35 -25.52
C26 YBG R . -10.97 -13.88 -27.21
C28 YBG R . -10.18 -15.47 -29.02
C1 YBG R . -14.21 -10.04 -28.53
C11 YBG R . -12.89 -8.37 -27.32
C12 YBG R . -11.50 -7.77 -27.43
C14 YBG R . -10.36 -5.69 -28.31
C16 YBG R . -8.76 -5.92 -30.24
C18 YBG R . -6.49 -6.97 -30.05
C19 YBG R . -5.19 -7.43 -28.09
C2 YBG R . -14.67 -10.76 -29.78
C23 YBG R . -9.28 -10.96 -25.43
C25 YBG R . -10.86 -12.46 -26.67
C27 YBG R . -9.86 -14.22 -28.22
C29 YBG R . -9.46 -15.52 -30.36
C3 YBG R . -15.20 -9.80 -30.84
C37 YBG R . -3.66 -7.45 -28.03
C38 YBG R . -0.25 -9.43 -26.89
C39 YBG R . 1.27 -9.57 -26.96
C40 YBG R . 1.69 -11.01 -26.71
C41 YBG R . 1.30 -11.41 -25.27
C42 YBG R . -0.19 -11.21 -24.95
C43 YBG R . -0.94 -10.08 -25.68
C9 YBG R . -19.58 -12.51 -32.21
O1 YBG R . -6.42 -6.86 -31.23
O10 YBG R . 3.08 -11.09 -26.83
O11 YBG R . 2.05 -10.62 -24.40
O12 YBG R . -0.26 -10.93 -23.58
O13 YBG R . -1.21 -9.07 -24.74
O2 YBG R . -5.62 -7.82 -29.36
O3 YBG R . -6.89 -8.94 -27.58
O4 YBG R . -8.00 -8.54 -25.68
O5 YBG R . -3.19 -8.76 -27.88
O6 YBG R . -2.54 -10.22 -29.90
O7 YBG R . -1.41 -8.06 -29.60
O8 YBG R . -0.79 -10.01 -28.04
O9 YBG R . 1.69 -9.23 -28.25
P1 YBG R . -1.98 -9.26 -28.88
N POV S . -2.44 -7.23 -37.72
P POV S . -1.98 -3.70 -40.67
C1 POV S . -3.12 -1.93 -42.25
C2 POV S . -3.54 -2.36 -43.66
C3 POV S . -3.50 -1.13 -44.58
C210 POV S . -10.43 3.12 -48.46
C310 POV S . -5.03 6.61 -48.68
C11 POV S . -3.43 -5.33 -39.18
O11 POV S . -3.32 -3.02 -41.38
C211 POV S . -10.40 3.60 -49.93
C311 POV S . -4.84 7.94 -49.45
C12 POV S . -2.83 -5.78 -37.82
O12 POV S . -2.38 -5.22 -40.13
C212 POV S . -11.33 4.82 -50.20
C312 POV S . -5.08 9.19 -48.56
C13 POV S . -0.99 -7.30 -38.00
O13 POV S . -0.87 -3.80 -41.70
C213 POV S . -11.81 5.56 -48.92
C313 POV S . -3.76 9.80 -48.02
C14 POV S . -2.62 -7.64 -36.31
O14 POV S . -1.53 -2.87 -39.50
C214 POV S . -12.65 6.84 -49.21
C314 POV S . -2.71 10.03 -49.15
C15 POV S . -3.36 -8.08 -38.52
C215 POV S . -14.09 6.74 -48.64
C315 POV S . -1.43 10.75 -48.63
C216 POV S . -14.21 7.30 -47.20
C316 POV S . -1.39 12.22 -49.08
C217 POV S . -14.10 8.85 -47.16
C218 POV S . -14.71 9.46 -45.89
C21 POV S . -5.98 -2.23 -43.69
O21 POV S . -4.79 -3.00 -43.67
C22 POV S . -6.97 -2.32 -44.90
O22 POV S . -6.26 -1.52 -42.79
C23 POV S . -6.74 -3.54 -45.81
C24 POV S . -6.65 -3.12 -47.31
C25 POV S . -8.00 -2.57 -47.86
C26 POV S . -7.91 -1.06 -48.26
C27 POV S . -9.31 -0.48 -48.63
C28 POV S . -9.24 0.99 -49.10
C29 POV S . -9.90 1.94 -48.08
C31 POV S . -1.93 -0.58 -46.28
O31 POV S . -2.14 -0.90 -44.91
C32 POV S . -2.24 -1.65 -47.36
O32 POV S . -1.51 0.47 -46.58
C33 POV S . -2.34 -1.02 -48.78
C34 POV S . -3.71 -0.32 -49.03
C35 POV S . -3.70 0.51 -50.35
C36 POV S . -3.23 1.97 -50.12
C37 POV S . -4.41 2.91 -49.72
C38 POV S . -3.95 4.39 -49.51
C39 POV S . -5.14 5.38 -49.65
N POV T . -1.75 -17.96 -14.86
P POV T . -2.93 -15.24 -19.03
C1 POV T . -5.27 -16.18 -19.86
C2 POV T . -6.12 -17.32 -19.26
C3 POV T . -5.49 -17.84 -17.95
C210 POV T . -12.66 -16.57 -23.31
C310 POV T . -14.24 -19.36 -19.29
C11 POV T . -2.08 -16.29 -16.78
O11 POV T . -4.55 -15.54 -18.82
C211 POV T . -12.79 -15.29 -24.16
C311 POV T . -15.27 -19.04 -20.41
C12 POV T . -1.19 -17.40 -16.13
O12 POV T . -2.04 -16.38 -18.19
C212 POV T . -13.77 -14.27 -23.53
C312 POV T . -16.47 -18.20 -19.89
C13 POV T . -2.72 -19.01 -15.24
O13 POV T . -2.59 -15.31 -20.51
C213 POV T . -15.00 -14.95 -22.87
C313 POV T . -17.79 -18.57 -20.62
C14 POV T . -0.70 -18.64 -14.08
O14 POV T . -2.61 -13.87 -18.48
C214 POV T . -15.74 -14.00 -21.87
C314 POV T . -18.05 -20.10 -20.62
C15 POV T . -2.23 -16.85 -13.98
C215 POV T . -17.26 -13.91 -22.18
C315 POV T . -19.05 -20.53 -19.52
C216 POV T . -17.90 -15.30 -22.43
C316 POV T . -19.20 -22.07 -19.44
C217 POV T . -19.43 -15.21 -22.68
C218 POV T . -20.04 -16.58 -23.04
C21 POV T . -5.31 -18.73 -21.07
O21 POV T . -6.33 -18.40 -20.14
C22 POV T . -5.59 -18.60 -22.60
O22 POV T . -4.25 -19.14 -20.72
C23 POV T . -7.07 -18.87 -22.98
C24 POV T . -7.91 -17.56 -23.02
C25 POV T . -9.00 -17.50 -21.90
C26 POV T . -9.71 -18.87 -21.67
C27 POV T . -11.26 -18.70 -21.59
C28 POV T . -11.96 -18.97 -22.96
C29 POV T . -12.09 -17.69 -23.82
C31 POV T . -6.52 -17.84 -15.78
O31 POV T . -6.06 -17.08 -16.89
C32 POV T . -7.57 -17.21 -14.82
O32 POV T . -6.10 -18.94 -15.59
C33 POV T . -9.04 -17.49 -15.25
C34 POV T . -9.39 -19.00 -15.32
C35 POV T . -10.13 -19.35 -16.64
C36 POV T . -11.67 -19.22 -16.51
C37 POV T . -12.42 -20.38 -17.21
C38 POV T . -13.95 -20.34 -16.92
C39 POV T . -14.79 -20.36 -18.23
C210 POV U . -18.37 -8.11 -54.80
C211 POV U . -18.54 -9.59 -54.36
C212 POV U . -19.26 -9.88 -53.02
C213 POV U . -19.50 -8.65 -52.10
C214 POV U . -20.67 -8.87 -51.09
C215 POV U . -20.16 -9.18 -49.66
C216 POV U . -20.45 -8.03 -48.67
C217 POV U . -19.62 -6.75 -48.97
C218 POV U . -19.90 -5.61 -47.99
C22 POV U . -23.40 -10.72 -61.23
C23 POV U . -22.60 -10.67 -59.89
C24 POV U . -22.54 -9.23 -59.30
C25 POV U . -21.15 -8.56 -59.53
C26 POV U . -20.54 -7.92 -58.24
C27 POV U . -20.94 -8.69 -56.94
C28 POV U . -20.78 -7.84 -55.65
C29 POV U . -19.33 -7.35 -55.38
N POV V . -31.91 11.33 -49.34
P POV V . -30.98 8.46 -46.47
C1 POV V . -29.31 7.61 -44.61
C2 POV V . -28.92 8.59 -43.51
C3 POV V . -27.44 9.00 -43.66
C210 POV V . -25.10 8.69 -35.37
C310 POV V . -17.75 8.20 -39.23
C11 POV V . -32.96 9.94 -47.41
O11 POV V . -30.66 7.88 -44.95
C211 POV V . -25.12 9.64 -34.15
C311 POV V . -16.95 8.32 -37.91
C12 POV V . -32.76 11.32 -48.10
O12 POV V . -32.02 9.77 -46.36
C212 POV V . -25.01 8.87 -32.81
C312 POV V . -17.74 7.77 -36.69
C13 POV V . -32.13 10.09 -50.14
O13 POV V . -29.68 8.90 -47.12
C213 POV V . -25.65 9.61 -31.60
C313 POV V . -16.91 6.77 -35.85
C14 POV V . -32.33 12.43 -50.22
O14 POV V . -31.62 7.38 -47.31
C214 POV V . -26.37 8.63 -30.63
C314 POV V . -16.98 7.06 -34.33
C15 POV V . -30.53 11.66 -48.90
C215 POV V . -25.97 8.84 -29.15
C315 POV V . -16.09 6.10 -33.50
C216 POV V . -24.84 7.88 -28.70
C316 POV V . -15.49 6.78 -32.26
C217 POV V . -23.52 8.62 -28.37
C218 POV V . -23.29 8.83 -26.87
C21 POV V . -30.37 8.32 -41.71
O21 POV V . -29.11 7.99 -42.27
C22 POV V . -30.62 9.76 -41.16
O22 POV V . -31.23 7.50 -41.66
C23 POV V . -30.36 9.88 -39.64
C24 POV V . -29.01 9.23 -39.17
C25 POV V . -27.76 10.10 -39.47
C26 POV V . -27.60 11.31 -38.50
C27 POV V . -27.20 10.88 -37.06
C28 POV V . -25.68 10.62 -36.90
C29 POV V . -25.36 9.13 -36.61
C31 POV V . -25.80 7.57 -42.72
O31 POV V . -26.65 7.83 -43.82
C32 POV V . -24.32 7.20 -42.97
O32 POV V . -26.22 7.64 -41.61
C33 POV V . -24.16 5.76 -43.53
C34 POV V . -23.20 4.86 -42.71
C35 POV V . -22.38 5.60 -41.61
C36 POV V . -20.92 5.91 -42.04
C37 POV V . -20.16 6.74 -40.97
C38 POV V . -18.62 6.55 -41.05
C39 POV V . -17.94 6.71 -39.66
N POV W . -31.40 2.68 -45.76
P POV W . -31.26 2.75 -50.79
C1 POV W . -30.72 4.87 -52.26
C2 POV W . -29.34 5.47 -52.62
C3 POV W . -28.21 4.57 -52.08
C210 POV W . -21.81 8.76 -45.76
C310 POV W . -16.85 4.21 -52.19
C11 POV W . -30.99 2.03 -48.23
O11 POV W . -30.64 4.28 -50.98
C211 POV W . -20.95 9.10 -44.51
C311 POV W . -15.40 4.29 -52.75
C12 POV W . -31.87 1.91 -46.95
O12 POV W . -31.83 2.57 -49.23
C212 POV W . -19.52 9.56 -44.87
C312 POV W . -14.55 5.42 -52.11
C13 POV W . -30.90 4.02 -46.16
O13 POV W . -32.40 2.55 -51.76
C213 POV W . -18.48 9.14 -43.79
C313 POV W . -13.85 6.34 -53.16
C14 POV W . -32.55 2.99 -44.89
O14 POV W . -30.18 1.73 -51.05
C214 POV W . -18.59 9.97 -42.48
C314 POV W . -14.64 7.65 -53.40
C15 POV W . -30.52 1.79 -44.96
C215 POV W . -17.31 10.76 -42.10
C315 POV W . -14.65 8.58 -52.17
C216 POV W . -16.02 10.24 -42.78
C316 POV W . -15.41 9.91 -52.43
C217 POV W . -15.42 11.29 -43.75
C218 POV W . -14.75 10.64 -44.97
C21 POV W . -28.80 7.06 -50.83
O21 POV W . -29.26 6.81 -52.16
C22 POV W . -27.50 7.87 -50.60
O22 POV W . -29.44 6.71 -49.88
C23 POV W . -27.79 9.34 -50.17
C24 POV W . -26.80 9.86 -49.09
C25 POV W . -25.32 9.46 -49.38
C26 POV W . -24.43 9.51 -48.11
C27 POV W . -23.64 8.19 -47.87
C28 POV W . -22.13 8.33 -48.21
C29 POV W . -21.26 8.68 -46.98
C31 POV W . -25.83 4.45 -52.06
O31 POV W . -26.97 5.15 -52.50
C32 POV W . -24.83 5.14 -51.08
O32 POV W . -25.62 3.34 -52.43
C33 POV W . -23.36 4.97 -51.54
C34 POV W . -22.67 3.75 -50.87
C35 POV W . -21.14 3.80 -51.08
C36 POV W . -20.38 2.76 -50.20
C37 POV W . -18.84 2.96 -50.24
C38 POV W . -18.41 4.45 -50.14
C39 POV W . -16.97 4.67 -50.71
N POV X . 4.80 10.71 -23.63
P POV X . 1.78 9.44 -27.07
C1 POV X . 0.64 10.62 -29.14
C2 POV X . 0.53 12.10 -28.74
C3 POV X . -0.71 12.28 -27.87
C210 POV X . -5.23 9.44 -37.64
C310 POV X . -8.84 10.18 -34.22
C11 POV X . 4.06 10.42 -26.11
O11 POV X . 1.83 10.11 -28.59
C211 POV X . -6.07 8.40 -38.41
C311 POV X . -10.09 9.26 -34.04
C12 POV X . 4.66 9.80 -24.81
O12 POV X . 2.64 10.39 -26.01
C212 POV X . -7.45 8.14 -37.74
C312 POV X . -9.91 7.88 -34.72
C13 POV X . 5.08 12.11 -24.05
O13 POV X . 0.35 9.36 -26.60
C213 POV X . -8.40 9.36 -37.84
C313 POV X . -11.08 7.53 -35.67
C14 POV X . 3.54 10.76 -22.85
O14 POV X . 2.40 8.06 -27.10
C214 POV X . -8.76 9.70 -39.32
C314 POV X . -12.03 6.45 -35.08
C15 POV X . 5.79 10.06 -22.74
C215 POV X . -10.29 9.69 -39.56
C315 POV X . -12.87 5.74 -36.17
C216 POV X . -10.66 8.90 -40.83
C316 POV X . -13.43 6.70 -37.24
C217 POV X . -11.87 9.52 -41.58
C218 POV X . -11.44 10.43 -42.75
C21 POV X . 1.23 12.71 -30.99
O21 POV X . 0.40 12.96 -29.85
C22 POV X . 0.56 12.43 -32.36
O22 POV X . 2.41 12.74 -30.90
C23 POV X . -0.78 13.21 -32.55
C24 POV X . -2.02 12.41 -32.03
C25 POV X . -3.02 12.10 -33.17
C26 POV X . -2.44 11.08 -34.19
C27 POV X . -3.55 10.37 -35.02
C28 POV X . -3.11 10.17 -36.50
C29 POV X . -3.97 9.13 -37.26
C31 POV X . -2.67 10.97 -27.46
O31 POV X . -1.75 11.48 -28.42
C32 POV X . -4.17 10.84 -27.82
O32 POV X . -2.29 10.64 -26.39
C33 POV X . -4.63 9.37 -27.92
C34 POV X . -5.32 9.07 -29.28
C35 POV X . -5.72 7.58 -29.43
C36 POV X . -6.84 7.37 -30.49
C37 POV X . -6.50 8.09 -31.84
C38 POV X . -7.54 9.19 -32.21
C39 POV X . -7.53 9.50 -33.73
N POV Y . -37.21 23.51 -37.13
P POV Y . -32.64 21.31 -36.93
C1 POV Y . -30.41 21.40 -35.48
C2 POV Y . -29.29 22.37 -35.14
C3 POV Y . -28.13 21.63 -34.47
C210 POV Y . -23.75 30.30 -31.18
C11 POV Y . -35.16 21.96 -37.49
O11 POV Y . -31.30 22.09 -36.34
C211 POV Y . -22.29 30.65 -31.52
C12 POV Y . -36.23 22.55 -36.52
O12 POV Y . -33.89 22.40 -37.03
C212 POV Y . -21.31 30.25 -30.37
C13 POV Y . -36.77 24.87 -36.72
O13 POV Y . -33.02 20.17 -35.99
C213 POV Y . -20.28 29.20 -30.86
C14 POV Y . -37.27 23.51 -38.61
O14 POV Y . -32.33 20.75 -38.29
C214 POV Y . -19.29 28.77 -29.73
C15 POV Y . -38.54 23.05 -36.69
C215 POV Y . -18.54 27.47 -30.10
C216 POV Y . -17.82 26.83 -28.89
C217 POV Y . -17.89 25.27 -28.94
C218 POV Y . -16.61 24.61 -28.41
C21 POV Y . -29.75 24.62 -34.84
O21 POV Y . -29.77 23.33 -34.27
C22 POV Y . -29.01 25.75 -34.09
O22 POV Y . -30.27 24.80 -35.89
C23 POV Y . -27.71 26.20 -34.81
C24 POV Y . -26.92 27.24 -33.98
C25 POV Y . -26.91 26.91 -32.46
C26 POV Y . -25.51 26.55 -31.88
C27 POV Y . -24.32 26.85 -32.82
C28 POV Y . -23.52 28.14 -32.47
C29 POV Y . -24.31 29.16 -31.63
C31 POV Y . -26.43 21.97 -32.86
O31 POV Y . -27.63 22.47 -33.43
C32 POV Y . -25.18 22.88 -32.73
O32 POV Y . -26.38 20.86 -32.46
C33 POV Y . -24.15 22.30 -31.74
C34 POV Y . -23.38 23.40 -30.96
C35 POV Y . -22.11 22.84 -30.25
C36 POV Y . -22.44 21.58 -29.41
C37 POV Y . -21.13 20.83 -28.99
C38 POV Y . -21.39 19.71 -27.94
N POV Z . -31.90 18.61 -41.47
P POV Z . -34.01 16.13 -37.44
C1 POV Z . -32.66 14.67 -35.69
C2 POV Z . -31.20 15.04 -35.38
C3 POV Z . -30.52 15.72 -36.59
C210 POV Z . -21.57 12.03 -29.02
C310 POV Z . -21.36 17.67 -31.06
C11 POV Z . -32.81 17.03 -39.65
O11 POV Z . -32.95 14.90 -37.07
C211 POV Z . -22.40 12.76 -27.91
C311 POV Z . -20.65 16.70 -30.07
C12 POV Z . -32.96 18.37 -40.44
O12 POV Z . -33.20 17.30 -38.31
C212 POV Z . -21.82 14.10 -27.41
C13 POV Z . -32.29 17.85 -42.69
O13 POV Z . -35.15 15.58 -38.26
C213 POV Z . -22.86 14.86 -26.52
C14 POV Z . -31.91 20.04 -41.85
O14 POV Z . -34.54 16.73 -36.16
C214 POV Z . -22.25 16.09 -25.79
C15 POV Z . -30.56 18.38 -40.87
C215 POV Z . -20.79 15.85 -25.32
C216 POV Z . -20.56 16.18 -23.83
C217 POV Z . -19.46 15.29 -23.20
C218 POV Z . -18.69 16.00 -22.08
C21 POV Z . -29.54 14.05 -34.03
O21 POV Z . -30.51 13.87 -35.06
C22 POV Z . -28.03 14.09 -34.40
O22 POV Z . -29.88 14.16 -32.91
C23 POV Z . -27.20 14.69 -33.25
C24 POV Z . -26.61 13.56 -32.36
C25 POV Z . -26.48 13.97 -30.87
C26 POV Z . -25.01 13.95 -30.35
C27 POV Z . -24.06 13.00 -31.13
C28 POV Z . -22.58 13.41 -30.93
C29 POV Z . -21.67 12.32 -30.34
C31 POV Z . -29.25 17.71 -37.03
O31 POV Z . -30.27 17.08 -36.24
C32 POV Z . -27.96 16.94 -37.41
O32 POV Z . -29.39 18.84 -37.37
C33 POV Z . -26.85 17.07 -36.34
C34 POV Z . -26.21 18.48 -36.31
C35 POV Z . -25.54 18.82 -34.96
C36 POV Z . -24.86 17.60 -34.29
C37 POV Z . -23.57 17.99 -33.50
C38 POV Z . -22.78 16.74 -33.02
C39 POV Z . -21.35 17.11 -32.52
C4 YBG AA . -20.98 20.75 -20.15
C5 YBG AA . -22.28 21.53 -19.99
C6 YBG AA . -22.87 21.93 -21.33
C7 YBG AA . -22.99 20.76 -22.30
C8 YBG AA . -23.70 21.15 -23.58
C10 YBG AA . -17.75 20.44 -18.57
C13 YBG AA . -17.14 20.27 -15.14
C15 YBG AA . -16.53 22.74 -15.08
C17 YBG AA . -14.53 23.53 -13.78
C20 YBG AA . -11.18 22.22 -14.72
C21 YBG AA . -12.45 20.91 -16.20
C22 YBG AA . -12.65 20.70 -17.69
C24 YBG AA . -12.32 19.10 -19.60
C26 YBG AA . -13.22 20.16 -21.71
C28 YBG AA . -12.53 22.11 -23.16
C1 YBG AA . -18.03 19.98 -19.77
C11 YBG AA . -17.22 19.46 -17.53
C12 YBG AA . -16.39 20.15 -16.45
C14 YBG AA . -16.68 21.45 -14.29
C16 YBG AA . -15.95 23.86 -14.23
C18 YBG AA . -13.57 24.63 -14.24
C19 YBG AA . -11.57 23.36 -13.80
C2 YBG AA . -18.56 20.93 -20.85
C23 YBG AA . -12.41 19.25 -18.08
C25 YBG AA . -13.54 19.70 -20.29
C27 YBG AA . -12.57 21.54 -21.75
C29 YBG AA . -12.44 23.63 -23.18
C3 YBG AA . -19.79 21.69 -20.38
C37 YBG AA . -10.29 23.94 -13.19
C38 YBG AA . -6.19 24.34 -13.44
C39 YBG AA . -4.89 25.04 -13.02
C40 YBG AA . -3.85 24.97 -14.12
C41 YBG AA . -3.48 23.51 -14.38
C42 YBG AA . -4.66 22.57 -14.67
C43 YBG AA . -6.03 22.95 -14.07
C9 YBG AA . -22.74 21.09 -24.77
O1 YBG AA . -14.00 25.73 -14.36
O10 YBG AA . -2.71 25.65 -13.69
O11 YBG AA . -2.81 23.03 -13.24
O12 YBG AA . -4.31 21.32 -14.14
O13 YBG AA . -6.34 22.00 -13.09
O2 YBG AA . -12.22 24.36 -14.53
O3 YBG AA . -12.15 22.19 -15.72
O4 YBG AA . -12.53 20.01 -15.45
O5 YBG AA . -9.26 23.99 -14.14
O6 YBG AA . -8.89 26.10 -15.55
O7 YBG AA . -8.76 26.28 -13.12
O8 YBG AA . -6.83 25.16 -14.38
O9 YBG AA . -5.17 26.39 -12.77
P1 YBG AA . -8.45 25.41 -14.29
N POV BA . -13.02 33.30 -14.27
P POV BA . -15.26 36.16 -11.45
C1 POV BA . -17.53 37.13 -10.58
C2 POV BA . -18.23 38.24 -11.37
C3 POV BA . -19.09 39.08 -10.41
C210 POV BA . -28.08 39.68 -9.99
C310 POV BA . -25.23 42.13 -4.76
C11 POV BA . -15.21 34.21 -13.23
O11 POV BA . -16.91 36.25 -11.48
C211 POV BA . -28.81 41.03 -9.79
C311 POV BA . -25.93 42.93 -3.63
C12 POV BA . -14.01 33.22 -13.16
O12 POV BA . -14.75 35.51 -12.89
C212 POV BA . -30.21 40.89 -9.14
C312 POV BA . -26.35 42.03 -2.44
C13 POV BA . -11.90 34.17 -13.81
O13 POV BA . -14.68 37.53 -11.27
C213 POV BA . -30.43 39.54 -8.39
C313 POV BA . -25.33 42.07 -1.26
C14 POV BA . -12.43 31.96 -14.47
O14 POV BA . -14.82 35.26 -10.32
C214 POV BA . -31.79 39.45 -7.63
C314 POV BA . -24.97 43.53 -0.85
C15 POV BA . -13.69 33.63 -15.55
C215 POV BA . -32.70 38.33 -8.19
C315 POV BA . -24.05 43.58 0.39
C216 POV BA . -32.51 36.97 -7.46
C316 POV BA . -24.82 44.01 1.66
C217 POV BA . -33.08 36.99 -6.03
C218 POV BA . -33.35 35.57 -5.49
C21 POV BA . -20.30 37.25 -12.23
O21 POV BA . -18.98 37.74 -12.45
C22 POV BA . -21.53 37.92 -12.90
O22 POV BA . -20.49 36.31 -11.55
C23 POV BA . -21.18 38.83 -14.10
C24 POV BA . -21.85 40.24 -13.94
C25 POV BA . -23.40 40.17 -14.05
C26 POV BA . -24.12 40.57 -12.74
C27 POV BA . -25.65 40.31 -12.82
C28 POV BA . -26.41 40.78 -11.54
C29 POV BA . -26.99 39.56 -10.78
C31 POV BA . -18.68 41.25 -9.58
O31 POV BA . -18.21 39.92 -9.69
C32 POV BA . -18.88 42.11 -10.87
O32 POV BA . -18.91 41.73 -8.52
C33 POV BA . -19.78 43.35 -10.61
C34 POV BA . -21.29 43.01 -10.55
C35 POV BA . -22.15 44.21 -10.04
C36 POV BA . -22.31 44.19 -8.49
C37 POV BA . -23.52 43.34 -8.04
C38 POV BA . -23.71 43.34 -6.49
C39 POV BA . -25.16 42.95 -6.10
N POV CA . 0.75 12.73 -19.56
P POV CA . -2.93 16.05 -18.30
C1 POV CA . -4.75 15.86 -20.22
C2 POV CA . -4.73 14.94 -21.47
C3 POV CA . -3.48 14.03 -21.46
C210 POV CA . -11.98 15.92 -24.18
C310 POV CA . -10.56 11.60 -26.53
C11 POV CA . -0.97 14.33 -18.56
O11 POV CA . -4.07 15.21 -19.16
C211 POV CA . -12.96 16.63 -23.20
C311 POV CA . -11.97 12.17 -26.84
C12 POV CA . 0.49 14.12 -19.06
O12 POV CA . -1.41 15.65 -18.83
C212 POV CA . -13.95 15.64 -22.54
C312 POV CA . -13.10 11.17 -26.46
C13 POV CA . 0.27 12.68 -20.96
O13 POV CA . -3.17 17.54 -18.48
C213 POV CA . -14.39 14.49 -23.49
C313 POV CA . -14.31 11.28 -27.43
C14 POV CA . 2.21 12.47 -19.62
O14 POV CA . -3.06 15.69 -16.84
C214 POV CA . -15.07 13.31 -22.73
C314 POV CA . -13.86 11.22 -28.92
C15 POV CA . 0.22 11.73 -18.59
C215 POV CA . -16.47 12.97 -23.32
C315 POV CA . -14.01 9.79 -29.51
C216 POV CA . -16.47 12.91 -24.86
C316 POV CA . -13.55 9.73 -30.99
C217 POV CA . -17.86 12.54 -25.45
C218 POV CA . -17.87 12.59 -26.99
C21 POV CA . -4.15 16.93 -22.77
O21 POV CA . -4.78 15.65 -22.69
C22 POV CA . -5.02 18.19 -23.04
O22 POV CA . -2.97 17.05 -22.68
C23 POV CA . -6.26 17.91 -23.94
C24 POV CA . -7.54 17.58 -23.11
C25 POV CA . -8.01 16.11 -23.29
C26 POV CA . -7.94 15.62 -24.76
C27 POV CA . -9.24 14.92 -25.22
C28 POV CA . -10.22 15.90 -25.96
C29 POV CA . -11.17 16.63 -24.98
C31 POV CA . -3.54 11.64 -21.48
O31 POV CA . -3.85 12.84 -20.78
C32 POV CA . -4.35 10.35 -21.14
O32 POV CA . -2.69 11.62 -22.29
C33 POV CA . -5.61 10.18 -22.04
C34 POV CA . -5.26 9.97 -23.54
C35 POV CA . -6.15 10.85 -24.46
C36 POV CA . -7.44 10.11 -24.90
C37 POV CA . -7.85 10.48 -26.36
C38 POV CA . -9.00 9.57 -26.90
C39 POV CA . -10.17 10.41 -27.46
C210 POV DA . -32.10 42.18 -24.38
C211 POV DA . -31.43 41.72 -25.71
C212 POV DA . -31.40 40.21 -26.03
C213 POV DA . -31.78 39.27 -24.85
C214 POV DA . -32.27 37.87 -25.32
C215 POV DA . -31.20 36.76 -25.14
C216 POV DA . -31.56 35.76 -24.02
C217 POV DA . -31.53 36.39 -22.61
C218 POV DA . -31.90 35.40 -21.50
C22 POV DA . -37.52 45.90 -29.87
C23 POV DA . -36.39 45.02 -29.26
C24 POV DA . -36.75 44.53 -27.82
C25 POV DA . -35.98 45.32 -26.73
C26 POV DA . -35.30 44.39 -25.67
C27 POV DA . -34.75 43.08 -26.29
C28 POV DA . -34.51 41.96 -25.23
C29 POV DA . -33.44 42.31 -24.17
N POV EA . -49.56 31.55 -11.18
P POV EA . -46.49 29.34 -12.88
C1 POV EA . -44.04 28.36 -12.66
C2 POV EA . -43.73 27.51 -11.42
C3 POV EA . -42.75 28.25 -10.50
C210 POV EA . -37.62 21.68 -8.38
C310 POV EA . -32.81 28.26 -6.66
C11 POV EA . -49.09 29.36 -12.50
O11 POV EA . -45.38 28.10 -13.03
C211 POV EA . -37.59 20.56 -7.31
C311 POV EA . -31.72 27.39 -5.98
C12 POV EA . -49.78 30.06 -11.28
O12 POV EA . -47.84 28.80 -12.10
C212 POV EA . -36.64 19.40 -7.72
C312 POV EA . -31.66 25.94 -6.56
C13 POV EA . -49.52 32.18 -12.53
O13 POV EA . -45.86 30.47 -12.10
C213 POV EA . -37.04 18.03 -7.09
C313 POV EA . -30.23 25.52 -6.97
C14 POV EA . -50.72 32.16 -10.50
O14 POV EA . -46.85 29.84 -14.26
C214 POV EA . -36.83 16.85 -8.08
C314 POV EA . -29.85 24.10 -6.47
C15 POV EA . -48.42 31.74 -10.26
C215 POV EA . -36.05 15.67 -7.46
C315 POV EA . -28.41 23.72 -6.85
C216 POV EA . -34.54 15.69 -7.81
C316 POV EA . -27.72 22.87 -5.76
C217 POV EA . -33.65 15.97 -6.56
C218 POV EA . -32.99 14.70 -6.00
C21 POV EA . -44.15 25.27 -11.92
O21 POV EA . -43.17 26.30 -11.84
C22 POV EA . -44.76 24.67 -10.63
O22 POV EA . -44.48 24.87 -12.98
C23 POV EA . -44.02 23.40 -10.13
C24 POV EA . -42.47 23.55 -10.11
C25 POV EA . -41.93 24.32 -8.87
C26 POV EA . -41.97 23.50 -7.56
C27 POV EA . -40.91 22.35 -7.52
C28 POV EA . -39.49 22.84 -7.14
C29 POV EA . -38.48 22.71 -8.31
C31 POV EA . -40.45 28.06 -10.98
O31 POV EA . -41.66 28.72 -11.27
C32 POV EA . -39.16 28.90 -10.78
O32 POV EA . -40.41 26.89 -10.87
C33 POV EA . -38.62 29.49 -12.11
C34 POV EA . -37.13 29.16 -12.40
C35 POV EA . -36.36 28.51 -11.21
C36 POV EA . -35.47 29.52 -10.44
C37 POV EA . -34.80 28.86 -9.21
C38 POV EA . -33.48 29.59 -8.79
C39 POV EA . -32.45 28.61 -8.13
N POV FA . -44.08 28.53 -18.12
P POV FA . -45.88 33.15 -18.92
C1 POV FA . -46.90 34.72 -17.06
C2 POV FA . -46.16 35.61 -16.04
C3 POV FA . -44.65 35.59 -16.31
C210 POV FA . -38.83 32.49 -8.90
C310 POV FA . -35.23 40.42 -12.20
C11 POV FA . -44.38 30.93 -19.03
O11 POV FA . -46.10 33.59 -17.33
C211 POV FA . -37.81 31.72 -8.02
C311 POV FA . -34.25 41.52 -11.66
C12 POV FA . -44.59 29.40 -19.23
O12 POV FA . -45.69 31.50 -19.03
C212 POV FA . -36.97 32.64 -7.11
C312 POV FA . -33.82 41.28 -10.18
C13 POV FA . -44.39 29.12 -16.80
O13 POV FA . -47.09 33.56 -19.73
C213 POV FA . -35.53 32.09 -6.89
C313 POV FA . -34.04 42.53 -9.29
C14 POV FA . -44.82 27.26 -18.12
O14 POV FA . -44.64 33.84 -19.48
C214 POV FA . -35.49 30.85 -5.95
C314 POV FA . -35.34 42.44 -8.45
C15 POV FA . -42.67 28.18 -18.43
C215 POV FA . -34.62 31.03 -4.68
C315 POV FA . -35.28 41.30 -7.38
C216 POV FA . -33.60 32.19 -4.75
C316 POV FA . -36.58 41.22 -6.53
C217 POV FA . -33.93 33.33 -3.74
C218 POV FA . -33.56 34.72 -4.28
C21 POV FA . -45.75 34.20 -14.08
O21 POV FA . -46.49 35.23 -14.72
C22 POV FA . -44.93 34.53 -12.79
O22 POV FA . -45.76 33.08 -14.48
C23 POV FA . -45.64 34.03 -11.51
C24 POV FA . -44.65 33.46 -10.45
C25 POV FA . -43.36 34.33 -10.30
C26 POV FA . -42.19 33.53 -9.67
C27 POV FA . -40.88 33.65 -10.51
C28 POV FA . -39.83 34.59 -9.85
C29 POV FA . -38.80 33.83 -8.96
C31 POV FA . -42.62 36.56 -15.47
O31 POV FA . -44.04 36.48 -15.38
C32 POV FA . -41.75 36.10 -14.28
O32 POV FA . -42.11 36.98 -16.46
C33 POV FA . -40.62 37.11 -13.93
C34 POV FA . -39.28 36.79 -14.65
C35 POV FA . -38.13 37.66 -14.10
C36 POV FA . -36.74 37.17 -14.58
C37 POV FA . -35.57 37.84 -13.79
C38 POV FA . -35.83 37.90 -12.27
C39 POV FA . -34.96 39.00 -11.59
N POV GA . -9.56 23.44 7.29
P POV GA . -12.77 25.30 4.35
C1 POV GA . -14.99 26.71 4.59
C2 POV GA . -15.57 26.30 5.95
C3 POV GA . -16.34 24.99 5.78
C210 POV GA . -22.48 32.02 -0.32
C310 POV GA . -24.51 27.40 -0.45
C11 POV GA . -10.96 25.39 6.31
O11 POV GA . -13.58 26.71 4.69
C211 POV GA . -23.02 32.37 -1.72
C311 POV GA . -25.05 26.71 -1.73
C12 POV GA . -9.72 24.46 6.20
O12 POV GA . -12.08 24.71 5.74
C212 POV GA . -23.79 31.19 -2.37
C312 POV GA . -24.55 27.42 -3.03
C13 POV GA . -10.09 23.94 8.59
O13 POV GA . -13.74 24.28 3.81
C213 POV GA . -25.13 30.89 -1.65
C313 POV GA . -25.71 27.79 -3.98
C14 POV GA . -10.32 22.21 6.97
O14 POV GA . -11.67 25.58 3.34
C214 POV GA . -26.12 32.08 -1.74
C314 POV GA . -25.81 26.85 -5.21
C15 POV GA . -8.13 23.04 7.24
C215 POV GA . -27.45 31.67 -2.43
C315 POV GA . -26.59 27.49 -6.39
C216 POV GA . -27.89 32.70 -3.50
C316 POV GA . -27.87 28.24 -5.92
C217 POV GA . -29.43 32.86 -3.55
C218 POV GA . -29.92 34.10 -2.77
C21 POV GA . -16.10 28.63 6.37
O21 POV GA . -16.46 27.26 6.47
C22 POV GA . -17.04 29.61 5.61
O22 POV GA . -15.10 29.05 6.87
C23 POV GA . -18.54 29.21 5.75
C24 POV GA . -19.02 28.24 4.63
C25 POV GA . -20.15 28.85 3.75
C26 POV GA . -19.62 30.04 2.88
C27 POV GA . -20.53 30.32 1.66
C28 POV GA . -20.63 31.85 1.38
C29 POV GA . -21.18 32.19 -0.03
C31 POV GA . -17.23 23.82 3.90
O31 POV GA . -17.06 25.07 4.56
C32 POV GA . -18.54 23.52 3.14
O32 POV GA . -16.38 22.99 3.95
C33 POV GA . -18.32 23.43 1.60
C34 POV GA . -19.27 24.39 0.83
C35 POV GA . -19.02 24.37 -0.70
C36 POV GA . -20.24 24.87 -1.50
C37 POV GA . -20.78 26.22 -0.96
C38 POV GA . -22.25 26.13 -0.45
C39 POV GA . -22.95 27.51 -0.43
N POV HA . -58.47 -10.48 6.98
P POV HA . -55.62 -7.65 5.89
C1 POV HA . -53.11 -6.84 6.00
C2 POV HA . -52.04 -7.84 5.59
C3 POV HA . -51.21 -8.27 6.81
C210 POV HA . -43.35 -8.07 3.28
C310 POV HA . -41.62 -7.63 11.40
C11 POV HA . -57.63 -9.09 4.96
O11 POV HA . -54.24 -7.07 5.17
C211 POV HA . -42.45 -9.02 2.46
C311 POV HA . -40.09 -7.79 11.18
C12 POV HA . -58.04 -10.47 5.53
O12 POV HA . -56.22 -8.93 5.02
C212 POV HA . -41.32 -8.25 1.72
C312 POV HA . -39.63 -7.24 9.79
C13 POV HA . -59.21 -9.24 7.33
O13 POV HA . -55.31 -8.11 7.30
C213 POV HA . -40.82 -8.98 0.44
C313 POV HA . -38.43 -6.27 9.89
C14 POV HA . -59.43 -11.59 7.20
O14 POV HA . -56.66 -6.55 5.94
C214 POV HA . -40.55 -7.98 -0.74
C314 POV HA . -37.32 -6.58 8.85
C15 POV HA . -57.27 -10.83 7.76
C215 POV HA . -39.16 -8.17 -1.39
C315 POV HA . -36.12 -5.62 8.99
C216 POV HA . -38.06 -7.29 -0.75
C316 POV HA . -34.78 -6.33 8.72
C217 POV HA . -36.99 -8.12 0.00
C218 POV HA . -35.69 -8.28 -0.79
C21 POV HA . -51.60 -7.56 3.31
O21 POV HA . -51.21 -7.24 4.64
C22 POV HA . -51.37 -8.99 2.76
O22 POV HA . -52.10 -6.74 2.62
C23 POV HA . -50.02 -9.14 1.99
C24 POV HA . -48.81 -8.50 2.73
C25 POV HA . -48.24 -9.40 3.87
C26 POV HA . -47.41 -10.61 3.35
C27 POV HA . -46.03 -10.21 2.73
C28 POV HA . -44.93 -9.97 3.80
C29 POV HA . -44.48 -8.49 3.88
C31 POV HA . -49.40 -6.89 7.46
O31 POV HA . -50.80 -7.12 7.52
C32 POV HA . -48.65 -6.50 8.76
O32 POV HA . -48.83 -6.99 6.44
C33 POV HA . -48.96 -5.06 9.23
C34 POV HA . -47.71 -4.19 9.50
C35 POV HA . -46.35 -4.95 9.42
C36 POV HA . -45.76 -5.29 10.82
C37 POV HA . -44.47 -6.14 10.72
C38 POV HA . -43.55 -5.99 11.96
C39 POV HA . -42.04 -6.15 11.60
N POV IA . -55.28 -1.89 5.15
P POV IA . -59.04 -1.90 8.48
C1 POV IA . -59.86 -4.02 9.83
C2 POV IA . -59.25 -4.65 11.10
C3 POV IA . -58.10 -3.77 11.64
C210 POV IA . -49.21 -8.09 12.45
C310 POV IA . -50.93 -3.61 20.43
C11 POV IA . -56.90 -1.19 7.03
O11 POV IA . -58.81 -3.44 9.07
C211 POV IA . -47.72 -8.48 12.32
C311 POV IA . -50.40 -3.68 21.90
C12 POV IA . -56.50 -1.10 5.53
O12 POV IA . -58.22 -1.74 7.04
C212 POV IA . -47.09 -8.94 13.65
C312 POV IA . -49.40 -4.85 22.13
C13 POV IA . -55.30 -3.22 5.81
O13 POV IA . -60.51 -1.69 8.24
C213 POV IA . -45.59 -8.56 13.75
C313 POV IA . -49.77 -5.76 23.33
C14 POV IA . -55.33 -2.20 3.71
O14 POV IA . -58.53 -0.89 9.48
C214 POV IA . -44.68 -9.41 12.82
C314 POV IA . -50.49 -7.07 22.88
C15 POV IA . -54.09 -1.02 5.33
C215 POV IA . -43.53 -10.17 13.55
C315 POV IA . -49.55 -8.00 22.07
C216 POV IA . -43.25 -9.69 14.99
C316 POV IA . -50.25 -9.31 21.63
C217 POV IA . -43.64 -10.75 16.05
C218 POV IA . -44.12 -10.12 17.37
C21 POV IA . -57.56 -6.26 10.35
O21 POV IA . -58.86 -5.99 10.87
C22 POV IA . -56.57 -7.10 11.20
O22 POV IA . -57.25 -5.91 9.26
C23 POV IA . -56.44 -8.56 10.70
C24 POV IA . -54.99 -9.11 10.76
C25 POV IA . -54.26 -8.71 12.08
C26 POV IA . -52.71 -8.79 11.94
C27 POV IA . -52.01 -7.48 12.40
C28 POV IA . -51.30 -7.64 13.78
C29 POV IA . -49.81 -8.03 13.65
C31 POV IA . -56.55 -3.70 13.46
O31 POV IA . -57.63 -4.37 12.85
C32 POV IA . -55.17 -4.41 13.59
O32 POV IA . -56.69 -2.59 13.86
C33 POV IA . -54.57 -4.26 15.01
C34 POV IA . -53.61 -3.04 15.11
C35 POV IA . -52.83 -3.07 16.46
C36 POV IA . -51.66 -2.05 16.49
C37 POV IA . -50.70 -2.28 17.69
C38 POV IA . -50.35 -3.77 17.92
C39 POV IA . -49.86 -4.03 19.37
N POV JA . -15.25 -10.65 18.69
P POV JA . -19.77 -9.32 18.59
C1 POV JA . -22.13 -10.43 19.01
C2 POV JA . -21.91 -11.92 18.67
C3 POV JA . -22.03 -12.09 17.15
C210 POV JA . -32.39 -9.09 19.97
C310 POV JA . -32.10 -9.83 15.01
C11 POV JA . -17.61 -10.34 19.73
O11 POV JA . -20.94 -9.94 19.59
C211 POV JA . -33.49 -8.03 19.82
C311 POV JA . -32.73 -8.89 13.95
C12 POV JA . -16.22 -9.72 19.35
O12 POV JA . -18.44 -10.31 18.59
C212 POV JA . -33.88 -7.77 18.34
C312 POV JA . -33.12 -7.50 14.55
C13 POV JA . -15.40 -12.05 19.18
O13 POV JA . -20.31 -9.22 17.18
C213 POV JA . -34.57 -8.99 17.69
C313 POV JA . -34.59 -7.13 14.25
C14 POV JA . -15.45 -10.68 17.22
O14 POV JA . -19.35 -7.95 19.08
C214 POV JA . -35.94 -9.31 18.37
C314 POV JA . -34.72 -6.05 13.14
C15 POV JA . -13.91 -10.01 18.88
C215 POV JA . -37.11 -9.25 17.36
C315 POV JA . -36.07 -5.30 13.19
C216 POV JA . -38.30 -8.45 17.91
C316 POV JA . -37.27 -6.24 13.45
C217 POV JA . -39.66 -9.02 17.44
C218 POV JA . -40.31 -9.95 18.49
C21 POV JA . -23.17 -12.52 20.64
O21 POV JA . -22.84 -12.77 19.28
C22 POV JA . -24.66 -12.24 21.02
O22 POV JA . -22.34 -12.55 21.49
C23 POV JA . -25.66 -12.98 20.10
C24 POV JA . -26.06 -12.16 18.84
C25 POV JA . -27.57 -11.84 18.79
C26 POV JA . -27.98 -10.82 19.90
C27 POV JA . -29.32 -10.07 19.58
C28 POV JA . -30.18 -9.90 20.85
C29 POV JA . -31.29 -8.83 20.70
C31 POV JA . -22.96 -10.76 15.40
O31 POV JA . -23.11 -11.28 16.71
C32 POV JA . -24.19 -10.60 14.48
O32 POV JA . -21.88 -10.44 15.01
C33 POV JA . -24.54 -9.11 14.21
C34 POV JA . -26.02 -8.80 14.57
C35 POV JA . -26.39 -7.30 14.37
C36 POV JA . -27.91 -7.09 14.19
C37 POV JA . -28.74 -7.80 15.30
C38 POV JA . -29.70 -8.88 14.74
C39 POV JA . -30.86 -9.20 15.73
N POV KA . -54.60 18.25 -0.09
P POV KA . -49.82 19.96 -0.24
C1 POV KA . -47.49 19.58 0.98
C2 POV KA . -46.86 19.73 2.37
C3 POV KA . -45.34 19.62 2.28
C210 POV KA . -44.26 18.44 12.40
C11 POV KA . -52.38 19.43 -0.75
O11 POV KA . -48.84 19.98 1.11
C211 POV KA . -43.34 19.35 13.24
C12 POV KA . -53.15 18.10 -0.45
O12 POV KA . -51.36 19.55 0.24
C212 POV KA . -41.94 18.71 13.46
C13 POV KA . -54.67 18.06 1.39
O13 POV KA . -49.31 18.94 -1.25
C213 POV KA . -40.81 19.60 12.84
C14 POV KA . -55.20 19.57 -0.36
O14 POV KA . -49.83 21.34 -0.85
C214 POV KA . -39.39 18.97 13.04
C15 POV KA . -55.33 17.28 -0.93
C215 POV KA . -38.37 19.62 12.08
C216 POV KA . -37.04 18.82 12.00
C217 POV KA . -36.45 18.84 10.57
C218 POV KA . -34.90 18.88 10.56
C21 POV KA . -48.09 19.25 4.26
O21 POV KA . -47.34 18.72 3.19
C22 POV KA . -47.70 18.88 5.71
O22 POV KA . -49.01 19.98 4.03
C23 POV KA . -47.09 20.07 6.49
C24 POV KA . -46.59 19.66 7.89
C25 POV KA . -45.88 18.28 7.88
C26 POV KA . -44.35 18.32 8.20
C27 POV KA . -43.84 19.69 8.77
C28 POV KA . -43.61 19.70 10.32
C29 POV KA . -44.39 18.60 11.08
C31 POV KA . -43.50 18.85 3.54
O31 POV KA . -44.91 18.88 3.41
C32 POV KA . -42.82 19.23 4.88
O32 POV KA . -42.83 18.51 2.62
C33 POV KA . -41.35 18.74 4.94
C34 POV KA . -40.89 18.41 6.38
C35 POV KA . -39.34 18.27 6.49
C36 POV KA . -38.75 17.37 5.37
C37 POV KA . -37.20 17.53 5.27
C38 POV KA . -36.55 16.47 4.35
N POV LA . -49.76 24.40 -3.19
P POV LA . -48.90 19.86 -5.54
C1 POV LA . -46.51 18.84 -6.01
C2 POV LA . -45.35 19.16 -5.05
C3 POV LA . -45.54 20.53 -4.39
C210 POV LA . -33.77 17.37 -2.83
C310 POV LA . -36.79 19.33 1.96
C11 POV LA . -49.14 22.37 -4.65
O11 POV LA . -47.36 19.96 -6.16
C211 POV LA . -34.35 16.03 -2.31
C311 POV LA . -35.43 18.71 1.55
C12 POV LA . -50.13 23.03 -3.65
O12 POV LA . -49.06 20.99 -4.32
C212 POV LA . -34.28 15.82 -0.78
C13 POV LA . -50.20 25.35 -4.25
O13 POV LA . -49.91 20.13 -6.63
C213 POV LA . -35.12 14.58 -0.34
C14 POV LA . -50.52 24.75 -1.97
O14 POV LA . -49.11 18.48 -4.97
C214 POV LA . -34.85 14.15 1.13
C15 POV LA . -48.33 24.41 -2.77
C215 POV LA . -33.37 14.32 1.55
C216 POV LA . -32.79 13.08 2.27
C217 POV LA . -31.28 12.92 1.96
C218 POV LA . -30.50 12.29 3.14
C21 POV LA . -43.06 18.62 -5.05
O21 POV LA . -44.15 19.16 -5.78
C22 POV LA . -41.98 19.57 -4.48
O22 POV LA . -42.97 17.46 -4.88
C23 POV LA . -41.12 18.87 -3.41
C24 POV LA . -39.81 18.32 -4.04
C25 POV LA . -39.32 17.02 -3.35
C26 POV LA . -37.93 17.17 -2.68
C27 POV LA . -37.02 18.26 -3.32
C28 POV LA . -35.90 18.71 -2.33
C29 POV LA . -34.45 18.53 -2.87
C31 POV LA . -45.53 21.46 -2.17
O31 POV LA . -45.79 20.34 -3.00
C32 POV LA . -44.28 22.35 -2.43
O32 POV LA . -46.25 21.73 -1.27
C33 POV LA . -43.02 21.83 -1.69
C34 POV LA . -43.10 22.09 -0.15
C35 POV LA . -42.19 21.13 0.66
C36 POV LA . -40.85 20.80 -0.05
C37 POV LA . -39.66 20.62 0.95
C38 POV LA . -38.30 20.51 0.21
C39 POV LA . -37.10 20.65 1.19
C4 YBG MA . -33.71 9.55 6.85
C5 YBG MA . -35.05 8.87 7.08
C6 YBG MA . -36.23 9.84 6.97
C7 YBG MA . -36.17 10.69 5.70
C8 YBG MA . -37.42 11.54 5.55
C10 YBG MA . -30.34 9.47 8.13
C13 YBG MA . -28.50 6.61 8.81
C15 YBG MA . -29.03 6.83 11.30
C17 YBG MA . -27.24 6.44 13.04
C20 YBG MA . -24.29 8.69 12.98
C21 YBG MA . -25.31 9.51 11.05
C22 YBG MA . -25.94 10.79 10.51
C24 YBG MA . -25.70 12.65 8.86
C26 YBG MA . -27.69 14.21 9.08
C28 YBG MA . -28.52 15.82 10.84
C1 YBG MA . -30.82 10.45 7.40
C11 YBG MA . -29.09 8.75 7.65
C12 YBG MA . -28.30 8.12 8.78
C14 YBG MA . -28.35 6.01 10.20
C16 YBG MA . -28.71 6.27 12.68
C18 YBG MA . -27.09 7.26 14.32
C19 YBG MA . -24.75 7.69 14.04
C2 YBG MA . -32.07 11.19 7.85
C23 YBG MA . -25.27 11.24 9.23
C25 YBG MA . -27.22 12.78 8.79
C27 YBG MA . -27.76 14.52 10.57
C29 YBG MA . -29.09 15.88 12.26
C3 YBG MA . -33.23 10.24 8.13
C37 YBG MA . -23.72 7.68 15.17
C38 YBG MA . -20.62 9.60 17.10
C39 YBG MA . -19.69 9.76 18.30
C40 YBG MA . -19.23 11.20 18.45
C41 YBG MA . -18.40 11.60 17.24
C42 YBG MA . -19.07 11.36 15.88
C43 YBG MA . -20.12 10.24 15.79
C9 YBG MA . -37.07 13.02 5.62
O1 YBG MA . -27.96 7.19 15.12
O10 YBG MA . -18.43 11.29 19.59
O11 YBG MA . -17.21 10.84 17.27
O12 YBG MA . -18.04 11.02 14.98
O13 YBG MA . -19.60 9.21 14.98
O2 YBG MA . -25.98 8.09 14.54
O3 YBG MA . -25.45 9.19 12.40
O4 YBG MA . -24.71 8.80 10.33
O5 YBG MA . -23.26 8.97 15.44
O6 YBG MA . -24.38 10.40 17.26
O7 YBG MA . -23.43 8.24 17.89
O8 YBG MA . -21.84 10.20 17.42
O9 YBG MA . -20.40 9.42 19.46
P1 YBG MA . -23.25 9.44 17.02
N POV NA . -30.41 7.53 22.35
P POV NA . -32.41 4.02 24.56
C1 POV NA . -34.39 2.29 24.70
C2 POV NA . -35.74 2.74 25.28
C3 POV NA . -36.45 1.51 25.87
C210 POV NA . -43.89 -2.63 22.99
C310 POV NA . -40.68 -6.21 27.23
C11 POV NA . -32.20 5.68 22.51
O11 POV NA . -33.83 3.37 23.98
C211 POV NA . -45.04 -3.08 23.92
C311 POV NA . -41.17 -7.53 27.88
C12 POV NA . -30.77 6.10 22.09
O12 POV NA . -32.24 5.55 23.93
C212 POV NA . -45.84 -4.31 23.39
C312 POV NA . -40.68 -8.79 27.11
C13 POV NA . -29.69 7.57 23.65
O13 POV NA . -32.45 4.08 26.06
C213 POV NA . -45.17 -5.04 22.19
C313 POV NA . -39.42 -9.43 27.77
C14 POV NA . -29.42 7.95 21.33
O14 POV NA . -31.25 3.17 24.11
C214 POV NA . -45.97 -6.29 21.70
C314 POV NA . -39.60 -9.65 29.30
C15 POV NA . -31.59 8.41 22.16
C215 POV NA . -46.44 -6.16 20.23
C315 POV NA . -38.40 -10.40 29.93
C216 POV NA . -45.44 -6.76 19.21
C316 POV NA . -38.74 -11.87 30.24
C217 POV NA . -45.37 -8.31 19.27
C218 POV NA . -44.77 -8.93 18.01
C21 POV NA . -37.33 2.65 23.42
O21 POV NA . -36.54 3.41 24.33
C22 POV NA . -38.88 2.76 23.41
O22 POV NA . -36.82 1.95 22.61
C23 POV NA . -39.43 3.99 24.17
C24 POV NA . -40.53 3.57 25.21
C25 POV NA . -41.81 3.03 24.50
C26 POV NA . -42.08 1.53 24.82
C27 POV NA . -43.24 0.97 23.95
C28 POV NA . -43.61 -0.50 24.31
C29 POV NA . -43.24 -1.46 23.17
C31 POV NA . -36.72 0.92 28.14
O31 POV NA . -35.81 1.22 27.10
C32 POV NA . -37.75 1.99 28.61
O32 POV NA . -36.71 -0.15 28.66
C33 POV NA . -38.91 1.37 29.43
C34 POV NA . -40.00 0.70 28.53
C35 POV NA . -41.01 -0.13 29.36
C36 POV NA . -40.56 -1.60 29.57
C37 POV NA . -41.02 -2.51 28.40
C38 POV NA . -40.61 -4.00 28.61
C39 POV NA . -41.48 -4.97 27.75
N POV OA . -12.21 18.05 8.25
P POV OA . -16.20 15.38 10.02
C1 POV OA . -18.31 16.38 8.78
C2 POV OA . -18.37 17.53 7.74
C3 POV OA . -16.95 18.02 7.41
C210 POV OA . -25.78 16.96 5.30
C310 POV OA . -23.61 19.69 1.55
C11 POV OA . -13.93 16.41 9.22
O11 POV OA . -17.08 15.70 8.65
C211 POV OA . -26.50 15.67 5.73
C311 POV OA . -25.14 19.38 1.45
C12 POV OA . -12.84 17.49 9.50
O12 POV OA . -14.97 16.49 10.17
C212 POV OA . -26.65 14.65 4.57
C312 POV OA . -25.50 18.57 0.18
C13 POV OA . -13.12 19.14 7.78
O13 POV OA . -17.12 15.45 11.23
C213 POV OA . -26.85 15.34 3.19
C313 POV OA . -26.89 18.95 -0.37
C14 POV OA . -10.93 18.71 8.58
O14 POV OA . -15.60 14.00 9.91
C214 POV OA . -26.64 14.36 1.99
C314 POV OA . -27.06 20.49 -0.52
C15 POV OA . -11.86 16.95 7.31
C215 POV OA . -27.87 14.30 1.05
C315 POV OA . -26.78 20.97 -1.97
C216 POV OA . -28.41 15.72 0.70
C316 POV OA . -26.93 22.50 -2.11
C217 POV OA . -29.62 15.67 -0.28
C218 POV OA . -30.22 17.06 -0.53
C21 POV OA . -19.25 18.95 9.53
O21 POV OA . -19.17 18.61 8.15
C22 POV OA . -20.60 18.83 10.28
O22 POV OA . -18.28 19.34 10.12
C23 POV OA . -21.83 19.13 9.38
C24 POV OA . -22.43 17.85 8.73
C25 POV OA . -22.25 17.82 7.18
C26 POV OA . -22.55 19.19 6.51
C27 POV OA . -23.50 19.05 5.28
C28 POV OA . -24.98 19.32 5.65
C29 POV OA . -25.72 18.02 6.11
C31 POV OA . -15.96 18.04 5.23
O31 POV OA . -16.48 17.27 6.30
C32 POV OA . -15.91 17.41 3.81
O32 POV OA . -15.55 19.13 5.43
C33 POV OA . -17.21 17.68 3.00
C34 POV OA . -17.45 19.20 2.71
C35 POV OA . -18.91 19.61 2.99
C36 POV OA . -19.79 19.50 1.72
C37 POV OA . -20.83 20.66 1.62
C38 POV OA . -21.59 20.66 0.26
C39 POV OA . -23.13 20.69 0.45
C210 POV PA . -53.70 8.82 21.06
C211 POV PA . -53.44 10.29 20.65
C212 POV PA . -52.86 10.59 19.24
C213 POV PA . -52.34 9.35 18.47
C214 POV PA . -52.33 9.56 16.92
C215 POV PA . -50.91 9.86 16.37
C216 POV PA . -50.35 8.69 15.53
C217 POV PA . -50.06 7.43 16.38
C218 POV PA . -49.54 6.26 15.53
C22 POV PA . -61.80 11.53 21.30
C23 POV PA . -60.28 11.45 21.05
C24 POV PA . -59.80 9.99 20.74
C25 POV PA . -59.08 9.32 21.95
C26 POV PA . -57.72 8.67 21.57
C27 POV PA . -56.98 9.43 20.43
C28 POV PA . -55.88 8.57 19.74
C29 POV PA . -54.76 8.06 20.68
#